data_8I09
#
_entry.id   8I09
#
_cell.length_a   177.363
_cell.length_b   102.649
_cell.length_c   158.715
_cell.angle_alpha   90.00
_cell.angle_beta   111.85
_cell.angle_gamma   90.00
#
_symmetry.space_group_name_H-M   'C 1 2 1'
#
loop_
_entity.id
_entity.type
_entity.pdbx_description
1 polymer 'Serine acetyltransferase'
2 non-polymer CYSTEINE
3 non-polymer 'butyl 3,4,5-tris(oxidanyl)benzoate'
4 non-polymer 'PHOSPHATE ION'
5 water water
#
_entity_poly.entity_id   1
_entity_poly.type   'polypeptide(L)'
_entity_poly.pdbx_seq_one_letter_code
;MHHHHHHDPPCEELEIVWKNIKAEARALADCEPMLASFYHATLLKHENLGSALSYMLANKLASPIMPAIAIREVVEEAYA
ADPEMIASAACDIQAVRTRDPAVDKYSTPLLYLKGFHALQAYRIGHWLWNKGRRALAIFLQNQVSVSFQVDIHPAAKIGR
GIMLDHATGIVVGETAVIEDDVSILQSVTLGGTGKTSGDRHPKIREGVMIGAGAKILGNIEVGRGAKIGAGSVVLQPVPP
HTTAAGVPARIVGKPGSDKPSMDMDQHFNGIHHTFEYGDG
;
_entity_poly.pdbx_strand_id   A,B,C,D,E,F,G,H,I,J,K,L
#
loop_
_chem_comp.id
_chem_comp.type
_chem_comp.name
_chem_comp.formula
NF0 non-polymer 'butyl 3,4,5-tris(oxidanyl)benzoate' 'C11 H14 O5'
PO4 non-polymer 'PHOSPHATE ION' 'O4 P -3'
#
# COMPACT_ATOMS: atom_id res chain seq x y z
N PRO A 10 5.22 -2.18 -49.33
CA PRO A 10 6.20 -1.24 -48.75
C PRO A 10 7.36 -1.96 -48.02
N CYS A 11 8.17 -2.70 -48.78
CA CYS A 11 9.19 -3.60 -48.20
C CYS A 11 10.62 -3.08 -48.28
N GLU A 12 11.30 -3.15 -47.15
CA GLU A 12 12.74 -2.95 -47.09
C GLU A 12 13.45 -4.05 -47.86
N GLU A 13 14.56 -3.70 -48.49
CA GLU A 13 15.28 -4.60 -49.38
C GLU A 13 15.85 -5.79 -48.60
N LEU A 14 15.83 -6.93 -49.22
CA LEU A 14 16.33 -8.16 -48.68
C LEU A 14 17.73 -8.10 -48.09
N GLU A 15 18.63 -7.50 -48.82
CA GLU A 15 19.99 -7.42 -48.39
C GLU A 15 20.20 -6.54 -47.20
N ILE A 16 19.35 -5.56 -47.02
CA ILE A 16 19.46 -4.71 -45.87
C ILE A 16 18.90 -5.45 -44.65
N VAL A 17 17.84 -6.22 -44.84
CA VAL A 17 17.24 -7.00 -43.77
C VAL A 17 18.30 -7.99 -43.26
N TRP A 18 18.92 -8.71 -44.16
CA TRP A 18 19.94 -9.66 -43.82
C TRP A 18 21.12 -9.04 -43.09
N LYS A 19 21.59 -7.91 -43.55
CA LYS A 19 22.68 -7.24 -42.88
C LYS A 19 22.29 -6.87 -41.46
N ASN A 20 21.07 -6.40 -41.25
CA ASN A 20 20.63 -6.06 -39.92
C ASN A 20 20.53 -7.32 -39.06
N ILE A 21 20.10 -8.41 -39.65
CA ILE A 21 19.96 -9.66 -38.95
C ILE A 21 21.31 -10.14 -38.42
N LYS A 22 22.34 -10.06 -39.23
CA LYS A 22 23.67 -10.46 -38.82
C LYS A 22 24.25 -9.56 -37.78
N ALA A 23 24.06 -8.28 -37.95
CA ALA A 23 24.47 -7.31 -36.94
C ALA A 23 23.83 -7.61 -35.58
N GLU A 24 22.53 -7.82 -35.56
CA GLU A 24 21.86 -8.10 -34.29
C GLU A 24 22.44 -9.36 -33.66
N ALA A 25 22.60 -10.42 -34.46
CA ALA A 25 23.06 -11.73 -33.98
C ALA A 25 24.48 -11.71 -33.44
N ARG A 26 25.39 -11.01 -34.11
CA ARG A 26 26.76 -10.85 -33.59
C ARG A 26 26.77 -10.19 -32.21
N ALA A 27 26.01 -9.11 -32.08
CA ALA A 27 25.87 -8.41 -30.80
C ALA A 27 25.21 -9.31 -29.74
N LEU A 28 24.12 -9.96 -30.11
CA LEU A 28 23.40 -10.86 -29.19
C LEU A 28 24.26 -12.05 -28.71
N ALA A 29 25.12 -12.56 -29.60
CA ALA A 29 25.98 -13.69 -29.28
C ALA A 29 26.98 -13.32 -28.19
N ASP A 30 27.49 -12.09 -28.25
CA ASP A 30 28.36 -11.55 -27.22
C ASP A 30 27.66 -11.41 -25.87
N CYS A 31 26.43 -10.91 -25.86
CA CYS A 31 25.77 -10.68 -24.58
C CYS A 31 25.07 -11.92 -23.99
N GLU A 32 24.96 -13.03 -24.74
CA GLU A 32 24.40 -14.26 -24.19
C GLU A 32 25.20 -15.53 -24.62
N PRO A 33 26.26 -15.89 -23.86
CA PRO A 33 27.14 -17.03 -24.20
C PRO A 33 26.43 -18.37 -24.41
N MET A 34 25.37 -18.61 -23.65
CA MET A 34 24.59 -19.83 -23.76
C MET A 34 23.88 -19.98 -25.12
N LEU A 35 23.62 -18.88 -25.81
CA LEU A 35 23.01 -18.89 -27.15
C LEU A 35 23.97 -18.61 -28.28
N ALA A 36 25.24 -18.38 -27.99
CA ALA A 36 26.22 -18.05 -29.07
C ALA A 36 26.25 -19.14 -30.16
N SER A 37 26.27 -20.39 -29.73
CA SER A 37 26.27 -21.54 -30.64
C SER A 37 25.01 -21.56 -31.52
N PHE A 38 23.85 -21.34 -30.90
CA PHE A 38 22.58 -21.22 -31.61
C PHE A 38 22.63 -20.08 -32.64
N TYR A 39 23.12 -18.90 -32.27
CA TYR A 39 23.21 -17.78 -33.23
C TYR A 39 24.15 -18.03 -34.41
N HIS A 40 25.27 -18.66 -34.15
CA HIS A 40 26.23 -18.99 -35.20
C HIS A 40 25.70 -20.05 -36.18
N ALA A 41 25.08 -21.10 -35.64
CA ALA A 41 24.52 -22.18 -36.47
C ALA A 41 23.29 -21.72 -37.28
N THR A 42 22.41 -20.94 -36.65
CA THR A 42 21.16 -20.49 -37.26
C THR A 42 21.32 -19.33 -38.23
N LEU A 43 22.25 -18.42 -37.94
CA LEU A 43 22.39 -17.18 -38.70
C LEU A 43 23.80 -16.87 -39.20
N LEU A 44 24.77 -16.80 -38.29
CA LEU A 44 26.06 -16.16 -38.59
C LEU A 44 26.95 -16.92 -39.57
N LYS A 45 26.79 -18.23 -39.67
CA LYS A 45 27.59 -19.00 -40.63
C LYS A 45 27.03 -18.95 -42.05
N HIS A 46 25.84 -18.41 -42.22
CA HIS A 46 25.17 -18.39 -43.51
C HIS A 46 25.49 -17.11 -44.28
N GLU A 47 25.70 -17.26 -45.58
CA GLU A 47 26.02 -16.13 -46.44
C GLU A 47 24.80 -15.30 -46.86
N ASN A 48 23.58 -15.84 -46.74
CA ASN A 48 22.38 -15.08 -47.12
C ASN A 48 21.13 -15.60 -46.41
N LEU A 49 20.03 -14.87 -46.51
CA LEU A 49 18.80 -15.23 -45.80
C LEU A 49 18.23 -16.58 -46.26
N GLY A 50 18.31 -16.83 -47.57
CA GLY A 50 17.84 -18.06 -48.18
C GLY A 50 18.51 -19.30 -47.56
N SER A 51 19.82 -19.22 -47.40
CA SER A 51 20.60 -20.29 -46.75
C SER A 51 20.16 -20.53 -45.33
N ALA A 52 19.97 -19.46 -44.57
CA ALA A 52 19.55 -19.55 -43.19
C ALA A 52 18.15 -20.10 -43.08
N LEU A 53 17.25 -19.68 -43.98
CA LEU A 53 15.86 -20.17 -43.97
C LEU A 53 15.79 -21.66 -44.28
N SER A 54 16.55 -22.11 -45.28
CA SER A 54 16.51 -23.55 -45.64
C SER A 54 17.06 -24.41 -44.50
N TYR A 55 18.14 -23.97 -43.87
CA TYR A 55 18.73 -24.66 -42.71
C TYR A 55 17.75 -24.77 -41.53
N MET A 56 17.09 -23.65 -41.22
N MET A 56 17.10 -23.65 -41.23
CA MET A 56 16.13 -23.57 -40.12
CA MET A 56 16.14 -23.53 -40.16
C MET A 56 14.91 -24.45 -40.36
C MET A 56 14.92 -24.42 -40.35
N LEU A 57 14.31 -24.32 -41.53
CA LEU A 57 13.16 -25.16 -41.89
C LEU A 57 13.51 -26.64 -41.87
N ALA A 58 14.68 -26.96 -42.42
CA ALA A 58 15.11 -28.38 -42.45
C ALA A 58 15.28 -28.97 -41.03
N ASN A 59 15.95 -28.22 -40.15
CA ASN A 59 16.19 -28.64 -38.76
C ASN A 59 14.88 -28.77 -37.96
N LYS A 60 13.98 -27.82 -38.16
CA LYS A 60 12.75 -27.75 -37.38
C LYS A 60 11.67 -28.72 -37.84
N LEU A 61 11.72 -29.14 -39.10
CA LEU A 61 10.77 -30.09 -39.68
C LEU A 61 11.28 -31.51 -39.68
N ALA A 62 12.58 -31.68 -39.44
CA ALA A 62 13.20 -33.03 -39.37
C ALA A 62 12.45 -33.97 -38.45
N SER A 63 12.39 -35.24 -38.81
CA SER A 63 11.82 -36.24 -37.93
C SER A 63 12.41 -37.60 -38.35
N PRO A 64 12.08 -38.68 -37.59
CA PRO A 64 12.51 -40.03 -37.99
C PRO A 64 12.11 -40.39 -39.42
N ILE A 65 10.91 -40.00 -39.83
CA ILE A 65 10.43 -40.30 -41.20
C ILE A 65 11.12 -39.51 -42.33
N MET A 66 11.74 -38.35 -42.04
CA MET A 66 12.43 -37.54 -43.08
C MET A 66 13.46 -36.57 -42.46
N PRO A 67 14.77 -36.81 -42.69
CA PRO A 67 15.78 -36.04 -41.95
C PRO A 67 16.04 -34.65 -42.50
N ALA A 68 16.65 -33.82 -41.65
CA ALA A 68 17.00 -32.46 -42.01
C ALA A 68 17.74 -32.36 -43.32
N ILE A 69 18.72 -33.24 -43.49
CA ILE A 69 19.54 -33.22 -44.68
C ILE A 69 18.70 -33.37 -45.97
N ALA A 70 17.62 -34.14 -45.92
CA ALA A 70 16.73 -34.38 -47.07
C ALA A 70 15.79 -33.20 -47.33
N ILE A 71 15.24 -32.64 -46.25
CA ILE A 71 14.36 -31.48 -46.32
C ILE A 71 15.10 -30.26 -46.86
N ARG A 72 16.35 -30.07 -46.44
CA ARG A 72 17.12 -28.96 -46.95
C ARG A 72 17.29 -28.95 -48.46
N GLU A 73 17.53 -30.11 -49.06
CA GLU A 73 17.68 -30.19 -50.52
C GLU A 73 16.45 -29.65 -51.24
N VAL A 74 15.27 -30.04 -50.76
CA VAL A 74 14.00 -29.64 -51.34
C VAL A 74 13.77 -28.12 -51.23
N VAL A 75 14.04 -27.57 -50.05
CA VAL A 75 13.88 -26.15 -49.82
C VAL A 75 14.87 -25.34 -50.70
N GLU A 76 16.10 -25.80 -50.80
CA GLU A 76 17.14 -25.11 -51.58
C GLU A 76 16.80 -25.09 -53.07
N GLU A 77 16.29 -26.21 -53.58
CA GLU A 77 15.81 -26.28 -54.96
C GLU A 77 14.71 -25.22 -55.21
N ALA A 78 13.69 -25.18 -54.36
CA ALA A 78 12.64 -24.20 -54.47
C ALA A 78 13.15 -22.77 -54.49
N TYR A 79 14.03 -22.44 -53.52
CA TYR A 79 14.62 -21.10 -53.42
C TYR A 79 15.52 -20.76 -54.62
N ALA A 80 16.20 -21.75 -55.19
CA ALA A 80 16.99 -21.53 -56.41
C ALA A 80 16.11 -21.20 -57.63
N ALA A 81 14.96 -21.87 -57.75
CA ALA A 81 14.05 -21.70 -58.87
C ALA A 81 13.16 -20.47 -58.72
N ASP A 82 12.83 -20.07 -57.49
CA ASP A 82 12.03 -18.87 -57.25
C ASP A 82 12.55 -18.08 -56.05
N PRO A 83 13.65 -17.32 -56.25
CA PRO A 83 14.25 -16.50 -55.20
C PRO A 83 13.35 -15.42 -54.60
N GLU A 84 12.26 -15.07 -55.29
CA GLU A 84 11.25 -14.14 -54.74
C GLU A 84 10.62 -14.61 -53.44
N MET A 85 10.57 -15.93 -53.24
CA MET A 85 10.12 -16.48 -51.93
C MET A 85 10.95 -15.97 -50.76
N ILE A 86 12.24 -15.73 -50.99
CA ILE A 86 13.13 -15.19 -49.94
C ILE A 86 12.78 -13.72 -49.67
N ALA A 87 12.49 -12.97 -50.73
CA ALA A 87 12.02 -11.57 -50.59
C ALA A 87 10.68 -11.52 -49.87
N SER A 88 9.80 -12.46 -50.15
CA SER A 88 8.56 -12.54 -49.37
C SER A 88 8.83 -12.81 -47.87
N ALA A 89 9.76 -13.71 -47.58
CA ALA A 89 10.21 -13.95 -46.19
C ALA A 89 10.65 -12.67 -45.51
N ALA A 90 11.47 -11.87 -46.19
CA ALA A 90 11.93 -10.61 -45.63
C ALA A 90 10.79 -9.63 -45.36
N CYS A 91 9.81 -9.56 -46.28
CA CYS A 91 8.59 -8.76 -46.03
C CYS A 91 7.80 -9.26 -44.82
N ASP A 92 7.76 -10.57 -44.68
CA ASP A 92 7.10 -11.22 -43.52
C ASP A 92 7.80 -10.92 -42.20
N ILE A 93 9.14 -10.88 -42.21
CA ILE A 93 9.90 -10.51 -41.01
C ILE A 93 9.54 -9.10 -40.57
N GLN A 94 9.52 -8.18 -41.54
CA GLN A 94 9.19 -6.77 -41.28
C GLN A 94 7.79 -6.56 -40.77
N ALA A 95 6.85 -7.31 -41.34
CA ALA A 95 5.47 -7.33 -40.89
C ALA A 95 5.33 -7.55 -39.37
N VAL A 96 5.97 -8.60 -38.88
CA VAL A 96 5.96 -8.92 -37.46
C VAL A 96 6.63 -7.81 -36.66
N ARG A 97 7.78 -7.35 -37.13
CA ARG A 97 8.53 -6.32 -36.42
C ARG A 97 7.74 -5.00 -36.33
N THR A 98 7.05 -4.63 -37.39
CA THR A 98 6.28 -3.38 -37.40
C THR A 98 4.97 -3.51 -36.60
N ARG A 99 4.32 -4.67 -36.65
CA ARG A 99 2.99 -4.85 -36.03
C ARG A 99 2.98 -5.39 -34.60
N ASP A 100 3.97 -6.20 -34.24
CA ASP A 100 3.99 -6.84 -32.92
C ASP A 100 4.80 -5.98 -31.95
N PRO A 101 4.14 -5.37 -30.93
CA PRO A 101 4.92 -4.51 -30.04
C PRO A 101 5.97 -5.26 -29.20
N ALA A 102 5.76 -6.56 -28.98
CA ALA A 102 6.75 -7.42 -28.31
C ALA A 102 8.03 -7.70 -29.13
N VAL A 103 8.04 -7.39 -30.42
CA VAL A 103 9.18 -7.70 -31.28
C VAL A 103 9.85 -6.44 -31.79
N ASP A 104 11.13 -6.27 -31.47
CA ASP A 104 11.91 -5.09 -31.90
C ASP A 104 13.00 -5.39 -32.94
N LYS A 105 13.38 -6.65 -33.10
CA LYS A 105 14.54 -7.02 -33.90
C LYS A 105 14.12 -7.84 -35.12
N TYR A 106 14.81 -7.62 -36.24
CA TYR A 106 14.60 -8.39 -37.47
C TYR A 106 14.89 -9.87 -37.26
N SER A 107 15.85 -10.19 -36.39
CA SER A 107 16.26 -11.59 -36.16
C SER A 107 15.19 -12.40 -35.43
N THR A 108 14.35 -11.74 -34.64
CA THR A 108 13.39 -12.44 -33.79
C THR A 108 12.39 -13.34 -34.51
N PRO A 109 11.68 -12.83 -35.56
CA PRO A 109 10.76 -13.71 -36.30
C PRO A 109 11.46 -14.90 -36.92
N LEU A 110 12.61 -14.65 -37.52
CA LEU A 110 13.38 -15.67 -38.18
C LEU A 110 13.89 -16.73 -37.22
N LEU A 111 14.30 -16.31 -36.02
CA LEU A 111 14.85 -17.27 -35.06
C LEU A 111 13.77 -18.09 -34.36
N TYR A 112 12.68 -17.46 -33.94
CA TYR A 112 11.84 -18.03 -32.89
C TYR A 112 10.38 -18.27 -33.25
N LEU A 113 9.79 -17.50 -34.16
CA LEU A 113 8.32 -17.51 -34.26
C LEU A 113 7.81 -18.57 -35.23
N LYS A 114 7.04 -19.52 -34.71
CA LYS A 114 6.56 -20.67 -35.51
C LYS A 114 5.57 -20.27 -36.61
N GLY A 115 4.90 -19.14 -36.43
CA GLY A 115 4.01 -18.62 -37.43
C GLY A 115 4.77 -18.16 -38.65
N PHE A 116 5.86 -17.44 -38.41
CA PHE A 116 6.77 -17.07 -39.48
C PHE A 116 7.34 -18.30 -40.21
N HIS A 117 7.79 -19.29 -39.44
CA HIS A 117 8.40 -20.49 -40.01
C HIS A 117 7.41 -21.26 -40.83
N ALA A 118 6.18 -21.40 -40.33
CA ALA A 118 5.12 -22.07 -41.05
C ALA A 118 4.79 -21.37 -42.37
N LEU A 119 4.76 -20.05 -42.35
CA LEU A 119 4.51 -19.26 -43.55
C LEU A 119 5.59 -19.50 -44.62
N GLN A 120 6.84 -19.58 -44.20
CA GLN A 120 7.93 -19.84 -45.17
C GLN A 120 7.90 -21.27 -45.66
N ALA A 121 7.49 -22.21 -44.82
CA ALA A 121 7.31 -23.58 -45.25
C ALA A 121 6.17 -23.70 -46.25
N TYR A 122 5.06 -23.00 -45.99
CA TYR A 122 3.97 -22.92 -46.97
C TYR A 122 4.49 -22.49 -48.36
N ARG A 123 5.36 -21.49 -48.40
CA ARG A 123 5.87 -21.01 -49.69
C ARG A 123 6.57 -22.10 -50.47
N ILE A 124 7.34 -22.94 -49.78
CA ILE A 124 8.01 -24.05 -50.42
C ILE A 124 6.97 -25.04 -50.95
N GLY A 125 5.97 -25.33 -50.12
CA GLY A 125 4.92 -26.25 -50.50
C GLY A 125 4.10 -25.75 -51.68
N HIS A 126 3.78 -24.47 -51.65
CA HIS A 126 3.03 -23.79 -52.71
C HIS A 126 3.80 -23.86 -54.05
N TRP A 127 5.11 -23.64 -53.98
CA TRP A 127 5.98 -23.78 -55.13
C TRP A 127 5.95 -25.22 -55.67
N LEU A 128 6.09 -26.22 -54.79
CA LEU A 128 6.01 -27.63 -55.20
C LEU A 128 4.65 -28.01 -55.78
N TRP A 129 3.60 -27.55 -55.13
CA TRP A 129 2.25 -27.83 -55.57
C TRP A 129 2.04 -27.28 -57.00
N ASN A 130 2.49 -26.07 -57.25
CA ASN A 130 2.34 -25.46 -58.58
C ASN A 130 3.25 -26.05 -59.63
N LYS A 131 4.31 -26.73 -59.21
CA LYS A 131 5.11 -27.60 -60.10
C LYS A 131 4.54 -28.98 -60.31
N GLY A 132 3.37 -29.27 -59.76
CA GLY A 132 2.80 -30.57 -59.83
C GLY A 132 3.38 -31.60 -58.87
N ARG A 133 4.23 -31.17 -57.93
CA ARG A 133 4.87 -32.10 -56.99
C ARG A 133 4.02 -32.09 -55.74
N ARG A 134 2.85 -32.70 -55.86
CA ARG A 134 1.80 -32.65 -54.84
C ARG A 134 2.09 -33.51 -53.59
N ALA A 135 2.60 -34.72 -53.80
CA ALA A 135 3.06 -35.60 -52.70
C ALA A 135 3.98 -34.90 -51.69
N LEU A 136 4.98 -34.20 -52.22
CA LEU A 136 5.96 -33.53 -51.42
C LEU A 136 5.38 -32.28 -50.77
N ALA A 137 4.50 -31.57 -51.50
CA ALA A 137 3.81 -30.41 -50.92
C ALA A 137 2.93 -30.80 -49.73
N ILE A 138 2.26 -31.93 -49.88
CA ILE A 138 1.32 -32.45 -48.87
C ILE A 138 2.11 -33.04 -47.68
N PHE A 139 3.25 -33.66 -47.96
CA PHE A 139 4.15 -34.11 -46.87
C PHE A 139 4.55 -32.93 -46.01
N LEU A 140 5.02 -31.85 -46.65
CA LEU A 140 5.42 -30.66 -45.94
C LEU A 140 4.31 -29.97 -45.19
N GLN A 141 3.15 -29.85 -45.83
CA GLN A 141 1.97 -29.27 -45.18
C GLN A 141 1.68 -29.93 -43.83
N ASN A 142 1.68 -31.25 -43.85
CA ASN A 142 1.31 -32.02 -42.70
C ASN A 142 2.43 -32.14 -41.70
N GLN A 143 3.69 -32.01 -42.13
CA GLN A 143 4.81 -31.93 -41.16
C GLN A 143 4.83 -30.57 -40.46
N VAL A 144 4.43 -29.54 -41.19
CA VAL A 144 4.30 -28.19 -40.62
C VAL A 144 3.16 -28.18 -39.60
N SER A 145 2.08 -28.90 -39.90
CA SER A 145 0.98 -29.04 -38.95
C SER A 145 1.41 -29.64 -37.60
N VAL A 146 2.21 -30.71 -37.61
CA VAL A 146 2.67 -31.32 -36.35
C VAL A 146 3.74 -30.50 -35.66
N SER A 147 4.66 -29.89 -36.43
CA SER A 147 5.84 -29.20 -35.88
C SER A 147 5.51 -27.78 -35.39
N PHE A 148 4.68 -27.06 -36.15
CA PHE A 148 4.37 -25.64 -35.88
C PHE A 148 2.90 -25.38 -35.61
N GLN A 149 2.09 -26.43 -35.72
CA GLN A 149 0.65 -26.39 -35.41
C GLN A 149 -0.16 -25.43 -36.29
N VAL A 150 0.32 -25.25 -37.53
CA VAL A 150 -0.37 -24.49 -38.58
C VAL A 150 -0.63 -25.46 -39.73
N ASP A 151 -1.86 -25.52 -40.21
CA ASP A 151 -2.25 -26.38 -41.31
C ASP A 151 -2.75 -25.51 -42.47
N ILE A 152 -1.84 -25.19 -43.39
CA ILE A 152 -2.16 -24.46 -44.61
C ILE A 152 -2.08 -25.43 -45.79
N HIS A 153 -3.17 -25.56 -46.54
CA HIS A 153 -3.13 -26.33 -47.76
C HIS A 153 -2.19 -25.63 -48.76
N PRO A 154 -1.30 -26.37 -49.44
CA PRO A 154 -0.31 -25.71 -50.31
C PRO A 154 -0.87 -24.99 -51.59
N ALA A 155 -2.07 -25.35 -52.02
CA ALA A 155 -2.82 -24.63 -53.07
C ALA A 155 -3.43 -23.28 -52.66
N ALA A 156 -3.44 -22.96 -51.35
CA ALA A 156 -3.88 -21.63 -50.93
C ALA A 156 -2.93 -20.59 -51.51
N LYS A 157 -3.46 -19.42 -51.84
CA LYS A 157 -2.65 -18.37 -52.43
C LYS A 157 -2.47 -17.30 -51.38
N ILE A 158 -1.23 -17.09 -50.96
CA ILE A 158 -0.91 -16.23 -49.84
C ILE A 158 0.18 -15.26 -50.29
N GLY A 159 -0.06 -13.97 -50.03
CA GLY A 159 0.87 -12.93 -50.38
C GLY A 159 1.97 -12.75 -49.35
N ARG A 160 2.47 -11.53 -49.24
CA ARG A 160 3.64 -11.24 -48.42
C ARG A 160 3.31 -10.11 -47.47
N GLY A 161 4.17 -9.92 -46.49
CA GLY A 161 3.89 -9.01 -45.39
C GLY A 161 2.81 -9.58 -44.48
N ILE A 162 2.73 -10.91 -44.40
CA ILE A 162 1.73 -11.60 -43.54
C ILE A 162 2.32 -11.82 -42.15
N MET A 163 1.48 -11.74 -41.14
CA MET A 163 1.86 -12.09 -39.78
C MET A 163 0.89 -13.16 -39.30
N LEU A 164 1.45 -14.29 -38.88
CA LEU A 164 0.68 -15.34 -38.20
C LEU A 164 1.09 -15.24 -36.73
N ASP A 165 0.33 -14.46 -35.97
CA ASP A 165 0.70 -14.12 -34.59
C ASP A 165 0.34 -15.28 -33.64
N HIS A 166 1.34 -15.81 -32.91
CA HIS A 166 1.18 -17.02 -32.06
C HIS A 166 0.90 -18.31 -32.84
N ALA A 167 -0.11 -18.28 -33.73
CA ALA A 167 -0.23 -19.20 -34.86
C ALA A 167 -0.87 -20.56 -34.57
N THR A 168 -0.83 -21.02 -33.33
CA THR A 168 -1.31 -22.37 -33.07
C THR A 168 -2.78 -22.54 -33.40
N GLY A 169 -3.06 -23.64 -34.11
CA GLY A 169 -4.41 -23.97 -34.56
C GLY A 169 -4.91 -23.26 -35.81
N ILE A 170 -4.07 -22.49 -36.51
CA ILE A 170 -4.49 -21.88 -37.77
C ILE A 170 -4.73 -23.01 -38.78
N VAL A 171 -5.86 -22.93 -39.49
CA VAL A 171 -6.18 -23.83 -40.59
C VAL A 171 -6.58 -22.96 -41.77
N VAL A 172 -5.95 -23.17 -42.92
CA VAL A 172 -6.29 -22.48 -44.17
C VAL A 172 -6.59 -23.52 -45.26
N GLY A 173 -7.78 -23.43 -45.87
CA GLY A 173 -8.19 -24.37 -46.92
C GLY A 173 -7.60 -24.20 -48.30
N GLU A 174 -7.76 -25.24 -49.10
CA GLU A 174 -7.18 -25.38 -50.46
C GLU A 174 -7.38 -24.18 -51.43
N THR A 175 -8.54 -23.55 -51.38
CA THR A 175 -8.98 -22.53 -52.34
C THR A 175 -9.03 -21.15 -51.66
N ALA A 176 -8.34 -21.01 -50.52
CA ALA A 176 -8.27 -19.73 -49.83
C ALA A 176 -7.28 -18.79 -50.51
N VAL A 177 -7.50 -17.50 -50.30
CA VAL A 177 -6.62 -16.49 -50.82
C VAL A 177 -6.40 -15.57 -49.63
N ILE A 178 -5.16 -15.17 -49.44
CA ILE A 178 -4.80 -14.20 -48.42
C ILE A 178 -3.87 -13.23 -49.09
N GLU A 179 -4.34 -11.99 -49.20
CA GLU A 179 -3.58 -10.97 -49.87
C GLU A 179 -2.53 -10.41 -48.93
N ASP A 180 -1.76 -9.47 -49.45
CA ASP A 180 -0.66 -8.85 -48.73
C ASP A 180 -1.08 -8.14 -47.45
N ASP A 181 -0.15 -8.06 -46.51
CA ASP A 181 -0.31 -7.27 -45.27
C ASP A 181 -1.45 -7.70 -44.33
N VAL A 182 -1.82 -8.98 -44.41
CA VAL A 182 -2.85 -9.56 -43.55
C VAL A 182 -2.22 -10.01 -42.23
N SER A 183 -2.97 -9.87 -41.13
CA SER A 183 -2.51 -10.36 -39.82
C SER A 183 -3.55 -11.35 -39.29
N ILE A 184 -3.10 -12.55 -38.93
CA ILE A 184 -3.95 -13.65 -38.49
C ILE A 184 -3.47 -14.15 -37.13
N LEU A 185 -4.39 -14.34 -36.20
CA LEU A 185 -4.03 -14.84 -34.87
C LEU A 185 -4.25 -16.36 -34.75
N GLN A 186 -3.83 -16.88 -33.60
CA GLN A 186 -4.05 -18.25 -33.20
C GLN A 186 -5.49 -18.69 -33.44
N SER A 187 -5.63 -19.95 -33.83
CA SER A 187 -6.91 -20.65 -33.93
C SER A 187 -7.91 -20.08 -34.96
N VAL A 188 -7.40 -19.39 -35.97
CA VAL A 188 -8.21 -18.90 -37.05
C VAL A 188 -8.37 -20.03 -38.07
N THR A 189 -9.62 -20.32 -38.45
CA THR A 189 -9.92 -21.20 -39.58
C THR A 189 -10.39 -20.37 -40.77
N LEU A 190 -9.77 -20.57 -41.93
CA LEU A 190 -10.32 -20.10 -43.21
C LEU A 190 -10.78 -21.38 -43.92
N GLY A 191 -12.07 -21.71 -43.72
CA GLY A 191 -12.60 -23.03 -44.06
C GLY A 191 -13.87 -23.02 -44.90
N GLY A 192 -14.47 -24.21 -45.06
CA GLY A 192 -15.75 -24.39 -45.77
C GLY A 192 -16.97 -24.42 -44.87
N THR A 193 -18.14 -24.53 -45.49
CA THR A 193 -19.45 -24.54 -44.80
C THR A 193 -20.00 -25.94 -44.50
N GLY A 194 -19.37 -26.99 -45.03
CA GLY A 194 -19.77 -28.37 -44.69
C GLY A 194 -19.24 -29.38 -45.69
N LYS A 195 -20.12 -30.25 -46.18
CA LYS A 195 -19.76 -31.19 -47.26
C LYS A 195 -19.78 -30.44 -48.59
N THR A 196 -18.71 -29.71 -48.87
CA THR A 196 -18.62 -28.79 -50.01
C THR A 196 -17.51 -29.18 -51.00
N SER A 197 -17.52 -28.54 -52.16
CA SER A 197 -16.53 -28.80 -53.22
C SER A 197 -16.34 -27.62 -54.20
N GLY A 198 -15.23 -27.64 -54.94
CA GLY A 198 -14.82 -26.51 -55.79
C GLY A 198 -14.35 -25.30 -54.98
N ASP A 199 -14.59 -24.10 -55.50
CA ASP A 199 -14.17 -22.87 -54.81
C ASP A 199 -15.01 -22.72 -53.53
N ARG A 200 -14.41 -23.05 -52.39
CA ARG A 200 -15.18 -23.21 -51.16
C ARG A 200 -14.60 -22.52 -49.90
N HIS A 201 -13.53 -21.76 -50.04
CA HIS A 201 -12.81 -21.17 -48.91
C HIS A 201 -12.71 -19.67 -49.08
N PRO A 202 -12.44 -18.93 -47.98
CA PRO A 202 -12.51 -17.47 -48.03
C PRO A 202 -11.40 -16.77 -48.82
N LYS A 203 -11.73 -15.54 -49.21
CA LYS A 203 -10.86 -14.65 -49.96
C LYS A 203 -10.63 -13.51 -48.97
N ILE A 204 -9.42 -13.43 -48.43
CA ILE A 204 -9.06 -12.41 -47.44
C ILE A 204 -8.25 -11.36 -48.17
N ARG A 205 -8.76 -10.12 -48.19
CA ARG A 205 -8.12 -9.05 -48.97
C ARG A 205 -7.10 -8.31 -48.12
N GLU A 206 -6.41 -7.39 -48.77
CA GLU A 206 -5.21 -6.76 -48.25
C GLU A 206 -5.47 -6.00 -46.95
N GLY A 207 -4.51 -6.11 -46.02
CA GLY A 207 -4.55 -5.37 -44.76
C GLY A 207 -5.59 -5.80 -43.74
N VAL A 208 -6.25 -6.94 -43.98
CA VAL A 208 -7.24 -7.49 -43.04
C VAL A 208 -6.55 -8.01 -41.78
N MET A 209 -7.23 -7.85 -40.65
CA MET A 209 -6.78 -8.27 -39.35
C MET A 209 -7.80 -9.29 -38.85
N ILE A 210 -7.34 -10.48 -38.46
CA ILE A 210 -8.24 -11.54 -37.98
C ILE A 210 -7.89 -11.96 -36.56
N GLY A 211 -8.85 -11.72 -35.67
CA GLY A 211 -8.70 -12.02 -34.27
C GLY A 211 -8.69 -13.50 -33.93
N ALA A 212 -8.27 -13.79 -32.69
CA ALA A 212 -8.04 -15.14 -32.20
C ALA A 212 -9.31 -15.95 -32.26
N GLY A 213 -9.22 -17.14 -32.84
CA GLY A 213 -10.32 -18.06 -32.87
C GLY A 213 -11.45 -17.76 -33.84
N ALA A 214 -11.27 -16.80 -34.75
CA ALA A 214 -12.29 -16.48 -35.75
C ALA A 214 -12.40 -17.61 -36.77
N LYS A 215 -13.65 -18.04 -37.05
CA LYS A 215 -13.92 -18.97 -38.16
C LYS A 215 -14.56 -18.22 -39.32
N ILE A 216 -13.90 -18.26 -40.48
CA ILE A 216 -14.40 -17.61 -41.69
C ILE A 216 -14.68 -18.73 -42.68
N LEU A 217 -15.96 -18.91 -43.00
CA LEU A 217 -16.39 -20.11 -43.68
C LEU A 217 -17.03 -19.82 -45.02
N GLY A 218 -16.63 -20.61 -46.04
CA GLY A 218 -17.19 -20.50 -47.38
C GLY A 218 -16.41 -19.61 -48.32
N ASN A 219 -16.79 -19.64 -49.59
CA ASN A 219 -16.21 -18.77 -50.59
C ASN A 219 -16.82 -17.37 -50.52
N ILE A 220 -16.44 -16.67 -49.46
CA ILE A 220 -16.92 -15.33 -49.17
C ILE A 220 -15.70 -14.43 -49.09
N GLU A 221 -15.89 -13.15 -49.41
CA GLU A 221 -14.83 -12.17 -49.39
C GLU A 221 -14.83 -11.45 -48.06
N VAL A 222 -13.63 -11.17 -47.55
CA VAL A 222 -13.45 -10.23 -46.45
C VAL A 222 -12.68 -9.05 -47.03
N GLY A 223 -13.34 -7.90 -47.11
CA GLY A 223 -12.80 -6.78 -47.86
C GLY A 223 -11.57 -6.13 -47.28
N ARG A 224 -10.88 -5.40 -48.16
CA ARG A 224 -9.67 -4.65 -47.87
C ARG A 224 -9.76 -3.87 -46.55
N GLY A 225 -8.78 -4.08 -45.66
CA GLY A 225 -8.64 -3.32 -44.42
C GLY A 225 -9.67 -3.57 -43.34
N ALA A 226 -10.50 -4.59 -43.51
CA ALA A 226 -11.47 -5.00 -42.49
C ALA A 226 -10.82 -5.64 -41.25
N LYS A 227 -11.61 -5.75 -40.18
CA LYS A 227 -11.17 -6.34 -38.91
C LYS A 227 -12.19 -7.38 -38.45
N ILE A 228 -11.73 -8.62 -38.26
CA ILE A 228 -12.60 -9.71 -37.82
C ILE A 228 -12.33 -9.90 -36.33
N GLY A 229 -13.40 -9.90 -35.54
CA GLY A 229 -13.31 -10.02 -34.10
C GLY A 229 -12.92 -11.43 -33.68
N ALA A 230 -12.21 -11.52 -32.55
CA ALA A 230 -11.92 -12.79 -31.91
C ALA A 230 -13.21 -13.57 -31.70
N GLY A 231 -13.16 -14.88 -31.96
CA GLY A 231 -14.30 -15.77 -31.72
C GLY A 231 -15.47 -15.60 -32.66
N SER A 232 -15.31 -14.84 -33.75
CA SER A 232 -16.39 -14.64 -34.72
C SER A 232 -16.59 -15.86 -35.58
N VAL A 233 -17.81 -16.01 -36.09
CA VAL A 233 -18.11 -17.00 -37.11
C VAL A 233 -18.68 -16.24 -38.30
N VAL A 234 -17.81 -15.95 -39.27
CA VAL A 234 -18.13 -15.13 -40.42
C VAL A 234 -18.68 -16.05 -41.52
N LEU A 235 -19.96 -15.88 -41.84
CA LEU A 235 -20.64 -16.69 -42.86
C LEU A 235 -21.07 -15.91 -44.12
N GLN A 236 -21.07 -14.59 -44.06
CA GLN A 236 -21.41 -13.76 -45.19
C GLN A 236 -20.23 -12.84 -45.43
N PRO A 237 -20.16 -12.20 -46.61
CA PRO A 237 -19.05 -11.29 -46.89
C PRO A 237 -19.00 -10.06 -46.00
N VAL A 238 -17.80 -9.55 -45.78
CA VAL A 238 -17.58 -8.40 -44.93
C VAL A 238 -17.11 -7.29 -45.87
N PRO A 239 -17.78 -6.12 -45.84
CA PRO A 239 -17.32 -5.05 -46.74
C PRO A 239 -15.98 -4.50 -46.29
N PRO A 240 -15.20 -3.89 -47.21
CA PRO A 240 -13.92 -3.27 -46.86
C PRO A 240 -14.00 -2.30 -45.70
N HIS A 241 -12.92 -2.19 -44.93
CA HIS A 241 -12.79 -1.18 -43.86
C HIS A 241 -13.89 -1.21 -42.80
N THR A 242 -14.39 -2.40 -42.52
CA THR A 242 -15.47 -2.66 -41.56
C THR A 242 -14.95 -3.60 -40.46
N THR A 243 -15.52 -3.50 -39.27
CA THR A 243 -15.28 -4.46 -38.19
C THR A 243 -16.49 -5.39 -38.13
N ALA A 244 -16.26 -6.68 -38.35
CA ALA A 244 -17.29 -7.72 -38.20
C ALA A 244 -16.97 -8.55 -36.98
N ALA A 245 -18.01 -8.95 -36.25
CA ALA A 245 -17.84 -9.70 -35.01
C ALA A 245 -19.13 -10.37 -34.58
N GLY A 246 -18.99 -11.36 -33.70
CA GLY A 246 -20.12 -12.12 -33.14
C GLY A 246 -20.30 -13.48 -33.77
N VAL A 247 -21.22 -14.26 -33.20
CA VAL A 247 -21.62 -15.57 -33.77
C VAL A 247 -23.13 -15.59 -34.14
N PRO A 248 -23.52 -15.45 -35.41
CA PRO A 248 -22.65 -15.18 -36.55
C PRO A 248 -22.18 -13.74 -36.56
N ALA A 249 -21.21 -13.43 -37.40
CA ALA A 249 -20.66 -12.10 -37.44
C ALA A 249 -21.62 -11.12 -38.10
N ARG A 250 -21.74 -9.92 -37.52
CA ARG A 250 -22.38 -8.77 -38.19
C ARG A 250 -21.48 -7.54 -38.04
N ILE A 251 -21.80 -6.50 -38.80
CA ILE A 251 -21.04 -5.25 -38.77
C ILE A 251 -21.25 -4.56 -37.42
N VAL A 252 -20.16 -4.23 -36.74
CA VAL A 252 -20.22 -3.53 -35.45
C VAL A 252 -19.51 -2.16 -35.43
N GLY A 253 -18.89 -1.76 -36.54
CA GLY A 253 -18.13 -0.51 -36.57
C GLY A 253 -17.16 -0.41 -37.73
N LYS A 254 -16.12 0.38 -37.53
CA LYS A 254 -15.05 0.62 -38.53
C LYS A 254 -13.70 0.80 -37.82
N PRO A 255 -12.60 0.23 -38.38
CA PRO A 255 -11.25 0.54 -37.88
C PRO A 255 -10.63 1.75 -38.61
N PRO B 10 -2.25 -22.40 -0.26
CA PRO B 10 -2.64 -23.56 0.55
C PRO B 10 -1.97 -24.90 0.12
N CYS B 11 -0.69 -24.86 -0.26
CA CYS B 11 -0.01 -26.04 -0.84
C CYS B 11 0.64 -26.92 0.22
N GLU B 12 0.52 -28.23 0.02
CA GLU B 12 1.28 -29.24 0.75
C GLU B 12 2.78 -29.07 0.57
N GLU B 13 3.54 -29.65 1.48
CA GLU B 13 4.99 -29.50 1.50
C GLU B 13 5.64 -30.14 0.27
N LEU B 14 6.62 -29.47 -0.28
CA LEU B 14 7.36 -29.92 -1.41
C LEU B 14 8.00 -31.29 -1.20
N GLU B 15 8.64 -31.43 -0.06
CA GLU B 15 9.32 -32.66 0.27
C GLU B 15 8.35 -33.80 0.48
N ILE B 16 7.13 -33.48 0.88
CA ILE B 16 6.10 -34.48 1.06
C ILE B 16 5.54 -34.90 -0.31
N VAL B 17 5.37 -33.97 -1.24
CA VAL B 17 4.88 -34.35 -2.56
C VAL B 17 5.95 -35.20 -3.26
N TRP B 18 7.21 -34.88 -3.05
CA TRP B 18 8.28 -35.64 -3.69
C TRP B 18 8.31 -37.08 -3.20
N LYS B 19 8.17 -37.28 -1.90
CA LYS B 19 8.13 -38.61 -1.35
C LYS B 19 6.96 -39.36 -1.91
N ASN B 20 5.82 -38.70 -1.99
CA ASN B 20 4.65 -39.35 -2.57
C ASN B 20 4.92 -39.77 -4.00
N ILE B 21 5.50 -38.87 -4.77
CA ILE B 21 5.81 -39.12 -6.15
C ILE B 21 6.71 -40.34 -6.30
N LYS B 22 7.77 -40.43 -5.51
CA LYS B 22 8.65 -41.58 -5.58
C LYS B 22 7.98 -42.86 -5.15
N ALA B 23 7.14 -42.80 -4.14
CA ALA B 23 6.41 -43.98 -3.72
C ALA B 23 5.49 -44.45 -4.81
N GLU B 24 4.75 -43.56 -5.42
CA GLU B 24 3.87 -43.97 -6.51
C GLU B 24 4.66 -44.63 -7.63
N ALA B 25 5.77 -44.00 -8.02
CA ALA B 25 6.60 -44.47 -9.15
C ALA B 25 7.24 -45.83 -8.91
N ARG B 26 7.79 -46.06 -7.72
CA ARG B 26 8.30 -47.40 -7.35
C ARG B 26 7.23 -48.47 -7.53
N ALA B 27 6.03 -48.18 -7.03
CA ALA B 27 4.90 -49.10 -7.15
C ALA B 27 4.46 -49.29 -8.61
N LEU B 28 4.32 -48.19 -9.35
CA LEU B 28 3.93 -48.25 -10.75
C LEU B 28 4.93 -49.01 -11.62
N ALA B 29 6.23 -48.84 -11.34
CA ALA B 29 7.29 -49.53 -12.10
C ALA B 29 7.18 -51.04 -11.98
N ASP B 30 6.78 -51.51 -10.80
CA ASP B 30 6.48 -52.92 -10.57
C ASP B 30 5.30 -53.42 -11.39
N CYS B 31 4.17 -52.69 -11.42
CA CYS B 31 3.01 -53.20 -12.10
C CYS B 31 3.00 -52.97 -13.62
N GLU B 32 3.89 -52.11 -14.16
CA GLU B 32 4.01 -51.97 -15.62
C GLU B 32 5.48 -52.02 -16.11
N PRO B 33 6.01 -53.24 -16.40
CA PRO B 33 7.41 -53.42 -16.84
C PRO B 33 7.82 -52.60 -18.06
N MET B 34 6.91 -52.38 -19.01
CA MET B 34 7.16 -51.54 -20.19
C MET B 34 7.50 -50.08 -19.85
N LEU B 35 7.01 -49.59 -18.73
CA LEU B 35 7.30 -48.21 -18.28
C LEU B 35 8.33 -48.12 -17.15
N ALA B 36 8.85 -49.23 -16.65
CA ALA B 36 9.86 -49.16 -15.55
C ALA B 36 11.05 -48.29 -15.93
N SER B 37 11.58 -48.47 -17.13
CA SER B 37 12.69 -47.65 -17.59
C SER B 37 12.36 -46.15 -17.55
N PHE B 38 11.17 -45.79 -18.05
CA PHE B 38 10.64 -44.46 -18.03
C PHE B 38 10.49 -43.94 -16.60
N TYR B 39 9.89 -44.71 -15.69
CA TYR B 39 9.79 -44.24 -14.30
C TYR B 39 11.16 -44.01 -13.62
N HIS B 40 12.13 -44.86 -13.90
CA HIS B 40 13.48 -44.72 -13.34
C HIS B 40 14.24 -43.51 -13.89
N ALA B 41 14.20 -43.33 -15.20
CA ALA B 41 14.86 -42.18 -15.85
C ALA B 41 14.23 -40.82 -15.48
N THR B 42 12.90 -40.75 -15.43
CA THR B 42 12.15 -39.52 -15.22
C THR B 42 12.02 -39.11 -13.75
N LEU B 43 11.93 -40.10 -12.86
CA LEU B 43 11.66 -39.86 -11.43
C LEU B 43 12.64 -40.54 -10.45
N LEU B 44 12.75 -41.86 -10.51
CA LEU B 44 13.36 -42.64 -9.41
C LEU B 44 14.87 -42.40 -9.24
N LYS B 45 15.59 -42.00 -10.29
CA LYS B 45 17.03 -41.75 -10.16
C LYS B 45 17.38 -40.38 -9.60
N HIS B 46 16.41 -39.50 -9.50
CA HIS B 46 16.60 -38.13 -9.05
C HIS B 46 16.41 -38.02 -7.55
N GLU B 47 17.25 -37.19 -6.94
CA GLU B 47 17.22 -36.97 -5.48
C GLU B 47 16.15 -35.98 -5.04
N ASN B 48 15.70 -35.10 -5.94
CA ASN B 48 14.68 -34.12 -5.60
C ASN B 48 13.82 -33.73 -6.81
N LEU B 49 12.76 -32.96 -6.54
CA LEU B 49 11.80 -32.59 -7.56
C LEU B 49 12.43 -31.65 -8.56
N GLY B 50 13.28 -30.73 -8.09
CA GLY B 50 14.01 -29.79 -8.94
C GLY B 50 14.82 -30.50 -10.02
N SER B 51 15.51 -31.55 -9.64
CA SER B 51 16.37 -32.28 -10.58
C SER B 51 15.55 -33.09 -11.58
N ALA B 52 14.44 -33.68 -11.14
CA ALA B 52 13.51 -34.36 -12.03
C ALA B 52 12.85 -33.40 -13.02
N LEU B 53 12.52 -32.20 -12.55
CA LEU B 53 11.89 -31.16 -13.40
C LEU B 53 12.85 -30.66 -14.47
N SER B 54 14.10 -30.40 -14.09
CA SER B 54 15.09 -29.92 -15.07
C SER B 54 15.38 -30.97 -16.13
N TYR B 55 15.46 -32.23 -15.70
CA TYR B 55 15.68 -33.36 -16.62
C TYR B 55 14.54 -33.49 -17.62
N MET B 56 13.31 -33.47 -17.11
CA MET B 56 12.09 -33.59 -17.91
C MET B 56 11.96 -32.47 -18.94
N LEU B 57 12.11 -31.21 -18.50
CA LEU B 57 11.97 -30.07 -19.40
C LEU B 57 13.05 -30.07 -20.47
N ALA B 58 14.28 -30.40 -20.06
CA ALA B 58 15.40 -30.47 -21.01
C ALA B 58 15.13 -31.55 -22.09
N ASN B 59 14.66 -32.74 -21.68
CA ASN B 59 14.35 -33.83 -22.64
C ASN B 59 13.17 -33.51 -23.59
N LYS B 60 12.11 -32.92 -23.04
CA LYS B 60 10.92 -32.61 -23.82
C LYS B 60 11.10 -31.40 -24.74
N LEU B 61 11.99 -30.47 -24.39
CA LEU B 61 12.22 -29.26 -25.19
C LEU B 61 13.38 -29.41 -26.16
N ALA B 62 14.12 -30.51 -26.03
CA ALA B 62 15.32 -30.76 -26.86
C ALA B 62 14.96 -30.74 -28.33
N SER B 63 15.88 -30.26 -29.15
CA SER B 63 15.69 -30.33 -30.58
C SER B 63 17.06 -30.25 -31.26
N PRO B 64 17.12 -30.43 -32.59
CA PRO B 64 18.35 -30.18 -33.36
C PRO B 64 18.94 -28.81 -33.08
N ILE B 65 18.05 -27.81 -33.00
CA ILE B 65 18.40 -26.41 -32.64
C ILE B 65 19.15 -26.20 -31.28
N MET B 66 18.86 -27.04 -30.26
CA MET B 66 19.35 -26.85 -28.90
C MET B 66 19.17 -28.13 -28.06
N PRO B 67 20.27 -28.80 -27.70
CA PRO B 67 20.11 -30.15 -27.11
C PRO B 67 19.69 -30.15 -25.67
N ALA B 68 19.19 -31.29 -25.22
CA ALA B 68 18.76 -31.46 -23.83
C ALA B 68 19.86 -31.10 -22.82
N ILE B 69 21.08 -31.58 -23.09
CA ILE B 69 22.20 -31.25 -22.21
C ILE B 69 22.39 -29.72 -21.99
N ALA B 70 22.12 -28.91 -23.01
CA ALA B 70 22.24 -27.45 -22.93
C ALA B 70 21.04 -26.83 -22.18
N ILE B 71 19.84 -27.29 -22.50
CA ILE B 71 18.62 -26.81 -21.82
C ILE B 71 18.70 -27.08 -20.34
N ARG B 72 19.23 -28.24 -19.96
CA ARG B 72 19.29 -28.59 -18.55
C ARG B 72 20.11 -27.64 -17.70
N GLU B 73 21.26 -27.18 -18.20
CA GLU B 73 22.08 -26.29 -17.39
C GLU B 73 21.42 -24.92 -17.19
N VAL B 74 20.63 -24.46 -18.17
CA VAL B 74 19.83 -23.24 -18.02
C VAL B 74 18.78 -23.39 -16.90
N VAL B 75 18.05 -24.49 -16.94
CA VAL B 75 16.99 -24.74 -15.95
C VAL B 75 17.59 -24.93 -14.53
N GLU B 76 18.70 -25.64 -14.43
CA GLU B 76 19.37 -25.88 -13.14
C GLU B 76 19.86 -24.59 -12.50
N GLU B 77 20.43 -23.69 -13.31
CA GLU B 77 20.83 -22.36 -12.84
C GLU B 77 19.65 -21.56 -12.28
N ALA B 78 18.54 -21.52 -13.00
CA ALA B 78 17.35 -20.82 -12.55
C ALA B 78 16.84 -21.35 -11.20
N TYR B 79 16.72 -22.69 -11.12
CA TYR B 79 16.29 -23.37 -9.90
C TYR B 79 17.27 -23.20 -8.73
N ALA B 80 18.57 -23.10 -9.02
CA ALA B 80 19.59 -22.88 -7.97
C ALA B 80 19.46 -21.46 -7.41
N ALA B 81 19.19 -20.49 -8.28
CA ALA B 81 19.03 -19.10 -7.91
C ALA B 81 17.66 -18.78 -7.28
N ASP B 82 16.59 -19.45 -7.72
CA ASP B 82 15.25 -19.23 -7.16
C ASP B 82 14.53 -20.56 -6.91
N PRO B 83 14.89 -21.27 -5.83
CA PRO B 83 14.25 -22.55 -5.54
C PRO B 83 12.74 -22.48 -5.23
N GLU B 84 12.17 -21.29 -4.99
CA GLU B 84 10.72 -21.15 -4.85
C GLU B 84 9.95 -21.59 -6.09
N MET B 85 10.59 -21.52 -7.26
CA MET B 85 9.98 -22.08 -8.49
C MET B 85 9.62 -23.55 -8.40
N ILE B 86 10.41 -24.32 -7.65
CA ILE B 86 10.18 -25.74 -7.45
C ILE B 86 8.99 -25.92 -6.50
N ALA B 87 8.90 -25.07 -5.49
CA ALA B 87 7.74 -25.05 -4.60
C ALA B 87 6.46 -24.70 -5.35
N SER B 88 6.55 -23.77 -6.29
CA SER B 88 5.39 -23.45 -7.14
C SER B 88 4.98 -24.65 -8.02
N ALA B 89 5.97 -25.34 -8.58
CA ALA B 89 5.71 -26.60 -9.29
C ALA B 89 4.91 -27.58 -8.44
N ALA B 90 5.30 -27.76 -7.18
CA ALA B 90 4.62 -28.73 -6.33
C ALA B 90 3.18 -28.29 -6.06
N CYS B 91 2.96 -27.00 -5.89
CA CYS B 91 1.61 -26.44 -5.75
C CYS B 91 0.76 -26.66 -7.01
N ASP B 92 1.40 -26.52 -8.17
CA ASP B 92 0.78 -26.81 -9.46
C ASP B 92 0.42 -28.28 -9.63
N ILE B 93 1.25 -29.19 -9.11
CA ILE B 93 0.95 -30.61 -9.16
C ILE B 93 -0.33 -30.88 -8.37
N GLN B 94 -0.40 -30.27 -7.19
CA GLN B 94 -1.56 -30.46 -6.31
C GLN B 94 -2.83 -29.91 -6.89
N ALA B 95 -2.72 -28.76 -7.55
CA ALA B 95 -3.86 -28.13 -8.23
C ALA B 95 -4.55 -29.06 -9.21
N VAL B 96 -3.76 -29.77 -10.00
CA VAL B 96 -4.30 -30.70 -10.97
C VAL B 96 -4.96 -31.88 -10.27
N ARG B 97 -4.25 -32.45 -9.29
CA ARG B 97 -4.73 -33.61 -8.56
C ARG B 97 -6.06 -33.35 -7.84
N THR B 98 -6.19 -32.17 -7.23
CA THR B 98 -7.42 -31.82 -6.54
C THR B 98 -8.55 -31.43 -7.50
N ARG B 99 -8.25 -30.77 -8.61
CA ARG B 99 -9.28 -30.23 -9.52
C ARG B 99 -9.69 -31.11 -10.69
N ASP B 100 -8.80 -31.98 -11.15
CA ASP B 100 -9.05 -32.82 -12.33
C ASP B 100 -9.49 -34.19 -11.81
N PRO B 101 -10.76 -34.60 -12.06
CA PRO B 101 -11.19 -35.90 -11.55
C PRO B 101 -10.49 -37.10 -12.21
N ALA B 102 -9.98 -36.91 -13.43
CA ALA B 102 -9.19 -37.94 -14.11
C ALA B 102 -7.77 -38.14 -13.53
N VAL B 103 -7.36 -37.39 -12.50
CA VAL B 103 -5.99 -37.48 -11.97
C VAL B 103 -6.00 -37.71 -10.47
N ASP B 104 -5.54 -38.90 -10.04
CA ASP B 104 -5.44 -39.26 -8.62
C ASP B 104 -4.04 -39.09 -8.03
N LYS B 105 -3.02 -39.25 -8.86
CA LYS B 105 -1.64 -39.39 -8.39
C LYS B 105 -0.87 -38.09 -8.54
N TYR B 106 0.04 -37.85 -7.58
CA TYR B 106 0.94 -36.70 -7.64
C TYR B 106 1.89 -36.77 -8.83
N SER B 107 2.23 -37.99 -9.25
CA SER B 107 3.23 -38.18 -10.30
C SER B 107 2.65 -37.90 -11.69
N THR B 108 1.33 -37.94 -11.82
CA THR B 108 0.67 -37.84 -13.12
C THR B 108 0.94 -36.52 -13.83
N PRO B 109 0.76 -35.35 -13.15
CA PRO B 109 1.03 -34.08 -13.82
C PRO B 109 2.47 -33.94 -14.22
N LEU B 110 3.37 -34.35 -13.32
CA LEU B 110 4.80 -34.24 -13.52
C LEU B 110 5.24 -35.09 -14.68
N LEU B 111 4.70 -36.30 -14.77
CA LEU B 111 5.08 -37.23 -15.84
C LEU B 111 4.50 -36.86 -17.21
N TYR B 112 3.21 -36.54 -17.27
CA TYR B 112 2.48 -36.61 -18.52
C TYR B 112 1.84 -35.34 -19.05
N LEU B 113 1.49 -34.36 -18.21
CA LEU B 113 0.61 -33.28 -18.65
C LEU B 113 1.40 -32.07 -19.17
N LYS B 114 1.19 -31.79 -20.46
CA LYS B 114 1.93 -30.76 -21.16
C LYS B 114 1.61 -29.38 -20.64
N GLY B 115 0.43 -29.19 -20.05
CA GLY B 115 0.10 -27.90 -19.46
C GLY B 115 0.94 -27.61 -18.23
N PHE B 116 1.10 -28.62 -17.38
CA PHE B 116 1.99 -28.54 -16.24
C PHE B 116 3.44 -28.24 -16.70
N HIS B 117 3.92 -29.02 -17.66
CA HIS B 117 5.27 -28.82 -18.19
C HIS B 117 5.44 -27.40 -18.72
N ALA B 118 4.45 -26.89 -19.45
CA ALA B 118 4.53 -25.56 -20.03
C ALA B 118 4.60 -24.53 -18.92
N LEU B 119 3.81 -24.73 -17.89
CA LEU B 119 3.78 -23.82 -16.75
C LEU B 119 5.16 -23.74 -16.04
N GLN B 120 5.83 -24.89 -15.88
CA GLN B 120 7.15 -24.89 -15.26
C GLN B 120 8.22 -24.31 -16.18
N ALA B 121 8.11 -24.53 -17.48
CA ALA B 121 9.03 -23.89 -18.42
C ALA B 121 8.87 -22.36 -18.41
N TYR B 122 7.62 -21.91 -18.32
CA TYR B 122 7.33 -20.48 -18.18
C TYR B 122 8.11 -19.89 -16.98
N ARG B 123 8.11 -20.60 -15.85
CA ARG B 123 8.78 -20.08 -14.65
C ARG B 123 10.25 -19.83 -14.88
N ILE B 124 10.88 -20.71 -15.66
CA ILE B 124 12.27 -20.57 -16.00
C ILE B 124 12.45 -19.36 -16.89
N GLY B 125 11.55 -19.22 -17.88
CA GLY B 125 11.57 -18.11 -18.81
C GLY B 125 11.36 -16.79 -18.10
N HIS B 126 10.42 -16.78 -17.17
CA HIS B 126 10.13 -15.59 -16.34
C HIS B 126 11.34 -15.17 -15.47
N TRP B 127 12.03 -16.15 -14.91
CA TRP B 127 13.23 -15.88 -14.13
C TRP B 127 14.28 -15.25 -15.05
N LEU B 128 14.50 -15.84 -16.22
CA LEU B 128 15.47 -15.29 -17.18
C LEU B 128 15.12 -13.88 -17.62
N TRP B 129 13.85 -13.66 -17.94
CA TRP B 129 13.40 -12.36 -18.42
C TRP B 129 13.63 -11.29 -17.36
N ASN B 130 13.28 -11.58 -16.12
CA ASN B 130 13.51 -10.65 -15.03
C ASN B 130 14.97 -10.40 -14.68
N LYS B 131 15.87 -11.31 -15.10
CA LYS B 131 17.34 -11.07 -15.09
C LYS B 131 17.89 -10.37 -16.31
N GLY B 132 17.03 -9.93 -17.22
CA GLY B 132 17.45 -9.30 -18.44
C GLY B 132 17.95 -10.29 -19.48
N ARG B 133 17.78 -11.58 -19.25
CA ARG B 133 18.24 -12.58 -20.23
C ARG B 133 17.06 -12.90 -21.15
N ARG B 134 16.72 -11.90 -21.94
CA ARG B 134 15.52 -11.87 -22.78
C ARG B 134 15.58 -12.86 -23.94
N ALA B 135 16.73 -12.92 -24.59
CA ALA B 135 16.95 -13.84 -25.72
C ALA B 135 16.66 -15.30 -25.36
N LEU B 136 17.17 -15.73 -24.21
CA LEU B 136 17.02 -17.08 -23.74
C LEU B 136 15.58 -17.33 -23.29
N ALA B 137 14.96 -16.34 -22.67
CA ALA B 137 13.57 -16.45 -22.24
C ALA B 137 12.64 -16.62 -23.45
N ILE B 138 12.92 -15.89 -24.51
CA ILE B 138 12.13 -15.86 -25.76
C ILE B 138 12.42 -17.16 -26.53
N PHE B 139 13.67 -17.63 -26.49
CA PHE B 139 13.98 -18.96 -27.08
C PHE B 139 13.08 -20.00 -26.43
N LEU B 140 13.06 -20.03 -25.11
CA LEU B 140 12.28 -21.01 -24.38
C LEU B 140 10.77 -20.90 -24.58
N GLN B 141 10.22 -19.69 -24.47
CA GLN B 141 8.81 -19.44 -24.77
C GLN B 141 8.36 -20.09 -26.07
N ASN B 142 9.14 -19.87 -27.12
CA ASN B 142 8.77 -20.33 -28.43
C ASN B 142 9.06 -21.81 -28.63
N GLN B 143 10.04 -22.39 -27.91
CA GLN B 143 10.26 -23.84 -27.96
C GLN B 143 9.14 -24.53 -27.20
N VAL B 144 8.64 -23.90 -26.15
CA VAL B 144 7.47 -24.41 -25.43
C VAL B 144 6.22 -24.35 -26.31
N SER B 145 6.06 -23.30 -27.14
CA SER B 145 4.91 -23.20 -28.07
C SER B 145 4.91 -24.36 -29.05
N VAL B 146 6.07 -24.70 -29.61
CA VAL B 146 6.11 -25.85 -30.53
C VAL B 146 5.96 -27.22 -29.85
N SER B 147 6.57 -27.40 -28.67
CA SER B 147 6.64 -28.71 -27.99
C SER B 147 5.38 -29.01 -27.20
N PHE B 148 4.84 -28.01 -26.50
CA PHE B 148 3.64 -28.20 -25.64
C PHE B 148 2.40 -27.41 -26.10
N GLN B 149 2.56 -26.58 -27.12
CA GLN B 149 1.46 -25.84 -27.78
C GLN B 149 0.83 -24.85 -26.85
N VAL B 150 1.65 -24.28 -25.97
CA VAL B 150 1.26 -23.19 -25.08
C VAL B 150 2.25 -22.06 -25.33
N ASP B 151 1.74 -20.85 -25.56
CA ASP B 151 2.56 -19.72 -25.85
C ASP B 151 2.28 -18.69 -24.77
N ILE B 152 3.16 -18.65 -23.76
CA ILE B 152 3.11 -17.68 -22.68
C ILE B 152 4.31 -16.77 -22.83
N HIS B 153 4.06 -15.47 -22.92
CA HIS B 153 5.14 -14.53 -22.91
C HIS B 153 5.85 -14.56 -21.52
N PRO B 154 7.21 -14.55 -21.48
CA PRO B 154 7.89 -14.72 -20.20
C PRO B 154 7.74 -13.55 -19.18
N ALA B 155 7.47 -12.35 -19.65
CA ALA B 155 7.06 -11.19 -18.82
C ALA B 155 5.69 -11.28 -18.15
N ALA B 156 4.84 -12.21 -18.57
CA ALA B 156 3.55 -12.40 -17.88
C ALA B 156 3.80 -12.85 -16.44
N LYS B 157 2.94 -12.43 -15.53
CA LYS B 157 3.13 -12.69 -14.11
C LYS B 157 2.10 -13.70 -13.69
N ILE B 158 2.56 -14.91 -13.40
CA ILE B 158 1.69 -16.03 -13.11
C ILE B 158 2.04 -16.58 -11.74
N GLY B 159 1.01 -16.83 -10.95
CA GLY B 159 1.13 -17.39 -9.62
C GLY B 159 1.27 -18.88 -9.60
N ARG B 160 0.88 -19.46 -8.47
CA ARG B 160 1.04 -20.88 -8.23
C ARG B 160 -0.30 -21.48 -7.94
N GLY B 161 -0.36 -22.80 -8.02
CA GLY B 161 -1.62 -23.54 -7.94
C GLY B 161 -2.43 -23.38 -9.21
N ILE B 162 -1.73 -23.23 -10.35
CA ILE B 162 -2.36 -23.01 -11.64
C ILE B 162 -2.53 -24.38 -12.30
N MET B 163 -3.68 -24.58 -12.93
CA MET B 163 -3.92 -25.73 -13.78
C MET B 163 -4.14 -25.24 -15.22
N LEU B 164 -3.34 -25.77 -16.14
CA LEU B 164 -3.54 -25.58 -17.57
C LEU B 164 -4.05 -26.91 -18.09
N ASP B 165 -5.40 -27.04 -18.12
CA ASP B 165 -6.04 -28.32 -18.41
C ASP B 165 -6.06 -28.56 -19.91
N HIS B 166 -5.49 -29.69 -20.35
CA HIS B 166 -5.36 -30.04 -21.79
C HIS B 166 -4.40 -29.12 -22.53
N ALA B 167 -4.63 -27.81 -22.41
CA ALA B 167 -3.61 -26.76 -22.64
C ALA B 167 -3.38 -26.35 -24.09
N THR B 168 -3.73 -27.20 -25.05
CA THR B 168 -3.36 -26.87 -26.43
C THR B 168 -4.03 -25.58 -26.92
N GLY B 169 -3.18 -24.72 -27.50
CA GLY B 169 -3.59 -23.44 -28.03
C GLY B 169 -3.69 -22.29 -27.02
N ILE B 170 -3.31 -22.51 -25.75
CA ILE B 170 -3.28 -21.40 -24.77
C ILE B 170 -2.29 -20.34 -25.24
N VAL B 171 -2.71 -19.06 -25.18
CA VAL B 171 -1.86 -17.95 -25.51
C VAL B 171 -2.03 -16.93 -24.37
N VAL B 172 -0.93 -16.50 -23.79
CA VAL B 172 -0.92 -15.47 -22.71
C VAL B 172 0.05 -14.35 -23.07
N GLY B 173 -0.44 -13.09 -23.08
CA GLY B 173 0.36 -11.95 -23.48
C GLY B 173 1.32 -11.37 -22.45
N GLU B 174 2.20 -10.52 -22.96
CA GLU B 174 3.34 -9.94 -22.20
C GLU B 174 2.99 -9.30 -20.85
N THR B 175 1.85 -8.63 -20.78
CA THR B 175 1.46 -7.79 -19.65
C THR B 175 0.29 -8.43 -18.88
N ALA B 176 0.02 -9.71 -19.15
CA ALA B 176 -0.98 -10.46 -18.38
C ALA B 176 -0.53 -10.79 -16.97
N VAL B 177 -1.52 -11.01 -16.11
CA VAL B 177 -1.31 -11.42 -14.74
C VAL B 177 -2.31 -12.51 -14.50
N ILE B 178 -1.85 -13.58 -13.87
CA ILE B 178 -2.66 -14.68 -13.49
C ILE B 178 -2.33 -14.98 -12.06
N GLU B 179 -3.30 -14.78 -11.18
CA GLU B 179 -3.07 -14.94 -9.77
C GLU B 179 -3.15 -16.40 -9.39
N ASP B 180 -2.95 -16.70 -8.12
CA ASP B 180 -2.96 -18.07 -7.62
C ASP B 180 -4.28 -18.79 -7.88
N ASP B 181 -4.20 -20.12 -7.94
CA ASP B 181 -5.35 -21.03 -7.98
C ASP B 181 -6.30 -20.88 -9.18
N VAL B 182 -5.78 -20.38 -10.31
CA VAL B 182 -6.54 -20.18 -11.53
C VAL B 182 -6.53 -21.48 -12.34
N SER B 183 -7.66 -21.80 -12.97
CA SER B 183 -7.77 -22.96 -13.87
C SER B 183 -8.07 -22.45 -15.29
N ILE B 184 -7.27 -22.88 -16.27
CA ILE B 184 -7.39 -22.42 -17.64
C ILE B 184 -7.47 -23.64 -18.54
N LEU B 185 -8.44 -23.67 -19.45
CA LEU B 185 -8.56 -24.81 -20.40
C LEU B 185 -7.91 -24.49 -21.74
N GLN B 186 -7.89 -25.50 -22.61
CA GLN B 186 -7.42 -25.41 -23.97
C GLN B 186 -7.99 -24.21 -24.73
N SER B 187 -7.16 -23.65 -25.60
CA SER B 187 -7.47 -22.60 -26.56
C SER B 187 -7.96 -21.30 -25.93
N VAL B 188 -7.56 -21.05 -24.69
CA VAL B 188 -7.83 -19.78 -24.04
C VAL B 188 -6.77 -18.78 -24.50
N THR B 189 -7.21 -17.58 -24.91
CA THR B 189 -6.32 -16.46 -25.18
C THR B 189 -6.50 -15.41 -24.11
N LEU B 190 -5.40 -14.97 -23.49
CA LEU B 190 -5.38 -13.73 -22.71
C LEU B 190 -4.57 -12.72 -23.52
N GLY B 191 -5.26 -11.93 -24.33
CA GLY B 191 -4.66 -11.15 -25.41
C GLY B 191 -5.07 -9.68 -25.41
N GLY B 192 -4.68 -8.98 -26.48
CA GLY B 192 -5.01 -7.56 -26.68
C GLY B 192 -6.29 -7.31 -27.48
N THR B 193 -6.62 -6.03 -27.65
CA THR B 193 -7.81 -5.55 -28.40
C THR B 193 -7.53 -5.28 -29.88
N GLY B 194 -6.25 -5.21 -30.24
CA GLY B 194 -5.85 -5.08 -31.65
C GLY B 194 -4.41 -4.69 -31.73
N LYS B 195 -4.08 -3.74 -32.59
CA LYS B 195 -2.73 -3.14 -32.60
C LYS B 195 -2.59 -2.13 -31.45
N THR B 196 -2.44 -2.68 -30.23
CA THR B 196 -2.38 -1.93 -28.97
C THR B 196 -0.97 -1.97 -28.40
N SER B 197 -0.71 -1.17 -27.37
CA SER B 197 0.63 -1.06 -26.77
C SER B 197 0.60 -0.66 -25.29
N GLY B 198 1.70 -0.91 -24.58
CA GLY B 198 1.76 -0.73 -23.12
C GLY B 198 0.99 -1.83 -22.39
N ASP B 199 0.35 -1.48 -21.28
CA ASP B 199 -0.45 -2.42 -20.48
C ASP B 199 -1.72 -2.76 -21.26
N ARG B 200 -1.76 -3.97 -21.83
CA ARG B 200 -2.76 -4.26 -22.85
C ARG B 200 -3.41 -5.65 -22.78
N HIS B 201 -3.12 -6.41 -21.71
CA HIS B 201 -3.53 -7.81 -21.58
C HIS B 201 -4.23 -8.00 -20.24
N PRO B 202 -5.04 -9.07 -20.09
CA PRO B 202 -5.89 -9.18 -18.89
C PRO B 202 -5.21 -9.48 -17.56
N LYS B 203 -5.94 -9.13 -16.50
CA LYS B 203 -5.56 -9.33 -15.13
C LYS B 203 -6.58 -10.33 -14.56
N ILE B 204 -6.14 -11.60 -14.49
CA ILE B 204 -6.96 -12.70 -14.02
C ILE B 204 -6.69 -12.91 -12.54
N ARG B 205 -7.72 -12.72 -11.71
CA ARG B 205 -7.55 -12.80 -10.25
C ARG B 205 -7.76 -14.22 -9.73
N GLU B 206 -7.48 -14.37 -8.44
CA GLU B 206 -7.36 -15.65 -7.78
C GLU B 206 -8.64 -16.50 -7.88
N GLY B 207 -8.45 -17.81 -8.09
CA GLY B 207 -9.55 -18.77 -8.15
C GLY B 207 -10.43 -18.76 -9.40
N VAL B 208 -10.07 -17.98 -10.42
CA VAL B 208 -10.88 -17.86 -11.64
C VAL B 208 -10.72 -19.16 -12.42
N MET B 209 -11.83 -19.64 -12.99
CA MET B 209 -11.76 -20.70 -14.01
C MET B 209 -12.19 -20.17 -15.37
N ILE B 210 -11.44 -20.57 -16.40
CA ILE B 210 -11.67 -20.10 -17.75
C ILE B 210 -11.91 -21.32 -18.63
N GLY B 211 -13.10 -21.35 -19.23
CA GLY B 211 -13.50 -22.43 -20.10
C GLY B 211 -12.79 -22.45 -21.43
N ALA B 212 -12.96 -23.57 -22.13
CA ALA B 212 -12.28 -23.85 -23.37
C ALA B 212 -12.60 -22.82 -24.43
N GLY B 213 -11.54 -22.32 -25.07
CA GLY B 213 -11.69 -21.39 -26.15
C GLY B 213 -12.12 -19.97 -25.79
N ALA B 214 -12.16 -19.61 -24.50
CA ALA B 214 -12.47 -18.22 -24.13
C ALA B 214 -11.36 -17.26 -24.60
N LYS B 215 -11.77 -16.10 -25.14
CA LYS B 215 -10.85 -15.02 -25.47
C LYS B 215 -11.12 -13.87 -24.51
N ILE B 216 -10.12 -13.51 -23.71
CA ILE B 216 -10.23 -12.39 -22.77
C ILE B 216 -9.26 -11.36 -23.29
N LEU B 217 -9.78 -10.19 -23.67
CA LEU B 217 -9.01 -9.25 -24.47
C LEU B 217 -8.95 -7.88 -23.80
N GLY B 218 -7.76 -7.29 -23.82
CA GLY B 218 -7.51 -5.98 -23.24
C GLY B 218 -7.01 -6.01 -21.81
N ASN B 219 -6.64 -4.83 -21.31
CA ASN B 219 -6.28 -4.68 -19.92
C ASN B 219 -7.52 -4.56 -19.07
N ILE B 220 -8.19 -5.69 -18.89
CA ILE B 220 -9.42 -5.76 -18.12
C ILE B 220 -9.24 -6.77 -16.99
N GLU B 221 -9.94 -6.52 -15.88
CA GLU B 221 -9.94 -7.39 -14.72
C GLU B 221 -10.93 -8.51 -14.89
N VAL B 222 -10.52 -9.72 -14.53
CA VAL B 222 -11.47 -10.77 -14.20
C VAL B 222 -11.36 -11.00 -12.70
N GLY B 223 -12.42 -10.65 -11.97
CA GLY B 223 -12.39 -10.62 -10.51
C GLY B 223 -12.27 -11.99 -9.89
N ARG B 224 -11.81 -12.01 -8.65
CA ARG B 224 -11.56 -13.25 -7.93
C ARG B 224 -12.79 -14.15 -7.87
N GLY B 225 -12.56 -15.45 -8.05
CA GLY B 225 -13.61 -16.45 -8.01
C GLY B 225 -14.58 -16.52 -9.19
N ALA B 226 -14.40 -15.67 -10.20
CA ALA B 226 -15.27 -15.65 -11.36
C ALA B 226 -15.12 -16.91 -12.26
N LYS B 227 -16.15 -17.17 -13.07
CA LYS B 227 -16.15 -18.27 -14.04
C LYS B 227 -16.37 -17.73 -15.44
N ILE B 228 -15.47 -18.06 -16.37
CA ILE B 228 -15.59 -17.59 -17.73
C ILE B 228 -16.02 -18.77 -18.58
N GLY B 229 -17.13 -18.60 -19.30
CA GLY B 229 -17.72 -19.65 -20.07
C GLY B 229 -16.87 -20.02 -21.27
N ALA B 230 -16.94 -21.27 -21.67
CA ALA B 230 -16.32 -21.74 -22.90
C ALA B 230 -16.77 -20.89 -24.07
N GLY B 231 -15.81 -20.54 -24.95
CA GLY B 231 -16.11 -19.83 -26.19
C GLY B 231 -16.57 -18.41 -26.01
N SER B 232 -16.39 -17.83 -24.81
CA SER B 232 -16.75 -16.42 -24.56
C SER B 232 -15.73 -15.50 -25.16
N VAL B 233 -16.16 -14.26 -25.43
CA VAL B 233 -15.26 -13.21 -25.82
C VAL B 233 -15.51 -12.08 -24.82
N VAL B 234 -14.58 -11.96 -23.87
CA VAL B 234 -14.70 -11.08 -22.74
C VAL B 234 -13.96 -9.81 -23.09
N LEU B 235 -14.69 -8.71 -23.23
CA LEU B 235 -14.13 -7.42 -23.58
C LEU B 235 -14.26 -6.36 -22.49
N GLN B 236 -15.02 -6.65 -21.44
CA GLN B 236 -15.18 -5.72 -20.32
C GLN B 236 -14.89 -6.48 -19.04
N PRO B 237 -14.60 -5.76 -17.94
CA PRO B 237 -14.31 -6.43 -16.67
C PRO B 237 -15.43 -7.32 -16.14
N VAL B 238 -15.06 -8.37 -15.44
CA VAL B 238 -16.00 -9.32 -14.89
C VAL B 238 -15.92 -9.18 -13.38
N PRO B 239 -17.03 -8.84 -12.71
CA PRO B 239 -16.95 -8.70 -11.26
C PRO B 239 -16.56 -10.01 -10.56
N PRO B 240 -15.97 -9.91 -9.36
CA PRO B 240 -15.66 -11.12 -8.59
C PRO B 240 -16.87 -12.02 -8.39
N HIS B 241 -16.64 -13.33 -8.36
CA HIS B 241 -17.68 -14.31 -8.01
C HIS B 241 -18.93 -14.32 -8.91
N THR B 242 -18.75 -13.99 -10.19
CA THR B 242 -19.82 -14.08 -11.20
C THR B 242 -19.41 -15.00 -12.36
N THR B 243 -20.41 -15.49 -13.10
CA THR B 243 -20.19 -16.27 -14.31
C THR B 243 -20.47 -15.35 -15.50
N ALA B 244 -19.45 -15.16 -16.35
CA ALA B 244 -19.57 -14.38 -17.59
C ALA B 244 -19.46 -15.32 -18.77
N ALA B 245 -20.32 -15.12 -19.77
CA ALA B 245 -20.37 -15.98 -20.95
C ALA B 245 -21.00 -15.28 -22.14
N GLY B 246 -20.76 -15.83 -23.35
CA GLY B 246 -21.34 -15.33 -24.59
C GLY B 246 -20.35 -14.58 -25.45
N VAL B 247 -20.76 -14.24 -26.67
CA VAL B 247 -19.99 -13.36 -27.54
C VAL B 247 -20.81 -12.07 -27.85
N PRO B 248 -20.51 -10.93 -27.23
CA PRO B 248 -19.49 -10.76 -26.20
C PRO B 248 -20.02 -11.25 -24.87
N ALA B 249 -19.13 -11.36 -23.89
CA ALA B 249 -19.52 -11.92 -22.62
C ALA B 249 -20.42 -10.96 -21.82
N ARG B 250 -21.44 -11.54 -21.20
CA ARG B 250 -22.32 -10.82 -20.28
C ARG B 250 -22.44 -11.67 -19.02
N ILE B 251 -22.88 -11.05 -17.93
CA ILE B 251 -23.08 -11.78 -16.66
C ILE B 251 -24.32 -12.67 -16.80
N VAL B 252 -24.14 -13.97 -16.61
CA VAL B 252 -25.21 -14.97 -16.77
C VAL B 252 -25.56 -15.73 -15.46
N GLY B 253 -24.91 -15.37 -14.36
CA GLY B 253 -25.14 -16.05 -13.09
C GLY B 253 -24.03 -15.84 -12.09
N LYS B 254 -23.93 -16.77 -11.15
CA LYS B 254 -22.84 -16.84 -10.18
C LYS B 254 -22.38 -18.30 -10.08
N PRO B 255 -21.08 -18.56 -9.78
CA PRO B 255 -20.60 -19.96 -9.77
C PRO B 255 -21.21 -20.86 -8.67
N PRO C 10 -20.86 -49.17 -43.60
CA PRO C 10 -20.67 -49.35 -45.05
C PRO C 10 -19.19 -49.25 -45.45
N CYS C 11 -18.42 -50.26 -45.03
CA CYS C 11 -16.96 -50.18 -45.00
C CYS C 11 -16.32 -51.39 -45.69
N GLU C 12 -15.52 -51.13 -46.74
CA GLU C 12 -14.95 -52.22 -47.55
C GLU C 12 -13.74 -52.89 -46.88
N GLU C 13 -13.29 -53.99 -47.49
CA GLU C 13 -12.38 -54.92 -46.85
C GLU C 13 -10.97 -54.37 -46.60
N LEU C 14 -10.39 -54.82 -45.51
CA LEU C 14 -9.03 -54.49 -45.08
C LEU C 14 -7.97 -54.84 -46.13
N GLU C 15 -7.99 -56.09 -46.61
CA GLU C 15 -7.00 -56.56 -47.60
C GLU C 15 -7.06 -55.76 -48.89
N ILE C 16 -8.24 -55.27 -49.20
CA ILE C 16 -8.45 -54.50 -50.38
C ILE C 16 -7.90 -53.07 -50.23
N VAL C 17 -8.14 -52.41 -49.10
CA VAL C 17 -7.59 -51.06 -48.95
C VAL C 17 -6.06 -51.15 -48.95
N TRP C 18 -5.52 -52.18 -48.32
CA TRP C 18 -4.08 -52.38 -48.28
C TRP C 18 -3.48 -52.57 -49.64
N LYS C 19 -4.11 -53.37 -50.47
CA LYS C 19 -3.62 -53.59 -51.80
C LYS C 19 -3.65 -52.28 -52.58
N ASN C 20 -4.70 -51.49 -52.40
CA ASN C 20 -4.79 -50.20 -53.05
C ASN C 20 -3.67 -49.30 -52.59
N ILE C 21 -3.48 -49.23 -51.27
CA ILE C 21 -2.42 -48.43 -50.68
C ILE C 21 -1.07 -48.80 -51.27
N LYS C 22 -0.78 -50.07 -51.39
CA LYS C 22 0.47 -50.52 -51.94
C LYS C 22 0.61 -50.17 -53.41
N ALA C 23 -0.44 -50.38 -54.17
CA ALA C 23 -0.49 -49.94 -55.58
C ALA C 23 -0.22 -48.45 -55.72
N GLU C 24 -0.91 -47.64 -54.91
CA GLU C 24 -0.68 -46.20 -55.00
C GLU C 24 0.78 -45.84 -54.70
N ALA C 25 1.31 -46.42 -53.63
CA ALA C 25 2.69 -46.13 -53.15
C ALA C 25 3.74 -46.48 -54.19
N ARG C 26 3.64 -47.67 -54.79
CA ARG C 26 4.56 -48.07 -55.85
C ARG C 26 4.61 -47.05 -56.97
N ALA C 27 3.41 -46.66 -57.45
CA ALA C 27 3.32 -45.65 -58.52
C ALA C 27 3.86 -44.29 -58.05
N LEU C 28 3.50 -43.88 -56.84
CA LEU C 28 3.97 -42.58 -56.32
C LEU C 28 5.48 -42.52 -56.15
N ALA C 29 6.09 -43.63 -55.74
CA ALA C 29 7.54 -43.70 -55.55
C ALA C 29 8.27 -43.42 -56.86
N ASP C 30 7.70 -43.91 -57.96
CA ASP C 30 8.26 -43.65 -59.30
C ASP C 30 8.18 -42.19 -59.72
N CYS C 31 7.07 -41.50 -59.45
CA CYS C 31 6.98 -40.12 -59.91
C CYS C 31 7.59 -39.09 -58.95
N GLU C 32 7.95 -39.47 -57.72
CA GLU C 32 8.65 -38.54 -56.82
C GLU C 32 9.87 -39.21 -56.14
N PRO C 33 11.05 -39.21 -56.81
CA PRO C 33 12.28 -39.83 -56.27
C PRO C 33 12.69 -39.36 -54.87
N MET C 34 12.40 -38.10 -54.53
CA MET C 34 12.70 -37.56 -53.19
C MET C 34 11.92 -38.25 -52.08
N LEU C 35 10.75 -38.80 -52.39
CA LEU C 35 9.90 -39.48 -51.42
C LEU C 35 9.94 -41.00 -51.54
N ALA C 36 10.66 -41.53 -52.51
CA ALA C 36 10.71 -43.01 -52.69
C ALA C 36 11.15 -43.73 -51.39
N SER C 37 12.18 -43.22 -50.73
CA SER C 37 12.67 -43.79 -49.47
C SER C 37 11.56 -43.79 -48.40
N PHE C 38 10.89 -42.66 -48.26
CA PHE C 38 9.72 -42.51 -47.39
C PHE C 38 8.60 -43.51 -47.73
N TYR C 39 8.21 -43.62 -49.01
CA TYR C 39 7.20 -44.62 -49.39
C TYR C 39 7.58 -46.08 -49.05
N HIS C 40 8.84 -46.42 -49.28
CA HIS C 40 9.33 -47.76 -48.96
C HIS C 40 9.38 -48.07 -47.47
N ALA C 41 9.90 -47.14 -46.67
CA ALA C 41 9.98 -47.33 -45.21
C ALA C 41 8.59 -47.33 -44.56
N THR C 42 7.70 -46.44 -45.00
CA THR C 42 6.38 -46.25 -44.40
C THR C 42 5.35 -47.27 -44.85
N LEU C 43 5.45 -47.75 -46.09
CA LEU C 43 4.42 -48.64 -46.63
C LEU C 43 4.92 -49.91 -47.32
N LEU C 44 5.77 -49.76 -48.31
CA LEU C 44 6.07 -50.85 -49.26
C LEU C 44 6.83 -52.04 -48.68
N LYS C 45 7.59 -51.86 -47.60
CA LYS C 45 8.33 -53.00 -47.04
C LYS C 45 7.47 -53.76 -46.04
N HIS C 46 6.29 -53.24 -45.74
CA HIS C 46 5.38 -53.91 -44.84
C HIS C 46 4.46 -54.88 -45.56
N GLU C 47 4.16 -55.98 -44.88
CA GLU C 47 3.32 -57.05 -45.42
C GLU C 47 1.83 -56.85 -45.14
N ASN C 48 1.49 -55.95 -44.22
CA ASN C 48 0.09 -55.65 -43.96
C ASN C 48 -0.09 -54.27 -43.32
N LEU C 49 -1.34 -53.83 -43.26
CA LEU C 49 -1.64 -52.49 -42.75
C LEU C 49 -1.27 -52.34 -41.28
N GLY C 50 -1.51 -53.37 -40.47
CA GLY C 50 -1.16 -53.40 -39.05
C GLY C 50 0.30 -53.10 -38.80
N SER C 51 1.16 -53.78 -39.56
CA SER C 51 2.60 -53.56 -39.51
C SER C 51 2.99 -52.14 -39.87
N ALA C 52 2.34 -51.60 -40.89
CA ALA C 52 2.61 -50.22 -41.36
C ALA C 52 2.15 -49.21 -40.32
N LEU C 53 0.99 -49.48 -39.72
CA LEU C 53 0.45 -48.62 -38.67
C LEU C 53 1.35 -48.57 -37.43
N SER C 54 1.81 -49.73 -36.96
CA SER C 54 2.65 -49.79 -35.76
C SER C 54 3.96 -49.09 -36.00
N TYR C 55 4.55 -49.31 -37.16
CA TYR C 55 5.79 -48.63 -37.55
C TYR C 55 5.65 -47.10 -37.53
N MET C 56 4.57 -46.63 -38.16
N MET C 56 4.57 -46.63 -38.16
CA MET C 56 4.28 -45.20 -38.29
CA MET C 56 4.27 -45.22 -38.30
C MET C 56 4.01 -44.55 -36.95
C MET C 56 3.99 -44.56 -36.96
N LEU C 57 3.15 -45.17 -36.16
CA LEU C 57 2.83 -44.64 -34.82
C LEU C 57 4.08 -44.59 -33.93
N ALA C 58 4.89 -45.64 -33.99
CA ALA C 58 6.12 -45.73 -33.20
C ALA C 58 7.10 -44.62 -33.61
N ASN C 59 7.29 -44.44 -34.93
CA ASN C 59 8.18 -43.40 -35.44
C ASN C 59 7.71 -41.97 -35.11
N LYS C 60 6.42 -41.70 -35.20
CA LYS C 60 5.90 -40.34 -35.00
C LYS C 60 5.74 -39.96 -33.52
N LEU C 61 5.57 -40.96 -32.66
CA LEU C 61 5.42 -40.74 -31.21
C LEU C 61 6.73 -40.86 -30.46
N ALA C 62 7.78 -41.37 -31.12
CA ALA C 62 9.13 -41.49 -30.50
C ALA C 62 9.61 -40.20 -29.91
N SER C 63 10.33 -40.27 -28.79
CA SER C 63 10.97 -39.08 -28.23
C SER C 63 12.13 -39.51 -27.33
N PRO C 64 12.93 -38.54 -26.80
CA PRO C 64 13.96 -38.87 -25.82
C PRO C 64 13.45 -39.75 -24.67
N ILE C 65 12.28 -39.41 -24.13
CA ILE C 65 11.70 -40.18 -23.02
C ILE C 65 11.21 -41.61 -23.34
N MET C 66 10.89 -41.91 -24.61
CA MET C 66 10.55 -43.28 -25.02
C MET C 66 10.70 -43.55 -26.52
N PRO C 67 11.62 -44.47 -26.88
CA PRO C 67 11.99 -44.59 -28.31
C PRO C 67 11.01 -45.35 -29.16
N ALA C 68 11.12 -45.15 -30.48
CA ALA C 68 10.27 -45.85 -31.46
C ALA C 68 10.27 -47.35 -31.24
N ILE C 69 11.46 -47.92 -31.00
CA ILE C 69 11.55 -49.37 -30.84
C ILE C 69 10.65 -49.89 -29.69
N ALA C 70 10.53 -49.12 -28.59
CA ALA C 70 9.69 -49.49 -27.43
C ALA C 70 8.19 -49.31 -27.70
N ILE C 71 7.84 -48.21 -28.36
CA ILE C 71 6.44 -47.91 -28.70
C ILE C 71 5.93 -48.95 -29.67
N ARG C 72 6.74 -49.36 -30.64
CA ARG C 72 6.26 -50.38 -31.59
C ARG C 72 5.83 -51.70 -30.93
N GLU C 73 6.56 -52.15 -29.92
CA GLU C 73 6.23 -53.40 -29.21
C GLU C 73 4.83 -53.36 -28.63
N VAL C 74 4.51 -52.24 -27.97
CA VAL C 74 3.22 -52.02 -27.34
C VAL C 74 2.08 -52.05 -28.37
N VAL C 75 2.27 -51.34 -29.48
CA VAL C 75 1.26 -51.26 -30.55
C VAL C 75 1.05 -52.63 -31.20
N GLU C 76 2.14 -53.34 -31.46
CA GLU C 76 2.08 -54.71 -32.03
C GLU C 76 1.33 -55.69 -31.13
N GLU C 77 1.54 -55.59 -29.82
CA GLU C 77 0.81 -56.42 -28.85
C GLU C 77 -0.69 -56.16 -28.91
N ALA C 78 -1.09 -54.89 -28.89
CA ALA C 78 -2.50 -54.53 -29.02
C ALA C 78 -3.14 -55.05 -30.32
N TYR C 79 -2.47 -54.84 -31.45
CA TYR C 79 -2.98 -55.30 -32.74
C TYR C 79 -3.04 -56.83 -32.85
N ALA C 80 -2.12 -57.54 -32.19
CA ALA C 80 -2.15 -59.02 -32.14
C ALA C 80 -3.33 -59.52 -31.31
N ALA C 81 -3.64 -58.83 -30.22
CA ALA C 81 -4.74 -59.20 -29.32
C ALA C 81 -6.12 -58.74 -29.82
N ASP C 82 -6.18 -57.64 -30.57
CA ASP C 82 -7.46 -57.16 -31.12
C ASP C 82 -7.28 -56.61 -32.53
N PRO C 83 -7.18 -57.51 -33.53
CA PRO C 83 -6.95 -57.08 -34.90
C PRO C 83 -8.12 -56.29 -35.54
N GLU C 84 -9.29 -56.25 -34.91
CA GLU C 84 -10.37 -55.38 -35.38
C GLU C 84 -10.01 -53.90 -35.37
N MET C 85 -9.08 -53.49 -34.48
CA MET C 85 -8.52 -52.13 -34.51
C MET C 85 -7.92 -51.75 -35.87
N ILE C 86 -7.34 -52.73 -36.58
CA ILE C 86 -6.76 -52.50 -37.89
C ILE C 86 -7.90 -52.30 -38.91
N ALA C 87 -8.96 -53.09 -38.78
CA ALA C 87 -10.17 -52.94 -39.60
C ALA C 87 -10.81 -51.58 -39.35
N SER C 88 -10.81 -51.13 -38.10
CA SER C 88 -11.31 -49.79 -37.82
C SER C 88 -10.45 -48.71 -38.51
N ALA C 89 -9.13 -48.86 -38.46
CA ALA C 89 -8.24 -47.95 -39.19
C ALA C 89 -8.59 -47.88 -40.66
N ALA C 90 -8.80 -49.03 -41.30
CA ALA C 90 -9.19 -49.06 -42.70
C ALA C 90 -10.50 -48.31 -42.96
N CYS C 91 -11.50 -48.46 -42.08
CA CYS C 91 -12.74 -47.68 -42.19
C CYS C 91 -12.50 -46.19 -42.03
N ASP C 92 -11.60 -45.83 -41.11
CA ASP C 92 -11.21 -44.45 -40.91
C ASP C 92 -10.50 -43.86 -42.13
N ILE C 93 -9.68 -44.64 -42.81
CA ILE C 93 -9.03 -44.16 -44.04
C ILE C 93 -10.10 -43.82 -45.08
N GLN C 94 -11.07 -44.72 -45.24
CA GLN C 94 -12.15 -44.53 -46.22
C GLN C 94 -12.99 -43.32 -45.91
N ALA C 95 -13.30 -43.13 -44.64
CA ALA C 95 -13.98 -41.93 -44.16
C ALA C 95 -13.37 -40.63 -44.68
N VAL C 96 -12.04 -40.50 -44.55
CA VAL C 96 -11.35 -39.30 -45.03
C VAL C 96 -11.42 -39.23 -46.55
N ARG C 97 -11.15 -40.34 -47.23
CA ARG C 97 -11.17 -40.38 -48.68
C ARG C 97 -12.54 -39.96 -49.25
N THR C 98 -13.61 -40.47 -48.64
CA THR C 98 -14.95 -40.20 -49.11
C THR C 98 -15.43 -38.78 -48.72
N ARG C 99 -15.05 -38.26 -47.56
CA ARG C 99 -15.56 -36.96 -47.08
C ARG C 99 -14.72 -35.72 -47.36
N ASP C 100 -13.40 -35.87 -47.40
CA ASP C 100 -12.47 -34.74 -47.60
C ASP C 100 -12.23 -34.60 -49.09
N PRO C 101 -12.70 -33.49 -49.70
CA PRO C 101 -12.54 -33.39 -51.17
C PRO C 101 -11.08 -33.24 -51.62
N ALA C 102 -10.23 -32.68 -50.77
CA ALA C 102 -8.77 -32.60 -51.02
C ALA C 102 -8.09 -33.99 -51.16
N VAL C 103 -8.62 -35.02 -50.49
CA VAL C 103 -8.00 -36.35 -50.44
C VAL C 103 -8.67 -37.33 -51.41
N ASP C 104 -7.92 -37.90 -52.35
CA ASP C 104 -8.45 -38.91 -53.29
C ASP C 104 -7.83 -40.32 -53.17
N LYS C 105 -6.71 -40.45 -52.47
CA LYS C 105 -5.98 -41.71 -52.37
C LYS C 105 -6.13 -42.32 -50.99
N TYR C 106 -6.18 -43.65 -50.96
CA TYR C 106 -6.22 -44.39 -49.72
C TYR C 106 -4.94 -44.20 -48.88
N SER C 107 -3.80 -43.93 -49.53
CA SER C 107 -2.52 -43.85 -48.81
C SER C 107 -2.37 -42.51 -48.07
N THR C 108 -3.14 -41.51 -48.48
CA THR C 108 -3.01 -40.17 -47.92
C THR C 108 -3.28 -40.06 -46.42
N PRO C 109 -4.44 -40.56 -45.93
CA PRO C 109 -4.64 -40.45 -44.46
C PRO C 109 -3.58 -41.18 -43.65
N LEU C 110 -3.22 -42.38 -44.12
CA LEU C 110 -2.22 -43.20 -43.48
C LEU C 110 -0.85 -42.53 -43.46
N LEU C 111 -0.48 -41.89 -44.56
CA LEU C 111 0.85 -41.26 -44.63
C LEU C 111 0.97 -39.95 -43.85
N TYR C 112 -0.05 -39.08 -43.95
CA TYR C 112 0.16 -37.67 -43.64
C TYR C 112 -0.71 -37.04 -42.57
N LEU C 113 -1.89 -37.57 -42.32
CA LEU C 113 -2.90 -36.80 -41.58
C LEU C 113 -2.88 -37.12 -40.09
N LYS C 114 -2.49 -36.12 -39.30
CA LYS C 114 -2.27 -36.32 -37.86
C LYS C 114 -3.56 -36.70 -37.12
N GLY C 115 -4.72 -36.34 -37.68
CA GLY C 115 -6.01 -36.73 -37.11
C GLY C 115 -6.23 -38.22 -37.23
N PHE C 116 -5.91 -38.77 -38.39
CA PHE C 116 -5.96 -40.19 -38.59
C PHE C 116 -5.01 -40.93 -37.63
N HIS C 117 -3.75 -40.48 -37.56
CA HIS C 117 -2.76 -41.07 -36.65
C HIS C 117 -3.18 -41.00 -35.18
N ALA C 118 -3.75 -39.86 -34.78
CA ALA C 118 -4.17 -39.66 -33.42
C ALA C 118 -5.30 -40.63 -33.08
N LEU C 119 -6.18 -40.84 -34.04
CA LEU C 119 -7.31 -41.75 -33.86
C LEU C 119 -6.83 -43.21 -33.71
N GLN C 120 -5.84 -43.60 -34.50
CA GLN C 120 -5.30 -44.95 -34.37
C GLN C 120 -4.46 -45.12 -33.09
N ALA C 121 -3.80 -44.05 -32.64
CA ALA C 121 -3.09 -44.10 -31.37
C ALA C 121 -4.11 -44.24 -30.23
N TYR C 122 -5.23 -43.52 -30.32
CA TYR C 122 -6.33 -43.68 -29.37
C TYR C 122 -6.74 -45.13 -29.21
N ARG C 123 -6.89 -45.85 -30.33
CA ARG C 123 -7.34 -47.23 -30.27
C ARG C 123 -6.44 -48.14 -29.42
N ILE C 124 -5.14 -47.93 -29.55
CA ILE C 124 -4.15 -48.67 -28.78
C ILE C 124 -4.29 -48.29 -27.30
N GLY C 125 -4.47 -46.99 -27.03
CA GLY C 125 -4.62 -46.52 -25.66
C GLY C 125 -5.89 -47.06 -25.03
N HIS C 126 -6.96 -47.10 -25.83
CA HIS C 126 -8.27 -47.64 -25.37
C HIS C 126 -8.21 -49.16 -25.06
N TRP C 127 -7.51 -49.91 -25.92
CA TRP C 127 -7.22 -51.29 -25.66
C TRP C 127 -6.45 -51.43 -24.32
N LEU C 128 -5.37 -50.66 -24.15
CA LEU C 128 -4.59 -50.71 -22.92
C LEU C 128 -5.43 -50.35 -21.69
N TRP C 129 -6.20 -49.27 -21.80
CA TRP C 129 -7.04 -48.82 -20.70
C TRP C 129 -8.03 -49.91 -20.28
N ASN C 130 -8.68 -50.55 -21.24
CA ASN C 130 -9.65 -51.60 -20.95
C ASN C 130 -9.03 -52.88 -20.39
N LYS C 131 -7.73 -53.09 -20.67
CA LYS C 131 -6.92 -54.12 -20.00
C LYS C 131 -6.37 -53.74 -18.63
N GLY C 132 -6.70 -52.57 -18.10
CA GLY C 132 -6.18 -52.12 -16.83
C GLY C 132 -4.77 -51.57 -16.88
N ARG C 133 -4.21 -51.44 -18.07
CA ARG C 133 -2.86 -50.88 -18.25
C ARG C 133 -2.99 -49.38 -18.46
N ARG C 134 -3.36 -48.69 -17.38
CA ARG C 134 -3.72 -47.27 -17.43
C ARG C 134 -2.53 -46.34 -17.61
N ALA C 135 -1.43 -46.64 -16.93
CA ALA C 135 -0.19 -45.85 -17.02
C ALA C 135 0.28 -45.70 -18.45
N LEU C 136 0.27 -46.81 -19.17
CA LEU C 136 0.69 -46.85 -20.56
C LEU C 136 -0.33 -46.14 -21.49
N ALA C 137 -1.62 -46.27 -21.22
CA ALA C 137 -2.64 -45.58 -21.98
C ALA C 137 -2.55 -44.07 -21.80
N ILE C 138 -2.26 -43.64 -20.58
CA ILE C 138 -2.14 -42.22 -20.23
C ILE C 138 -0.83 -41.67 -20.80
N PHE C 139 0.24 -42.46 -20.76
CA PHE C 139 1.47 -42.04 -21.44
C PHE C 139 1.19 -41.76 -22.91
N LEU C 140 0.56 -42.71 -23.60
CA LEU C 140 0.25 -42.57 -25.01
C LEU C 140 -0.69 -41.40 -25.30
N GLN C 141 -1.77 -41.26 -24.55
CA GLN C 141 -2.68 -40.11 -24.69
C GLN C 141 -1.93 -38.78 -24.73
N ASN C 142 -1.00 -38.63 -23.78
CA ASN C 142 -0.33 -37.36 -23.60
C ASN C 142 0.81 -37.18 -24.58
N GLN C 143 1.39 -38.27 -25.09
CA GLN C 143 2.38 -38.13 -26.17
C GLN C 143 1.70 -37.81 -27.51
N VAL C 144 0.50 -38.33 -27.69
CA VAL C 144 -0.35 -37.99 -28.82
C VAL C 144 -0.73 -36.52 -28.74
N SER C 145 -0.99 -36.01 -27.54
CA SER C 145 -1.33 -34.59 -27.38
C SER C 145 -0.18 -33.67 -27.86
N VAL C 146 1.06 -34.00 -27.49
CA VAL C 146 2.20 -33.16 -27.88
C VAL C 146 2.59 -33.38 -29.33
N SER C 147 2.48 -34.62 -29.83
CA SER C 147 2.91 -34.96 -31.20
C SER C 147 1.90 -34.60 -32.28
N PHE C 148 0.61 -34.88 -32.04
CA PHE C 148 -0.46 -34.65 -33.04
C PHE C 148 -1.47 -33.59 -32.63
N GLN C 149 -1.29 -33.03 -31.42
CA GLN C 149 -2.12 -31.95 -30.88
C GLN C 149 -3.59 -32.33 -30.74
N VAL C 150 -3.80 -33.60 -30.44
CA VAL C 150 -5.12 -34.16 -30.17
C VAL C 150 -5.05 -34.83 -28.81
N ASP C 151 -5.99 -34.50 -27.92
CA ASP C 151 -5.99 -35.03 -26.58
C ASP C 151 -7.30 -35.75 -26.35
N ILE C 152 -7.27 -37.08 -26.52
CA ILE C 152 -8.39 -37.98 -26.30
C ILE C 152 -8.09 -38.83 -25.08
N HIS C 153 -8.96 -38.76 -24.08
CA HIS C 153 -8.83 -39.68 -22.97
C HIS C 153 -9.07 -41.12 -23.46
N PRO C 154 -8.21 -42.08 -23.07
CA PRO C 154 -8.33 -43.44 -23.61
C PRO C 154 -9.58 -44.25 -23.19
N ALA C 155 -10.21 -43.89 -22.08
CA ALA C 155 -11.55 -44.39 -21.71
C ALA C 155 -12.73 -43.89 -22.58
N ALA C 156 -12.53 -42.87 -23.41
CA ALA C 156 -13.59 -42.47 -24.35
C ALA C 156 -13.89 -43.64 -25.27
N LYS C 157 -15.14 -43.79 -25.64
CA LYS C 157 -15.58 -44.87 -26.52
C LYS C 157 -15.82 -44.30 -27.90
N ILE C 158 -14.98 -44.66 -28.85
CA ILE C 158 -15.02 -44.08 -30.19
C ILE C 158 -15.17 -45.20 -31.21
N GLY C 159 -16.14 -45.05 -32.12
CA GLY C 159 -16.38 -46.00 -33.18
C GLY C 159 -15.41 -45.90 -34.34
N ARG C 160 -15.85 -46.38 -35.50
CA ARG C 160 -15.04 -46.40 -36.70
C ARG C 160 -15.71 -45.59 -37.79
N GLY C 161 -14.93 -45.29 -38.82
CA GLY C 161 -15.36 -44.38 -39.87
C GLY C 161 -15.37 -42.93 -39.39
N ILE C 162 -14.42 -42.60 -38.51
CA ILE C 162 -14.33 -41.28 -37.91
C ILE C 162 -13.32 -40.48 -38.71
N MET C 163 -13.64 -39.21 -38.94
CA MET C 163 -12.69 -38.26 -39.54
C MET C 163 -12.39 -37.20 -38.49
N LEU C 164 -11.10 -37.02 -38.20
CA LEU C 164 -10.62 -35.87 -37.43
C LEU C 164 -9.91 -34.94 -38.42
N ASP C 165 -10.67 -33.99 -38.98
CA ASP C 165 -10.22 -33.15 -40.09
C ASP C 165 -9.33 -32.04 -39.54
N HIS C 166 -8.08 -31.94 -40.00
CA HIS C 166 -7.08 -30.98 -39.48
C HIS C 166 -6.64 -31.23 -38.05
N ALA C 167 -7.61 -31.36 -37.14
CA ALA C 167 -7.44 -32.04 -35.85
C ALA C 167 -6.79 -31.24 -34.71
N THR C 168 -6.06 -30.17 -35.01
CA THR C 168 -5.33 -29.50 -33.96
C THR C 168 -6.28 -28.88 -32.93
N GLY C 169 -5.97 -29.20 -31.66
CA GLY C 169 -6.68 -28.71 -30.50
C GLY C 169 -7.93 -29.51 -30.16
N ILE C 170 -8.16 -30.65 -30.81
CA ILE C 170 -9.29 -31.52 -30.41
C ILE C 170 -9.05 -32.04 -28.98
N VAL C 171 -10.10 -32.03 -28.16
CA VAL C 171 -10.02 -32.52 -26.81
C VAL C 171 -11.29 -33.34 -26.60
N VAL C 172 -11.14 -34.60 -26.20
CA VAL C 172 -12.27 -35.49 -25.88
C VAL C 172 -12.12 -36.07 -24.48
N GLY C 173 -13.18 -35.96 -23.68
CA GLY C 173 -13.16 -36.39 -22.28
C GLY C 173 -13.35 -37.88 -22.01
N GLU C 174 -12.99 -38.25 -20.79
CA GLU C 174 -12.97 -39.65 -20.29
C GLU C 174 -14.26 -40.44 -20.57
N THR C 175 -15.40 -39.80 -20.35
CA THR C 175 -16.73 -40.43 -20.45
C THR C 175 -17.48 -40.06 -21.74
N ALA C 176 -16.75 -39.57 -22.76
CA ALA C 176 -17.36 -39.27 -24.04
C ALA C 176 -17.58 -40.54 -24.86
N VAL C 177 -18.52 -40.43 -25.77
CA VAL C 177 -18.85 -41.49 -26.72
C VAL C 177 -18.95 -40.83 -28.07
N ILE C 178 -18.35 -41.46 -29.07
CA ILE C 178 -18.43 -41.02 -30.45
C ILE C 178 -18.75 -42.26 -31.26
N GLU C 179 -19.95 -42.29 -31.85
CA GLU C 179 -20.39 -43.44 -32.60
C GLU C 179 -19.80 -43.39 -34.00
N ASP C 180 -20.11 -44.40 -34.80
CA ASP C 180 -19.58 -44.51 -36.16
C ASP C 180 -19.89 -43.32 -37.07
N ASP C 181 -19.03 -43.10 -38.05
CA ASP C 181 -19.24 -42.14 -39.14
C ASP C 181 -19.37 -40.66 -38.72
N VAL C 182 -18.72 -40.31 -37.62
CA VAL C 182 -18.69 -38.93 -37.13
C VAL C 182 -17.53 -38.17 -37.77
N SER C 183 -17.74 -36.88 -38.04
CA SER C 183 -16.70 -36.00 -38.57
C SER C 183 -16.50 -34.83 -37.60
N ILE C 184 -15.25 -34.66 -37.14
CA ILE C 184 -14.91 -33.65 -36.17
C ILE C 184 -13.81 -32.79 -36.74
N LEU C 185 -13.95 -31.47 -36.61
CA LEU C 185 -12.93 -30.54 -37.10
C LEU C 185 -11.99 -30.07 -35.96
N GLN C 186 -10.95 -29.35 -36.36
CA GLN C 186 -10.00 -28.72 -35.46
C GLN C 186 -10.69 -27.96 -34.32
N SER C 187 -10.03 -28.00 -33.16
CA SER C 187 -10.37 -27.20 -31.96
C SER C 187 -11.77 -27.52 -31.39
N VAL C 188 -12.25 -28.72 -31.66
CA VAL C 188 -13.49 -29.21 -31.06
C VAL C 188 -13.19 -29.78 -29.68
N THR C 189 -13.97 -29.38 -28.68
CA THR C 189 -13.89 -29.91 -27.33
C THR C 189 -15.15 -30.67 -27.05
N LEU C 190 -15.03 -31.93 -26.63
CA LEU C 190 -16.14 -32.68 -26.01
C LEU C 190 -15.77 -32.78 -24.53
N GLY C 191 -16.26 -31.81 -23.74
CA GLY C 191 -15.81 -31.61 -22.37
C GLY C 191 -16.93 -31.58 -21.34
N GLY C 192 -16.57 -31.20 -20.12
CA GLY C 192 -17.52 -31.02 -19.00
C GLY C 192 -18.06 -29.59 -18.87
N THR C 193 -18.96 -29.39 -17.90
CA THR C 193 -19.51 -28.08 -17.53
C THR C 193 -18.87 -27.47 -16.27
N GLY C 194 -18.32 -28.32 -15.40
CA GLY C 194 -17.78 -27.93 -14.08
C GLY C 194 -16.27 -27.96 -14.16
N LYS C 195 -15.53 -28.46 -13.16
CA LYS C 195 -15.95 -28.96 -11.83
C LYS C 195 -17.04 -30.05 -11.79
N THR C 196 -16.91 -31.03 -12.68
CA THR C 196 -17.87 -32.11 -12.81
C THR C 196 -17.21 -33.46 -12.49
N SER C 197 -18.02 -34.43 -12.07
CA SER C 197 -17.58 -35.81 -11.78
C SER C 197 -18.57 -36.87 -12.27
N GLY C 198 -18.08 -38.11 -12.41
CA GLY C 198 -18.87 -39.21 -13.00
C GLY C 198 -19.10 -39.02 -14.50
N ASP C 199 -20.26 -39.46 -15.00
CA ASP C 199 -20.62 -39.36 -16.41
C ASP C 199 -20.87 -37.89 -16.72
N ARG C 200 -19.94 -37.28 -17.46
CA ARG C 200 -19.91 -35.83 -17.55
C ARG C 200 -19.54 -35.24 -18.93
N HIS C 201 -19.40 -36.09 -19.94
CA HIS C 201 -18.97 -35.66 -21.26
C HIS C 201 -19.99 -36.13 -22.30
N PRO C 202 -19.97 -35.53 -23.50
CA PRO C 202 -21.06 -35.75 -24.44
C PRO C 202 -21.08 -37.11 -25.12
N LYS C 203 -22.27 -37.41 -25.65
CA LYS C 203 -22.59 -38.60 -26.36
C LYS C 203 -22.89 -38.17 -27.79
N ILE C 204 -21.90 -38.34 -28.67
CA ILE C 204 -22.03 -37.96 -30.07
C ILE C 204 -22.48 -39.18 -30.86
N ARG C 205 -23.70 -39.11 -31.42
CA ARG C 205 -24.28 -40.26 -32.13
C ARG C 205 -23.86 -40.29 -33.59
N GLU C 206 -24.25 -41.38 -34.27
CA GLU C 206 -23.74 -41.73 -35.57
C GLU C 206 -24.00 -40.67 -36.64
N GLY C 207 -22.99 -40.45 -37.49
CA GLY C 207 -23.11 -39.53 -38.62
C GLY C 207 -23.12 -38.04 -38.31
N VAL C 208 -22.82 -37.65 -37.06
CA VAL C 208 -22.78 -36.24 -36.65
C VAL C 208 -21.56 -35.56 -37.28
N MET C 209 -21.73 -34.28 -37.59
CA MET C 209 -20.69 -33.44 -38.15
C MET C 209 -20.49 -32.30 -37.16
N ILE C 210 -19.25 -32.08 -36.72
CA ILE C 210 -18.92 -31.02 -35.75
C ILE C 210 -17.92 -30.03 -36.33
N GLY C 211 -18.38 -28.79 -36.46
CA GLY C 211 -17.60 -27.72 -37.02
C GLY C 211 -16.47 -27.22 -36.14
N ALA C 212 -15.58 -26.45 -36.77
CA ALA C 212 -14.35 -26.01 -36.17
C ALA C 212 -14.62 -25.20 -34.94
N GLY C 213 -13.93 -25.53 -33.84
CA GLY C 213 -14.02 -24.76 -32.63
C GLY C 213 -15.29 -24.95 -31.81
N ALA C 214 -16.15 -25.90 -32.18
CA ALA C 214 -17.35 -26.17 -31.36
C ALA C 214 -17.00 -26.76 -29.98
N LYS C 215 -17.64 -26.24 -28.94
CA LYS C 215 -17.55 -26.79 -27.59
C LYS C 215 -18.84 -27.48 -27.23
N ILE C 216 -18.77 -28.77 -26.93
CA ILE C 216 -19.96 -29.55 -26.55
C ILE C 216 -19.72 -30.00 -25.14
N LEU C 217 -20.53 -29.49 -24.21
CA LEU C 217 -20.20 -29.58 -22.79
C LEU C 217 -21.26 -30.33 -22.00
N GLY C 218 -20.81 -31.27 -21.17
CA GLY C 218 -21.68 -32.04 -20.29
C GLY C 218 -22.12 -33.38 -20.87
N ASN C 219 -22.79 -34.15 -20.02
CA ASN C 219 -23.37 -35.40 -20.44
C ASN C 219 -24.69 -35.17 -21.17
N ILE C 220 -24.56 -34.69 -22.39
CA ILE C 220 -25.69 -34.40 -23.26
C ILE C 220 -25.51 -35.17 -24.54
N GLU C 221 -26.64 -35.52 -25.15
CA GLU C 221 -26.71 -36.20 -26.43
C GLU C 221 -26.61 -35.22 -27.56
N VAL C 222 -25.83 -35.58 -28.58
CA VAL C 222 -26.00 -35.00 -29.89
C VAL C 222 -26.56 -36.08 -30.80
N GLY C 223 -27.82 -35.92 -31.20
CA GLY C 223 -28.52 -36.96 -31.93
C GLY C 223 -27.94 -37.29 -33.30
N ARG C 224 -28.31 -38.44 -33.82
CA ARG C 224 -27.71 -38.94 -35.03
C ARG C 224 -28.00 -38.07 -36.26
N GLY C 225 -26.98 -37.89 -37.10
CA GLY C 225 -27.07 -37.06 -38.30
C GLY C 225 -27.13 -35.55 -38.08
N ALA C 226 -27.01 -35.10 -36.83
CA ALA C 226 -27.00 -33.68 -36.53
C ALA C 226 -25.72 -32.97 -37.06
N LYS C 227 -25.81 -31.65 -37.22
CA LYS C 227 -24.69 -30.80 -37.63
C LYS C 227 -24.47 -29.73 -36.55
N ILE C 228 -23.25 -29.65 -36.02
CA ILE C 228 -22.92 -28.67 -35.01
C ILE C 228 -22.11 -27.58 -35.72
N GLY C 229 -22.55 -26.33 -35.58
CA GLY C 229 -21.93 -25.21 -36.23
C GLY C 229 -20.58 -24.89 -35.63
N ALA C 230 -19.69 -24.34 -36.46
CA ALA C 230 -18.39 -23.88 -36.03
C ALA C 230 -18.58 -22.82 -34.94
N GLY C 231 -17.73 -22.88 -33.91
CA GLY C 231 -17.75 -21.88 -32.84
C GLY C 231 -18.93 -21.98 -31.89
N SER C 232 -19.74 -23.05 -31.99
CA SER C 232 -20.91 -23.22 -31.13
C SER C 232 -20.51 -23.65 -29.72
N VAL C 233 -21.39 -23.35 -28.77
CA VAL C 233 -21.23 -23.81 -27.42
C VAL C 233 -22.53 -24.53 -27.09
N VAL C 234 -22.47 -25.86 -27.18
CA VAL C 234 -23.61 -26.70 -27.03
C VAL C 234 -23.69 -27.09 -25.56
N LEU C 235 -24.79 -26.68 -24.91
CA LEU C 235 -25.02 -26.97 -23.49
C LEU C 235 -26.27 -27.82 -23.22
N GLN C 236 -27.12 -27.99 -24.21
CA GLN C 236 -28.31 -28.82 -24.09
C GLN C 236 -28.28 -29.83 -25.23
N PRO C 237 -29.04 -30.92 -25.12
CA PRO C 237 -29.08 -31.92 -26.20
C PRO C 237 -29.57 -31.40 -27.54
N VAL C 238 -29.08 -32.01 -28.61
CA VAL C 238 -29.40 -31.63 -29.96
C VAL C 238 -30.16 -32.79 -30.57
N PRO C 239 -31.41 -32.57 -31.06
CA PRO C 239 -32.15 -33.70 -31.63
C PRO C 239 -31.51 -34.23 -32.90
N PRO C 240 -31.76 -35.51 -33.26
CA PRO C 240 -31.22 -36.07 -34.48
C PRO C 240 -31.57 -35.27 -35.73
N HIS C 241 -30.69 -35.27 -36.72
CA HIS C 241 -30.93 -34.60 -38.01
C HIS C 241 -31.29 -33.11 -37.94
N THR C 242 -30.71 -32.44 -36.95
CA THR C 242 -30.91 -31.02 -36.71
C THR C 242 -29.56 -30.29 -36.83
N THR C 243 -29.60 -29.00 -37.17
CA THR C 243 -28.42 -28.15 -37.16
C THR C 243 -28.52 -27.23 -35.96
N ALA C 244 -27.51 -27.30 -35.09
CA ALA C 244 -27.42 -26.48 -33.90
C ALA C 244 -26.21 -25.59 -34.03
N ALA C 245 -26.36 -24.33 -33.66
CA ALA C 245 -25.31 -23.33 -33.80
C ALA C 245 -25.54 -22.14 -32.86
N GLY C 246 -24.47 -21.37 -32.63
CA GLY C 246 -24.50 -20.17 -31.80
C GLY C 246 -23.89 -20.35 -30.44
N VAL C 247 -23.77 -19.25 -29.70
CA VAL C 247 -23.30 -19.27 -28.32
C VAL C 247 -24.40 -18.68 -27.41
N PRO C 248 -25.20 -19.49 -26.71
CA PRO C 248 -25.19 -20.94 -26.73
C PRO C 248 -25.92 -21.47 -27.95
N ALA C 249 -25.76 -22.76 -28.21
CA ALA C 249 -26.32 -23.33 -29.42
C ALA C 249 -27.85 -23.46 -29.34
N ARG C 250 -28.50 -23.18 -30.46
CA ARG C 250 -29.93 -23.37 -30.61
C ARG C 250 -30.17 -23.99 -31.98
N ILE C 251 -31.36 -24.55 -32.17
CA ILE C 251 -31.73 -25.15 -33.45
C ILE C 251 -31.88 -24.07 -34.53
N VAL C 252 -31.14 -24.22 -35.64
CA VAL C 252 -31.22 -23.27 -36.75
C VAL C 252 -31.65 -23.91 -38.08
N GLY C 253 -31.98 -25.20 -38.09
CA GLY C 253 -32.41 -25.86 -39.32
C GLY C 253 -32.23 -27.37 -39.37
N LYS C 254 -32.01 -27.86 -40.58
CA LYS C 254 -31.94 -29.29 -40.90
C LYS C 254 -30.81 -29.54 -41.92
N PRO C 255 -30.03 -30.63 -41.76
CA PRO C 255 -29.14 -31.04 -42.87
C PRO C 255 -29.92 -31.72 -44.00
N PRO D 10 -6.10 0.25 49.02
CA PRO D 10 -5.97 1.68 48.59
C PRO D 10 -7.30 2.25 48.06
N CYS D 11 -8.38 2.01 48.79
CA CYS D 11 -9.73 2.40 48.35
C CYS D 11 -10.07 3.87 48.55
N GLU D 12 -10.42 4.54 47.46
CA GLU D 12 -10.92 5.92 47.48
C GLU D 12 -12.29 5.97 48.16
N GLU D 13 -12.62 7.10 48.77
CA GLU D 13 -13.81 7.22 49.62
C GLU D 13 -15.12 7.09 48.84
N LEU D 14 -16.18 6.68 49.53
CA LEU D 14 -17.51 6.48 48.95
C LEU D 14 -18.13 7.75 48.31
N GLU D 15 -18.04 8.88 49.00
CA GLU D 15 -18.59 10.14 48.51
C GLU D 15 -17.87 10.78 47.37
N ILE D 16 -16.58 10.51 47.26
CA ILE D 16 -15.83 11.06 46.18
C ILE D 16 -16.24 10.24 44.98
N VAL D 17 -16.35 8.94 45.14
CA VAL D 17 -16.73 8.08 44.03
C VAL D 17 -18.10 8.48 43.50
N TRP D 18 -19.06 8.58 44.39
CA TRP D 18 -20.38 8.95 44.02
C TRP D 18 -20.46 10.30 43.35
N LYS D 19 -19.75 11.29 43.86
CA LYS D 19 -19.76 12.63 43.28
C LYS D 19 -19.20 12.63 41.88
N ASN D 20 -18.19 11.80 41.65
CA ASN D 20 -17.60 11.69 40.35
C ASN D 20 -18.55 10.98 39.41
N ILE D 21 -19.25 9.99 39.92
CA ILE D 21 -20.22 9.28 39.11
C ILE D 21 -21.30 10.23 38.65
N LYS D 22 -21.83 11.05 39.54
CA LYS D 22 -22.85 12.00 39.16
C LYS D 22 -22.31 13.06 38.21
N ALA D 23 -21.08 13.48 38.42
CA ALA D 23 -20.41 14.43 37.52
C ALA D 23 -20.33 13.88 36.10
N GLU D 24 -19.82 12.67 35.95
CA GLU D 24 -19.74 12.03 34.64
C GLU D 24 -21.12 11.92 33.96
N ALA D 25 -22.11 11.42 34.71
CA ALA D 25 -23.45 11.17 34.17
C ALA D 25 -24.14 12.45 33.68
N ARG D 26 -23.97 13.56 34.40
CA ARG D 26 -24.54 14.85 33.96
C ARG D 26 -23.95 15.31 32.63
N ALA D 27 -22.63 15.18 32.49
CA ALA D 27 -21.95 15.54 31.24
C ALA D 27 -22.34 14.58 30.11
N LEU D 28 -22.34 13.27 30.40
CA LEU D 28 -22.70 12.26 29.41
C LEU D 28 -24.14 12.40 28.92
N ALA D 29 -25.05 12.78 29.83
CA ALA D 29 -26.45 13.02 29.46
C ALA D 29 -26.62 14.19 28.46
N ASP D 30 -25.81 15.23 28.61
CA ASP D 30 -25.75 16.33 27.62
C ASP D 30 -25.19 15.90 26.26
N CYS D 31 -24.18 15.04 26.24
CA CYS D 31 -23.51 14.68 24.98
C CYS D 31 -24.19 13.54 24.21
N GLU D 32 -25.04 12.75 24.89
CA GLU D 32 -25.79 11.67 24.23
C GLU D 32 -27.29 11.70 24.59
N PRO D 33 -28.09 12.51 23.86
CA PRO D 33 -29.55 12.63 24.10
C PRO D 33 -30.33 11.32 24.21
N MET D 34 -29.94 10.32 23.43
CA MET D 34 -30.64 9.03 23.42
C MET D 34 -30.45 8.21 24.70
N LEU D 35 -29.41 8.53 25.48
CA LEU D 35 -29.17 7.92 26.80
C LEU D 35 -29.49 8.80 27.98
N ALA D 36 -29.92 10.03 27.76
CA ALA D 36 -30.22 10.94 28.87
C ALA D 36 -31.20 10.32 29.86
N SER D 37 -32.27 9.73 29.33
CA SER D 37 -33.28 9.09 30.17
C SER D 37 -32.66 7.96 31.03
N PHE D 38 -31.84 7.13 30.38
CA PHE D 38 -31.09 6.05 31.03
C PHE D 38 -30.20 6.57 32.17
N TYR D 39 -29.43 7.63 31.91
CA TYR D 39 -28.57 8.24 32.94
C TYR D 39 -29.36 8.83 34.11
N HIS D 40 -30.47 9.48 33.82
CA HIS D 40 -31.33 10.04 34.86
C HIS D 40 -31.96 8.97 35.76
N ALA D 41 -32.50 7.91 35.15
CA ALA D 41 -33.15 6.81 35.89
C ALA D 41 -32.14 5.95 36.69
N THR D 42 -30.97 5.67 36.09
CA THR D 42 -29.97 4.80 36.69
C THR D 42 -29.10 5.50 37.75
N LEU D 43 -28.79 6.78 37.54
CA LEU D 43 -27.85 7.52 38.41
C LEU D 43 -28.35 8.85 38.98
N LEU D 44 -28.79 9.76 38.12
CA LEU D 44 -28.92 11.17 38.50
C LEU D 44 -30.07 11.48 39.47
N LYS D 45 -31.12 10.67 39.47
CA LYS D 45 -32.24 10.87 40.40
C LYS D 45 -31.99 10.32 41.80
N HIS D 46 -30.86 9.64 42.01
CA HIS D 46 -30.56 8.95 43.25
C HIS D 46 -29.64 9.79 44.11
N GLU D 47 -29.87 9.75 45.42
CA GLU D 47 -29.10 10.60 46.36
C GLU D 47 -27.77 10.01 46.83
N ASN D 48 -27.52 8.74 46.53
CA ASN D 48 -26.29 8.07 46.94
C ASN D 48 -26.08 6.77 46.17
N LEU D 49 -24.88 6.21 46.28
CA LEU D 49 -24.53 4.97 45.58
C LEU D 49 -25.42 3.77 45.96
N GLY D 50 -25.74 3.63 47.24
CA GLY D 50 -26.58 2.56 47.74
C GLY D 50 -27.95 2.53 47.08
N SER D 51 -28.55 3.70 46.95
CA SER D 51 -29.84 3.90 46.29
C SER D 51 -29.76 3.50 44.80
N ALA D 52 -28.73 3.96 44.10
CA ALA D 52 -28.53 3.64 42.70
C ALA D 52 -28.28 2.16 42.50
N LEU D 53 -27.44 1.56 43.35
CA LEU D 53 -27.15 0.10 43.29
C LEU D 53 -28.38 -0.77 43.48
N SER D 54 -29.20 -0.45 44.48
CA SER D 54 -30.40 -1.28 44.73
C SER D 54 -31.39 -1.21 43.56
N TYR D 55 -31.59 0.01 43.04
CA TYR D 55 -32.41 0.27 41.86
C TYR D 55 -31.92 -0.54 40.64
N MET D 56 -30.61 -0.50 40.41
CA MET D 56 -29.96 -1.23 39.30
C MET D 56 -30.13 -2.75 39.41
N LEU D 57 -29.78 -3.31 40.57
CA LEU D 57 -29.88 -4.75 40.81
C LEU D 57 -31.35 -5.21 40.71
N ALA D 58 -32.25 -4.45 41.30
CA ALA D 58 -33.68 -4.79 41.21
C ALA D 58 -34.18 -4.80 39.75
N ASN D 59 -33.82 -3.80 38.95
CA ASN D 59 -34.26 -3.75 37.52
C ASN D 59 -33.66 -4.87 36.70
N LYS D 60 -32.39 -5.15 36.94
CA LYS D 60 -31.68 -6.15 36.12
C LYS D 60 -32.00 -7.61 36.45
N LEU D 61 -32.44 -7.89 37.67
CA LEU D 61 -32.75 -9.25 38.13
C LEU D 61 -34.23 -9.55 38.13
N ALA D 62 -35.06 -8.54 37.86
CA ALA D 62 -36.52 -8.68 37.80
C ALA D 62 -36.95 -9.69 36.74
N SER D 63 -38.05 -10.37 37.02
CA SER D 63 -38.63 -11.35 36.10
C SER D 63 -40.12 -11.53 36.45
N PRO D 64 -40.88 -12.27 35.61
CA PRO D 64 -42.26 -12.64 35.94
C PRO D 64 -42.40 -13.20 37.38
N ILE D 65 -41.59 -14.19 37.70
CA ILE D 65 -41.58 -14.82 39.04
C ILE D 65 -41.33 -13.88 40.27
N MET D 66 -40.61 -12.76 40.10
CA MET D 66 -40.28 -11.81 41.21
C MET D 66 -39.88 -10.42 40.68
N PRO D 67 -40.74 -9.40 40.90
CA PRO D 67 -40.52 -8.11 40.25
C PRO D 67 -39.45 -7.23 40.89
N ALA D 68 -39.03 -6.20 40.15
CA ALA D 68 -38.05 -5.22 40.60
C ALA D 68 -38.44 -4.61 41.92
N ILE D 69 -39.70 -4.23 42.05
CA ILE D 69 -40.19 -3.64 43.30
C ILE D 69 -39.95 -4.53 44.54
N ALA D 70 -40.03 -5.86 44.38
CA ALA D 70 -39.80 -6.80 45.50
C ALA D 70 -38.30 -7.01 45.79
N ILE D 71 -37.51 -7.17 44.73
CA ILE D 71 -36.07 -7.29 44.86
C ILE D 71 -35.46 -6.06 45.53
N ARG D 72 -35.93 -4.87 45.18
CA ARG D 72 -35.37 -3.65 45.76
C ARG D 72 -35.46 -3.59 47.28
N GLU D 73 -36.61 -3.97 47.84
CA GLU D 73 -36.80 -4.08 49.29
C GLU D 73 -35.73 -4.92 49.99
N VAL D 74 -35.42 -6.07 49.42
CA VAL D 74 -34.44 -6.99 49.98
C VAL D 74 -33.06 -6.34 49.94
N VAL D 75 -32.71 -5.73 48.81
CA VAL D 75 -31.38 -5.14 48.66
C VAL D 75 -31.25 -3.95 49.62
N GLU D 76 -32.29 -3.12 49.68
CA GLU D 76 -32.31 -1.97 50.59
C GLU D 76 -32.17 -2.40 52.05
N GLU D 77 -32.86 -3.47 52.43
CA GLU D 77 -32.75 -4.03 53.79
C GLU D 77 -31.31 -4.47 54.12
N ALA D 78 -30.64 -5.15 53.19
CA ALA D 78 -29.26 -5.58 53.42
C ALA D 78 -28.31 -4.40 53.57
N TYR D 79 -28.44 -3.43 52.68
CA TYR D 79 -27.62 -2.21 52.70
C TYR D 79 -27.86 -1.35 53.94
N ALA D 80 -29.08 -1.33 54.48
CA ALA D 80 -29.33 -0.60 55.74
C ALA D 80 -28.67 -1.30 56.95
N ALA D 81 -28.61 -2.64 56.92
CA ALA D 81 -28.02 -3.43 58.00
C ALA D 81 -26.47 -3.55 57.92
N ASP D 82 -25.91 -3.53 56.71
CA ASP D 82 -24.46 -3.59 56.51
C ASP D 82 -24.04 -2.63 55.39
N PRO D 83 -23.98 -1.31 55.70
CA PRO D 83 -23.50 -0.26 54.77
C PRO D 83 -22.11 -0.49 54.16
N GLU D 84 -21.27 -1.28 54.84
CA GLU D 84 -19.94 -1.66 54.30
C GLU D 84 -20.00 -2.32 52.90
N MET D 85 -21.09 -3.02 52.59
CA MET D 85 -21.28 -3.59 51.24
C MET D 85 -21.27 -2.52 50.14
N ILE D 86 -21.73 -1.31 50.46
CA ILE D 86 -21.74 -0.20 49.52
C ILE D 86 -20.30 0.30 49.34
N ALA D 87 -19.57 0.39 50.45
CA ALA D 87 -18.13 0.70 50.39
C ALA D 87 -17.40 -0.33 49.55
N SER D 88 -17.68 -1.61 49.78
CA SER D 88 -17.10 -2.66 48.93
C SER D 88 -17.40 -2.43 47.43
N ALA D 89 -18.64 -2.06 47.10
CA ALA D 89 -19.01 -1.71 45.70
C ALA D 89 -18.13 -0.62 45.12
N ALA D 90 -17.91 0.44 45.88
CA ALA D 90 -17.01 1.53 45.45
C ALA D 90 -15.59 1.05 45.16
N CYS D 91 -15.05 0.19 46.03
CA CYS D 91 -13.74 -0.44 45.79
C CYS D 91 -13.73 -1.26 44.53
N ASP D 92 -14.81 -2.00 44.32
CA ASP D 92 -14.97 -2.81 43.08
C ASP D 92 -15.05 -1.94 41.84
N ILE D 93 -15.69 -0.77 41.93
CA ILE D 93 -15.75 0.14 40.78
C ILE D 93 -14.34 0.59 40.39
N GLN D 94 -13.57 0.98 41.41
CA GLN D 94 -12.19 1.45 41.23
C GLN D 94 -11.30 0.35 40.71
N ALA D 95 -11.47 -0.84 41.26
CA ALA D 95 -10.75 -2.03 40.77
C ALA D 95 -10.80 -2.14 39.25
N VAL D 96 -12.03 -2.07 38.70
CA VAL D 96 -12.23 -2.16 37.26
C VAL D 96 -11.57 -0.99 36.58
N ARG D 97 -11.81 0.22 37.08
CA ARG D 97 -11.30 1.42 36.44
C ARG D 97 -9.77 1.46 36.39
N THR D 98 -9.11 0.99 37.45
CA THR D 98 -7.66 0.99 37.50
C THR D 98 -7.04 -0.13 36.64
N ARG D 99 -7.69 -1.30 36.60
CA ARG D 99 -7.13 -2.49 35.91
C ARG D 99 -7.55 -2.69 34.45
N ASP D 100 -8.71 -2.17 34.06
CA ASP D 100 -9.24 -2.39 32.70
C ASP D 100 -8.89 -1.20 31.82
N PRO D 101 -7.99 -1.40 30.83
CA PRO D 101 -7.66 -0.27 29.94
C PRO D 101 -8.84 0.29 29.11
N ALA D 102 -9.86 -0.53 28.85
CA ALA D 102 -11.09 -0.07 28.18
C ALA D 102 -12.09 0.70 29.07
N VAL D 103 -11.74 1.02 30.33
CA VAL D 103 -12.62 1.74 31.26
C VAL D 103 -11.91 2.89 31.97
N ASP D 104 -12.35 4.12 31.70
CA ASP D 104 -11.75 5.31 32.31
C ASP D 104 -12.70 6.14 33.17
N LYS D 105 -13.94 5.68 33.35
CA LYS D 105 -14.95 6.40 34.11
C LYS D 105 -15.46 5.54 35.26
N TYR D 106 -15.76 6.19 36.38
CA TYR D 106 -16.36 5.53 37.56
C TYR D 106 -17.76 4.99 37.29
N SER D 107 -18.50 5.70 36.43
CA SER D 107 -19.88 5.31 36.12
C SER D 107 -19.95 4.03 35.29
N THR D 108 -18.91 3.73 34.51
CA THR D 108 -18.98 2.62 33.55
C THR D 108 -19.23 1.22 34.15
N PRO D 109 -18.50 0.81 35.21
CA PRO D 109 -18.79 -0.49 35.84
C PRO D 109 -20.18 -0.59 36.42
N LEU D 110 -20.60 0.48 37.11
CA LEU D 110 -21.91 0.55 37.72
C LEU D 110 -23.04 0.54 36.68
N LEU D 111 -22.85 1.22 35.57
CA LEU D 111 -23.87 1.24 34.51
C LEU D 111 -23.95 -0.07 33.71
N TYR D 112 -22.82 -0.63 33.31
CA TYR D 112 -22.79 -1.59 32.20
C TYR D 112 -22.26 -2.99 32.48
N LEU D 113 -21.35 -3.16 33.43
CA LEU D 113 -20.59 -4.41 33.47
C LEU D 113 -21.28 -5.45 34.33
N LYS D 114 -21.64 -6.57 33.71
CA LYS D 114 -22.40 -7.61 34.42
C LYS D 114 -21.58 -8.31 35.50
N GLY D 115 -20.24 -8.30 35.35
CA GLY D 115 -19.36 -8.82 36.38
C GLY D 115 -19.44 -8.00 37.67
N PHE D 116 -19.42 -6.69 37.51
CA PHE D 116 -19.60 -5.80 38.64
C PHE D 116 -20.98 -6.02 39.29
N HIS D 117 -22.03 -6.13 38.48
CA HIS D 117 -23.39 -6.31 38.99
C HIS D 117 -23.53 -7.60 39.77
N ALA D 118 -22.99 -8.68 39.19
CA ALA D 118 -23.02 -9.99 39.79
C ALA D 118 -22.35 -10.00 41.16
N LEU D 119 -21.22 -9.32 41.25
CA LEU D 119 -20.46 -9.19 42.48
C LEU D 119 -21.27 -8.48 43.59
N GLN D 120 -21.98 -7.42 43.21
CA GLN D 120 -22.78 -6.68 44.17
C GLN D 120 -24.02 -7.45 44.58
N ALA D 121 -24.59 -8.23 43.66
CA ALA D 121 -25.69 -9.12 44.01
C ALA D 121 -25.24 -10.29 44.90
N TYR D 122 -24.05 -10.84 44.65
CA TYR D 122 -23.44 -11.82 45.57
C TYR D 122 -23.38 -11.29 47.02
N ARG D 123 -22.99 -10.02 47.19
CA ARG D 123 -22.86 -9.43 48.53
C ARG D 123 -24.19 -9.43 49.28
N ILE D 124 -25.27 -9.13 48.55
CA ILE D 124 -26.60 -9.19 49.13
C ILE D 124 -26.97 -10.64 49.49
N GLY D 125 -26.61 -11.59 48.62
CA GLY D 125 -26.89 -12.99 48.89
C GLY D 125 -26.07 -13.52 50.07
N HIS D 126 -24.82 -13.11 50.15
CA HIS D 126 -23.92 -13.50 51.26
C HIS D 126 -24.43 -12.99 52.61
N TRP D 127 -24.92 -11.75 52.63
CA TRP D 127 -25.53 -11.18 53.81
C TRP D 127 -26.78 -11.97 54.25
N LEU D 128 -27.66 -12.28 53.30
CA LEU D 128 -28.83 -13.12 53.56
C LEU D 128 -28.46 -14.53 54.05
N TRP D 129 -27.47 -15.13 53.39
CA TRP D 129 -27.02 -16.46 53.75
C TRP D 129 -26.55 -16.50 55.23
N ASN D 130 -25.72 -15.56 55.62
CA ASN D 130 -25.22 -15.48 57.01
C ASN D 130 -26.26 -15.15 58.04
N LYS D 131 -27.30 -14.42 57.63
CA LYS D 131 -28.49 -14.20 58.47
C LYS D 131 -29.45 -15.40 58.51
N GLY D 132 -29.11 -16.50 57.84
CA GLY D 132 -29.94 -17.68 57.83
C GLY D 132 -31.07 -17.66 56.82
N ARG D 133 -31.11 -16.64 55.98
CA ARG D 133 -32.16 -16.49 54.96
C ARG D 133 -31.63 -17.11 53.68
N ARG D 134 -31.54 -18.43 53.70
CA ARG D 134 -30.82 -19.18 52.67
C ARG D 134 -31.64 -19.40 51.41
N ALA D 135 -32.94 -19.63 51.56
CA ALA D 135 -33.88 -19.64 50.42
C ALA D 135 -33.76 -18.43 49.49
N LEU D 136 -33.76 -17.23 50.11
CA LEU D 136 -33.65 -15.98 49.38
C LEU D 136 -32.27 -15.79 48.77
N ALA D 137 -31.22 -16.22 49.49
CA ALA D 137 -29.85 -16.13 48.97
C ALA D 137 -29.69 -17.02 47.75
N ILE D 138 -30.27 -18.20 47.80
CA ILE D 138 -30.21 -19.19 46.70
C ILE D 138 -31.08 -18.73 45.52
N PHE D 139 -32.23 -18.14 45.81
CA PHE D 139 -33.03 -17.54 44.73
C PHE D 139 -32.20 -16.51 43.97
N LEU D 140 -31.55 -15.60 44.70
CA LEU D 140 -30.75 -14.55 44.09
C LEU D 140 -29.54 -15.10 43.35
N GLN D 141 -28.83 -16.03 43.96
CA GLN D 141 -27.71 -16.70 43.28
C GLN D 141 -28.05 -17.16 41.85
N ASN D 142 -29.19 -17.81 41.73
CA ASN D 142 -29.57 -18.46 40.49
C ASN D 142 -30.24 -17.50 39.51
N GLN D 143 -30.85 -16.43 40.00
CA GLN D 143 -31.29 -15.33 39.14
C GLN D 143 -30.10 -14.55 38.58
N VAL D 144 -29.04 -14.41 39.39
CA VAL D 144 -27.79 -13.81 38.92
C VAL D 144 -27.15 -14.69 37.83
N SER D 145 -27.18 -16.01 38.03
CA SER D 145 -26.68 -16.95 37.01
C SER D 145 -27.41 -16.81 35.66
N VAL D 146 -28.74 -16.72 35.70
CA VAL D 146 -29.56 -16.53 34.49
C VAL D 146 -29.32 -15.15 33.83
N SER D 147 -29.28 -14.10 34.65
CA SER D 147 -29.29 -12.71 34.15
C SER D 147 -27.92 -12.18 33.75
N PHE D 148 -26.88 -12.57 34.52
CA PHE D 148 -25.50 -12.07 34.34
C PHE D 148 -24.49 -13.18 34.02
N GLN D 149 -24.95 -14.43 34.00
CA GLN D 149 -24.18 -15.62 33.62
C GLN D 149 -22.99 -15.89 34.54
N VAL D 150 -23.14 -15.52 35.81
CA VAL D 150 -22.17 -15.75 36.87
C VAL D 150 -22.90 -16.54 37.96
N ASP D 151 -22.34 -17.67 38.38
CA ASP D 151 -22.92 -18.51 39.43
C ASP D 151 -21.96 -18.54 40.62
N ILE D 152 -22.19 -17.66 41.61
CA ILE D 152 -21.42 -17.60 42.85
C ILE D 152 -22.30 -18.11 43.98
N HIS D 153 -21.87 -19.18 44.65
CA HIS D 153 -22.59 -19.64 45.84
C HIS D 153 -22.48 -18.60 46.95
N PRO D 154 -23.61 -18.23 47.59
CA PRO D 154 -23.59 -17.11 48.56
C PRO D 154 -22.74 -17.31 49.85
N ALA D 155 -22.47 -18.55 50.22
CA ALA D 155 -21.49 -18.91 51.28
C ALA D 155 -20.03 -18.69 50.92
N ALA D 156 -19.71 -18.51 49.64
CA ALA D 156 -18.37 -18.12 49.27
C ALA D 156 -18.03 -16.83 50.00
N LYS D 157 -16.76 -16.69 50.41
CA LYS D 157 -16.31 -15.49 51.11
C LYS D 157 -15.45 -14.71 50.17
N ILE D 158 -15.89 -13.50 49.86
CA ILE D 158 -15.31 -12.70 48.79
C ILE D 158 -15.05 -11.28 49.32
N GLY D 159 -13.82 -10.83 49.13
CA GLY D 159 -13.40 -9.51 49.59
C GLY D 159 -13.81 -8.42 48.63
N ARG D 160 -13.02 -7.34 48.60
CA ARG D 160 -13.36 -6.17 47.80
C ARG D 160 -12.19 -5.75 46.92
N GLY D 161 -12.45 -4.84 45.98
CA GLY D 161 -11.48 -4.52 44.95
C GLY D 161 -11.40 -5.67 43.95
N ILE D 162 -12.51 -6.37 43.76
CA ILE D 162 -12.56 -7.54 42.88
C ILE D 162 -13.03 -7.11 41.49
N MET D 163 -12.46 -7.70 40.45
CA MET D 163 -12.88 -7.46 39.09
C MET D 163 -13.23 -8.79 38.49
N LEU D 164 -14.46 -8.91 38.03
CA LEU D 164 -14.91 -10.04 37.22
C LEU D 164 -15.00 -9.55 35.77
N ASP D 165 -13.90 -9.69 35.04
CA ASP D 165 -13.74 -9.11 33.72
C ASP D 165 -14.48 -9.94 32.69
N HIS D 166 -15.45 -9.34 31.97
CA HIS D 166 -16.31 -10.04 31.00
C HIS D 166 -17.30 -10.99 31.67
N ALA D 167 -16.79 -11.92 32.48
CA ALA D 167 -17.55 -12.58 33.56
C ALA D 167 -18.38 -13.79 33.15
N THR D 168 -18.77 -13.90 31.89
CA THR D 168 -19.69 -14.97 31.53
C THR D 168 -19.03 -16.33 31.78
N GLY D 169 -19.81 -17.23 32.37
CA GLY D 169 -19.33 -18.56 32.73
C GLY D 169 -18.57 -18.68 34.05
N ILE D 170 -18.38 -17.60 34.81
CA ILE D 170 -17.72 -17.72 36.11
C ILE D 170 -18.57 -18.58 37.04
N VAL D 171 -17.93 -19.57 37.67
CA VAL D 171 -18.56 -20.41 38.70
C VAL D 171 -17.68 -20.43 39.96
N VAL D 172 -18.27 -20.12 41.11
CA VAL D 172 -17.54 -20.12 42.40
C VAL D 172 -18.31 -20.96 43.40
N GLY D 173 -17.65 -21.99 43.96
CA GLY D 173 -18.28 -22.91 44.91
C GLY D 173 -18.49 -22.45 46.32
N GLU D 174 -19.33 -23.20 47.05
CA GLU D 174 -19.80 -22.88 48.41
C GLU D 174 -18.72 -22.53 49.45
N THR D 175 -17.59 -23.22 49.38
CA THR D 175 -16.54 -23.11 50.40
C THR D 175 -15.34 -22.31 49.87
N ALA D 176 -15.52 -21.59 48.75
CA ALA D 176 -14.44 -20.83 48.15
C ALA D 176 -14.15 -19.53 48.93
N VAL D 177 -12.91 -19.07 48.82
CA VAL D 177 -12.51 -17.80 49.40
C VAL D 177 -11.81 -17.02 48.30
N ILE D 178 -12.14 -15.74 48.22
CA ILE D 178 -11.48 -14.84 47.28
C ILE D 178 -11.12 -13.59 48.07
N GLU D 179 -9.83 -13.37 48.25
CA GLU D 179 -9.38 -12.22 49.02
C GLU D 179 -9.41 -10.98 48.15
N ASP D 180 -9.13 -9.86 48.80
CA ASP D 180 -9.13 -8.56 48.16
C ASP D 180 -8.24 -8.49 46.92
N ASP D 181 -8.61 -7.55 46.04
CA ASP D 181 -7.81 -7.18 44.86
C ASP D 181 -7.57 -8.27 43.81
N VAL D 182 -8.44 -9.28 43.78
CA VAL D 182 -8.34 -10.39 42.84
C VAL D 182 -9.04 -10.00 41.54
N SER D 183 -8.48 -10.44 40.42
CA SER D 183 -9.10 -10.27 39.11
C SER D 183 -9.36 -11.65 38.50
N ILE D 184 -10.58 -11.86 38.00
CA ILE D 184 -11.02 -13.14 37.44
C ILE D 184 -11.66 -12.87 36.10
N LEU D 185 -11.31 -13.68 35.09
CA LEU D 185 -11.89 -13.50 33.75
C LEU D 185 -13.04 -14.48 33.52
N GLN D 186 -13.65 -14.32 32.36
CA GLN D 186 -14.68 -15.22 31.84
C GLN D 186 -14.32 -16.70 31.97
N SER D 187 -15.35 -17.48 32.25
CA SER D 187 -15.32 -18.93 32.28
C SER D 187 -14.34 -19.53 33.29
N VAL D 188 -14.05 -18.80 34.37
CA VAL D 188 -13.23 -19.34 35.47
C VAL D 188 -14.13 -20.12 36.42
N THR D 189 -13.71 -21.36 36.72
CA THR D 189 -14.30 -22.16 37.77
C THR D 189 -13.37 -22.21 38.99
N LEU D 190 -13.92 -21.82 40.14
CA LEU D 190 -13.37 -22.15 41.46
C LEU D 190 -14.26 -23.27 42.02
N GLY D 191 -13.84 -24.52 41.78
CA GLY D 191 -14.73 -25.69 41.86
C GLY D 191 -14.19 -26.87 42.66
N GLY D 192 -14.98 -27.95 42.72
CA GLY D 192 -14.63 -29.19 43.44
C GLY D 192 -13.80 -30.13 42.57
N THR D 193 -13.47 -31.31 43.10
CA THR D 193 -12.44 -32.19 42.50
C THR D 193 -12.77 -33.51 41.72
N GLY D 194 -14.01 -34.01 41.59
CA GLY D 194 -15.25 -33.49 42.14
C GLY D 194 -15.82 -34.50 43.11
N LYS D 195 -17.15 -34.68 43.07
CA LYS D 195 -17.87 -35.61 43.93
C LYS D 195 -17.40 -35.59 45.41
N THR D 196 -17.15 -34.37 45.90
CA THR D 196 -16.52 -34.13 47.21
C THR D 196 -17.53 -33.58 48.22
N SER D 197 -17.07 -33.42 49.47
CA SER D 197 -17.85 -32.76 50.53
C SER D 197 -16.95 -32.06 51.55
N GLY D 198 -17.55 -31.27 52.43
CA GLY D 198 -16.81 -30.42 53.36
C GLY D 198 -16.08 -29.31 52.62
N ASP D 199 -14.94 -28.90 53.17
CA ASP D 199 -14.14 -27.82 52.60
C ASP D 199 -13.47 -28.32 51.32
N ARG D 200 -14.07 -27.99 50.18
CA ARG D 200 -13.75 -28.62 48.91
C ARG D 200 -13.44 -27.65 47.74
N HIS D 201 -13.31 -26.35 48.02
CA HIS D 201 -13.16 -25.32 46.97
C HIS D 201 -11.95 -24.43 47.22
N PRO D 202 -11.44 -23.74 46.18
CA PRO D 202 -10.18 -23.01 46.32
C PRO D 202 -10.17 -21.77 47.22
N LYS D 203 -8.94 -21.44 47.64
CA LYS D 203 -8.64 -20.31 48.48
C LYS D 203 -7.74 -19.42 47.63
N ILE D 204 -8.30 -18.27 47.18
CA ILE D 204 -7.59 -17.35 46.32
C ILE D 204 -7.18 -16.18 47.18
N ARG D 205 -5.87 -15.98 47.30
CA ARG D 205 -5.33 -14.96 48.19
C ARG D 205 -5.19 -13.64 47.44
N GLU D 206 -4.79 -12.62 48.17
CA GLU D 206 -4.81 -11.23 47.71
C GLU D 206 -4.04 -11.01 46.39
N GLY D 207 -4.59 -10.15 45.53
CA GLY D 207 -3.93 -9.75 44.28
C GLY D 207 -3.75 -10.79 43.19
N VAL D 208 -4.41 -11.94 43.29
CA VAL D 208 -4.30 -13.01 42.29
C VAL D 208 -5.04 -12.59 41.01
N MET D 209 -4.45 -12.95 39.86
CA MET D 209 -5.09 -12.81 38.55
C MET D 209 -5.40 -14.19 38.04
N ILE D 210 -6.61 -14.40 37.53
CA ILE D 210 -7.01 -15.69 36.95
C ILE D 210 -7.47 -15.51 35.50
N GLY D 211 -6.70 -16.10 34.59
CA GLY D 211 -6.98 -16.01 33.17
C GLY D 211 -8.23 -16.73 32.70
N ALA D 212 -8.66 -16.39 31.49
CA ALA D 212 -9.92 -16.86 30.92
C ALA D 212 -9.97 -18.38 30.84
N GLY D 213 -11.05 -18.95 31.37
CA GLY D 213 -11.27 -20.38 31.26
C GLY D 213 -10.46 -21.28 32.19
N ALA D 214 -9.80 -20.72 33.20
CA ALA D 214 -9.03 -21.53 34.14
C ALA D 214 -9.95 -22.29 35.10
N LYS D 215 -9.62 -23.56 35.36
CA LYS D 215 -10.29 -24.37 36.36
C LYS D 215 -9.36 -24.56 37.56
N ILE D 216 -9.82 -24.11 38.73
CA ILE D 216 -9.07 -24.27 39.97
C ILE D 216 -9.94 -25.16 40.84
N LEU D 217 -9.45 -26.36 41.13
CA LEU D 217 -10.26 -27.41 41.74
C LEU D 217 -9.69 -27.94 43.07
N GLY D 218 -10.58 -28.15 44.04
CA GLY D 218 -10.23 -28.62 45.38
C GLY D 218 -9.93 -27.51 46.37
N ASN D 219 -9.80 -27.89 47.64
CA ASN D 219 -9.36 -26.95 48.69
C ASN D 219 -7.86 -26.75 48.64
N ILE D 220 -7.44 -25.96 47.67
CA ILE D 220 -6.04 -25.67 47.44
C ILE D 220 -5.82 -24.17 47.51
N GLU D 221 -4.63 -23.78 47.98
CA GLU D 221 -4.24 -22.39 48.10
C GLU D 221 -3.78 -21.87 46.75
N VAL D 222 -4.15 -20.64 46.42
CA VAL D 222 -3.50 -19.91 45.35
C VAL D 222 -2.90 -18.67 46.00
N GLY D 223 -1.58 -18.67 46.17
CA GLY D 223 -0.92 -17.68 47.01
C GLY D 223 -0.95 -16.23 46.54
N ARG D 224 -0.68 -15.33 47.48
CA ARG D 224 -0.65 -13.88 47.26
C ARG D 224 0.05 -13.49 45.94
N GLY D 225 -0.64 -12.70 45.12
CA GLY D 225 -0.06 -12.12 43.90
C GLY D 225 0.32 -13.08 42.79
N ALA D 226 -0.15 -14.32 42.86
CA ALA D 226 0.05 -15.29 41.79
C ALA D 226 -0.78 -14.98 40.51
N LYS D 227 -0.39 -15.61 39.41
CA LYS D 227 -1.02 -15.45 38.11
C LYS D 227 -1.37 -16.84 37.60
N ILE D 228 -2.66 -17.08 37.34
CA ILE D 228 -3.12 -18.36 36.81
C ILE D 228 -3.39 -18.14 35.33
N GLY D 229 -2.81 -19.00 34.50
CA GLY D 229 -2.92 -18.89 33.06
C GLY D 229 -4.29 -19.24 32.52
N ALA D 230 -4.64 -18.62 31.40
CA ALA D 230 -5.85 -18.98 30.67
C ALA D 230 -5.82 -20.47 30.35
N GLY D 231 -6.96 -21.14 30.55
CA GLY D 231 -7.09 -22.56 30.22
C GLY D 231 -6.35 -23.52 31.14
N SER D 232 -5.82 -23.02 32.27
CA SER D 232 -5.12 -23.85 33.25
C SER D 232 -6.10 -24.73 33.98
N VAL D 233 -5.61 -25.89 34.41
CA VAL D 233 -6.34 -26.78 35.32
C VAL D 233 -5.45 -26.97 36.54
N VAL D 234 -5.71 -26.16 37.56
CA VAL D 234 -4.90 -26.10 38.74
C VAL D 234 -5.47 -27.11 39.73
N LEU D 235 -4.70 -28.18 40.01
CA LEU D 235 -5.05 -29.21 41.00
C LEU D 235 -4.19 -29.18 42.28
N GLN D 236 -3.02 -28.55 42.22
CA GLN D 236 -2.13 -28.44 43.38
C GLN D 236 -2.01 -26.98 43.76
N PRO D 237 -1.60 -26.69 45.02
CA PRO D 237 -1.43 -25.30 45.43
C PRO D 237 -0.39 -24.54 44.62
N VAL D 238 -0.62 -23.24 44.43
CA VAL D 238 0.27 -22.36 43.67
C VAL D 238 0.95 -21.42 44.67
N PRO D 239 2.30 -21.41 44.71
CA PRO D 239 2.97 -20.52 45.65
C PRO D 239 2.74 -19.03 45.31
N PRO D 240 2.82 -18.14 46.33
CA PRO D 240 2.69 -16.70 46.09
C PRO D 240 3.61 -16.16 45.00
N HIS D 241 3.15 -15.14 44.29
CA HIS D 241 3.95 -14.40 43.31
C HIS D 241 4.54 -15.28 42.19
N THR D 242 3.79 -16.33 41.84
CA THR D 242 4.17 -17.32 40.84
C THR D 242 3.21 -17.25 39.65
N THR D 243 3.63 -17.72 38.50
CA THR D 243 2.73 -17.94 37.36
C THR D 243 2.55 -19.44 37.16
N ALA D 244 1.31 -19.91 37.31
CA ALA D 244 0.96 -21.32 37.06
C ALA D 244 0.17 -21.40 35.77
N ALA D 245 0.44 -22.42 34.96
CA ALA D 245 -0.24 -22.58 33.67
C ALA D 245 -0.09 -23.99 33.15
N GLY D 246 -0.97 -24.34 32.21
CA GLY D 246 -1.02 -25.66 31.59
C GLY D 246 -2.09 -26.56 32.17
N VAL D 247 -2.23 -27.73 31.56
CA VAL D 247 -3.15 -28.78 32.01
C VAL D 247 -2.32 -30.05 32.32
N PRO D 248 -2.08 -30.42 33.58
CA PRO D 248 -2.39 -29.61 34.75
C PRO D 248 -1.44 -28.43 34.89
N ALA D 249 -1.76 -27.53 35.81
CA ALA D 249 -0.95 -26.35 36.04
C ALA D 249 0.35 -26.71 36.76
N ARG D 250 1.46 -26.20 36.22
CA ARG D 250 2.74 -26.16 36.94
C ARG D 250 3.43 -24.82 36.69
N ILE D 251 4.45 -24.53 37.49
CA ILE D 251 5.05 -23.18 37.54
C ILE D 251 5.78 -22.88 36.23
N VAL D 252 5.65 -21.65 35.74
CA VAL D 252 6.33 -21.21 34.50
C VAL D 252 7.11 -19.88 34.56
N GLY D 253 7.06 -19.14 35.67
CA GLY D 253 7.74 -17.84 35.77
C GLY D 253 7.32 -16.97 36.94
N LYS D 254 7.64 -15.68 36.83
CA LYS D 254 7.28 -14.64 37.82
C LYS D 254 5.92 -14.03 37.45
N PRO D 255 5.24 -13.34 38.40
CA PRO D 255 3.84 -12.97 38.17
C PRO D 255 3.68 -11.74 37.25
N PRO E 10 -18.02 -13.85 -1.15
CA PRO E 10 -18.70 -14.71 -2.13
C PRO E 10 -20.23 -14.84 -1.89
N CYS E 11 -20.87 -13.73 -1.52
CA CYS E 11 -22.25 -13.72 -1.02
C CYS E 11 -23.34 -13.52 -2.09
N GLU E 12 -24.47 -14.22 -1.91
CA GLU E 12 -25.71 -13.96 -2.68
C GLU E 12 -26.23 -12.55 -2.40
N GLU E 13 -27.10 -12.05 -3.30
CA GLU E 13 -27.46 -10.63 -3.38
C GLU E 13 -27.82 -9.94 -2.03
N LEU E 14 -29.06 -10.16 -1.60
CA LEU E 14 -29.59 -9.57 -0.38
C LEU E 14 -31.08 -9.64 -0.55
N GLU E 15 -31.54 -9.18 -1.70
CA GLU E 15 -32.93 -9.20 -2.04
C GLU E 15 -33.35 -10.60 -2.43
N ILE E 16 -32.37 -11.41 -2.76
CA ILE E 16 -32.64 -12.77 -3.09
C ILE E 16 -32.71 -13.52 -1.78
N VAL E 17 -31.88 -13.14 -0.81
CA VAL E 17 -31.93 -13.83 0.47
C VAL E 17 -33.18 -13.41 1.20
N TRP E 18 -33.53 -12.14 1.08
CA TRP E 18 -34.72 -11.66 1.73
C TRP E 18 -35.93 -12.33 1.15
N LYS E 19 -35.96 -12.51 -0.15
CA LYS E 19 -37.09 -13.16 -0.78
C LYS E 19 -37.14 -14.61 -0.43
N ASN E 20 -36.00 -15.25 -0.23
CA ASN E 20 -35.99 -16.63 0.18
C ASN E 20 -36.50 -16.72 1.62
N ILE E 21 -36.07 -15.80 2.45
CA ILE E 21 -36.50 -15.75 3.84
C ILE E 21 -38.01 -15.67 3.94
N LYS E 22 -38.62 -14.78 3.20
CA LYS E 22 -40.07 -14.63 3.20
C LYS E 22 -40.78 -15.86 2.63
N ALA E 23 -40.18 -16.45 1.61
CA ALA E 23 -40.73 -17.64 1.04
C ALA E 23 -40.77 -18.75 2.08
N GLU E 24 -39.68 -18.96 2.80
CA GLU E 24 -39.66 -19.97 3.83
C GLU E 24 -40.69 -19.69 4.92
N ALA E 25 -40.71 -18.45 5.39
CA ALA E 25 -41.63 -18.06 6.44
C ALA E 25 -43.11 -18.28 6.10
N ARG E 26 -43.52 -17.99 4.89
CA ARG E 26 -44.90 -18.20 4.50
C ARG E 26 -45.29 -19.64 4.59
N ALA E 27 -44.44 -20.49 4.06
CA ALA E 27 -44.65 -21.93 4.10
C ALA E 27 -44.62 -22.48 5.54
N LEU E 28 -43.63 -22.06 6.32
CA LEU E 28 -43.50 -22.50 7.72
C LEU E 28 -44.69 -22.08 8.58
N ALA E 29 -45.19 -20.88 8.36
CA ALA E 29 -46.42 -20.38 9.03
C ALA E 29 -47.63 -21.27 8.76
N ASP E 30 -47.73 -21.81 7.54
CA ASP E 30 -48.79 -22.80 7.20
C ASP E 30 -48.63 -24.14 7.91
N CYS E 31 -47.40 -24.66 7.99
CA CYS E 31 -47.18 -25.99 8.55
C CYS E 31 -47.10 -26.02 10.08
N GLU E 32 -46.83 -24.88 10.72
CA GLU E 32 -46.82 -24.78 12.19
C GLU E 32 -47.67 -23.60 12.73
N PRO E 33 -48.98 -23.86 12.99
CA PRO E 33 -49.89 -22.81 13.49
C PRO E 33 -49.47 -22.10 14.77
N MET E 34 -48.82 -22.81 15.69
CA MET E 34 -48.34 -22.19 16.94
C MET E 34 -47.28 -21.10 16.72
N LEU E 35 -46.54 -21.14 15.61
CA LEU E 35 -45.53 -20.12 15.27
C LEU E 35 -45.93 -19.14 14.19
N ALA E 36 -47.12 -19.26 13.63
CA ALA E 36 -47.58 -18.31 12.61
C ALA E 36 -47.47 -16.86 13.10
N SER E 37 -47.94 -16.62 14.32
CA SER E 37 -47.86 -15.29 14.89
C SER E 37 -46.41 -14.77 14.93
N PHE E 38 -45.50 -15.64 15.37
CA PHE E 38 -44.07 -15.35 15.44
C PHE E 38 -43.47 -15.06 14.07
N TYR E 39 -43.83 -15.87 13.06
CA TYR E 39 -43.32 -15.64 11.70
C TYR E 39 -43.82 -14.31 11.12
N HIS E 40 -45.09 -13.98 11.37
CA HIS E 40 -45.65 -12.73 10.88
C HIS E 40 -45.01 -11.48 11.53
N ALA E 41 -44.84 -11.50 12.85
CA ALA E 41 -44.22 -10.41 13.59
C ALA E 41 -42.74 -10.18 13.27
N THR E 42 -41.99 -11.27 13.16
CA THR E 42 -40.54 -11.25 13.01
C THR E 42 -40.09 -11.04 11.56
N LEU E 43 -40.87 -11.56 10.60
CA LEU E 43 -40.48 -11.55 9.16
C LEU E 43 -41.54 -11.04 8.18
N LEU E 44 -42.74 -11.62 8.18
CA LEU E 44 -43.67 -11.44 7.05
C LEU E 44 -44.29 -10.04 6.93
N LYS E 45 -44.37 -9.29 8.03
CA LYS E 45 -44.89 -7.91 7.98
C LYS E 45 -43.87 -6.87 7.56
N HIS E 46 -42.61 -7.26 7.44
CA HIS E 46 -41.51 -6.36 7.11
C HIS E 46 -41.23 -6.36 5.63
N GLU E 47 -40.88 -5.18 5.10
CA GLU E 47 -40.66 -5.01 3.65
C GLU E 47 -39.28 -5.44 3.18
N ASN E 48 -38.31 -5.42 4.09
CA ASN E 48 -36.91 -5.71 3.76
C ASN E 48 -36.15 -6.24 4.97
N LEU E 49 -34.93 -6.70 4.73
CA LEU E 49 -34.13 -7.33 5.78
C LEU E 49 -33.73 -6.35 6.89
N GLY E 50 -33.41 -5.11 6.51
CA GLY E 50 -33.04 -4.08 7.47
C GLY E 50 -34.11 -3.87 8.52
N SER E 51 -35.36 -3.75 8.09
CA SER E 51 -36.46 -3.53 9.02
C SER E 51 -36.77 -4.76 9.88
N ALA E 52 -36.65 -5.96 9.31
CA ALA E 52 -36.77 -7.19 10.10
C ALA E 52 -35.67 -7.29 11.17
N LEU E 53 -34.43 -6.94 10.79
CA LEU E 53 -33.27 -6.94 11.71
C LEU E 53 -33.39 -5.94 12.85
N SER E 54 -33.80 -4.72 12.54
CA SER E 54 -33.93 -3.69 13.58
C SER E 54 -35.01 -4.08 14.59
N TYR E 55 -36.12 -4.59 14.08
CA TYR E 55 -37.24 -5.10 14.87
C TYR E 55 -36.80 -6.23 15.82
N MET E 56 -36.08 -7.20 15.26
CA MET E 56 -35.58 -8.37 16.01
C MET E 56 -34.60 -7.97 17.13
N LEU E 57 -33.60 -7.16 16.79
CA LEU E 57 -32.59 -6.72 17.75
C LEU E 57 -33.19 -5.86 18.87
N ALA E 58 -34.06 -4.92 18.48
CA ALA E 58 -34.76 -4.11 19.46
C ALA E 58 -35.57 -4.99 20.45
N ASN E 59 -36.31 -5.99 19.95
CA ASN E 59 -37.11 -6.88 20.83
C ASN E 59 -36.24 -7.76 21.74
N LYS E 60 -35.16 -8.28 21.20
CA LYS E 60 -34.29 -9.19 21.96
C LYS E 60 -33.41 -8.47 22.98
N LEU E 61 -33.06 -7.21 22.72
CA LEU E 61 -32.18 -6.46 23.61
C LEU E 61 -32.97 -5.57 24.56
N ALA E 62 -34.29 -5.57 24.45
CA ALA E 62 -35.14 -4.67 25.25
C ALA E 62 -35.04 -5.03 26.72
N SER E 63 -35.14 -4.00 27.55
CA SER E 63 -35.13 -4.14 29.00
C SER E 63 -36.00 -2.98 29.49
N PRO E 64 -36.59 -3.09 30.69
CA PRO E 64 -37.50 -2.00 31.09
C PRO E 64 -36.83 -0.61 30.95
N ILE E 65 -35.61 -0.52 31.49
CA ILE E 65 -34.65 0.60 31.29
C ILE E 65 -34.64 1.23 29.88
N MET E 66 -34.23 0.43 28.88
CA MET E 66 -34.13 0.89 27.50
C MET E 66 -35.04 0.01 26.64
N PRO E 67 -36.27 0.50 26.35
CA PRO E 67 -37.23 -0.36 25.66
C PRO E 67 -36.92 -0.63 24.20
N ALA E 68 -37.60 -1.63 23.63
CA ALA E 68 -37.48 -1.97 22.21
C ALA E 68 -37.71 -0.79 21.30
N ILE E 69 -38.77 -0.02 21.57
CA ILE E 69 -39.05 1.17 20.76
C ILE E 69 -37.87 2.16 20.67
N ALA E 70 -37.07 2.28 21.74
CA ALA E 70 -35.89 3.17 21.75
C ALA E 70 -34.70 2.54 21.04
N ILE E 71 -34.44 1.28 21.31
CA ILE E 71 -33.36 0.56 20.63
C ILE E 71 -33.60 0.57 19.13
N ARG E 72 -34.84 0.39 18.70
CA ARG E 72 -35.11 0.34 17.26
C ARG E 72 -34.70 1.57 16.48
N GLU E 73 -34.93 2.77 17.02
CA GLU E 73 -34.53 3.99 16.31
C GLU E 73 -33.01 4.21 16.23
N VAL E 74 -32.26 3.65 17.19
CA VAL E 74 -30.80 3.65 17.10
C VAL E 74 -30.36 2.73 15.95
N VAL E 75 -30.93 1.54 15.90
CA VAL E 75 -30.55 0.55 14.87
C VAL E 75 -30.94 1.09 13.48
N GLU E 76 -32.16 1.62 13.38
CA GLU E 76 -32.63 2.21 12.11
C GLU E 76 -31.75 3.35 11.62
N GLU E 77 -31.28 4.22 12.52
CA GLU E 77 -30.37 5.31 12.14
C GLU E 77 -29.03 4.79 11.58
N ALA E 78 -28.49 3.74 12.18
CA ALA E 78 -27.22 3.17 11.72
C ALA E 78 -27.37 2.56 10.32
N TYR E 79 -28.43 1.77 10.14
CA TYR E 79 -28.76 1.15 8.86
C TYR E 79 -29.12 2.17 7.77
N ALA E 80 -29.69 3.32 8.13
CA ALA E 80 -29.95 4.38 7.13
C ALA E 80 -28.63 5.04 6.69
N ALA E 81 -27.70 5.21 7.61
CA ALA E 81 -26.38 5.80 7.35
C ALA E 81 -25.37 4.85 6.67
N ASP E 82 -25.34 3.58 7.09
CA ASP E 82 -24.43 2.58 6.49
C ASP E 82 -25.19 1.29 6.14
N PRO E 83 -25.93 1.32 5.00
CA PRO E 83 -26.66 0.15 4.50
C PRO E 83 -25.82 -1.11 4.23
N GLU E 84 -24.50 -0.96 4.08
CA GLU E 84 -23.61 -2.12 3.92
C GLU E 84 -23.66 -3.10 5.10
N MET E 85 -24.00 -2.62 6.29
CA MET E 85 -24.21 -3.52 7.44
C MET E 85 -25.31 -4.56 7.21
N ILE E 86 -26.32 -4.20 6.42
CA ILE E 86 -27.44 -5.09 6.13
C ILE E 86 -26.98 -6.16 5.14
N ALA E 87 -26.17 -5.73 4.17
CA ALA E 87 -25.52 -6.67 3.25
C ALA E 87 -24.59 -7.61 4.02
N SER E 88 -23.84 -7.09 4.99
CA SER E 88 -22.98 -7.96 5.82
C SER E 88 -23.82 -8.99 6.59
N ALA E 89 -24.95 -8.55 7.14
CA ALA E 89 -25.94 -9.49 7.73
C ALA E 89 -26.30 -10.64 6.80
N ALA E 90 -26.60 -10.32 5.54
CA ALA E 90 -26.96 -11.33 4.56
C ALA E 90 -25.83 -12.34 4.34
N CYS E 91 -24.59 -11.85 4.28
CA CYS E 91 -23.40 -12.72 4.17
C CYS E 91 -23.30 -13.62 5.38
N ASP E 92 -23.54 -13.03 6.54
CA ASP E 92 -23.52 -13.81 7.79
C ASP E 92 -24.60 -14.88 7.83
N ILE E 93 -25.78 -14.62 7.24
CA ILE E 93 -26.84 -15.64 7.17
C ILE E 93 -26.37 -16.85 6.32
N GLN E 94 -25.78 -16.54 5.18
CA GLN E 94 -25.32 -17.59 4.24
C GLN E 94 -24.19 -18.39 4.84
N ALA E 95 -23.30 -17.71 5.53
CA ALA E 95 -22.17 -18.32 6.24
C ALA E 95 -22.60 -19.45 7.15
N VAL E 96 -23.66 -19.20 7.95
CA VAL E 96 -24.22 -20.24 8.81
C VAL E 96 -24.82 -21.36 7.99
N ARG E 97 -25.63 -21.01 6.99
CA ARG E 97 -26.34 -22.00 6.19
C ARG E 97 -25.39 -22.93 5.44
N THR E 98 -24.30 -22.38 4.93
CA THR E 98 -23.32 -23.15 4.20
C THR E 98 -22.46 -24.03 5.14
N ARG E 99 -22.09 -23.52 6.31
CA ARG E 99 -21.12 -24.20 7.20
C ARG E 99 -21.72 -25.06 8.31
N ASP E 100 -22.95 -24.76 8.74
CA ASP E 100 -23.58 -25.50 9.83
C ASP E 100 -24.49 -26.54 9.21
N PRO E 101 -24.15 -27.85 9.33
CA PRO E 101 -25.05 -28.90 8.79
C PRO E 101 -26.45 -28.93 9.40
N ALA E 102 -26.60 -28.46 10.65
CA ALA E 102 -27.91 -28.36 11.31
C ALA E 102 -28.82 -27.23 10.79
N VAL E 103 -28.35 -26.42 9.84
CA VAL E 103 -29.13 -25.29 9.30
C VAL E 103 -29.21 -25.36 7.78
N ASP E 104 -30.42 -25.50 7.26
CA ASP E 104 -30.63 -25.51 5.80
C ASP E 104 -31.42 -24.30 5.26
N LYS E 105 -32.05 -23.52 6.13
CA LYS E 105 -32.90 -22.42 5.70
C LYS E 105 -32.25 -21.06 5.98
N TYR E 106 -32.53 -20.09 5.12
CA TYR E 106 -32.04 -18.72 5.27
C TYR E 106 -32.66 -17.99 6.47
N SER E 107 -33.88 -18.36 6.81
CA SER E 107 -34.59 -17.73 7.93
C SER E 107 -34.06 -18.14 9.31
N THR E 108 -33.42 -19.31 9.40
CA THR E 108 -33.03 -19.90 10.69
C THR E 108 -32.04 -19.04 11.51
N PRO E 109 -30.94 -18.52 10.87
CA PRO E 109 -30.02 -17.71 11.65
C PRO E 109 -30.65 -16.41 12.12
N LEU E 110 -31.41 -15.80 11.21
CA LEU E 110 -32.09 -14.55 11.48
C LEU E 110 -33.14 -14.71 12.57
N LEU E 111 -33.89 -15.82 12.53
CA LEU E 111 -34.91 -16.08 13.57
C LEU E 111 -34.34 -16.50 14.95
N TYR E 112 -33.38 -17.41 14.96
CA TYR E 112 -33.10 -18.18 16.19
C TYR E 112 -31.71 -18.08 16.79
N LEU E 113 -30.67 -17.80 16.00
CA LEU E 113 -29.30 -17.99 16.47
C LEU E 113 -28.71 -16.74 17.11
N LYS E 114 -28.39 -16.86 18.40
CA LYS E 114 -27.94 -15.73 19.19
C LYS E 114 -26.58 -15.23 18.72
N GLY E 115 -25.77 -16.10 18.14
CA GLY E 115 -24.48 -15.68 17.59
C GLY E 115 -24.63 -14.74 16.40
N PHE E 116 -25.57 -15.05 15.52
CA PHE E 116 -25.92 -14.18 14.41
C PHE E 116 -26.43 -12.83 14.93
N HIS E 117 -27.35 -12.88 15.89
CA HIS E 117 -27.91 -11.66 16.48
C HIS E 117 -26.83 -10.81 17.10
N ALA E 118 -25.91 -11.45 17.82
CA ALA E 118 -24.85 -10.75 18.51
C ALA E 118 -23.94 -10.07 17.50
N LEU E 119 -23.68 -10.75 16.42
CA LEU E 119 -22.86 -10.20 15.34
C LEU E 119 -23.48 -8.94 14.71
N GLN E 120 -24.79 -8.97 14.48
CA GLN E 120 -25.48 -7.82 13.89
C GLN E 120 -25.60 -6.68 14.88
N ALA E 121 -25.77 -6.97 16.17
CA ALA E 121 -25.76 -5.89 17.16
C ALA E 121 -24.37 -5.26 17.31
N TYR E 122 -23.32 -6.08 17.21
CA TYR E 122 -21.93 -5.57 17.18
C TYR E 122 -21.77 -4.52 16.07
N ARG E 123 -22.29 -4.80 14.88
CA ARG E 123 -22.18 -3.90 13.73
C ARG E 123 -22.77 -2.52 14.01
N ILE E 124 -23.88 -2.51 14.73
CA ILE E 124 -24.53 -1.27 15.12
C ILE E 124 -23.64 -0.55 16.13
N GLY E 125 -23.06 -1.31 17.07
CA GLY E 125 -22.19 -0.72 18.10
C GLY E 125 -20.89 -0.18 17.50
N HIS E 126 -20.35 -0.90 16.52
CA HIS E 126 -19.14 -0.48 15.78
C HIS E 126 -19.38 0.83 15.00
N TRP E 127 -20.54 0.94 14.36
CA TRP E 127 -20.93 2.16 13.67
C TRP E 127 -20.99 3.34 14.64
N LEU E 128 -21.68 3.13 15.76
CA LEU E 128 -21.76 4.12 16.82
C LEU E 128 -20.38 4.53 17.37
N TRP E 129 -19.53 3.54 17.65
CA TRP E 129 -18.22 3.78 18.23
C TRP E 129 -17.38 4.70 17.32
N ASN E 130 -17.34 4.37 16.05
CA ASN E 130 -16.62 5.19 15.04
C ASN E 130 -17.19 6.59 14.82
N LYS E 131 -18.49 6.77 15.06
CA LYS E 131 -19.14 8.09 15.08
C LYS E 131 -18.91 8.85 16.36
N GLY E 132 -18.13 8.31 17.29
CA GLY E 132 -17.85 8.96 18.56
C GLY E 132 -18.98 8.81 19.57
N ARG E 133 -19.96 7.96 19.27
CA ARG E 133 -21.08 7.72 20.19
C ARG E 133 -20.75 6.48 21.02
N ARG E 134 -19.75 6.65 21.87
CA ARG E 134 -19.13 5.54 22.58
C ARG E 134 -19.99 5.04 23.73
N ALA E 135 -20.63 5.94 24.45
CA ALA E 135 -21.56 5.56 25.52
C ALA E 135 -22.64 4.57 25.04
N LEU E 136 -23.22 4.88 23.89
CA LEU E 136 -24.28 4.09 23.31
C LEU E 136 -23.75 2.76 22.78
N ALA E 137 -22.54 2.78 22.24
CA ALA E 137 -21.92 1.57 21.75
C ALA E 137 -21.61 0.60 22.91
N ILE E 138 -21.19 1.14 24.05
CA ILE E 138 -20.84 0.36 25.25
C ILE E 138 -22.12 -0.14 25.92
N PHE E 139 -23.16 0.70 25.96
CA PHE E 139 -24.47 0.22 26.43
C PHE E 139 -24.87 -1.05 25.67
N LEU E 140 -24.83 -0.99 24.34
CA LEU E 140 -25.24 -2.11 23.50
C LEU E 140 -24.34 -3.33 23.65
N GLN E 141 -23.02 -3.15 23.63
CA GLN E 141 -22.08 -4.25 23.87
C GLN E 141 -22.48 -5.09 25.08
N ASN E 142 -22.76 -4.41 26.18
CA ASN E 142 -23.02 -5.07 27.44
C ASN E 142 -24.45 -5.60 27.55
N GLN E 143 -25.40 -5.00 26.84
CA GLN E 143 -26.75 -5.57 26.75
C GLN E 143 -26.70 -6.82 25.89
N VAL E 144 -25.86 -6.82 24.87
CA VAL E 144 -25.61 -8.03 24.06
C VAL E 144 -24.95 -9.15 24.90
N SER E 145 -24.00 -8.82 25.79
CA SER E 145 -23.36 -9.81 26.69
C SER E 145 -24.39 -10.47 27.61
N VAL E 146 -25.29 -9.67 28.17
CA VAL E 146 -26.36 -10.19 29.02
C VAL E 146 -27.40 -11.03 28.25
N SER E 147 -27.83 -10.54 27.09
CA SER E 147 -28.96 -11.14 26.33
C SER E 147 -28.55 -12.33 25.47
N PHE E 148 -27.38 -12.24 24.82
CA PHE E 148 -26.87 -13.27 23.88
C PHE E 148 -25.57 -13.95 24.35
N GLN E 149 -24.98 -13.45 25.43
CA GLN E 149 -23.82 -14.05 26.11
C GLN E 149 -22.56 -14.00 25.26
N VAL E 150 -22.49 -12.98 24.42
CA VAL E 150 -21.33 -12.66 23.59
C VAL E 150 -20.92 -11.27 23.98
N ASP E 151 -19.62 -11.09 24.29
CA ASP E 151 -19.08 -9.82 24.69
C ASP E 151 -18.00 -9.40 23.66
N ILE E 152 -18.41 -8.56 22.71
CA ILE E 152 -17.53 -8.02 21.65
C ILE E 152 -17.38 -6.53 21.91
N HIS E 153 -16.13 -6.09 22.11
CA HIS E 153 -15.90 -4.67 22.23
C HIS E 153 -16.19 -3.99 20.87
N PRO E 154 -16.92 -2.84 20.86
CA PRO E 154 -17.38 -2.28 19.59
C PRO E 154 -16.24 -1.72 18.67
N ALA E 155 -15.10 -1.35 19.23
CA ALA E 155 -13.87 -1.03 18.49
C ALA E 155 -13.20 -2.17 17.74
N ALA E 156 -13.55 -3.42 18.04
CA ALA E 156 -13.02 -4.56 17.28
C ALA E 156 -13.48 -4.41 15.84
N LYS E 157 -12.63 -4.82 14.90
CA LYS E 157 -12.95 -4.71 13.50
C LYS E 157 -13.24 -6.09 12.98
N ILE E 158 -14.49 -6.28 12.55
CA ILE E 158 -15.01 -7.60 12.20
C ILE E 158 -15.64 -7.55 10.81
N GLY E 159 -15.26 -8.52 10.00
CA GLY E 159 -15.69 -8.59 8.60
C GLY E 159 -17.04 -9.25 8.46
N ARG E 160 -17.28 -9.79 7.28
CA ARG E 160 -18.56 -10.37 6.90
C ARG E 160 -18.39 -11.85 6.59
N GLY E 161 -19.51 -12.58 6.59
CA GLY E 161 -19.48 -14.02 6.43
C GLY E 161 -18.94 -14.71 7.68
N ILE E 162 -19.18 -14.10 8.85
CA ILE E 162 -18.71 -14.64 10.11
C ILE E 162 -19.83 -15.53 10.66
N MET E 163 -19.45 -16.68 11.22
CA MET E 163 -20.36 -17.52 11.96
C MET E 163 -19.87 -17.61 13.39
N LEU E 164 -20.78 -17.30 14.31
CA LEU E 164 -20.53 -17.44 15.73
C LEU E 164 -21.39 -18.61 16.18
N ASP E 165 -20.79 -19.81 16.16
CA ASP E 165 -21.53 -21.07 16.34
C ASP E 165 -21.82 -21.34 17.81
N HIS E 166 -23.11 -21.43 18.18
CA HIS E 166 -23.55 -21.59 19.59
C HIS E 166 -23.28 -20.35 20.44
N ALA E 167 -22.04 -19.87 20.44
CA ALA E 167 -21.70 -18.48 20.76
C ALA E 167 -21.55 -18.14 22.23
N THR E 168 -22.16 -18.92 23.11
CA THR E 168 -22.15 -18.54 24.52
C THR E 168 -20.71 -18.52 25.06
N GLY E 169 -20.39 -17.43 25.75
CA GLY E 169 -19.08 -17.23 26.32
C GLY E 169 -18.06 -16.60 25.37
N ILE E 170 -18.42 -16.25 24.13
CA ILE E 170 -17.45 -15.55 23.25
C ILE E 170 -17.09 -14.17 23.82
N VAL E 171 -15.78 -13.88 23.84
CA VAL E 171 -15.22 -12.61 24.29
C VAL E 171 -14.22 -12.14 23.23
N VAL E 172 -14.38 -10.90 22.75
CA VAL E 172 -13.48 -10.29 21.73
C VAL E 172 -13.06 -8.90 22.20
N GLY E 173 -11.75 -8.68 22.29
CA GLY E 173 -11.19 -7.44 22.82
C GLY E 173 -11.17 -6.25 21.89
N GLU E 174 -10.97 -5.07 22.50
CA GLU E 174 -10.99 -3.74 21.84
C GLU E 174 -10.21 -3.60 20.53
N THR E 175 -9.05 -4.24 20.46
CA THR E 175 -8.10 -4.05 19.36
C THR E 175 -8.03 -5.30 18.46
N ALA E 176 -8.98 -6.22 18.64
CA ALA E 176 -9.05 -7.43 17.82
C ALA E 176 -9.50 -7.16 16.39
N VAL E 177 -9.06 -8.01 15.47
CA VAL E 177 -9.51 -7.98 14.10
C VAL E 177 -9.94 -9.40 13.76
N ILE E 178 -11.06 -9.48 13.05
CA ILE E 178 -11.58 -10.73 12.55
C ILE E 178 -11.93 -10.46 11.11
N GLU E 179 -11.19 -11.07 10.19
CA GLU E 179 -11.45 -10.86 8.77
C GLU E 179 -12.58 -11.74 8.31
N ASP E 180 -12.96 -11.56 7.04
CA ASP E 180 -14.06 -12.28 6.43
C ASP E 180 -13.99 -13.81 6.59
N ASP E 181 -15.17 -14.43 6.58
CA ASP E 181 -15.32 -15.88 6.49
C ASP E 181 -14.78 -16.70 7.67
N VAL E 182 -14.63 -16.07 8.84
CA VAL E 182 -14.12 -16.72 10.02
C VAL E 182 -15.28 -17.43 10.73
N SER E 183 -15.01 -18.61 11.29
CA SER E 183 -15.97 -19.34 12.12
C SER E 183 -15.38 -19.47 13.54
N ILE E 184 -16.19 -19.08 14.56
CA ILE E 184 -15.76 -19.07 15.95
C ILE E 184 -16.85 -19.80 16.73
N LEU E 185 -16.44 -20.75 17.57
CA LEU E 185 -17.38 -21.50 18.41
C LEU E 185 -17.50 -20.86 19.79
N GLN E 186 -18.41 -21.43 20.58
CA GLN E 186 -18.61 -21.08 21.97
C GLN E 186 -17.34 -21.04 22.81
N SER E 187 -17.35 -20.13 23.79
CA SER E 187 -16.33 -19.96 24.80
C SER E 187 -14.95 -19.57 24.24
N VAL E 188 -14.92 -18.95 23.05
CA VAL E 188 -13.66 -18.46 22.49
C VAL E 188 -13.36 -17.07 23.02
N THR E 189 -12.12 -16.87 23.50
CA THR E 189 -11.60 -15.58 23.89
C THR E 189 -10.56 -15.12 22.86
N LEU E 190 -10.76 -13.92 22.33
CA LEU E 190 -9.72 -13.17 21.62
C LEU E 190 -9.33 -12.03 22.57
N GLY E 191 -8.31 -12.30 23.40
CA GLY E 191 -7.98 -11.49 24.58
C GLY E 191 -6.53 -11.03 24.66
N GLY E 192 -6.17 -10.42 25.80
CA GLY E 192 -4.80 -9.95 26.09
C GLY E 192 -4.00 -10.93 26.94
N THR E 193 -2.73 -10.60 27.22
CA THR E 193 -1.76 -11.53 27.86
C THR E 193 -1.57 -11.63 29.41
N GLY E 194 -2.21 -10.84 30.28
CA GLY E 194 -3.01 -9.66 29.99
C GLY E 194 -2.30 -8.52 30.66
N LYS E 195 -3.06 -7.70 31.40
CA LYS E 195 -2.54 -6.47 32.02
C LYS E 195 -1.81 -5.56 31.00
N THR E 196 -2.23 -5.64 29.74
CA THR E 196 -1.56 -5.01 28.60
C THR E 196 -2.23 -3.67 28.29
N SER E 197 -1.68 -2.94 27.32
CA SER E 197 -2.27 -1.67 26.85
C SER E 197 -1.86 -1.37 25.41
N GLY E 198 -2.63 -0.53 24.74
CA GLY E 198 -2.47 -0.34 23.29
C GLY E 198 -2.95 -1.57 22.54
N ASP E 199 -2.24 -1.91 21.46
CA ASP E 199 -2.62 -3.00 20.56
C ASP E 199 -2.23 -4.33 21.20
N ARG E 200 -3.24 -5.01 21.76
CA ARG E 200 -3.01 -6.14 22.65
C ARG E 200 -3.91 -7.37 22.39
N HIS E 201 -4.58 -7.43 21.22
CA HIS E 201 -5.58 -8.47 20.95
C HIS E 201 -5.34 -9.12 19.59
N PRO E 202 -5.84 -10.35 19.38
CA PRO E 202 -5.47 -11.07 18.15
C PRO E 202 -6.01 -10.54 16.83
N LYS E 203 -5.30 -10.91 15.77
CA LYS E 203 -5.58 -10.55 14.40
C LYS E 203 -5.89 -11.86 13.68
N ILE E 204 -7.18 -12.14 13.50
CA ILE E 204 -7.64 -13.37 12.90
C ILE E 204 -7.92 -13.09 11.44
N ARG E 205 -7.18 -13.78 10.57
CA ARG E 205 -7.25 -13.54 9.12
C ARG E 205 -8.31 -14.43 8.48
N GLU E 206 -8.54 -14.22 7.18
CA GLU E 206 -9.63 -14.85 6.43
C GLU E 206 -9.74 -16.36 6.56
N GLY E 207 -10.97 -16.83 6.66
CA GLY E 207 -11.27 -18.26 6.66
C GLY E 207 -10.80 -19.07 7.86
N VAL E 208 -10.38 -18.41 8.95
CA VAL E 208 -9.89 -19.14 10.12
C VAL E 208 -11.08 -19.78 10.83
N MET E 209 -10.85 -20.99 11.33
CA MET E 209 -11.81 -21.73 12.15
C MET E 209 -11.24 -21.75 13.56
N ILE E 210 -12.06 -21.45 14.57
CA ILE E 210 -11.59 -21.47 15.98
C ILE E 210 -12.52 -22.36 16.78
N GLY E 211 -11.96 -23.44 17.33
CA GLY E 211 -12.75 -24.42 18.08
C GLY E 211 -13.18 -23.97 19.45
N ALA E 212 -14.09 -24.73 20.04
CA ALA E 212 -14.74 -24.41 21.30
C ALA E 212 -13.75 -24.24 22.43
N GLY E 213 -13.88 -23.11 23.16
CA GLY E 213 -13.05 -22.85 24.31
C GLY E 213 -11.60 -22.44 24.06
N ALA E 214 -11.25 -22.10 22.81
CA ALA E 214 -9.88 -21.67 22.53
C ALA E 214 -9.64 -20.26 23.06
N LYS E 215 -8.47 -20.03 23.65
CA LYS E 215 -8.03 -18.70 24.06
C LYS E 215 -6.87 -18.30 23.13
N ILE E 216 -7.04 -17.19 22.44
CA ILE E 216 -6.01 -16.61 21.58
C ILE E 216 -5.69 -15.28 22.21
N LEU E 217 -4.44 -15.13 22.69
CA LEU E 217 -4.06 -14.02 23.55
C LEU E 217 -2.89 -13.22 23.00
N GLY E 218 -2.97 -11.90 23.15
CA GLY E 218 -1.96 -10.95 22.67
C GLY E 218 -2.18 -10.47 21.24
N ASN E 219 -1.38 -9.50 20.82
CA ASN E 219 -1.40 -9.02 19.44
C ASN E 219 -0.60 -9.96 18.56
N ILE E 220 -1.23 -11.08 18.22
CA ILE E 220 -0.60 -12.13 17.46
C ILE E 220 -1.48 -12.47 16.25
N GLU E 221 -0.83 -12.79 15.15
CA GLU E 221 -1.50 -13.18 13.91
C GLU E 221 -2.00 -14.62 13.96
N VAL E 222 -3.19 -14.84 13.43
CA VAL E 222 -3.64 -16.17 13.04
C VAL E 222 -3.84 -16.08 11.54
N GLY E 223 -2.86 -16.59 10.79
CA GLY E 223 -2.88 -16.52 9.33
C GLY E 223 -4.09 -17.16 8.66
N ARG E 224 -4.31 -16.78 7.40
CA ARG E 224 -5.50 -17.19 6.69
C ARG E 224 -5.62 -18.69 6.52
N GLY E 225 -6.86 -19.18 6.68
CA GLY E 225 -7.16 -20.60 6.55
C GLY E 225 -6.69 -21.49 7.67
N ALA E 226 -6.12 -20.93 8.74
CA ALA E 226 -5.68 -21.72 9.88
C ALA E 226 -6.87 -22.29 10.67
N LYS E 227 -6.58 -23.30 11.49
CA LYS E 227 -7.57 -24.08 12.21
C LYS E 227 -7.10 -24.15 13.66
N ILE E 228 -7.79 -23.47 14.57
CA ILE E 228 -7.39 -23.43 15.98
C ILE E 228 -8.22 -24.48 16.73
N GLY E 229 -7.51 -25.37 17.42
CA GLY E 229 -8.12 -26.49 18.10
C GLY E 229 -8.95 -26.07 19.30
N ALA E 230 -9.98 -26.86 19.57
CA ALA E 230 -10.76 -26.68 20.79
C ALA E 230 -9.87 -26.70 22.02
N GLY E 231 -10.08 -25.76 22.94
CA GLY E 231 -9.36 -25.76 24.20
C GLY E 231 -7.90 -25.38 24.12
N SER E 232 -7.48 -24.85 22.95
CA SER E 232 -6.10 -24.40 22.75
C SER E 232 -5.89 -23.12 23.49
N VAL E 233 -4.62 -22.84 23.79
CA VAL E 233 -4.19 -21.55 24.32
C VAL E 233 -3.08 -21.07 23.41
N VAL E 234 -3.45 -20.19 22.49
CA VAL E 234 -2.57 -19.71 21.45
C VAL E 234 -1.91 -18.45 21.96
N LEU E 235 -0.61 -18.54 22.26
CA LEU E 235 0.22 -17.40 22.67
C LEU E 235 1.20 -16.91 21.61
N GLN E 236 1.46 -17.70 20.56
CA GLN E 236 2.37 -17.33 19.49
C GLN E 236 1.61 -17.29 18.17
N PRO E 237 2.12 -16.55 17.17
CA PRO E 237 1.44 -16.51 15.87
C PRO E 237 1.29 -17.88 15.21
N VAL E 238 0.20 -18.05 14.45
CA VAL E 238 -0.11 -19.32 13.80
C VAL E 238 -0.02 -19.11 12.29
N PRO E 239 0.90 -19.84 11.61
CA PRO E 239 1.04 -19.68 10.17
C PRO E 239 -0.25 -19.96 9.37
N PRO E 240 -0.43 -19.28 8.22
CA PRO E 240 -1.56 -19.57 7.34
C PRO E 240 -1.70 -21.05 7.03
N HIS E 241 -2.94 -21.50 6.88
CA HIS E 241 -3.26 -22.87 6.43
C HIS E 241 -2.67 -24.01 7.29
N THR E 242 -2.46 -23.75 8.58
CA THR E 242 -1.98 -24.78 9.53
C THR E 242 -2.99 -24.98 10.66
N THR E 243 -2.87 -26.13 11.34
CA THR E 243 -3.69 -26.46 12.51
C THR E 243 -2.87 -26.32 13.79
N ALA E 244 -3.27 -25.38 14.67
CA ALA E 244 -2.59 -25.15 15.95
C ALA E 244 -3.49 -25.64 17.09
N ALA E 245 -2.92 -26.44 17.98
CA ALA E 245 -3.69 -26.99 19.11
C ALA E 245 -2.79 -27.28 20.31
N GLY E 246 -3.42 -27.47 21.47
CA GLY E 246 -2.73 -27.76 22.73
C GLY E 246 -2.65 -26.57 23.68
N VAL E 247 -2.17 -26.83 24.89
CA VAL E 247 -1.89 -25.79 25.88
C VAL E 247 -0.36 -25.81 26.22
N PRO E 248 0.44 -24.89 25.68
CA PRO E 248 0.05 -23.88 24.71
C PRO E 248 -0.06 -24.48 23.31
N ALA E 249 -0.55 -23.69 22.37
CA ALA E 249 -0.74 -24.15 21.01
C ALA E 249 0.59 -24.32 20.27
N ARG E 250 0.72 -25.43 19.54
CA ARG E 250 1.78 -25.62 18.54
C ARG E 250 1.20 -26.32 17.33
N ILE E 251 1.96 -26.32 16.24
CA ILE E 251 1.47 -26.80 14.95
C ILE E 251 1.35 -28.33 15.02
N VAL E 252 0.22 -28.87 14.55
CA VAL E 252 -0.05 -30.33 14.55
C VAL E 252 -0.51 -30.94 13.20
N GLY E 253 -0.72 -30.12 12.18
CA GLY E 253 -1.29 -30.61 10.92
C GLY E 253 -1.68 -29.48 9.99
N LYS E 254 -2.67 -29.75 9.12
CA LYS E 254 -3.13 -28.80 8.09
C LYS E 254 -4.66 -28.70 8.08
N CYS F 11 -33.83 -45.04 39.41
CA CYS F 11 -34.17 -43.75 40.09
C CYS F 11 -35.36 -43.98 41.05
N GLU F 12 -36.17 -42.96 41.32
CA GLU F 12 -37.42 -43.10 42.11
C GLU F 12 -38.39 -41.96 41.77
N GLU F 13 -39.69 -42.23 41.89
CA GLU F 13 -40.76 -41.32 41.43
C GLU F 13 -42.03 -41.58 42.27
N LEU F 14 -43.06 -40.74 42.17
CA LEU F 14 -43.22 -39.52 41.37
C LEU F 14 -44.13 -38.65 42.22
N GLU F 15 -45.23 -39.24 42.68
CA GLU F 15 -46.17 -38.57 43.57
C GLU F 15 -45.54 -38.40 44.92
N ILE F 16 -44.51 -39.19 45.17
CA ILE F 16 -43.81 -39.12 46.39
C ILE F 16 -42.92 -37.89 46.33
N VAL F 17 -42.23 -37.67 45.21
CA VAL F 17 -41.40 -36.48 45.11
C VAL F 17 -42.28 -35.23 45.10
N TRP F 18 -43.39 -35.28 44.41
CA TRP F 18 -44.27 -34.13 44.36
C TRP F 18 -44.77 -33.78 45.73
N LYS F 19 -45.14 -34.79 46.50
CA LYS F 19 -45.64 -34.55 47.84
C LYS F 19 -44.55 -33.98 48.72
N ASN F 20 -43.32 -34.42 48.54
CA ASN F 20 -42.22 -33.89 49.31
C ASN F 20 -42.00 -32.44 48.94
N ILE F 21 -41.99 -32.17 47.65
CA ILE F 21 -41.85 -30.80 47.16
C ILE F 21 -42.87 -29.89 47.80
N LYS F 22 -44.12 -30.28 47.79
CA LYS F 22 -45.16 -29.47 48.39
C LYS F 22 -45.01 -29.31 49.89
N ALA F 23 -44.54 -30.36 50.55
CA ALA F 23 -44.28 -30.31 51.96
C ALA F 23 -43.20 -29.30 52.24
N GLU F 24 -42.11 -29.34 51.50
CA GLU F 24 -41.04 -28.38 51.69
C GLU F 24 -41.51 -26.95 51.45
N ALA F 25 -42.23 -26.73 50.37
CA ALA F 25 -42.70 -25.40 50.02
C ALA F 25 -43.62 -24.78 51.08
N ARG F 26 -44.50 -25.58 51.66
CA ARG F 26 -45.38 -25.08 52.68
C ARG F 26 -44.60 -24.55 53.86
N ALA F 27 -43.63 -25.31 54.32
CA ALA F 27 -42.77 -24.92 55.45
C ALA F 27 -41.89 -23.73 55.09
N LEU F 28 -41.28 -23.76 53.90
CA LEU F 28 -40.43 -22.65 53.45
C LEU F 28 -41.19 -21.32 53.32
N ALA F 29 -42.43 -21.39 52.80
CA ALA F 29 -43.34 -20.23 52.76
C ALA F 29 -43.55 -19.56 54.13
N ASP F 30 -43.69 -20.38 55.18
CA ASP F 30 -43.83 -19.86 56.56
C ASP F 30 -42.54 -19.22 57.09
N CYS F 31 -41.38 -19.77 56.76
CA CYS F 31 -40.12 -19.27 57.32
C CYS F 31 -39.50 -18.10 56.55
N GLU F 32 -39.94 -17.87 55.30
CA GLU F 32 -39.46 -16.72 54.50
C GLU F 32 -40.62 -15.94 53.82
N PRO F 33 -41.21 -14.95 54.52
CA PRO F 33 -42.34 -14.16 54.02
C PRO F 33 -42.13 -13.49 52.65
N MET F 34 -40.91 -13.04 52.35
CA MET F 34 -40.62 -12.39 51.07
C MET F 34 -40.75 -13.34 49.88
N LEU F 35 -40.62 -14.64 50.11
CA LEU F 35 -40.76 -15.66 49.07
C LEU F 35 -42.06 -16.42 49.08
N ALA F 36 -42.92 -16.19 50.06
CA ALA F 36 -44.21 -16.92 50.13
C ALA F 36 -44.99 -16.81 48.81
N SER F 37 -45.08 -15.61 48.24
CA SER F 37 -45.77 -15.41 46.98
C SER F 37 -45.14 -16.28 45.88
N PHE F 38 -43.81 -16.29 45.82
CA PHE F 38 -43.04 -17.10 44.87
C PHE F 38 -43.33 -18.60 45.04
N TYR F 39 -43.32 -19.10 46.28
CA TYR F 39 -43.63 -20.50 46.54
C TYR F 39 -45.06 -20.89 46.16
N HIS F 40 -46.02 -20.01 46.43
CA HIS F 40 -47.41 -20.26 46.03
C HIS F 40 -47.62 -20.29 44.51
N ALA F 41 -47.07 -19.31 43.79
CA ALA F 41 -47.21 -19.27 42.32
C ALA F 41 -46.48 -20.41 41.61
N THR F 42 -45.29 -20.74 42.07
CA THR F 42 -44.43 -21.73 41.41
C THR F 42 -44.79 -23.17 41.77
N LEU F 43 -45.29 -23.40 43.00
CA LEU F 43 -45.52 -24.78 43.47
C LEU F 43 -46.88 -25.08 44.09
N LEU F 44 -47.25 -24.32 45.10
CA LEU F 44 -48.35 -24.71 45.99
C LEU F 44 -49.76 -24.65 45.37
N LYS F 45 -49.95 -23.84 44.32
CA LYS F 45 -51.24 -23.75 43.65
C LYS F 45 -51.44 -24.84 42.61
N HIS F 46 -50.42 -25.64 42.34
CA HIS F 46 -50.46 -26.69 41.33
C HIS F 46 -50.80 -28.04 41.91
N GLU F 47 -51.49 -28.86 41.13
CA GLU F 47 -52.00 -30.17 41.58
C GLU F 47 -51.01 -31.31 41.37
N ASN F 48 -50.02 -31.09 40.52
CA ASN F 48 -49.06 -32.13 40.17
C ASN F 48 -47.80 -31.50 39.60
N LEU F 49 -46.75 -32.31 39.49
CA LEU F 49 -45.46 -31.82 39.03
C LEU F 49 -45.46 -31.27 37.59
N GLY F 50 -46.18 -31.93 36.69
CA GLY F 50 -46.30 -31.50 35.29
C GLY F 50 -46.87 -30.10 35.12
N SER F 51 -47.90 -29.80 35.91
CA SER F 51 -48.48 -28.46 35.98
C SER F 51 -47.49 -27.42 36.47
N ALA F 52 -46.75 -27.73 37.52
CA ALA F 52 -45.73 -26.84 38.06
C ALA F 52 -44.61 -26.63 37.03
N LEU F 53 -44.19 -27.73 36.39
CA LEU F 53 -43.17 -27.69 35.33
C LEU F 53 -43.53 -26.82 34.13
N SER F 54 -44.73 -27.00 33.60
CA SER F 54 -45.17 -26.22 32.42
C SER F 54 -45.25 -24.74 32.74
N TYR F 55 -45.81 -24.43 33.91
CA TYR F 55 -45.90 -23.06 34.42
C TYR F 55 -44.51 -22.41 34.52
N MET F 56 -43.57 -23.14 35.15
CA MET F 56 -42.18 -22.70 35.37
C MET F 56 -41.47 -22.45 34.05
N LEU F 57 -41.54 -23.43 33.15
CA LEU F 57 -40.85 -23.33 31.86
C LEU F 57 -41.44 -22.20 31.00
N ALA F 58 -42.76 -22.08 31.01
CA ALA F 58 -43.44 -20.99 30.30
C ALA F 58 -43.01 -19.62 30.83
N ASN F 59 -42.99 -19.46 32.16
CA ASN F 59 -42.56 -18.17 32.77
C ASN F 59 -41.11 -17.81 32.50
N LYS F 60 -40.22 -18.78 32.62
CA LYS F 60 -38.79 -18.54 32.44
C LYS F 60 -38.37 -18.36 30.96
N LEU F 61 -39.11 -18.95 30.02
CA LEU F 61 -38.76 -18.84 28.60
C LEU F 61 -39.54 -17.74 27.87
N ALA F 62 -40.56 -17.17 28.52
CA ALA F 62 -41.36 -16.07 27.95
C ALA F 62 -40.52 -14.90 27.44
N SER F 63 -40.95 -14.28 26.36
CA SER F 63 -40.28 -13.12 25.77
C SER F 63 -41.31 -12.26 25.03
N PRO F 64 -40.93 -11.02 24.64
CA PRO F 64 -41.75 -10.24 23.71
C PRO F 64 -42.22 -11.08 22.51
N ILE F 65 -41.25 -11.70 21.81
CA ILE F 65 -41.54 -12.53 20.63
C ILE F 65 -42.46 -13.75 20.84
N MET F 66 -42.58 -14.29 22.08
CA MET F 66 -43.59 -15.32 22.40
C MET F 66 -43.89 -15.52 23.90
N PRO F 67 -45.14 -15.23 24.32
CA PRO F 67 -45.43 -15.11 25.76
C PRO F 67 -45.59 -16.43 26.50
N ALA F 68 -45.57 -16.35 27.84
CA ALA F 68 -45.71 -17.52 28.72
C ALA F 68 -46.98 -18.32 28.44
N ILE F 69 -48.10 -17.62 28.25
CA ILE F 69 -49.38 -18.28 27.97
C ILE F 69 -49.33 -19.19 26.73
N ALA F 70 -48.54 -18.80 25.71
CA ALA F 70 -48.36 -19.61 24.48
C ALA F 70 -47.40 -20.78 24.67
N ILE F 71 -46.27 -20.54 25.33
CA ILE F 71 -45.31 -21.60 25.63
C ILE F 71 -45.97 -22.65 26.51
N ARG F 72 -46.77 -22.23 27.49
CA ARG F 72 -47.41 -23.23 28.35
C ARG F 72 -48.30 -24.25 27.62
N GLU F 73 -49.05 -23.81 26.61
CA GLU F 73 -49.87 -24.71 25.77
C GLU F 73 -49.07 -25.86 25.17
N VAL F 74 -47.93 -25.51 24.60
CA VAL F 74 -47.04 -26.45 23.92
C VAL F 74 -46.51 -27.47 24.91
N VAL F 75 -46.05 -26.99 26.07
CA VAL F 75 -45.46 -27.87 27.09
C VAL F 75 -46.56 -28.83 27.61
N GLU F 76 -47.75 -28.29 27.86
CA GLU F 76 -48.90 -29.11 28.31
C GLU F 76 -49.30 -30.19 27.28
N GLU F 77 -49.26 -29.85 26.00
CA GLU F 77 -49.57 -30.84 24.93
C GLU F 77 -48.56 -31.99 24.91
N ALA F 78 -47.28 -31.68 25.06
CA ALA F 78 -46.23 -32.70 25.11
C ALA F 78 -46.36 -33.62 26.32
N TYR F 79 -46.55 -33.02 27.50
CA TYR F 79 -46.76 -33.78 28.73
C TYR F 79 -48.04 -34.62 28.71
N ALA F 80 -49.07 -34.16 28.02
CA ALA F 80 -50.31 -34.96 27.91
C ALA F 80 -50.10 -36.14 26.95
N ALA F 81 -49.26 -35.96 25.93
CA ALA F 81 -48.93 -37.01 24.96
C ALA F 81 -47.85 -38.00 25.45
N ASP F 82 -46.85 -37.52 26.20
CA ASP F 82 -45.80 -38.40 26.76
C ASP F 82 -45.52 -38.05 28.23
N PRO F 83 -46.38 -38.53 29.16
CA PRO F 83 -46.19 -38.20 30.58
C PRO F 83 -44.93 -38.80 31.24
N GLU F 84 -44.24 -39.74 30.58
CA GLU F 84 -42.93 -40.20 31.06
C GLU F 84 -41.86 -39.09 31.14
N MET F 85 -42.01 -38.01 30.36
CA MET F 85 -41.16 -36.82 30.52
C MET F 85 -41.23 -36.22 31.93
N ILE F 86 -42.39 -36.31 32.58
CA ILE F 86 -42.58 -35.79 33.94
C ILE F 86 -41.85 -36.70 34.93
N ALA F 87 -41.99 -38.01 34.72
CA ALA F 87 -41.20 -39.00 35.48
C ALA F 87 -39.72 -38.76 35.29
N SER F 88 -39.28 -38.49 34.07
CA SER F 88 -37.86 -38.17 33.86
C SER F 88 -37.44 -36.92 34.67
N ALA F 89 -38.28 -35.88 34.64
CA ALA F 89 -38.04 -34.70 35.50
C ALA F 89 -37.84 -35.07 36.97
N ALA F 90 -38.69 -35.95 37.51
CA ALA F 90 -38.54 -36.41 38.89
C ALA F 90 -37.18 -37.09 39.13
N CYS F 91 -36.75 -37.96 38.20
CA CYS F 91 -35.42 -38.60 38.29
C CYS F 91 -34.32 -37.56 38.26
N ASP F 92 -34.48 -36.57 37.40
CA ASP F 92 -33.51 -35.48 37.31
C ASP F 92 -33.46 -34.65 38.60
N ILE F 93 -34.59 -34.46 39.27
CA ILE F 93 -34.59 -33.72 40.55
C ILE F 93 -33.74 -34.50 41.58
N GLN F 94 -34.00 -35.80 41.67
CA GLN F 94 -33.28 -36.68 42.60
C GLN F 94 -31.81 -36.75 42.29
N ALA F 95 -31.48 -36.82 41.00
CA ALA F 95 -30.09 -36.77 40.53
C ALA F 95 -29.32 -35.64 41.19
N VAL F 96 -29.88 -34.43 41.14
CA VAL F 96 -29.25 -33.26 41.73
C VAL F 96 -29.18 -33.40 43.24
N ARG F 97 -30.28 -33.79 43.87
CA ARG F 97 -30.32 -33.88 45.32
C ARG F 97 -29.31 -34.90 45.86
N THR F 98 -29.20 -36.04 45.17
CA THR F 98 -28.29 -37.09 45.60
C THR F 98 -26.81 -36.73 45.32
N ARG F 99 -26.50 -36.09 44.18
CA ARG F 99 -25.10 -35.81 43.77
C ARG F 99 -24.52 -34.46 44.20
N ASP F 100 -25.35 -33.42 44.27
CA ASP F 100 -24.88 -32.06 44.62
C ASP F 100 -24.93 -31.92 46.14
N PRO F 101 -23.76 -31.73 46.79
CA PRO F 101 -23.78 -31.54 48.26
C PRO F 101 -24.51 -30.27 48.75
N ALA F 102 -24.50 -29.20 47.96
CA ALA F 102 -25.24 -27.97 48.28
C ALA F 102 -26.76 -28.18 48.37
N VAL F 103 -27.32 -29.03 47.51
CA VAL F 103 -28.77 -29.24 47.42
C VAL F 103 -29.26 -30.40 48.28
N ASP F 104 -30.14 -30.11 49.23
CA ASP F 104 -30.72 -31.14 50.10
C ASP F 104 -32.26 -31.18 50.11
N LYS F 105 -32.90 -30.40 49.24
CA LYS F 105 -34.36 -30.39 49.13
C LYS F 105 -34.79 -30.76 47.71
N TYR F 106 -35.91 -31.46 47.61
CA TYR F 106 -36.51 -31.81 46.32
C TYR F 106 -36.98 -30.59 45.52
N SER F 107 -37.38 -29.53 46.23
CA SER F 107 -37.92 -28.34 45.57
C SER F 107 -36.84 -27.50 44.89
N THR F 108 -35.58 -27.60 45.37
CA THR F 108 -34.49 -26.72 44.92
C THR F 108 -34.15 -26.78 43.42
N PRO F 109 -33.95 -28.00 42.84
CA PRO F 109 -33.69 -28.00 41.40
C PRO F 109 -34.84 -27.44 40.58
N LEU F 110 -36.07 -27.81 40.97
CA LEU F 110 -37.26 -27.39 40.28
C LEU F 110 -37.44 -25.88 40.40
N LEU F 111 -37.17 -25.31 41.57
CA LEU F 111 -37.29 -23.86 41.76
C LEU F 111 -36.19 -23.01 41.09
N TYR F 112 -34.94 -23.43 41.18
CA TYR F 112 -33.80 -22.52 41.01
C TYR F 112 -32.78 -22.84 39.94
N LEU F 113 -32.64 -24.11 39.55
CA LEU F 113 -31.43 -24.52 38.84
C LEU F 113 -31.65 -24.53 37.35
N LYS F 114 -30.92 -23.65 36.65
CA LYS F 114 -31.14 -23.46 35.23
C LYS F 114 -30.77 -24.69 34.42
N GLY F 115 -29.87 -25.52 34.96
CA GLY F 115 -29.53 -26.79 34.32
C GLY F 115 -30.70 -27.77 34.32
N PHE F 116 -31.37 -27.87 35.45
CA PHE F 116 -32.57 -28.68 35.55
C PHE F 116 -33.65 -28.20 34.56
N HIS F 117 -33.94 -26.91 34.57
CA HIS F 117 -34.92 -26.30 33.62
C HIS F 117 -34.56 -26.54 32.15
N ALA F 118 -33.30 -26.36 31.82
CA ALA F 118 -32.82 -26.53 30.45
C ALA F 118 -33.03 -27.96 29.99
N LEU F 119 -32.79 -28.89 30.90
CA LEU F 119 -32.98 -30.31 30.65
C LEU F 119 -34.46 -30.64 30.38
N GLN F 120 -35.34 -30.08 31.21
CA GLN F 120 -36.77 -30.30 31.02
C GLN F 120 -37.29 -29.60 29.75
N ALA F 121 -36.77 -28.42 29.43
CA ALA F 121 -37.12 -27.76 28.17
C ALA F 121 -36.63 -28.58 26.97
N TYR F 122 -35.43 -29.15 27.08
CA TYR F 122 -34.94 -30.10 26.06
C TYR F 122 -35.96 -31.22 25.78
N ARG F 123 -36.53 -31.82 26.84
CA ARG F 123 -37.45 -32.95 26.68
C ARG F 123 -38.68 -32.59 25.84
N ILE F 124 -39.21 -31.40 26.05
CA ILE F 124 -40.30 -30.88 25.25
C ILE F 124 -39.86 -30.70 23.79
N GLY F 125 -38.65 -30.14 23.60
CA GLY F 125 -38.13 -29.92 22.26
C GLY F 125 -37.87 -31.24 21.52
N HIS F 126 -37.35 -32.23 22.25
CA HIS F 126 -37.10 -33.57 21.69
C HIS F 126 -38.41 -34.28 21.27
N TRP F 127 -39.45 -34.15 22.09
CA TRP F 127 -40.77 -34.64 21.74
C TRP F 127 -41.29 -33.96 20.45
N LEU F 128 -41.24 -32.63 20.42
CA LEU F 128 -41.60 -31.87 19.23
C LEU F 128 -40.80 -32.31 18.01
N TRP F 129 -39.50 -32.45 18.18
CA TRP F 129 -38.63 -32.80 17.06
C TRP F 129 -39.03 -34.15 16.44
N ASN F 130 -39.29 -35.14 17.28
CA ASN F 130 -39.68 -36.50 16.82
C ASN F 130 -41.06 -36.58 16.17
N LYS F 131 -41.98 -35.71 16.63
CA LYS F 131 -43.26 -35.48 15.98
C LYS F 131 -43.18 -34.67 14.67
N GLY F 132 -41.99 -34.29 14.22
CA GLY F 132 -41.83 -33.51 12.99
C GLY F 132 -42.09 -32.02 13.14
N ARG F 133 -42.27 -31.56 14.37
CA ARG F 133 -42.53 -30.15 14.65
C ARG F 133 -41.17 -29.48 14.97
N ARG F 134 -40.36 -29.39 13.92
CA ARG F 134 -38.95 -29.02 14.07
C ARG F 134 -38.72 -27.53 14.32
N ALA F 135 -39.50 -26.68 13.65
CA ALA F 135 -39.43 -25.23 13.86
C ALA F 135 -39.66 -24.84 15.33
N LEU F 136 -40.66 -25.47 15.95
CA LEU F 136 -40.98 -25.22 17.34
C LEU F 136 -39.90 -25.77 18.28
N ALA F 137 -39.31 -26.91 17.91
CA ALA F 137 -38.20 -27.48 18.67
C ALA F 137 -36.97 -26.57 18.61
N ILE F 138 -36.69 -26.02 17.43
CA ILE F 138 -35.54 -25.14 17.22
C ILE F 138 -35.78 -23.76 17.88
N PHE F 139 -37.02 -23.28 17.81
CA PHE F 139 -37.36 -22.07 18.58
C PHE F 139 -37.03 -22.28 20.06
N LEU F 140 -37.51 -23.38 20.65
CA LEU F 140 -37.27 -23.65 22.07
C LEU F 140 -35.79 -23.87 22.41
N GLN F 141 -35.09 -24.67 21.61
CA GLN F 141 -33.64 -24.85 21.80
C GLN F 141 -32.91 -23.53 22.02
N ASN F 142 -33.21 -22.58 21.15
CA ASN F 142 -32.47 -21.34 21.09
C ASN F 142 -32.96 -20.32 22.12
N GLN F 143 -34.22 -20.40 22.53
CA GLN F 143 -34.70 -19.60 23.67
C GLN F 143 -34.10 -20.11 24.99
N VAL F 144 -33.94 -21.43 25.10
CA VAL F 144 -33.23 -22.07 26.20
C VAL F 144 -31.77 -21.61 26.22
N SER F 145 -31.13 -21.53 25.06
CA SER F 145 -29.76 -21.00 24.98
C SER F 145 -29.60 -19.57 25.53
N VAL F 146 -30.56 -18.70 25.18
CA VAL F 146 -30.57 -17.30 25.64
C VAL F 146 -30.92 -17.21 27.12
N SER F 147 -31.94 -17.96 27.55
CA SER F 147 -32.49 -17.84 28.91
C SER F 147 -31.69 -18.57 29.99
N PHE F 148 -31.25 -19.79 29.69
CA PHE F 148 -30.55 -20.66 30.63
C PHE F 148 -29.10 -20.95 30.23
N GLN F 149 -28.68 -20.46 29.07
CA GLN F 149 -27.29 -20.51 28.57
C GLN F 149 -26.82 -21.94 28.33
N VAL F 150 -27.76 -22.79 27.94
CA VAL F 150 -27.51 -24.19 27.61
C VAL F 150 -28.08 -24.37 26.21
N ASP F 151 -27.26 -24.91 25.29
CA ASP F 151 -27.64 -25.11 23.91
C ASP F 151 -27.58 -26.61 23.58
N ILE F 152 -28.73 -27.29 23.70
CA ILE F 152 -28.89 -28.70 23.37
C ILE F 152 -29.75 -28.82 22.10
N HIS F 153 -29.19 -29.43 21.05
CA HIS F 153 -29.97 -29.71 19.86
C HIS F 153 -31.07 -30.74 20.21
N PRO F 154 -32.34 -30.48 19.81
CA PRO F 154 -33.45 -31.34 20.28
C PRO F 154 -33.45 -32.79 19.76
N ALA F 155 -32.72 -33.06 18.68
CA ALA F 155 -32.42 -34.42 18.18
C ALA F 155 -31.43 -35.23 19.01
N ALA F 156 -30.69 -34.58 19.90
CA ALA F 156 -29.86 -35.30 20.87
C ALA F 156 -30.75 -36.24 21.66
N LYS F 157 -30.21 -37.40 22.03
CA LYS F 157 -30.97 -38.38 22.81
C LYS F 157 -30.39 -38.43 24.21
N ILE F 158 -31.21 -38.03 25.17
CA ILE F 158 -30.78 -37.81 26.55
C ILE F 158 -31.73 -38.57 27.45
N GLY F 159 -31.14 -39.38 28.33
CA GLY F 159 -31.90 -40.18 29.29
C GLY F 159 -32.32 -39.40 30.52
N ARG F 160 -32.47 -40.10 31.63
CA ARG F 160 -32.95 -39.48 32.87
C ARG F 160 -31.95 -39.69 34.01
N GLY F 161 -32.19 -38.96 35.11
CA GLY F 161 -31.22 -38.85 36.19
C GLY F 161 -29.99 -38.06 35.77
N ILE F 162 -30.17 -37.08 34.87
CA ILE F 162 -29.08 -36.25 34.38
C ILE F 162 -28.97 -35.01 35.29
N MET F 163 -27.74 -34.66 35.65
CA MET F 163 -27.46 -33.42 36.37
C MET F 163 -26.65 -32.55 35.45
N LEU F 164 -27.15 -31.33 35.21
CA LEU F 164 -26.40 -30.30 34.53
C LEU F 164 -26.00 -29.28 35.59
N ASP F 165 -24.82 -29.50 36.19
CA ASP F 165 -24.39 -28.75 37.38
C ASP F 165 -23.88 -27.38 36.93
N HIS F 166 -24.48 -26.30 37.43
CA HIS F 166 -24.15 -24.92 37.04
C HIS F 166 -24.57 -24.58 35.60
N ALA F 167 -24.13 -25.40 34.65
CA ALA F 167 -24.75 -25.51 33.33
C ALA F 167 -24.36 -24.44 32.29
N THR F 168 -23.89 -23.28 32.71
CA THR F 168 -23.67 -22.22 31.73
C THR F 168 -22.56 -22.60 30.73
N GLY F 169 -22.90 -22.43 29.45
CA GLY F 169 -22.02 -22.70 28.35
C GLY F 169 -22.07 -24.13 27.86
N ILE F 170 -22.96 -24.97 28.39
CA ILE F 170 -23.10 -26.36 27.87
C ILE F 170 -23.63 -26.35 26.42
N VAL F 171 -23.02 -27.17 25.56
CA VAL F 171 -23.39 -27.29 24.18
C VAL F 171 -23.40 -28.77 23.81
N VAL F 172 -24.56 -29.27 23.37
CA VAL F 172 -24.73 -30.67 22.95
C VAL F 172 -25.25 -30.73 21.52
N GLY F 173 -24.54 -31.48 20.66
CA GLY F 173 -24.85 -31.54 19.23
C GLY F 173 -25.96 -32.49 18.82
N GLU F 174 -26.42 -32.30 17.58
CA GLU F 174 -27.57 -33.02 16.97
C GLU F 174 -27.60 -34.55 17.14
N THR F 175 -26.43 -35.18 17.02
CA THR F 175 -26.32 -36.65 16.96
C THR F 175 -25.74 -37.22 18.25
N ALA F 176 -25.69 -36.40 19.32
CA ALA F 176 -25.16 -36.84 20.60
C ALA F 176 -26.13 -37.75 21.34
N VAL F 177 -25.57 -38.57 22.22
CA VAL F 177 -26.36 -39.43 23.11
C VAL F 177 -25.79 -39.26 24.50
N ILE F 178 -26.70 -39.18 25.47
CA ILE F 178 -26.35 -39.08 26.88
C ILE F 178 -27.28 -40.05 27.60
N GLU F 179 -26.69 -41.13 28.13
CA GLU F 179 -27.47 -42.14 28.80
C GLU F 179 -27.77 -41.73 30.23
N ASP F 180 -28.56 -42.56 30.89
CA ASP F 180 -28.97 -42.32 32.26
C ASP F 180 -27.82 -42.03 33.23
N ASP F 181 -28.13 -41.23 34.24
CA ASP F 181 -27.26 -40.99 35.39
C ASP F 181 -25.94 -40.27 35.07
N VAL F 182 -25.92 -39.47 34.00
CA VAL F 182 -24.74 -38.72 33.61
C VAL F 182 -24.74 -37.37 34.34
N SER F 183 -23.56 -36.91 34.74
CA SER F 183 -23.40 -35.59 35.36
C SER F 183 -22.45 -34.75 34.49
N ILE F 184 -22.88 -33.54 34.14
CA ILE F 184 -22.17 -32.66 33.22
C ILE F 184 -22.07 -31.30 33.86
N LEU F 185 -20.86 -30.73 33.90
CA LEU F 185 -20.65 -29.41 34.47
C LEU F 185 -20.70 -28.31 33.39
N GLN F 186 -20.62 -27.07 33.87
CA GLN F 186 -20.52 -25.87 33.05
C GLN F 186 -19.46 -25.94 31.94
N SER F 187 -19.78 -25.27 30.83
CA SER F 187 -18.92 -25.09 29.66
C SER F 187 -18.47 -26.41 29.01
N VAL F 188 -19.27 -27.46 29.15
CA VAL F 188 -18.98 -28.75 28.49
C VAL F 188 -19.58 -28.75 27.08
N THR F 189 -18.77 -29.16 26.10
CA THR F 189 -19.18 -29.30 24.72
C THR F 189 -19.15 -30.77 24.35
N LEU F 190 -20.30 -31.27 23.89
CA LEU F 190 -20.40 -32.54 23.16
C LEU F 190 -20.58 -32.15 21.70
N GLY F 191 -19.45 -32.03 20.99
CA GLY F 191 -19.36 -31.38 19.70
C GLY F 191 -18.75 -32.24 18.60
N GLY F 192 -18.55 -31.64 17.43
CA GLY F 192 -17.97 -32.31 16.26
C GLY F 192 -16.49 -32.01 16.09
N THR F 193 -15.91 -32.51 15.00
CA THR F 193 -14.45 -32.49 14.74
C THR F 193 -13.98 -31.33 13.82
N GLY F 194 -14.91 -30.68 13.12
CA GLY F 194 -14.59 -29.49 12.33
C GLY F 194 -15.68 -29.23 11.31
N LYS F 195 -15.31 -29.15 10.04
CA LYS F 195 -16.29 -29.14 8.94
C LYS F 195 -16.83 -30.57 8.75
N THR F 196 -17.67 -31.00 9.68
CA THR F 196 -18.07 -32.40 9.84
C THR F 196 -19.56 -32.62 9.50
N SER F 197 -19.94 -33.85 9.13
CA SER F 197 -21.34 -34.16 8.80
C SER F 197 -21.74 -35.62 9.11
N GLY F 198 -23.05 -35.88 9.08
CA GLY F 198 -23.61 -37.18 9.49
C GLY F 198 -23.54 -37.39 11.01
N ASP F 199 -23.36 -38.64 11.43
CA ASP F 199 -23.24 -39.00 12.84
C ASP F 199 -21.87 -38.53 13.34
N ARG F 200 -21.85 -37.40 14.02
CA ARG F 200 -20.63 -36.64 14.27
C ARG F 200 -20.42 -36.16 15.71
N HIS F 201 -21.22 -36.66 16.66
CA HIS F 201 -21.20 -36.16 18.05
C HIS F 201 -21.05 -37.31 19.03
N PRO F 202 -20.59 -37.03 20.28
CA PRO F 202 -20.26 -38.13 21.19
C PRO F 202 -21.42 -38.94 21.77
N LYS F 203 -21.08 -40.16 22.18
CA LYS F 203 -21.98 -41.08 22.83
C LYS F 203 -21.49 -41.20 24.26
N ILE F 204 -22.22 -40.58 25.19
CA ILE F 204 -21.88 -40.63 26.60
C ILE F 204 -22.74 -41.69 27.24
N ARG F 205 -22.08 -42.70 27.79
CA ARG F 205 -22.75 -43.85 28.36
C ARG F 205 -23.07 -43.63 29.83
N GLU F 206 -23.79 -44.59 30.41
CA GLU F 206 -24.39 -44.47 31.74
C GLU F 206 -23.38 -44.17 32.87
N GLY F 207 -23.78 -43.27 33.77
CA GLY F 207 -22.99 -42.93 34.95
C GLY F 207 -21.74 -42.10 34.74
N VAL F 208 -21.55 -41.54 33.54
CA VAL F 208 -20.36 -40.73 33.22
C VAL F 208 -20.45 -39.39 33.93
N MET F 209 -19.28 -38.89 34.32
CA MET F 209 -19.13 -37.59 34.97
C MET F 209 -18.23 -36.78 34.05
N ILE F 210 -18.63 -35.57 33.70
CA ILE F 210 -17.84 -34.72 32.78
C ILE F 210 -17.53 -33.40 33.47
N GLY F 211 -16.24 -33.15 33.71
CA GLY F 211 -15.79 -31.96 34.40
C GLY F 211 -15.89 -30.66 33.60
N ALA F 212 -15.74 -29.55 34.33
CA ALA F 212 -16.01 -28.22 33.81
C ALA F 212 -15.12 -27.90 32.64
N GLY F 213 -15.73 -27.42 31.54
CA GLY F 213 -14.97 -26.98 30.38
C GLY F 213 -14.43 -28.06 29.47
N ALA F 214 -14.82 -29.32 29.69
CA ALA F 214 -14.34 -30.42 28.83
C ALA F 214 -14.99 -30.35 27.45
N LYS F 215 -14.18 -30.59 26.42
CA LYS F 215 -14.63 -30.73 25.05
C LYS F 215 -14.50 -32.19 24.65
N ILE F 216 -15.62 -32.79 24.25
CA ILE F 216 -15.65 -34.17 23.79
C ILE F 216 -16.13 -34.08 22.36
N LEU F 217 -15.25 -34.40 21.40
CA LEU F 217 -15.50 -34.11 20.00
C LEU F 217 -15.50 -35.38 19.13
N GLY F 218 -16.43 -35.39 18.15
CA GLY F 218 -16.57 -36.50 17.21
C GLY F 218 -17.51 -37.58 17.69
N ASN F 219 -17.85 -38.51 16.79
CA ASN F 219 -18.63 -39.67 17.16
C ASN F 219 -17.74 -40.70 17.85
N ILE F 220 -17.49 -40.45 19.13
CA ILE F 220 -16.64 -41.29 19.95
C ILE F 220 -17.39 -41.70 21.20
N GLU F 221 -17.12 -42.92 21.65
CA GLU F 221 -17.72 -43.46 22.87
C GLU F 221 -17.03 -42.93 24.13
N VAL F 222 -17.81 -42.59 25.14
CA VAL F 222 -17.29 -42.44 26.49
C VAL F 222 -17.98 -43.51 27.33
N GLY F 223 -17.22 -44.55 27.70
CA GLY F 223 -17.76 -45.73 28.36
C GLY F 223 -18.43 -45.52 29.71
N ARG F 224 -19.27 -46.49 30.09
CA ARG F 224 -20.00 -46.43 31.36
C ARG F 224 -19.09 -46.20 32.57
N GLY F 225 -19.49 -45.28 33.46
CA GLY F 225 -18.74 -44.97 34.67
C GLY F 225 -17.43 -44.22 34.52
N ALA F 226 -17.11 -43.78 33.30
CA ALA F 226 -15.92 -42.97 33.07
C ALA F 226 -16.04 -41.55 33.68
N LYS F 227 -14.88 -40.95 33.94
CA LYS F 227 -14.74 -39.63 34.49
C LYS F 227 -13.88 -38.82 33.53
N ILE F 228 -14.44 -37.73 33.00
CA ILE F 228 -13.72 -36.87 32.06
C ILE F 228 -13.27 -35.65 32.84
N GLY F 229 -11.97 -35.35 32.76
CA GLY F 229 -11.38 -34.27 33.53
C GLY F 229 -11.79 -32.89 33.06
N ALA F 230 -11.78 -31.94 33.99
CA ALA F 230 -12.05 -30.57 33.68
C ALA F 230 -11.02 -30.07 32.66
N GLY F 231 -11.49 -29.34 31.64
CA GLY F 231 -10.61 -28.73 30.66
C GLY F 231 -9.98 -29.72 29.69
N SER F 232 -10.48 -30.96 29.66
CA SER F 232 -9.99 -32.00 28.76
C SER F 232 -10.44 -31.72 27.35
N VAL F 233 -9.75 -32.33 26.40
CA VAL F 233 -10.14 -32.35 25.00
C VAL F 233 -10.07 -33.80 24.54
N VAL F 234 -11.24 -34.44 24.53
CA VAL F 234 -11.36 -35.86 24.29
C VAL F 234 -11.62 -36.03 22.80
N LEU F 235 -10.64 -36.63 22.10
CA LEU F 235 -10.72 -36.92 20.66
C LEU F 235 -10.79 -38.42 20.33
N GLN F 236 -10.44 -39.28 21.28
CA GLN F 236 -10.50 -40.72 21.10
C GLN F 236 -11.47 -41.30 22.12
N PRO F 237 -11.99 -42.52 21.86
CA PRO F 237 -12.91 -43.12 22.83
C PRO F 237 -12.27 -43.37 24.20
N VAL F 238 -13.07 -43.23 25.25
CA VAL F 238 -12.62 -43.39 26.63
C VAL F 238 -13.22 -44.70 27.14
N PRO F 239 -12.38 -45.68 27.56
CA PRO F 239 -12.95 -46.94 28.02
C PRO F 239 -13.82 -46.79 29.28
N PRO F 240 -14.78 -47.71 29.51
CA PRO F 240 -15.59 -47.68 30.72
C PRO F 240 -14.77 -47.64 32.01
N HIS F 241 -15.34 -47.04 33.04
CA HIS F 241 -14.73 -46.98 34.37
C HIS F 241 -13.28 -46.48 34.41
N THR F 242 -12.97 -45.53 33.53
CA THR F 242 -11.63 -44.96 33.37
C THR F 242 -11.69 -43.45 33.59
N THR F 243 -10.57 -42.84 34.00
CA THR F 243 -10.46 -41.39 34.07
C THR F 243 -9.57 -40.85 32.94
N ALA F 244 -10.18 -40.05 32.06
CA ALA F 244 -9.49 -39.43 30.94
C ALA F 244 -9.34 -37.94 31.20
N ALA F 245 -8.14 -37.41 30.95
CA ALA F 245 -7.87 -35.98 31.18
C ALA F 245 -6.67 -35.46 30.40
N GLY F 246 -6.59 -34.14 30.30
CA GLY F 246 -5.54 -33.46 29.56
C GLY F 246 -5.96 -33.02 28.16
N VAL F 247 -5.05 -32.34 27.48
CA VAL F 247 -5.26 -31.80 26.14
C VAL F 247 -4.16 -32.37 25.19
N PRO F 248 -4.44 -33.42 24.40
CA PRO F 248 -5.69 -34.15 24.38
C PRO F 248 -5.79 -35.11 25.54
N ALA F 249 -6.98 -35.68 25.73
CA ALA F 249 -7.22 -36.58 26.84
C ALA F 249 -6.47 -37.91 26.65
N ARG F 250 -5.82 -38.36 27.72
CA ARG F 250 -5.33 -39.74 27.82
C ARG F 250 -5.72 -40.31 29.18
N ILE F 251 -5.63 -41.62 29.32
CA ILE F 251 -6.04 -42.31 30.54
C ILE F 251 -5.08 -41.92 31.67
N VAL F 252 -5.60 -41.61 32.85
CA VAL F 252 -4.76 -41.28 34.03
C VAL F 252 -5.11 -42.06 35.33
N GLY F 253 -6.08 -42.98 35.27
CA GLY F 253 -6.50 -43.68 36.49
C GLY F 253 -7.88 -44.30 36.36
N LYS F 254 -8.52 -44.49 37.53
CA LYS F 254 -9.84 -45.11 37.63
C LYS F 254 -10.65 -44.44 38.75
N PRO F 255 -11.94 -44.09 38.50
CA PRO F 255 -12.77 -43.48 39.55
C PRO F 255 -13.26 -44.47 40.59
N PRO G 10 0.03 61.51 -11.33
CA PRO G 10 1.48 61.54 -11.72
C PRO G 10 2.25 60.41 -11.03
N CYS G 11 3.14 59.76 -11.77
CA CYS G 11 3.99 58.69 -11.26
C CYS G 11 5.46 59.10 -11.30
N GLU G 12 6.14 59.04 -10.16
CA GLU G 12 7.60 59.17 -10.12
C GLU G 12 8.25 58.06 -10.95
N GLU G 13 9.38 58.37 -11.58
CA GLU G 13 9.99 57.45 -12.52
C GLU G 13 10.73 56.31 -11.79
N LEU G 14 11.12 55.32 -12.58
CA LEU G 14 11.56 54.03 -12.09
C LEU G 14 12.83 54.09 -11.24
N GLU G 15 13.82 54.87 -11.69
CA GLU G 15 15.14 54.94 -11.03
C GLU G 15 15.13 55.60 -9.66
N ILE G 16 14.32 56.62 -9.48
CA ILE G 16 14.27 57.25 -8.22
C ILE G 16 13.55 56.33 -7.23
N VAL G 17 12.51 55.63 -7.66
CA VAL G 17 11.82 54.71 -6.78
C VAL G 17 12.80 53.64 -6.34
N TRP G 18 13.59 53.13 -7.25
CA TRP G 18 14.55 52.10 -6.93
C TRP G 18 15.71 52.59 -6.06
N LYS G 19 16.22 53.78 -6.30
CA LYS G 19 17.30 54.30 -5.48
C LYS G 19 16.81 54.56 -4.07
N ASN G 20 15.59 55.03 -3.96
CA ASN G 20 15.03 55.25 -2.66
C ASN G 20 14.87 53.94 -1.93
N ILE G 21 14.41 52.91 -2.62
CA ILE G 21 14.21 51.61 -2.02
C ILE G 21 15.53 51.09 -1.49
N LYS G 22 16.58 51.21 -2.28
CA LYS G 22 17.88 50.76 -1.87
C LYS G 22 18.42 51.55 -0.69
N ALA G 23 18.20 52.86 -0.69
CA ALA G 23 18.66 53.68 0.37
C ALA G 23 18.03 53.24 1.65
N GLU G 24 16.72 53.06 1.64
CA GLU G 24 15.97 52.60 2.81
C GLU G 24 16.51 51.27 3.31
N ALA G 25 16.73 50.33 2.39
CA ALA G 25 17.12 48.97 2.75
C ALA G 25 18.45 48.95 3.50
N ARG G 26 19.44 49.67 2.96
CA ARG G 26 20.77 49.78 3.58
C ARG G 26 20.70 50.26 5.01
N ALA G 27 19.91 51.30 5.27
CA ALA G 27 19.77 51.83 6.63
C ALA G 27 19.04 50.84 7.54
N LEU G 28 17.97 50.24 7.03
CA LEU G 28 17.20 49.26 7.78
C LEU G 28 18.01 47.99 8.11
N ALA G 29 18.85 47.56 7.17
CA ALA G 29 19.77 46.44 7.42
C ALA G 29 20.70 46.73 8.61
N ASP G 30 21.16 47.98 8.73
CA ASP G 30 21.99 48.38 9.88
C ASP G 30 21.23 48.32 11.21
N CYS G 31 19.99 48.81 11.22
CA CYS G 31 19.26 48.95 12.49
C CYS G 31 18.55 47.66 12.95
N GLU G 32 18.43 46.66 12.07
CA GLU G 32 17.87 45.36 12.48
C GLU G 32 18.71 44.16 11.97
N PRO G 33 19.76 43.75 12.72
CA PRO G 33 20.64 42.63 12.30
C PRO G 33 19.92 41.33 11.92
N MET G 34 18.80 41.07 12.58
CA MET G 34 18.01 39.87 12.32
C MET G 34 17.37 39.82 10.93
N LEU G 35 17.17 40.98 10.29
CA LEU G 35 16.64 41.10 8.94
C LEU G 35 17.67 41.50 7.88
N ALA G 36 18.92 41.65 8.28
CA ALA G 36 19.96 42.08 7.36
C ALA G 36 20.05 41.12 6.17
N SER G 37 20.04 39.82 6.45
CA SER G 37 20.09 38.80 5.41
C SER G 37 18.91 38.92 4.42
N PHE G 38 17.71 39.15 4.97
CA PHE G 38 16.49 39.31 4.21
C PHE G 38 16.56 40.52 3.26
N TYR G 39 16.96 41.68 3.77
CA TYR G 39 17.15 42.90 2.95
C TYR G 39 18.18 42.76 1.83
N HIS G 40 19.29 42.11 2.15
CA HIS G 40 20.30 41.81 1.14
C HIS G 40 19.82 40.87 0.02
N ALA G 41 19.14 39.79 0.39
CA ALA G 41 18.66 38.79 -0.59
C ALA G 41 17.51 39.36 -1.44
N THR G 42 16.61 40.12 -0.79
CA THR G 42 15.42 40.65 -1.45
C THR G 42 15.64 41.92 -2.25
N LEU G 43 16.52 42.81 -1.78
CA LEU G 43 16.75 44.12 -2.43
C LEU G 43 18.21 44.46 -2.81
N LEU G 44 19.12 44.41 -1.83
CA LEU G 44 20.45 45.02 -1.97
C LEU G 44 21.36 44.38 -3.01
N LYS G 45 21.20 43.10 -3.26
CA LYS G 45 22.02 42.42 -4.27
C LYS G 45 21.55 42.60 -5.71
N HIS G 46 20.41 43.24 -5.92
CA HIS G 46 19.80 43.34 -7.24
C HIS G 46 20.14 44.68 -7.89
N GLU G 47 20.41 44.64 -9.20
CA GLU G 47 20.81 45.82 -9.96
C GLU G 47 19.63 46.79 -10.23
N ASN G 48 18.40 46.27 -10.28
CA ASN G 48 17.23 47.09 -10.63
C ASN G 48 15.94 46.50 -10.07
N LEU G 49 14.85 47.27 -10.16
CA LEU G 49 13.56 46.85 -9.60
C LEU G 49 13.03 45.56 -10.21
N GLY G 50 13.17 45.40 -11.52
CA GLY G 50 12.72 44.20 -12.25
C GLY G 50 13.35 42.90 -11.75
N SER G 51 14.66 42.94 -11.56
CA SER G 51 15.42 41.84 -10.96
C SER G 51 14.92 41.46 -9.58
N ALA G 52 14.70 42.46 -8.73
CA ALA G 52 14.20 42.26 -7.37
C ALA G 52 12.78 41.71 -7.42
N LEU G 53 11.96 42.25 -8.32
CA LEU G 53 10.58 41.79 -8.47
C LEU G 53 10.50 40.34 -8.92
N SER G 54 11.26 39.99 -9.93
CA SER G 54 11.27 38.61 -10.45
C SER G 54 11.74 37.58 -9.41
N TYR G 55 12.77 37.94 -8.65
CA TYR G 55 13.32 37.13 -7.56
C TYR G 55 12.27 36.89 -6.48
N MET G 56 11.61 37.97 -6.07
N MET G 56 11.59 37.95 -6.08
CA MET G 56 10.59 37.98 -5.00
CA MET G 56 10.64 37.90 -5.00
C MET G 56 9.38 37.14 -5.36
C MET G 56 9.36 37.14 -5.36
N LEU G 57 8.85 37.38 -6.55
CA LEU G 57 7.70 36.62 -7.08
C LEU G 57 8.07 35.16 -7.24
N ALA G 58 9.28 34.90 -7.75
CA ALA G 58 9.75 33.51 -7.89
C ALA G 58 9.80 32.77 -6.53
N ASN G 59 10.35 33.42 -5.51
CA ASN G 59 10.47 32.81 -4.18
C ASN G 59 9.12 32.60 -3.47
N LYS G 60 8.25 33.59 -3.60
CA LYS G 60 6.96 33.57 -2.90
C LYS G 60 5.94 32.64 -3.56
N LEU G 61 6.09 32.39 -4.86
CA LEU G 61 5.17 31.49 -5.61
C LEU G 61 5.70 30.05 -5.79
N ALA G 62 6.94 29.79 -5.37
CA ALA G 62 7.59 28.48 -5.47
C ALA G 62 6.82 27.43 -4.69
N SER G 63 6.73 26.23 -5.24
CA SER G 63 6.14 25.09 -4.52
C SER G 63 6.79 23.79 -4.99
N PRO G 64 6.44 22.64 -4.35
CA PRO G 64 6.94 21.35 -4.87
C PRO G 64 6.67 21.24 -6.36
N ILE G 65 5.46 21.62 -6.76
CA ILE G 65 4.97 21.48 -8.12
C ILE G 65 5.72 22.34 -9.18
N MET G 66 6.28 23.50 -8.79
CA MET G 66 7.05 24.39 -9.71
C MET G 66 8.04 25.28 -8.93
N PRO G 67 9.35 25.07 -9.10
CA PRO G 67 10.30 25.80 -8.23
C PRO G 67 10.58 27.24 -8.65
N ALA G 68 11.11 28.00 -7.70
CA ALA G 68 11.52 29.39 -7.87
C ALA G 68 12.39 29.61 -9.10
N ILE G 69 13.37 28.73 -9.30
CA ILE G 69 14.24 28.82 -10.48
C ILE G 69 13.44 28.77 -11.81
N ALA G 70 12.36 28.01 -11.85
CA ALA G 70 11.52 27.91 -13.06
C ALA G 70 10.61 29.14 -13.24
N ILE G 71 9.97 29.56 -12.13
CA ILE G 71 9.12 30.75 -12.14
C ILE G 71 9.91 32.00 -12.53
N ARG G 72 11.14 32.14 -12.06
CA ARG G 72 11.92 33.35 -12.35
C ARG G 72 12.15 33.58 -13.85
N GLU G 73 12.45 32.49 -14.57
CA GLU G 73 12.64 32.53 -16.01
C GLU G 73 11.46 33.14 -16.75
N VAL G 74 10.26 32.73 -16.35
CA VAL G 74 9.00 33.16 -16.96
C VAL G 74 8.75 34.64 -16.66
N VAL G 75 9.07 35.06 -15.44
CA VAL G 75 8.90 36.45 -15.05
C VAL G 75 9.92 37.34 -15.79
N GLU G 76 11.17 36.89 -15.86
CA GLU G 76 12.23 37.59 -16.59
C GLU G 76 11.95 37.76 -18.08
N GLU G 77 11.41 36.73 -18.73
CA GLU G 77 11.03 36.83 -20.16
C GLU G 77 9.92 37.86 -20.38
N ALA G 78 8.92 37.87 -19.50
CA ALA G 78 7.86 38.87 -19.53
C ALA G 78 8.38 40.30 -19.39
N TYR G 79 9.26 40.51 -18.40
CA TYR G 79 9.81 41.83 -18.13
C TYR G 79 10.80 42.29 -19.20
N ALA G 80 11.45 41.35 -19.87
CA ALA G 80 12.32 41.67 -21.01
C ALA G 80 11.52 42.09 -22.25
N ALA G 81 10.32 41.54 -22.43
CA ALA G 81 9.49 41.85 -23.60
C ALA G 81 8.58 43.07 -23.39
N ASP G 82 8.30 43.42 -22.14
CA ASP G 82 7.40 44.52 -21.84
C ASP G 82 7.81 45.14 -20.51
N PRO G 83 8.94 45.87 -20.51
CA PRO G 83 9.44 46.47 -19.28
C PRO G 83 8.55 47.56 -18.67
N GLU G 84 7.54 48.03 -19.41
CA GLU G 84 6.49 48.87 -18.83
C GLU G 84 5.79 48.26 -17.61
N MET G 85 5.71 46.94 -17.54
CA MET G 85 5.18 46.27 -16.34
C MET G 85 5.95 46.66 -15.08
N ILE G 86 7.23 46.94 -15.22
CA ILE G 86 8.07 47.34 -14.10
C ILE G 86 7.77 48.77 -13.69
N ALA G 87 7.53 49.66 -14.67
CA ALA G 87 7.07 51.02 -14.36
C ALA G 87 5.73 50.99 -13.63
N SER G 88 4.85 50.09 -14.06
CA SER G 88 3.55 49.90 -13.39
C SER G 88 3.75 49.54 -11.91
N ALA G 89 4.61 48.54 -11.63
CA ALA G 89 4.92 48.17 -10.25
C ALA G 89 5.34 49.35 -9.39
N ALA G 90 6.22 50.22 -9.93
CA ALA G 90 6.67 51.40 -9.20
C ALA G 90 5.52 52.37 -8.90
N CYS G 91 4.61 52.52 -9.85
CA CYS G 91 3.36 53.29 -9.62
C CYS G 91 2.49 52.66 -8.57
N ASP G 92 2.38 51.34 -8.62
CA ASP G 92 1.68 50.58 -7.57
C ASP G 92 2.31 50.77 -6.17
N ILE G 93 3.65 50.85 -6.12
CA ILE G 93 4.37 51.09 -4.86
C ILE G 93 4.00 52.46 -4.28
N GLN G 94 4.11 53.48 -5.11
CA GLN G 94 3.74 54.86 -4.74
C GLN G 94 2.29 54.95 -4.31
N ALA G 95 1.40 54.30 -5.06
CA ALA G 95 -0.03 54.19 -4.70
C ALA G 95 -0.25 53.82 -3.22
N VAL G 96 0.43 52.75 -2.78
CA VAL G 96 0.36 52.28 -1.36
C VAL G 96 0.98 53.30 -0.44
N ARG G 97 2.14 53.81 -0.82
CA ARG G 97 2.83 54.81 -0.01
C ARG G 97 1.99 56.09 0.19
N THR G 98 1.37 56.57 -0.87
CA THR G 98 0.57 57.80 -0.72
C THR G 98 -0.78 57.58 -0.02
N ARG G 99 -1.42 56.42 -0.24
CA ARG G 99 -2.78 56.19 0.25
C ARG G 99 -2.91 55.48 1.61
N ASP G 100 -1.89 54.75 2.03
CA ASP G 100 -1.93 53.94 3.25
C ASP G 100 -1.15 54.67 4.33
N PRO G 101 -1.83 55.20 5.36
CA PRO G 101 -1.12 56.02 6.34
C PRO G 101 -0.15 55.21 7.24
N ALA G 102 -0.33 53.90 7.30
CA ALA G 102 0.62 53.00 7.98
C ALA G 102 1.91 52.73 7.18
N VAL G 103 1.97 53.12 5.89
CA VAL G 103 3.15 52.87 5.06
C VAL G 103 3.79 54.18 4.64
N ASP G 104 5.08 54.36 5.00
CA ASP G 104 5.83 55.56 4.61
C ASP G 104 7.11 55.30 3.81
N LYS G 105 7.43 54.04 3.52
CA LYS G 105 8.66 53.68 2.79
C LYS G 105 8.31 53.01 1.48
N TYR G 106 9.10 53.29 0.44
CA TYR G 106 8.91 52.68 -0.87
C TYR G 106 9.17 51.17 -0.86
N SER G 107 10.07 50.75 0.04
CA SER G 107 10.44 49.34 0.18
C SER G 107 9.34 48.48 0.79
N THR G 108 8.49 49.07 1.64
CA THR G 108 7.46 48.30 2.36
C THR G 108 6.49 47.49 1.48
N PRO G 109 5.89 48.12 0.45
CA PRO G 109 5.02 47.34 -0.46
C PRO G 109 5.74 46.21 -1.17
N LEU G 110 6.94 46.52 -1.68
CA LEU G 110 7.78 45.55 -2.37
C LEU G 110 8.21 44.37 -1.50
N LEU G 111 8.54 44.63 -0.25
CA LEU G 111 9.00 43.59 0.66
C LEU G 111 7.88 42.73 1.20
N TYR G 112 6.77 43.35 1.60
CA TYR G 112 5.83 42.70 2.51
C TYR G 112 4.39 42.53 2.04
N LEU G 113 3.90 43.38 1.15
CA LEU G 113 2.43 43.45 0.95
C LEU G 113 1.95 42.49 -0.13
N LYS G 114 1.17 41.48 0.30
CA LYS G 114 0.77 40.43 -0.65
C LYS G 114 -0.16 40.95 -1.76
N GLY G 115 -0.89 42.04 -1.51
CA GLY G 115 -1.77 42.63 -2.52
C GLY G 115 -0.92 43.20 -3.64
N PHE G 116 0.16 43.88 -3.26
CA PHE G 116 1.12 44.38 -4.21
C PHE G 116 1.75 43.23 -5.00
N HIS G 117 2.13 42.16 -4.33
CA HIS G 117 2.79 41.04 -5.02
C HIS G 117 1.84 40.40 -6.00
N ALA G 118 0.59 40.22 -5.57
CA ALA G 118 -0.43 39.61 -6.42
C ALA G 118 -0.70 40.45 -7.67
N LEU G 119 -0.72 41.77 -7.50
CA LEU G 119 -0.89 42.72 -8.64
C LEU G 119 0.21 42.49 -9.68
N GLN G 120 1.46 42.34 -9.23
CA GLN G 120 2.60 42.21 -10.16
C GLN G 120 2.65 40.84 -10.81
N ALA G 121 2.31 39.80 -10.05
CA ALA G 121 2.04 38.48 -10.64
C ALA G 121 0.95 38.51 -11.73
N TYR G 122 -0.09 39.31 -11.50
CA TYR G 122 -1.16 39.46 -12.48
C TYR G 122 -0.61 40.01 -13.82
N ARG G 123 0.28 40.99 -13.75
CA ARG G 123 0.86 41.61 -14.95
C ARG G 123 1.57 40.58 -15.81
N ILE G 124 2.27 39.66 -15.15
CA ILE G 124 2.97 38.59 -15.84
C ILE G 124 2.00 37.68 -16.53
N GLY G 125 0.94 37.30 -15.83
CA GLY G 125 -0.05 36.41 -16.38
C GLY G 125 -0.84 37.02 -17.54
N HIS G 126 -1.15 38.30 -17.40
CA HIS G 126 -1.85 39.08 -18.43
C HIS G 126 -1.03 39.17 -19.70
N TRP G 127 0.26 39.42 -19.56
CA TRP G 127 1.20 39.36 -20.69
C TRP G 127 1.22 37.98 -21.35
N LEU G 128 1.30 36.93 -20.54
CA LEU G 128 1.24 35.57 -21.07
C LEU G 128 -0.08 35.26 -21.78
N TRP G 129 -1.19 35.64 -21.15
CA TRP G 129 -2.51 35.43 -21.70
C TRP G 129 -2.64 36.10 -23.09
N ASN G 130 -2.16 37.32 -23.22
CA ASN G 130 -2.22 38.04 -24.51
C ASN G 130 -1.23 37.58 -25.58
N LYS G 131 -0.25 36.76 -25.20
CA LYS G 131 0.58 36.05 -26.18
C LYS G 131 0.04 34.65 -26.48
N GLY G 132 -1.17 34.34 -26.02
CA GLY G 132 -1.74 33.00 -26.20
C GLY G 132 -1.15 31.90 -25.31
N ARG G 133 -0.38 32.28 -24.30
CA ARG G 133 0.20 31.31 -23.35
C ARG G 133 -0.71 31.26 -22.15
N ARG G 134 -1.88 30.70 -22.38
CA ARG G 134 -2.95 30.68 -21.40
C ARG G 134 -2.71 29.70 -20.26
N ALA G 135 -2.14 28.55 -20.59
CA ALA G 135 -1.87 27.51 -19.58
C ALA G 135 -1.01 28.07 -18.45
N LEU G 136 0.05 28.79 -18.84
CA LEU G 136 0.99 29.37 -17.92
C LEU G 136 0.39 30.57 -17.16
N ALA G 137 -0.43 31.37 -17.86
CA ALA G 137 -1.17 32.47 -17.20
C ALA G 137 -2.14 31.90 -16.13
N ILE G 138 -2.79 30.79 -16.44
CA ILE G 138 -3.75 30.15 -15.49
C ILE G 138 -3.03 29.42 -14.31
N PHE G 139 -1.87 28.81 -14.60
CA PHE G 139 -1.06 28.24 -13.53
C PHE G 139 -0.74 29.35 -12.52
N LEU G 140 -0.21 30.47 -13.00
CA LEU G 140 0.19 31.60 -12.14
C LEU G 140 -0.98 32.19 -11.37
N GLN G 141 -2.11 32.37 -12.07
CA GLN G 141 -3.30 32.92 -11.45
C GLN G 141 -3.64 32.11 -10.20
N ASN G 142 -3.65 30.80 -10.34
CA ASN G 142 -4.13 29.96 -9.27
C ASN G 142 -3.07 29.74 -8.17
N GLN G 143 -1.78 29.89 -8.50
CA GLN G 143 -0.72 29.80 -7.50
C GLN G 143 -0.71 31.09 -6.67
N VAL G 144 -1.07 32.21 -7.30
CA VAL G 144 -1.27 33.50 -6.63
C VAL G 144 -2.45 33.41 -5.66
N SER G 145 -3.52 32.75 -6.09
CA SER G 145 -4.69 32.55 -5.23
C SER G 145 -4.36 31.73 -3.99
N VAL G 146 -3.63 30.63 -4.16
CA VAL G 146 -3.07 29.84 -3.04
C VAL G 146 -2.11 30.63 -2.13
N SER G 147 -1.16 31.35 -2.73
CA SER G 147 -0.05 31.95 -1.99
C SER G 147 -0.40 33.30 -1.42
N PHE G 148 -1.18 34.09 -2.17
CA PHE G 148 -1.49 35.46 -1.75
C PHE G 148 -2.98 35.67 -1.52
N GLN G 149 -3.80 34.66 -1.83
CA GLN G 149 -5.25 34.68 -1.58
C GLN G 149 -6.00 35.74 -2.38
N VAL G 150 -5.43 36.10 -3.52
CA VAL G 150 -6.01 37.01 -4.50
C VAL G 150 -6.18 36.20 -5.77
N ASP G 151 -7.42 36.12 -6.28
CA ASP G 151 -7.74 35.41 -7.52
C ASP G 151 -8.14 36.40 -8.62
N ILE G 152 -7.16 36.79 -9.43
CA ILE G 152 -7.40 37.65 -10.58
C ILE G 152 -7.23 36.86 -11.89
N HIS G 153 -8.29 36.78 -12.69
CA HIS G 153 -8.19 36.13 -13.98
C HIS G 153 -7.24 36.96 -14.84
N PRO G 154 -6.29 36.31 -15.52
CA PRO G 154 -5.30 37.08 -16.30
C PRO G 154 -5.81 37.91 -17.50
N ALA G 155 -7.02 37.65 -17.99
CA ALA G 155 -7.67 38.45 -19.05
C ALA G 155 -8.27 39.75 -18.54
N ALA G 156 -8.38 39.91 -17.22
CA ALA G 156 -8.76 41.21 -16.65
C ALA G 156 -7.79 42.28 -17.10
N LYS G 157 -8.30 43.49 -17.36
CA LYS G 157 -7.48 44.62 -17.81
C LYS G 157 -7.37 45.58 -16.66
N ILE G 158 -6.18 45.62 -16.05
CA ILE G 158 -5.94 46.38 -14.84
C ILE G 158 -4.86 47.41 -15.15
N GLY G 159 -5.10 48.66 -14.76
CA GLY G 159 -4.14 49.74 -14.97
C GLY G 159 -3.07 49.74 -13.91
N ARG G 160 -2.60 50.93 -13.56
CA ARG G 160 -1.54 51.11 -12.57
C ARG G 160 -1.86 52.22 -11.59
N GLY G 161 -1.03 52.30 -10.55
CA GLY G 161 -1.34 53.07 -9.35
C GLY G 161 -2.47 52.39 -8.60
N ILE G 162 -2.52 51.05 -8.66
CA ILE G 162 -3.56 50.25 -7.98
C ILE G 162 -3.07 49.89 -6.59
N MET G 163 -3.97 49.92 -5.61
CA MET G 163 -3.69 49.42 -4.28
C MET G 163 -4.68 48.34 -3.94
N LEU G 164 -4.18 47.13 -3.67
CA LEU G 164 -4.96 46.03 -3.11
C LEU G 164 -4.63 45.96 -1.62
N ASP G 165 -5.44 46.65 -0.82
CA ASP G 165 -5.17 46.87 0.60
C ASP G 165 -5.62 45.63 1.43
N HIS G 166 -4.66 45.02 2.14
CA HIS G 166 -4.82 43.73 2.85
C HIS G 166 -5.09 42.54 1.92
N ALA G 167 -6.06 42.70 1.01
CA ALA G 167 -6.17 41.93 -0.24
C ALA G 167 -6.78 40.54 -0.12
N THR G 168 -6.79 39.94 1.05
CA THR G 168 -7.20 38.54 1.11
C THR G 168 -8.65 38.40 0.67
N GLY G 169 -8.90 37.39 -0.17
CA GLY G 169 -10.22 37.12 -0.71
C GLY G 169 -10.68 37.96 -1.89
N ILE G 170 -9.79 38.78 -2.47
CA ILE G 170 -10.15 39.54 -3.66
C ILE G 170 -10.35 38.56 -4.80
N VAL G 171 -11.44 38.75 -5.54
CA VAL G 171 -11.71 37.99 -6.76
C VAL G 171 -12.05 38.96 -7.88
N VAL G 172 -11.34 38.83 -9.01
CA VAL G 172 -11.58 39.63 -10.19
C VAL G 172 -11.79 38.71 -11.42
N GLY G 173 -12.95 38.82 -12.05
CA GLY G 173 -13.32 37.99 -13.21
C GLY G 173 -12.68 38.35 -14.54
N GLU G 174 -12.82 37.42 -15.48
CA GLU G 174 -12.15 37.44 -16.80
C GLU G 174 -12.31 38.71 -17.68
N THR G 175 -13.46 39.37 -17.61
CA THR G 175 -13.79 40.51 -18.48
C THR G 175 -13.85 41.80 -17.67
N ALA G 176 -13.35 41.79 -16.42
CA ALA G 176 -13.33 43.02 -15.64
C ALA G 176 -12.28 43.98 -16.15
N VAL G 177 -12.50 45.26 -15.82
CA VAL G 177 -11.57 46.31 -16.13
C VAL G 177 -11.42 47.11 -14.84
N ILE G 178 -10.19 47.44 -14.50
CA ILE G 178 -9.86 48.28 -13.37
C ILE G 178 -8.90 49.29 -13.95
N GLU G 179 -9.27 50.56 -13.91
CA GLU G 179 -8.47 51.61 -14.50
C GLU G 179 -7.48 52.08 -13.45
N ASP G 180 -6.63 53.02 -13.83
CA ASP G 180 -5.62 53.55 -12.94
C ASP G 180 -6.19 54.08 -11.64
N ASP G 181 -5.37 54.03 -10.61
CA ASP G 181 -5.59 54.76 -9.36
C ASP G 181 -6.76 54.26 -8.52
N VAL G 182 -7.11 53.00 -8.70
CA VAL G 182 -8.19 52.36 -7.97
C VAL G 182 -7.63 51.73 -6.70
N SER G 183 -8.39 51.81 -5.62
CA SER G 183 -8.04 51.16 -4.36
C SER G 183 -9.10 50.13 -3.98
N ILE G 184 -8.66 48.88 -3.78
CA ILE G 184 -9.57 47.78 -3.50
C ILE G 184 -9.17 47.13 -2.18
N LEU G 185 -10.16 46.93 -1.29
CA LEU G 185 -9.87 46.27 -0.01
C LEU G 185 -10.12 44.77 -0.10
N GLN G 186 -9.73 44.10 0.98
CA GLN G 186 -9.99 42.67 1.22
C GLN G 186 -11.41 42.25 0.88
N SER G 187 -11.54 41.03 0.36
CA SER G 187 -12.82 40.38 0.14
C SER G 187 -13.74 41.04 -0.88
N VAL G 188 -13.16 41.83 -1.79
CA VAL G 188 -13.92 42.47 -2.83
C VAL G 188 -14.03 41.50 -4.00
N THR G 189 -15.26 41.28 -4.47
CA THR G 189 -15.50 40.54 -5.71
C THR G 189 -15.92 41.49 -6.84
N LEU G 190 -15.21 41.43 -7.96
CA LEU G 190 -15.70 41.96 -9.25
C LEU G 190 -16.12 40.74 -10.05
N GLY G 191 -17.42 40.40 -9.97
CA GLY G 191 -17.94 39.13 -10.46
C GLY G 191 -19.14 39.23 -11.40
N GLY G 192 -19.74 38.07 -11.69
CA GLY G 192 -20.91 37.94 -12.56
C GLY G 192 -22.25 37.81 -11.82
N THR G 193 -23.32 37.61 -12.60
CA THR G 193 -24.75 37.62 -12.16
C THR G 193 -25.39 36.36 -11.54
N GLY G 194 -24.89 35.14 -11.76
CA GLY G 194 -23.96 34.75 -12.82
C GLY G 194 -24.31 33.33 -13.24
N LYS G 195 -23.48 32.77 -14.12
CA LYS G 195 -23.83 31.65 -15.03
C LYS G 195 -23.58 32.22 -16.44
N THR G 196 -24.06 33.46 -16.64
CA THR G 196 -23.69 34.38 -17.73
C THR G 196 -22.37 34.13 -18.48
N SER G 197 -22.32 34.56 -19.74
CA SER G 197 -21.13 34.38 -20.62
C SER G 197 -20.90 35.65 -21.45
N GLY G 198 -19.79 35.70 -22.20
CA GLY G 198 -19.37 36.93 -22.87
C GLY G 198 -18.96 38.00 -21.87
N ASP G 199 -19.21 39.28 -22.20
CA ASP G 199 -18.85 40.40 -21.32
C ASP G 199 -19.79 40.44 -20.12
N ARG G 200 -19.27 40.15 -18.92
CA ARG G 200 -20.12 39.87 -17.75
C ARG G 200 -19.57 40.29 -16.37
N HIS G 201 -18.50 41.08 -16.35
CA HIS G 201 -17.86 41.48 -15.10
C HIS G 201 -17.75 42.99 -15.09
N PRO G 202 -17.53 43.61 -13.91
CA PRO G 202 -17.61 45.07 -13.86
C PRO G 202 -16.46 45.86 -14.51
N LYS G 203 -16.76 47.12 -14.77
CA LYS G 203 -15.82 48.07 -15.34
C LYS G 203 -15.63 49.13 -14.27
N ILE G 204 -14.48 49.10 -13.59
CA ILE G 204 -14.15 50.05 -12.53
C ILE G 204 -13.26 51.14 -13.08
N ARG G 205 -13.78 52.37 -13.08
CA ARG G 205 -13.13 53.51 -13.67
C ARG G 205 -12.20 54.12 -12.66
N GLU G 206 -11.42 55.07 -13.16
CA GLU G 206 -10.28 55.64 -12.47
C GLU G 206 -10.62 56.24 -11.11
N GLY G 207 -9.74 56.05 -10.14
CA GLY G 207 -9.86 56.66 -8.82
C GLY G 207 -10.96 56.12 -7.92
N VAL G 208 -11.61 55.03 -8.29
CA VAL G 208 -12.63 54.40 -7.46
C VAL G 208 -11.99 53.77 -6.20
N MET G 209 -12.76 53.72 -5.13
CA MET G 209 -12.33 53.18 -3.86
C MET G 209 -13.40 52.17 -3.52
N ILE G 210 -13.00 50.89 -3.39
CA ILE G 210 -13.92 49.81 -3.08
C ILE G 210 -13.65 49.28 -1.67
N GLY G 211 -14.67 49.38 -0.81
CA GLY G 211 -14.57 48.95 0.58
C GLY G 211 -14.59 47.45 0.78
N ALA G 212 -14.19 47.04 1.99
CA ALA G 212 -13.98 45.64 2.35
C ALA G 212 -15.24 44.83 2.16
N GLY G 213 -15.11 43.67 1.50
CA GLY G 213 -16.26 42.81 1.24
C GLY G 213 -17.31 43.26 0.20
N ALA G 214 -17.08 44.37 -0.51
CA ALA G 214 -18.03 44.80 -1.55
C ALA G 214 -18.11 43.76 -2.66
N LYS G 215 -19.33 43.42 -3.07
CA LYS G 215 -19.59 42.60 -4.25
C LYS G 215 -20.12 43.47 -5.36
N ILE G 216 -19.35 43.62 -6.45
CA ILE G 216 -19.81 44.35 -7.63
C ILE G 216 -20.01 43.31 -8.74
N LEU G 217 -21.27 43.17 -9.20
CA LEU G 217 -21.69 42.03 -10.02
C LEU G 217 -22.27 42.44 -11.37
N GLY G 218 -21.82 41.75 -12.42
CA GLY G 218 -22.28 41.98 -13.80
C GLY G 218 -21.46 42.98 -14.57
N ASN G 219 -21.77 43.13 -15.87
CA ASN G 219 -21.16 44.15 -16.71
C ASN G 219 -21.80 45.51 -16.47
N ILE G 220 -21.37 46.13 -15.38
CA ILE G 220 -21.88 47.42 -14.93
C ILE G 220 -20.69 48.30 -14.67
N GLU G 221 -20.87 49.59 -14.90
CA GLU G 221 -19.83 50.57 -14.70
C GLU G 221 -19.91 51.20 -13.32
N VAL G 222 -18.76 51.32 -12.67
CA VAL G 222 -18.59 52.13 -11.46
C VAL G 222 -17.73 53.28 -11.94
N GLY G 223 -18.33 54.48 -11.95
CA GLY G 223 -17.75 55.63 -12.62
C GLY G 223 -16.62 56.27 -11.85
N ARG G 224 -15.87 57.12 -12.54
CA ARG G 224 -14.67 57.74 -12.03
C ARG G 224 -14.85 58.36 -10.65
N GLY G 225 -13.95 58.03 -9.72
CA GLY G 225 -13.91 58.65 -8.40
C GLY G 225 -15.06 58.30 -7.48
N ALA G 226 -15.86 57.29 -7.85
CA ALA G 226 -16.89 56.78 -6.95
C ALA G 226 -16.31 56.03 -5.73
N LYS G 227 -17.14 55.90 -4.69
CA LYS G 227 -16.79 55.17 -3.49
C LYS G 227 -17.84 54.08 -3.28
N ILE G 228 -17.39 52.83 -3.29
CA ILE G 228 -18.27 51.71 -2.99
C ILE G 228 -18.11 51.35 -1.52
N GLY G 229 -19.25 51.27 -0.81
CA GLY G 229 -19.25 50.98 0.60
C GLY G 229 -18.83 49.55 0.91
N ALA G 230 -18.26 49.36 2.09
CA ALA G 230 -17.92 48.05 2.59
C ALA G 230 -19.20 47.25 2.69
N GLY G 231 -19.12 45.95 2.34
CA GLY G 231 -20.27 45.07 2.43
C GLY G 231 -21.38 45.31 1.41
N SER G 232 -21.15 46.19 0.44
CA SER G 232 -22.17 46.54 -0.56
C SER G 232 -22.35 45.40 -1.55
N VAL G 233 -23.54 45.33 -2.11
CA VAL G 233 -23.81 44.45 -3.24
C VAL G 233 -24.29 45.34 -4.36
N VAL G 234 -23.39 45.65 -5.30
CA VAL G 234 -23.66 46.58 -6.35
C VAL G 234 -24.13 45.80 -7.57
N LEU G 235 -25.38 46.05 -7.95
CA LEU G 235 -26.02 45.38 -9.08
C LEU G 235 -26.36 46.32 -10.25
N GLN G 236 -26.42 47.63 -9.99
CA GLN G 236 -26.66 48.63 -11.04
C GLN G 236 -25.43 49.56 -11.17
N PRO G 237 -25.30 50.28 -12.30
CA PRO G 237 -24.21 51.24 -12.48
C PRO G 237 -24.18 52.31 -11.41
N VAL G 238 -22.97 52.76 -11.09
CA VAL G 238 -22.76 53.78 -10.07
C VAL G 238 -22.19 54.98 -10.82
N PRO G 239 -22.81 56.18 -10.65
CA PRO G 239 -22.31 57.32 -11.41
C PRO G 239 -20.98 57.86 -10.85
N PRO G 240 -20.24 58.64 -11.66
CA PRO G 240 -19.00 59.21 -11.18
C PRO G 240 -19.15 60.04 -9.91
N HIS G 241 -18.13 59.99 -9.06
CA HIS G 241 -18.03 60.88 -7.88
C HIS G 241 -19.17 60.75 -6.89
N THR G 242 -19.71 59.54 -6.82
CA THR G 242 -20.84 59.20 -5.98
C THR G 242 -20.43 58.11 -5.00
N THR G 243 -21.07 58.09 -3.82
CA THR G 243 -20.91 57.02 -2.84
C THR G 243 -22.12 56.10 -2.91
N ALA G 244 -21.89 54.83 -3.26
CA ALA G 244 -22.91 53.78 -3.24
C ALA G 244 -22.67 52.82 -2.08
N ALA G 245 -23.73 52.40 -1.41
CA ALA G 245 -23.62 51.50 -0.28
C ALA G 245 -24.94 50.79 -0.04
N GLY G 246 -24.86 49.61 0.61
CA GLY G 246 -26.02 48.82 0.94
C GLY G 246 -26.18 47.54 0.13
N VAL G 247 -27.17 46.75 0.53
CA VAL G 247 -27.52 45.49 -0.09
C VAL G 247 -29.02 45.54 -0.45
N PRO G 248 -29.39 45.90 -1.69
CA PRO G 248 -28.49 46.27 -2.79
C PRO G 248 -27.93 47.66 -2.63
N ALA G 249 -26.90 47.97 -3.40
CA ALA G 249 -26.29 49.29 -3.29
C ALA G 249 -27.22 50.35 -3.86
N ARG G 250 -27.29 51.50 -3.19
CA ARG G 250 -27.91 52.70 -3.76
C ARG G 250 -27.06 53.91 -3.38
N ILE G 251 -27.34 55.05 -4.00
CA ILE G 251 -26.54 56.26 -3.80
C ILE G 251 -26.85 56.89 -2.44
N VAL G 252 -25.80 57.20 -1.66
CA VAL G 252 -25.96 57.75 -0.31
C VAL G 252 -25.19 59.07 -0.05
N GLY G 253 -24.56 59.63 -1.07
CA GLY G 253 -23.70 60.82 -0.91
C GLY G 253 -22.68 60.97 -2.01
N LYS G 254 -21.69 61.82 -1.75
CA LYS G 254 -20.52 62.02 -2.63
C LYS G 254 -19.25 61.83 -1.75
N PRO G 255 -18.14 61.28 -2.32
CA PRO G 255 -16.93 61.10 -1.49
C PRO G 255 -16.27 62.41 -1.06
N PRO H 9 -12.97 34.76 31.39
CA PRO H 9 -12.12 35.68 32.21
C PRO H 9 -11.21 34.97 33.22
N PRO H 10 -11.75 34.00 34.01
CA PRO H 10 -10.80 33.18 34.80
C PRO H 10 -9.98 32.31 33.86
N CYS H 11 -8.68 32.24 34.12
CA CYS H 11 -7.73 31.54 33.27
C CYS H 11 -7.03 30.48 34.07
N GLU H 12 -7.32 29.22 33.73
CA GLU H 12 -6.55 28.05 34.16
C GLU H 12 -5.05 28.33 34.13
N GLU H 13 -4.34 27.73 35.07
CA GLU H 13 -2.90 27.94 35.21
C GLU H 13 -2.17 27.35 34.01
N LEU H 14 -1.06 27.93 33.65
CA LEU H 14 -0.25 27.46 32.54
C LEU H 14 0.19 26.02 32.62
N GLU H 15 0.67 25.62 33.78
CA GLU H 15 1.16 24.27 33.97
C GLU H 15 0.10 23.27 33.76
N ILE H 16 -1.07 23.59 34.24
CA ILE H 16 -2.16 22.69 34.12
C ILE H 16 -2.57 22.52 32.66
N VAL H 17 -2.58 23.59 31.86
CA VAL H 17 -2.94 23.42 30.47
C VAL H 17 -1.86 22.62 29.76
N TRP H 18 -0.61 22.89 30.04
CA TRP H 18 0.47 22.16 29.40
C TRP H 18 0.50 20.70 29.79
N LYS H 19 0.16 20.41 31.03
CA LYS H 19 0.12 19.06 31.48
C LYS H 19 -0.98 18.33 30.80
N ASN H 20 -2.08 19.01 30.63
CA ASN H 20 -3.20 18.39 29.97
C ASN H 20 -2.91 18.17 28.51
N ILE H 21 -2.21 19.09 27.89
CA ILE H 21 -1.88 18.95 26.49
C ILE H 21 -1.00 17.74 26.26
N LYS H 22 0.03 17.60 27.05
CA LYS H 22 0.93 16.47 26.92
C LYS H 22 0.20 15.15 27.16
N ALA H 23 -0.70 15.14 28.14
CA ALA H 23 -1.43 13.93 28.42
C ALA H 23 -2.24 13.53 27.23
N GLU H 24 -2.96 14.46 26.65
CA GLU H 24 -3.78 14.20 25.47
C GLU H 24 -2.90 13.66 24.34
N ALA H 25 -1.78 14.32 24.10
CA ALA H 25 -0.91 13.98 22.98
C ALA H 25 -0.37 12.55 23.09
N ARG H 26 0.03 12.14 24.29
CA ARG H 26 0.52 10.76 24.52
C ARG H 26 -0.52 9.72 24.14
N ALA H 27 -1.74 9.91 24.60
CA ALA H 27 -2.84 8.99 24.26
C ALA H 27 -3.14 8.97 22.76
N LEU H 28 -3.19 10.17 22.16
CA LEU H 28 -3.51 10.30 20.74
C LEU H 28 -2.43 9.70 19.83
N ALA H 29 -1.18 9.85 20.23
CA ALA H 29 -0.05 9.17 19.54
C ALA H 29 -0.23 7.66 19.50
N ASP H 30 -0.72 7.07 20.60
CA ASP H 30 -1.01 5.61 20.64
C ASP H 30 -2.13 5.18 19.69
N CYS H 31 -3.21 5.96 19.60
CA CYS H 31 -4.38 5.53 18.82
C CYS H 31 -4.32 5.94 17.34
N GLU H 32 -3.36 6.78 16.95
CA GLU H 32 -3.19 7.10 15.52
C GLU H 32 -1.70 7.05 15.11
N PRO H 33 -1.21 5.87 14.70
CA PRO H 33 0.21 5.71 14.31
C PRO H 33 0.69 6.68 13.23
N MET H 34 -0.19 7.05 12.30
CA MET H 34 0.14 8.02 11.24
C MET H 34 0.50 9.42 11.74
N LEU H 35 0.01 9.79 12.92
CA LEU H 35 0.27 11.11 13.52
C LEU H 35 1.22 11.09 14.72
N ALA H 36 1.74 9.92 15.07
CA ALA H 36 2.65 9.80 16.21
C ALA H 36 3.86 10.71 16.04
N SER H 37 4.46 10.68 14.86
CA SER H 37 5.61 11.53 14.57
C SER H 37 5.30 13.01 14.75
N PHE H 38 4.15 13.43 14.25
CA PHE H 38 3.64 14.79 14.38
C PHE H 38 3.40 15.19 15.85
N TYR H 39 2.73 14.35 16.65
CA TYR H 39 2.54 14.66 18.08
C TYR H 39 3.87 14.79 18.84
N HIS H 40 4.82 13.93 18.53
CA HIS H 40 6.16 14.02 19.13
C HIS H 40 6.95 15.28 18.77
N ALA H 41 6.98 15.63 17.49
CA ALA H 41 7.71 16.81 17.02
C ALA H 41 7.09 18.11 17.52
N THR H 42 5.74 18.18 17.57
CA THR H 42 5.01 19.40 17.84
C THR H 42 4.78 19.65 19.32
N LEU H 43 4.62 18.58 20.10
CA LEU H 43 4.30 18.68 21.54
C LEU H 43 5.21 17.86 22.50
N LEU H 44 5.29 16.55 22.31
CA LEU H 44 5.88 15.66 23.32
C LEU H 44 7.36 15.87 23.63
N LYS H 45 8.14 16.34 22.67
CA LYS H 45 9.56 16.60 22.90
C LYS H 45 9.87 17.91 23.63
N HIS H 46 8.88 18.77 23.82
CA HIS H 46 9.10 20.13 24.33
C HIS H 46 8.84 20.17 25.81
N GLU H 47 9.66 20.92 26.55
CA GLU H 47 9.57 20.98 28.02
C GLU H 47 8.40 21.84 28.54
N ASN H 48 7.96 22.79 27.72
CA ASN H 48 6.93 23.77 28.15
C ASN H 48 6.20 24.37 26.96
N LEU H 49 5.12 25.09 27.25
CA LEU H 49 4.25 25.59 26.20
C LEU H 49 4.95 26.62 25.29
N GLY H 50 5.78 27.47 25.89
CA GLY H 50 6.56 28.49 25.18
C GLY H 50 7.42 27.87 24.10
N SER H 51 8.11 26.79 24.45
CA SER H 51 9.02 26.13 23.51
C SER H 51 8.25 25.40 22.40
N ALA H 52 7.12 24.79 22.74
CA ALA H 52 6.23 24.20 21.71
C ALA H 52 5.65 25.28 20.79
N LEU H 53 5.26 26.42 21.36
CA LEU H 53 4.69 27.53 20.59
C LEU H 53 5.70 28.12 19.61
N SER H 54 6.91 28.37 20.09
CA SER H 54 7.97 28.94 19.25
C SER H 54 8.34 28.02 18.09
N TYR H 55 8.35 26.72 18.35
CA TYR H 55 8.66 25.69 17.35
C TYR H 55 7.57 25.68 16.27
N MET H 56 6.31 25.71 16.71
N MET H 56 6.33 25.74 16.70
CA MET H 56 5.14 25.68 15.82
CA MET H 56 5.19 25.66 15.81
C MET H 56 5.09 26.88 14.91
C MET H 56 5.01 26.89 14.93
N LEU H 57 5.22 28.08 15.50
CA LEU H 57 5.15 29.33 14.76
C LEU H 57 6.32 29.42 13.80
N ALA H 58 7.48 28.99 14.26
CA ALA H 58 8.68 28.93 13.40
C ALA H 58 8.46 28.03 12.16
N ASN H 59 7.91 26.83 12.37
CA ASN H 59 7.69 25.86 11.28
C ASN H 59 6.59 26.34 10.29
N LYS H 60 5.49 26.86 10.83
CA LYS H 60 4.36 27.30 10.01
C LYS H 60 4.62 28.62 9.25
N LEU H 61 5.48 29.48 9.79
CA LEU H 61 5.78 30.77 9.15
C LEU H 61 7.04 30.73 8.26
N ALA H 62 7.73 29.60 8.24
CA ALA H 62 8.96 29.40 7.48
C ALA H 62 8.71 29.55 5.98
N SER H 63 9.67 30.12 5.27
CA SER H 63 9.62 30.21 3.82
C SER H 63 11.05 30.31 3.29
N PRO H 64 11.25 30.19 1.96
CA PRO H 64 12.65 30.33 1.50
C PRO H 64 13.23 31.69 1.90
N ILE H 65 12.39 32.72 1.91
CA ILE H 65 12.77 34.08 2.25
C ILE H 65 13.23 34.26 3.73
N MET H 66 12.74 33.43 4.67
CA MET H 66 13.15 33.46 6.11
C MET H 66 12.90 32.10 6.80
N PRO H 67 13.97 31.35 7.15
CA PRO H 67 13.73 29.98 7.61
C PRO H 67 13.23 29.86 9.06
N ALA H 68 12.64 28.71 9.35
CA ALA H 68 12.20 28.32 10.70
C ALA H 68 13.24 28.59 11.78
N ILE H 69 14.48 28.18 11.52
CA ILE H 69 15.56 28.40 12.49
C ILE H 69 15.75 29.89 12.84
N ALA H 70 15.52 30.78 11.89
CA ALA H 70 15.64 32.23 12.11
C ALA H 70 14.44 32.81 12.87
N ILE H 71 13.23 32.45 12.44
CA ILE H 71 12.00 32.83 13.13
C ILE H 71 11.96 32.34 14.58
N ARG H 72 12.44 31.13 14.85
CA ARG H 72 12.36 30.62 16.22
C ARG H 72 13.12 31.47 17.24
N GLU H 73 14.30 32.00 16.87
CA GLU H 73 15.08 32.77 17.83
C GLU H 73 14.45 34.15 18.10
N VAL H 74 13.69 34.68 17.13
CA VAL H 74 12.94 35.93 17.34
C VAL H 74 11.79 35.67 18.32
N VAL H 75 11.10 34.56 18.14
CA VAL H 75 10.00 34.18 19.03
C VAL H 75 10.50 33.91 20.46
N GLU H 76 11.56 33.12 20.58
CA GLU H 76 12.19 32.81 21.88
C GLU H 76 12.69 34.05 22.63
N GLU H 77 13.24 35.03 21.93
CA GLU H 77 13.67 36.29 22.56
C GLU H 77 12.46 37.06 23.13
N ALA H 78 11.39 37.16 22.34
CA ALA H 78 10.13 37.74 22.79
C ALA H 78 9.58 37.06 24.04
N TYR H 79 9.50 35.73 24.00
CA TYR H 79 8.97 34.96 25.12
C TYR H 79 9.88 34.99 26.36
N ALA H 80 11.19 35.18 26.13
CA ALA H 80 12.15 35.36 27.22
C ALA H 80 11.89 36.69 27.93
N ALA H 81 11.64 37.75 27.16
CA ALA H 81 11.46 39.08 27.71
C ALA H 81 10.07 39.35 28.29
N ASP H 82 9.05 38.67 27.78
CA ASP H 82 7.68 38.90 28.23
C ASP H 82 6.93 37.58 28.23
N PRO H 83 7.22 36.72 29.24
CA PRO H 83 6.59 35.41 29.29
C PRO H 83 5.09 35.41 29.56
N GLU H 84 4.52 36.54 29.97
CA GLU H 84 3.05 36.70 30.00
C GLU H 84 2.34 36.37 28.67
N MET H 85 3.01 36.62 27.54
CA MET H 85 2.46 36.22 26.22
C MET H 85 2.14 34.74 26.17
N ILE H 86 2.92 33.93 26.87
CA ILE H 86 2.69 32.48 26.93
C ILE H 86 1.45 32.19 27.75
N ALA H 87 1.24 32.95 28.83
CA ALA H 87 0.01 32.80 29.64
C ALA H 87 -1.22 33.22 28.83
N SER H 88 -1.09 34.27 28.02
CA SER H 88 -2.17 34.67 27.10
C SER H 88 -2.54 33.52 26.16
N ALA H 89 -1.53 32.89 25.56
CA ALA H 89 -1.79 31.74 24.68
C ALA H 89 -2.62 30.68 25.37
N ALA H 90 -2.27 30.34 26.62
CA ALA H 90 -3.02 29.32 27.36
C ALA H 90 -4.48 29.74 27.54
N CYS H 91 -4.71 31.00 27.90
CA CYS H 91 -6.07 31.56 27.93
C CYS H 91 -6.79 31.51 26.60
N ASP H 92 -6.06 31.79 25.51
CA ASP H 92 -6.61 31.69 24.15
C ASP H 92 -7.00 30.26 23.80
N ILE H 93 -6.20 29.29 24.26
CA ILE H 93 -6.53 27.85 24.11
C ILE H 93 -7.85 27.52 24.79
N GLN H 94 -7.97 27.96 26.05
CA GLN H 94 -9.18 27.72 26.83
C GLN H 94 -10.39 28.37 26.20
N ALA H 95 -10.21 29.58 25.69
CA ALA H 95 -11.27 30.30 24.99
C ALA H 95 -11.90 29.45 23.88
N VAL H 96 -11.07 28.82 23.06
CA VAL H 96 -11.57 27.95 21.96
C VAL H 96 -12.23 26.69 22.51
N ARG H 97 -11.59 26.07 23.51
CA ARG H 97 -12.15 24.89 24.13
C ARG H 97 -13.51 25.16 24.78
N THR H 98 -13.63 26.24 25.55
CA THR H 98 -14.94 26.49 26.19
C THR H 98 -16.02 26.98 25.18
N ARG H 99 -15.63 27.75 24.15
CA ARG H 99 -16.60 28.37 23.21
C ARG H 99 -16.94 27.60 21.93
N ASP H 100 -16.07 26.71 21.48
CA ASP H 100 -16.26 25.97 20.24
C ASP H 100 -16.69 24.56 20.60
N PRO H 101 -17.94 24.19 20.27
CA PRO H 101 -18.40 22.85 20.65
C PRO H 101 -17.81 21.73 19.79
N ALA H 102 -17.18 22.07 18.67
CA ALA H 102 -16.39 21.12 17.89
C ALA H 102 -15.02 20.80 18.52
N VAL H 103 -14.60 21.56 19.53
CA VAL H 103 -13.28 21.40 20.15
C VAL H 103 -13.42 21.03 21.61
N ASP H 104 -12.89 19.86 21.99
CA ASP H 104 -12.96 19.38 23.37
C ASP H 104 -11.61 19.03 24.00
N LYS H 105 -10.49 19.33 23.32
CA LYS H 105 -9.13 19.06 23.83
C LYS H 105 -8.30 20.33 23.84
N TYR H 106 -7.46 20.50 24.86
CA TYR H 106 -6.56 21.67 24.97
C TYR H 106 -5.50 21.71 23.87
N SER H 107 -5.12 20.53 23.38
CA SER H 107 -4.11 20.41 22.32
C SER H 107 -4.60 20.84 20.94
N THR H 108 -5.93 20.78 20.71
CA THR H 108 -6.48 21.03 19.36
C THR H 108 -6.19 22.43 18.83
N PRO H 109 -6.40 23.48 19.64
CA PRO H 109 -6.13 24.82 19.14
C PRO H 109 -4.65 25.04 18.83
N LEU H 110 -3.79 24.51 19.72
CA LEU H 110 -2.36 24.62 19.61
C LEU H 110 -1.82 23.87 18.39
N LEU H 111 -2.36 22.69 18.12
CA LEU H 111 -1.93 21.89 16.97
C LEU H 111 -2.43 22.38 15.62
N TYR H 112 -3.69 22.79 15.55
CA TYR H 112 -4.39 22.86 14.27
C TYR H 112 -4.98 24.19 13.86
N LEU H 113 -5.33 25.07 14.81
CA LEU H 113 -6.21 26.19 14.47
C LEU H 113 -5.44 27.45 14.09
N LYS H 114 -5.55 27.82 12.80
CA LYS H 114 -4.72 28.91 12.27
C LYS H 114 -5.04 30.23 12.95
N GLY H 115 -6.29 30.42 13.39
CA GLY H 115 -6.66 31.64 14.10
C GLY H 115 -5.93 31.78 15.42
N PHE H 116 -5.82 30.67 16.15
CA PHE H 116 -5.02 30.62 17.35
C PHE H 116 -3.54 30.93 17.05
N HIS H 117 -3.02 30.31 16.01
CA HIS H 117 -1.63 30.57 15.63
C HIS H 117 -1.39 32.02 15.29
N ALA H 118 -2.33 32.62 14.55
CA ALA H 118 -2.19 34.00 14.11
C ALA H 118 -2.21 34.94 15.30
N LEU H 119 -3.09 34.64 16.24
CA LEU H 119 -3.18 35.45 17.47
C LEU H 119 -1.82 35.44 18.23
N GLN H 120 -1.14 34.29 18.29
CA GLN H 120 0.13 34.19 19.04
C GLN H 120 1.29 34.82 18.29
N ALA H 121 1.32 34.67 16.97
CA ALA H 121 2.23 35.45 16.14
C ALA H 121 2.04 36.94 16.33
N TYR H 122 0.79 37.38 16.45
CA TYR H 122 0.52 38.80 16.66
C TYR H 122 1.22 39.28 17.95
N ARG H 123 1.16 38.47 19.01
CA ARG H 123 1.77 38.83 20.30
C ARG H 123 3.26 39.11 20.15
N ILE H 124 3.91 38.32 19.30
CA ILE H 124 5.33 38.47 19.08
C ILE H 124 5.59 39.78 18.37
N GLY H 125 4.77 40.09 17.35
CA GLY H 125 4.95 41.31 16.57
C GLY H 125 4.61 42.57 17.38
N HIS H 126 3.61 42.47 18.23
CA HIS H 126 3.24 43.54 19.18
C HIS H 126 4.37 43.85 20.17
N TRP H 127 5.00 42.80 20.70
CA TRP H 127 6.19 42.97 21.55
C TRP H 127 7.31 43.68 20.77
N LEU H 128 7.58 43.21 19.57
CA LEU H 128 8.55 43.84 18.71
C LEU H 128 8.22 45.31 18.38
N TRP H 129 6.96 45.56 18.03
CA TRP H 129 6.52 46.88 17.64
C TRP H 129 6.75 47.85 18.80
N ASN H 130 6.46 47.42 20.02
CA ASN H 130 6.62 48.28 21.19
C ASN H 130 8.06 48.48 21.67
N LYS H 131 8.99 47.66 21.17
CA LYS H 131 10.42 47.89 21.34
C LYS H 131 11.04 48.69 20.20
N GLY H 132 10.23 49.22 19.29
CA GLY H 132 10.75 49.97 18.15
C GLY H 132 11.29 49.11 17.02
N ARG H 133 11.04 47.80 17.09
CA ARG H 133 11.49 46.85 16.08
C ARG H 133 10.34 46.61 15.13
N ARG H 134 10.02 47.67 14.38
CA ARG H 134 8.87 47.71 13.51
C ARG H 134 9.06 46.87 12.26
N ALA H 135 10.26 46.89 11.69
CA ALA H 135 10.51 46.15 10.44
C ALA H 135 10.18 44.66 10.61
N LEU H 136 10.63 44.10 11.72
CA LEU H 136 10.45 42.71 12.02
C LEU H 136 8.99 42.40 12.39
N ALA H 137 8.36 43.32 13.12
CA ALA H 137 6.93 43.20 13.45
C ALA H 137 6.09 43.16 12.16
N ILE H 138 6.44 44.00 11.18
CA ILE H 138 5.73 44.10 9.89
C ILE H 138 6.04 42.88 9.03
N PHE H 139 7.27 42.38 9.08
CA PHE H 139 7.59 41.14 8.35
C PHE H 139 6.67 40.04 8.86
N LEU H 140 6.61 39.85 10.17
CA LEU H 140 5.77 38.80 10.77
C LEU H 140 4.30 38.97 10.47
N GLN H 141 3.78 40.19 10.62
CA GLN H 141 2.37 40.49 10.31
C GLN H 141 2.00 39.98 8.93
N ASN H 142 2.85 40.28 7.94
CA ASN H 142 2.50 39.97 6.56
C ASN H 142 2.78 38.50 6.20
N GLN H 143 3.74 37.88 6.87
CA GLN H 143 3.96 36.42 6.72
C GLN H 143 2.77 35.65 7.35
N VAL H 144 2.23 36.14 8.44
CA VAL H 144 1.00 35.59 9.03
C VAL H 144 -0.22 35.74 8.10
N SER H 145 -0.31 36.86 7.37
CA SER H 145 -1.38 37.09 6.41
C SER H 145 -1.29 36.09 5.28
N VAL H 146 -0.07 35.81 4.82
CA VAL H 146 0.15 34.80 3.76
C VAL H 146 -0.12 33.36 4.25
N SER H 147 0.38 33.03 5.45
CA SER H 147 0.34 31.65 5.98
C SER H 147 -0.95 31.31 6.67
N PHE H 148 -1.53 32.26 7.40
CA PHE H 148 -2.74 31.98 8.18
C PHE H 148 -3.94 32.81 7.72
N GLN H 149 -3.73 33.70 6.74
CA GLN H 149 -4.79 34.52 6.14
C GLN H 149 -5.47 35.43 7.15
N VAL H 150 -4.70 35.84 8.16
CA VAL H 150 -5.13 36.84 9.15
C VAL H 150 -4.16 37.97 9.04
N ASP H 151 -4.68 39.21 8.94
CA ASP H 151 -3.88 40.41 8.81
C ASP H 151 -4.20 41.31 10.00
N ILE H 152 -3.34 41.25 11.02
CA ILE H 152 -3.47 42.04 12.24
C ILE H 152 -2.25 42.94 12.30
N HIS H 153 -2.48 44.25 12.31
CA HIS H 153 -1.39 45.17 12.44
C HIS H 153 -0.82 45.01 13.86
N PRO H 154 0.52 44.97 14.01
CA PRO H 154 1.12 44.71 15.32
C PRO H 154 0.91 45.79 16.43
N ALA H 155 0.59 47.02 16.05
CA ALA H 155 0.21 48.09 16.98
C ALA H 155 -1.19 47.94 17.54
N ALA H 156 -2.00 47.05 16.98
CA ALA H 156 -3.32 46.73 17.55
C ALA H 156 -3.13 46.21 18.97
N LYS H 157 -4.04 46.57 19.86
CA LYS H 157 -3.95 46.19 21.28
C LYS H 157 -4.97 45.12 21.55
N ILE H 158 -4.52 43.87 21.61
CA ILE H 158 -5.41 42.75 21.74
C ILE H 158 -5.14 42.06 23.09
N GLY H 159 -6.22 41.72 23.77
CA GLY H 159 -6.15 41.05 25.06
C GLY H 159 -6.00 39.55 24.92
N ARG H 160 -6.52 38.84 25.91
CA ARG H 160 -6.40 37.39 26.03
C ARG H 160 -7.76 36.75 26.20
N GLY H 161 -7.80 35.44 26.02
CA GLY H 161 -9.08 34.71 25.92
C GLY H 161 -9.78 35.02 24.62
N ILE H 162 -9.01 35.29 23.56
CA ILE H 162 -9.56 35.64 22.27
C ILE H 162 -9.71 34.37 21.44
N MET H 163 -10.83 34.26 20.73
CA MET H 163 -11.01 33.22 19.73
C MET H 163 -11.15 33.87 18.35
N LEU H 164 -10.25 33.50 17.44
CA LEU H 164 -10.43 33.76 16.03
C LEU H 164 -10.93 32.48 15.39
N ASP H 165 -12.25 32.34 15.30
CA ASP H 165 -12.92 31.13 14.81
C ASP H 165 -12.87 31.04 13.27
N HIS H 166 -12.26 29.99 12.72
CA HIS H 166 -11.99 29.81 11.28
C HIS H 166 -11.02 30.80 10.70
N ALA H 167 -11.27 32.10 10.91
CA ALA H 167 -10.24 33.15 10.87
C ALA H 167 -9.88 33.68 9.50
N THR H 168 -10.14 32.91 8.43
CA THR H 168 -9.65 33.37 7.15
C THR H 168 -10.29 34.72 6.79
N GLY H 169 -9.42 35.65 6.42
CA GLY H 169 -9.84 36.96 5.95
C GLY H 169 -10.02 38.00 7.04
N ILE H 170 -9.64 37.70 8.29
CA ILE H 170 -9.71 38.70 9.36
C ILE H 170 -8.69 39.79 9.08
N VAL H 171 -9.11 41.05 9.27
CA VAL H 171 -8.27 42.19 9.08
C VAL H 171 -8.49 43.10 10.29
N VAL H 172 -7.39 43.47 10.95
CA VAL H 172 -7.42 44.36 12.11
C VAL H 172 -6.42 45.49 11.91
N GLY H 173 -6.90 46.73 11.93
CA GLY H 173 -6.07 47.92 11.75
C GLY H 173 -5.22 48.36 12.92
N GLU H 174 -4.30 49.25 12.60
CA GLU H 174 -3.22 49.75 13.48
C GLU H 174 -3.63 50.24 14.89
N THR H 175 -4.77 50.89 14.97
CA THR H 175 -5.20 51.58 16.19
C THR H 175 -6.40 50.89 16.79
N ALA H 176 -6.72 49.66 16.34
CA ALA H 176 -7.81 48.88 16.93
C ALA H 176 -7.48 48.39 18.32
N VAL H 177 -8.53 48.13 19.09
CA VAL H 177 -8.39 47.54 20.41
C VAL H 177 -9.40 46.41 20.49
N ILE H 178 -8.95 45.28 21.00
CA ILE H 178 -9.79 44.11 21.21
C ILE H 178 -9.50 43.70 22.62
N GLU H 179 -10.49 43.81 23.50
CA GLU H 179 -10.32 43.49 24.90
C GLU H 179 -10.49 42.00 25.10
N ASP H 180 -10.26 41.55 26.33
CA ASP H 180 -10.37 40.15 26.70
C ASP H 180 -11.69 39.50 26.29
N ASP H 181 -11.63 38.20 26.05
CA ASP H 181 -12.81 37.37 25.84
C ASP H 181 -13.68 37.68 24.62
N VAL H 182 -13.07 38.25 23.60
CA VAL H 182 -13.77 38.55 22.36
C VAL H 182 -13.68 37.31 21.48
N SER H 183 -14.76 37.03 20.76
CA SER H 183 -14.79 35.99 19.73
C SER H 183 -15.03 36.61 18.37
N ILE H 184 -14.11 36.39 17.43
CA ILE H 184 -14.20 36.97 16.07
C ILE H 184 -14.23 35.85 15.05
N LEU H 185 -15.18 35.93 14.11
CA LEU H 185 -15.26 34.91 13.05
C LEU H 185 -14.50 35.34 11.80
N GLN H 186 -14.41 34.41 10.86
CA GLN H 186 -13.90 34.66 9.51
C GLN H 186 -14.42 35.93 8.84
N SER H 187 -13.53 36.57 8.08
CA SER H 187 -13.82 37.70 7.21
C SER H 187 -14.32 38.94 7.94
N VAL H 188 -13.94 39.07 9.20
CA VAL H 188 -14.25 40.27 9.96
C VAL H 188 -13.17 41.30 9.71
N THR H 189 -13.60 42.55 9.47
CA THR H 189 -12.71 43.69 9.34
C THR H 189 -12.98 44.66 10.49
N LEU H 190 -11.93 45.00 11.23
CA LEU H 190 -11.95 46.14 12.15
C LEU H 190 -11.11 47.19 11.44
N GLY H 191 -11.78 48.07 10.68
CA GLY H 191 -11.11 48.93 9.69
C GLY H 191 -11.45 50.41 9.86
N GLY H 192 -10.96 51.21 8.91
CA GLY H 192 -11.23 52.65 8.83
C GLY H 192 -12.38 52.95 7.88
N THR H 193 -12.77 54.23 7.82
CA THR H 193 -13.91 54.69 6.99
C THR H 193 -13.52 55.28 5.61
N GLY H 194 -12.22 55.34 5.33
CA GLY H 194 -11.72 55.82 4.03
C GLY H 194 -10.26 56.11 4.16
N LYS H 195 -9.76 57.06 3.37
CA LYS H 195 -8.41 57.62 3.65
C LYS H 195 -8.53 58.47 4.91
N THR H 196 -8.22 57.84 6.05
CA THR H 196 -8.30 58.46 7.38
C THR H 196 -6.93 58.36 8.05
N SER H 197 -6.77 59.04 9.19
CA SER H 197 -5.48 59.12 9.89
C SER H 197 -5.65 59.30 11.41
N GLY H 198 -4.57 59.12 12.18
CA GLY H 198 -4.65 59.13 13.65
C GLY H 198 -5.48 57.96 14.18
N ASP H 199 -6.21 58.16 15.27
CA ASP H 199 -7.07 57.12 15.87
C ASP H 199 -8.29 56.88 14.97
N ARG H 200 -8.33 55.74 14.29
CA ARG H 200 -9.28 55.53 13.20
C ARG H 200 -9.87 54.11 13.03
N HIS H 201 -9.66 53.23 14.01
CA HIS H 201 -10.09 51.84 13.93
C HIS H 201 -10.93 51.53 15.16
N PRO H 202 -11.73 50.45 15.13
CA PRO H 202 -12.68 50.23 16.24
C PRO H 202 -12.09 49.81 17.60
N LYS H 203 -12.87 50.03 18.65
CA LYS H 203 -12.51 49.65 20.02
C LYS H 203 -13.55 48.61 20.44
N ILE H 204 -13.13 47.33 20.42
CA ILE H 204 -14.00 46.22 20.78
C ILE H 204 -13.76 45.83 22.23
N ARG H 205 -14.81 45.97 23.05
CA ARG H 205 -14.75 45.74 24.48
C ARG H 205 -15.04 44.30 24.80
N GLU H 206 -14.88 43.94 26.09
CA GLU H 206 -14.89 42.56 26.55
C GLU H 206 -16.13 41.75 26.19
N GLY H 207 -15.93 40.46 25.96
CA GLY H 207 -17.01 39.52 25.72
C GLY H 207 -17.82 39.72 24.44
N VAL H 208 -17.38 40.63 23.56
CA VAL H 208 -18.09 40.89 22.31
C VAL H 208 -17.92 39.67 21.39
N MET H 209 -18.94 39.40 20.59
CA MET H 209 -18.99 38.31 19.63
C MET H 209 -19.23 38.93 18.27
N ILE H 210 -18.35 38.67 17.29
CA ILE H 210 -18.47 39.29 15.97
C ILE H 210 -18.66 38.18 14.94
N GLY H 211 -19.82 38.20 14.28
CA GLY H 211 -20.16 37.21 13.26
C GLY H 211 -19.41 37.36 11.95
N ALA H 212 -19.55 36.32 11.12
CA ALA H 212 -18.76 36.16 9.92
C ALA H 212 -19.01 37.28 8.94
N GLY H 213 -17.92 37.88 8.43
CA GLY H 213 -18.02 38.93 7.44
C GLY H 213 -18.43 40.29 7.98
N ALA H 214 -18.57 40.47 9.29
CA ALA H 214 -18.91 41.82 9.80
C ALA H 214 -17.80 42.80 9.48
N LYS H 215 -18.19 44.01 9.06
CA LYS H 215 -17.26 45.11 8.90
C LYS H 215 -17.56 46.17 9.95
N ILE H 216 -16.56 46.50 10.78
CA ILE H 216 -16.72 47.51 11.83
C ILE H 216 -15.70 48.60 11.48
N LEU H 217 -16.21 49.81 11.20
CA LEU H 217 -15.44 50.84 10.52
C LEU H 217 -15.39 52.12 11.33
N GLY H 218 -14.18 52.68 11.47
CA GLY H 218 -13.95 53.93 12.19
C GLY H 218 -13.55 53.74 13.65
N ASN H 219 -13.22 54.85 14.30
CA ASN H 219 -12.98 54.85 15.73
C ASN H 219 -14.31 54.89 16.48
N ILE H 220 -14.93 53.72 16.59
CA ILE H 220 -16.22 53.55 17.24
C ILE H 220 -16.12 52.44 18.26
N GLU H 221 -16.90 52.57 19.33
CA GLU H 221 -16.99 51.58 20.40
C GLU H 221 -18.02 50.51 20.10
N VAL H 222 -17.63 49.24 20.25
CA VAL H 222 -18.59 48.17 20.36
C VAL H 222 -18.47 47.80 21.82
N GLY H 223 -19.56 48.05 22.54
CA GLY H 223 -19.55 47.98 24.00
C GLY H 223 -19.53 46.57 24.52
N ARG H 224 -19.20 46.41 25.79
CA ARG H 224 -18.94 45.09 26.35
C ARG H 224 -20.16 44.20 26.19
N GLY H 225 -19.94 42.93 25.82
CA GLY H 225 -21.00 41.96 25.72
C GLY H 225 -21.92 42.06 24.51
N ALA H 226 -21.64 43.00 23.60
CA ALA H 226 -22.44 43.15 22.38
C ALA H 226 -22.26 41.96 21.41
N LYS H 227 -23.28 41.70 20.61
CA LYS H 227 -23.23 40.73 19.51
C LYS H 227 -23.36 41.47 18.18
N ILE H 228 -22.36 41.32 17.31
CA ILE H 228 -22.41 41.90 15.97
C ILE H 228 -22.81 40.80 15.00
N GLY H 229 -23.87 41.06 14.23
CA GLY H 229 -24.42 40.09 13.32
C GLY H 229 -23.49 39.84 12.16
N ALA H 230 -23.59 38.65 11.58
CA ALA H 230 -22.85 38.30 10.39
C ALA H 230 -23.24 39.23 9.25
N GLY H 231 -22.25 39.62 8.44
CA GLY H 231 -22.52 40.49 7.29
C GLY H 231 -22.83 41.94 7.63
N SER H 232 -22.74 42.31 8.91
CA SER H 232 -23.08 43.68 9.32
C SER H 232 -22.05 44.66 8.82
N VAL H 233 -22.49 45.91 8.68
CA VAL H 233 -21.58 47.01 8.47
C VAL H 233 -21.87 48.01 9.58
N VAL H 234 -20.97 48.06 10.56
CA VAL H 234 -21.16 48.87 11.77
C VAL H 234 -20.41 50.18 11.60
N LEU H 235 -21.16 51.27 11.57
CA LEU H 235 -20.61 52.60 11.38
C LEU H 235 -20.80 53.55 12.58
N GLN H 236 -21.74 53.24 13.46
CA GLN H 236 -21.94 53.98 14.72
C GLN H 236 -21.58 53.08 15.91
N PRO H 237 -21.36 53.70 17.10
CA PRO H 237 -21.08 52.89 18.28
C PRO H 237 -22.23 51.97 18.62
N VAL H 238 -21.91 50.83 19.22
CA VAL H 238 -22.90 49.83 19.60
C VAL H 238 -22.89 49.85 21.12
N PRO H 239 -24.08 50.03 21.75
CA PRO H 239 -24.08 50.03 23.21
C PRO H 239 -23.84 48.63 23.82
N PRO H 240 -23.37 48.59 25.07
CA PRO H 240 -23.10 47.31 25.73
C PRO H 240 -24.30 46.36 25.73
N HIS H 241 -24.01 45.06 25.61
CA HIS H 241 -25.00 44.02 25.75
C HIS H 241 -26.20 44.13 24.82
N THR H 242 -25.97 44.66 23.61
CA THR H 242 -27.01 44.68 22.56
C THR H 242 -26.54 43.92 21.32
N THR H 243 -27.50 43.50 20.51
CA THR H 243 -27.23 42.87 19.22
C THR H 243 -27.43 43.90 18.14
N ALA H 244 -26.38 44.17 17.37
CA ALA H 244 -26.42 45.04 16.21
C ALA H 244 -26.28 44.21 14.96
N ALA H 245 -27.06 44.53 13.95
CA ALA H 245 -27.06 43.77 12.69
C ALA H 245 -27.61 44.60 11.55
N GLY H 246 -27.22 44.25 10.32
CA GLY H 246 -27.68 44.91 9.11
C GLY H 246 -26.63 45.76 8.41
N VAL H 247 -27.01 46.27 7.25
CA VAL H 247 -26.18 47.17 6.45
C VAL H 247 -26.96 48.48 6.17
N PRO H 248 -26.77 49.54 6.96
CA PRO H 248 -25.87 49.63 8.10
C PRO H 248 -26.42 48.94 9.33
N ALA H 249 -25.55 48.71 10.31
CA ALA H 249 -25.97 48.03 11.52
C ALA H 249 -26.91 48.92 12.33
N ARG H 250 -27.94 48.30 12.92
CA ARG H 250 -28.76 48.95 13.95
C ARG H 250 -29.13 47.92 15.00
N ILE H 251 -29.68 48.38 16.12
CA ILE H 251 -29.98 47.50 17.25
C ILE H 251 -31.21 46.66 16.95
N VAL H 252 -31.08 45.35 17.07
CA VAL H 252 -32.18 44.41 16.80
C VAL H 252 -32.58 43.56 18.01
N GLY H 253 -32.01 43.85 19.18
CA GLY H 253 -32.27 43.08 20.40
C GLY H 253 -31.13 43.17 21.39
N LYS H 254 -31.10 42.22 22.32
CA LYS H 254 -29.98 42.00 23.24
C LYS H 254 -29.63 40.50 23.25
N PRO H 255 -28.32 40.14 23.36
CA PRO H 255 -27.95 38.73 23.25
C PRO H 255 -28.37 37.89 24.45
N PRO I 10 -26.03 14.78 -14.01
CA PRO I 10 -25.17 13.62 -13.62
C PRO I 10 -25.13 12.57 -14.74
N CYS I 11 -24.01 11.87 -15.01
CA CYS I 11 -22.64 12.11 -14.51
C CYS I 11 -21.68 11.17 -15.27
N GLU I 12 -20.81 11.75 -16.10
CA GLU I 12 -19.93 10.99 -17.02
C GLU I 12 -18.96 9.99 -16.35
N GLU I 13 -18.60 8.93 -17.08
CA GLU I 13 -17.81 7.82 -16.54
C GLU I 13 -16.35 8.18 -16.23
N LEU I 14 -15.87 7.61 -15.13
CA LEU I 14 -14.52 7.86 -14.57
C LEU I 14 -13.39 7.67 -15.57
N GLU I 15 -13.46 6.64 -16.39
CA GLU I 15 -12.36 6.40 -17.32
C GLU I 15 -12.32 7.26 -18.56
N ILE I 16 -13.44 7.85 -18.90
CA ILE I 16 -13.46 8.72 -20.05
C ILE I 16 -12.98 10.09 -19.60
N VAL I 17 -13.26 10.46 -18.35
CA VAL I 17 -12.78 11.74 -17.87
C VAL I 17 -11.28 11.61 -17.80
N TRP I 18 -10.77 10.48 -17.35
CA TRP I 18 -9.33 10.30 -17.26
C TRP I 18 -8.60 10.29 -18.60
N LYS I 19 -9.17 9.68 -19.61
CA LYS I 19 -8.55 9.64 -20.91
C LYS I 19 -8.57 11.00 -21.53
N ASN I 20 -9.64 11.73 -21.28
CA ASN I 20 -9.71 13.07 -21.81
C ASN I 20 -8.67 13.95 -21.16
N ILE I 21 -8.46 13.77 -19.86
CA ILE I 21 -7.48 14.57 -19.14
C ILE I 21 -6.10 14.32 -19.71
N LYS I 22 -5.76 13.07 -19.87
CA LYS I 22 -4.46 12.67 -20.42
C LYS I 22 -4.26 13.17 -21.86
N ALA I 23 -5.33 13.06 -22.68
CA ALA I 23 -5.26 13.57 -24.06
C ALA I 23 -4.96 15.06 -24.07
N GLU I 24 -5.64 15.83 -23.23
CA GLU I 24 -5.37 17.27 -23.13
C GLU I 24 -3.92 17.55 -22.70
N ALA I 25 -3.47 16.82 -21.68
CA ALA I 25 -2.16 17.05 -21.10
C ALA I 25 -1.05 16.83 -22.14
N ARG I 26 -1.17 15.74 -22.90
CA ARG I 26 -0.18 15.43 -23.95
C ARG I 26 -0.05 16.59 -24.92
N ALA I 27 -1.19 17.11 -25.39
CA ALA I 27 -1.19 18.22 -26.34
C ALA I 27 -0.65 19.51 -25.70
N LEU I 28 -1.09 19.82 -24.48
CA LEU I 28 -0.62 21.03 -23.79
C LEU I 28 0.88 21.00 -23.47
N ALA I 29 1.41 19.82 -23.13
CA ALA I 29 2.86 19.66 -22.93
C ALA I 29 3.66 20.02 -24.18
N ASP I 30 3.11 19.70 -25.37
CA ASP I 30 3.76 20.05 -26.65
C ASP I 30 3.78 21.54 -26.93
N CYS I 31 2.69 22.25 -26.62
CA CYS I 31 2.60 23.68 -26.97
C CYS I 31 3.10 24.63 -25.87
N GLU I 32 3.38 24.13 -24.67
CA GLU I 32 4.02 24.96 -23.63
C GLU I 32 5.21 24.23 -22.96
N PRO I 33 6.42 24.38 -23.53
CA PRO I 33 7.62 23.69 -23.02
C PRO I 33 7.94 23.99 -21.56
N MET I 34 7.61 25.20 -21.09
CA MET I 34 7.82 25.57 -19.70
C MET I 34 6.98 24.77 -18.70
N LEU I 35 5.85 24.23 -19.14
CA LEU I 35 4.94 23.45 -18.28
C LEU I 35 4.97 21.95 -18.54
N ALA I 36 5.81 21.51 -19.48
CA ALA I 36 5.86 20.11 -19.84
C ALA I 36 6.21 19.22 -18.63
N SER I 37 7.20 19.66 -17.85
CA SER I 37 7.59 18.93 -16.63
C SER I 37 6.41 18.81 -15.66
N PHE I 38 5.69 19.92 -15.48
CA PHE I 38 4.50 19.99 -14.63
C PHE I 38 3.40 19.03 -15.08
N TYR I 39 3.06 19.07 -16.37
CA TYR I 39 2.06 18.14 -16.92
C TYR I 39 2.44 16.66 -16.74
N HIS I 40 3.71 16.35 -16.96
CA HIS I 40 4.22 14.99 -16.71
C HIS I 40 4.17 14.51 -15.25
N ALA I 41 4.60 15.34 -14.31
CA ALA I 41 4.63 14.96 -12.89
C ALA I 41 3.22 14.88 -12.34
N THR I 42 2.34 15.80 -12.74
CA THR I 42 0.99 15.92 -12.19
C THR I 42 -0.03 14.99 -12.80
N LEU I 43 0.11 14.69 -14.11
CA LEU I 43 -0.86 13.84 -14.82
C LEU I 43 -0.28 12.65 -15.63
N LEU I 44 0.57 12.94 -16.59
CA LEU I 44 0.95 11.93 -17.61
C LEU I 44 1.65 10.66 -17.11
N LYS I 45 2.33 10.73 -15.97
CA LYS I 45 3.01 9.55 -15.42
C LYS I 45 2.10 8.63 -14.61
N HIS I 46 0.86 9.06 -14.36
CA HIS I 46 -0.08 8.32 -13.54
C HIS I 46 -0.99 7.48 -14.39
N GLU I 47 -1.37 6.33 -13.85
CA GLU I 47 -2.16 5.32 -14.56
C GLU I 47 -3.67 5.56 -14.42
N ASN I 48 -4.08 6.31 -13.41
CA ASN I 48 -5.49 6.55 -13.18
C ASN I 48 -5.69 7.86 -12.40
N LEU I 49 -6.93 8.31 -12.33
CA LEU I 49 -7.24 9.59 -11.69
C LEU I 49 -6.90 9.59 -10.19
N GLY I 50 -7.19 8.49 -9.51
CA GLY I 50 -6.88 8.32 -8.09
C GLY I 50 -5.41 8.55 -7.75
N SER I 51 -4.53 7.99 -8.57
CA SER I 51 -3.09 8.18 -8.40
C SER I 51 -2.68 9.63 -8.58
N ALA I 52 -3.19 10.27 -9.63
CA ALA I 52 -2.94 11.70 -9.89
C ALA I 52 -3.46 12.56 -8.75
N LEU I 53 -4.64 12.21 -8.27
CA LEU I 53 -5.32 12.90 -7.19
C LEU I 53 -4.54 12.82 -5.89
N SER I 54 -4.16 11.61 -5.48
CA SER I 54 -3.36 11.42 -4.25
C SER I 54 -2.04 12.17 -4.33
N TYR I 55 -1.39 12.09 -5.48
CA TYR I 55 -0.10 12.78 -5.72
C TYR I 55 -0.22 14.30 -5.53
N MET I 56 -1.27 14.86 -6.15
N MET I 56 -1.27 14.85 -6.12
CA MET I 56 -1.52 16.31 -6.15
CA MET I 56 -1.48 16.28 -6.15
C MET I 56 -1.85 16.81 -4.77
C MET I 56 -1.88 16.83 -4.78
N LEU I 57 -2.76 16.12 -4.09
CA LEU I 57 -3.15 16.48 -2.73
C LEU I 57 -1.97 16.36 -1.76
N ALA I 58 -1.19 15.31 -1.92
CA ALA I 58 0.03 15.13 -1.11
C ALA I 58 1.02 16.28 -1.31
N ASN I 59 1.29 16.66 -2.57
CA ASN I 59 2.21 17.76 -2.88
C ASN I 59 1.75 19.15 -2.42
N LYS I 60 0.47 19.43 -2.64
CA LYS I 60 -0.13 20.74 -2.29
C LYS I 60 -0.31 20.94 -0.79
N LEU I 61 -0.57 19.86 -0.07
CA LEU I 61 -0.78 19.93 1.41
C LEU I 61 0.52 19.74 2.23
N ALA I 62 1.64 19.39 1.59
CA ALA I 62 2.94 19.16 2.28
C ALA I 62 3.40 20.38 3.03
N SER I 63 3.96 20.17 4.22
CA SER I 63 4.59 21.26 4.99
C SER I 63 5.73 20.69 5.83
N PRO I 64 6.52 21.56 6.52
CA PRO I 64 7.53 21.04 7.44
C PRO I 64 6.97 19.97 8.40
N ILE I 65 5.85 20.29 9.05
CA ILE I 65 5.24 19.41 10.05
C ILE I 65 4.69 18.07 9.53
N MET I 66 4.41 17.94 8.22
CA MET I 66 4.00 16.64 7.64
C MET I 66 4.21 16.53 6.11
N PRO I 67 5.11 15.63 5.67
CA PRO I 67 5.51 15.67 4.26
C PRO I 67 4.56 14.96 3.29
N ALA I 68 4.69 15.32 2.01
CA ALA I 68 3.94 14.74 0.89
C ALA I 68 3.96 13.21 0.90
N ILE I 69 5.13 12.63 1.13
CA ILE I 69 5.24 11.16 1.20
C ILE I 69 4.31 10.55 2.27
N ALA I 70 4.15 11.25 3.39
CA ALA I 70 3.26 10.80 4.48
C ALA I 70 1.75 11.03 4.16
N ILE I 71 1.42 12.21 3.65
CA ILE I 71 0.05 12.50 3.25
C ILE I 71 -0.41 11.56 2.13
N ARG I 72 0.45 11.22 1.18
CA ARG I 72 -0.01 10.34 0.08
C ARG I 72 -0.51 8.96 0.53
N GLU I 73 0.16 8.40 1.53
CA GLU I 73 -0.23 7.11 2.10
C GLU I 73 -1.65 7.11 2.65
N VAL I 74 -2.00 8.21 3.32
CA VAL I 74 -3.30 8.37 3.97
C VAL I 74 -4.37 8.49 2.89
N VAL I 75 -4.08 9.28 1.85
CA VAL I 75 -5.01 9.47 0.74
C VAL I 75 -5.21 8.16 -0.02
N GLU I 76 -4.12 7.46 -0.30
CA GLU I 76 -4.18 6.16 -1.01
C GLU I 76 -4.95 5.08 -0.25
N GLU I 77 -4.84 5.06 1.08
CA GLU I 77 -5.62 4.13 1.90
C GLU I 77 -7.13 4.43 1.79
N ALA I 78 -7.49 5.71 1.95
CA ALA I 78 -8.86 6.18 1.76
C ALA I 78 -9.44 5.75 0.43
N TYR I 79 -8.69 5.96 -0.65
CA TYR I 79 -9.16 5.64 -2.00
C TYR I 79 -9.21 4.15 -2.27
N ALA I 80 -8.33 3.40 -1.60
CA ALA I 80 -8.36 1.94 -1.68
C ALA I 80 -9.62 1.38 -1.02
N ALA I 81 -10.04 1.99 0.08
CA ALA I 81 -11.20 1.52 0.84
C ALA I 81 -12.54 1.97 0.28
N ASP I 82 -12.56 3.11 -0.40
CA ASP I 82 -13.81 3.66 -0.92
C ASP I 82 -13.51 4.41 -2.21
N PRO I 83 -13.28 3.65 -3.31
CA PRO I 83 -12.97 4.27 -4.60
C PRO I 83 -14.08 5.13 -5.21
N GLU I 84 -15.31 5.07 -4.70
CA GLU I 84 -16.35 6.01 -5.10
C GLU I 84 -15.98 7.48 -4.91
N MET I 85 -15.12 7.78 -3.92
CA MET I 85 -14.58 9.14 -3.77
C MET I 85 -13.91 9.63 -5.04
N ILE I 86 -13.30 8.71 -5.78
CA ILE I 86 -12.66 9.07 -7.03
C ILE I 86 -13.69 9.37 -8.11
N ALA I 87 -14.82 8.63 -8.12
CA ALA I 87 -15.92 8.97 -9.04
C ALA I 87 -16.55 10.32 -8.70
N SER I 88 -16.66 10.64 -7.41
CA SER I 88 -17.16 11.96 -6.99
C SER I 88 -16.26 13.06 -7.56
N ALA I 89 -14.94 12.88 -7.44
CA ALA I 89 -13.98 13.83 -8.00
C ALA I 89 -14.21 14.09 -9.48
N ALA I 90 -14.42 13.03 -10.25
CA ALA I 90 -14.68 13.16 -11.69
C ALA I 90 -15.96 13.96 -11.95
N CYS I 91 -17.00 13.69 -11.15
CA CYS I 91 -18.25 14.47 -11.24
C CYS I 91 -18.00 15.93 -10.82
N ASP I 92 -17.16 16.15 -9.81
CA ASP I 92 -16.78 17.51 -9.42
C ASP I 92 -16.02 18.25 -10.54
N ILE I 93 -15.19 17.53 -11.30
CA ILE I 93 -14.49 18.11 -12.47
C ILE I 93 -15.50 18.58 -13.52
N GLN I 94 -16.42 17.69 -13.87
CA GLN I 94 -17.46 17.99 -14.87
C GLN I 94 -18.28 19.19 -14.45
N ALA I 95 -18.68 19.22 -13.17
CA ALA I 95 -19.38 20.36 -12.58
C ALA I 95 -18.73 21.70 -12.96
N VAL I 96 -17.42 21.81 -12.76
CA VAL I 96 -16.67 23.03 -13.06
C VAL I 96 -16.62 23.27 -14.55
N ARG I 97 -16.35 22.20 -15.31
CA ARG I 97 -16.34 22.32 -16.75
C ARG I 97 -17.69 22.79 -17.34
N THR I 98 -18.80 22.25 -16.88
CA THR I 98 -20.09 22.66 -17.46
C THR I 98 -20.61 24.01 -16.92
N ARG I 99 -20.28 24.38 -15.68
CA ARG I 99 -20.79 25.60 -15.05
C ARG I 99 -19.91 26.84 -15.17
N ASP I 100 -18.60 26.66 -15.32
CA ASP I 100 -17.64 27.77 -15.33
C ASP I 100 -17.30 28.07 -16.78
N PRO I 101 -17.74 29.25 -17.27
CA PRO I 101 -17.52 29.52 -18.71
C PRO I 101 -16.05 29.75 -19.06
N ALA I 102 -15.22 30.11 -18.08
CA ALA I 102 -13.77 30.22 -18.25
C ALA I 102 -13.01 28.89 -18.27
N VAL I 103 -13.70 27.76 -18.08
CA VAL I 103 -13.05 26.44 -18.05
C VAL I 103 -13.69 25.55 -19.11
N ASP I 104 -12.89 25.08 -20.08
CA ASP I 104 -13.37 24.14 -21.11
C ASP I 104 -12.67 22.77 -21.14
N LYS I 105 -11.62 22.58 -20.35
CA LYS I 105 -10.83 21.33 -20.33
C LYS I 105 -11.05 20.59 -19.04
N TYR I 106 -11.14 19.27 -19.11
CA TYR I 106 -11.28 18.42 -17.91
C TYR I 106 -10.06 18.49 -16.98
N SER I 107 -8.88 18.79 -17.54
CA SER I 107 -7.65 18.84 -16.76
C SER I 107 -7.54 20.10 -15.89
N THR I 108 -8.25 21.18 -16.26
CA THR I 108 -8.12 22.45 -15.54
C THR I 108 -8.48 22.40 -14.05
N PRO I 109 -9.64 21.83 -13.68
CA PRO I 109 -9.98 21.76 -12.25
C PRO I 109 -8.98 20.95 -11.43
N LEU I 110 -8.58 19.80 -12.00
CA LEU I 110 -7.59 18.92 -11.41
C LEU I 110 -6.23 19.56 -11.23
N LEU I 111 -5.79 20.33 -12.21
CA LEU I 111 -4.46 20.96 -12.17
C LEU I 111 -4.37 22.18 -11.26
N TYR I 112 -5.38 23.05 -11.34
CA TYR I 112 -5.23 24.42 -10.88
C TYR I 112 -6.20 24.90 -9.82
N LEU I 113 -7.39 24.33 -9.71
CA LEU I 113 -8.47 24.99 -8.93
C LEU I 113 -8.51 24.53 -7.47
N LYS I 114 -8.14 25.46 -6.56
CA LYS I 114 -7.99 25.10 -5.15
C LYS I 114 -9.32 24.70 -4.51
N GLY I 115 -10.43 25.20 -5.04
CA GLY I 115 -11.76 24.80 -4.59
C GLY I 115 -12.02 23.34 -4.89
N PHE I 116 -11.64 22.91 -6.08
CA PHE I 116 -11.71 21.51 -6.43
C PHE I 116 -10.80 20.64 -5.54
N HIS I 117 -9.56 21.08 -5.32
CA HIS I 117 -8.62 20.36 -4.46
C HIS I 117 -9.13 20.24 -3.02
N ALA I 118 -9.66 21.33 -2.48
CA ALA I 118 -10.17 21.36 -1.12
C ALA I 118 -11.36 20.40 -0.99
N LEU I 119 -12.22 20.36 -2.01
CA LEU I 119 -13.34 19.40 -2.03
C LEU I 119 -12.85 17.94 -1.95
N GLN I 120 -11.80 17.62 -2.70
CA GLN I 120 -11.30 16.22 -2.71
C GLN I 120 -10.58 15.87 -1.41
N ALA I 121 -9.81 16.83 -0.88
CA ALA I 121 -9.27 16.72 0.48
C ALA I 121 -10.36 16.47 1.52
N TYR I 122 -11.49 17.17 1.40
CA TYR I 122 -12.63 16.97 2.32
C TYR I 122 -13.08 15.51 2.34
N ARG I 123 -13.17 14.88 1.17
CA ARG I 123 -13.66 13.49 1.07
C ARG I 123 -12.78 12.51 1.85
N ILE I 124 -11.47 12.74 1.77
CA ILE I 124 -10.52 11.97 2.51
C ILE I 124 -10.75 12.11 3.99
N GLY I 125 -10.92 13.36 4.47
CA GLY I 125 -11.12 13.56 5.90
C GLY I 125 -12.47 13.06 6.38
N HIS I 126 -13.48 13.16 5.52
CA HIS I 126 -14.82 12.63 5.82
C HIS I 126 -14.80 11.10 5.96
N TRP I 127 -14.09 10.43 5.06
CA TRP I 127 -13.83 9.00 5.20
C TRP I 127 -13.13 8.70 6.54
N LEU I 128 -12.07 9.43 6.83
CA LEU I 128 -11.38 9.28 8.11
C LEU I 128 -12.28 9.52 9.31
N TRP I 129 -13.07 10.59 9.26
CA TRP I 129 -13.95 10.95 10.34
C TRP I 129 -14.95 9.80 10.62
N ASN I 130 -15.51 9.21 9.57
CA ASN I 130 -16.48 8.11 9.73
C ASN I 130 -15.88 6.76 10.14
N LYS I 131 -14.55 6.60 10.04
CA LYS I 131 -13.84 5.47 10.67
C LYS I 131 -13.35 5.78 12.09
N GLY I 132 -13.73 6.92 12.67
CA GLY I 132 -13.28 7.27 14.01
C GLY I 132 -11.84 7.78 14.09
N ARG I 133 -11.24 8.06 12.94
CA ARG I 133 -9.91 8.65 12.84
C ARG I 133 -10.05 10.15 12.73
N ARG I 134 -10.50 10.74 13.82
CA ARG I 134 -10.83 12.15 13.89
C ARG I 134 -9.60 13.05 13.89
N ALA I 135 -8.55 12.63 14.60
CA ALA I 135 -7.32 13.42 14.69
C ALA I 135 -6.75 13.75 13.30
N LEU I 136 -6.68 12.72 12.45
CA LEU I 136 -6.19 12.84 11.11
C LEU I 136 -7.13 13.65 10.21
N ALA I 137 -8.44 13.45 10.37
CA ALA I 137 -9.45 14.22 9.64
C ALA I 137 -9.33 15.71 10.00
N ILE I 138 -9.08 16.00 11.28
CA ILE I 138 -8.95 17.41 11.71
C ILE I 138 -7.60 18.00 11.27
N PHE I 139 -6.55 17.19 11.26
CA PHE I 139 -5.27 17.67 10.76
C PHE I 139 -5.48 18.12 9.33
N LEU I 140 -6.09 17.25 8.51
CA LEU I 140 -6.30 17.55 7.08
C LEU I 140 -7.19 18.75 6.85
N GLN I 141 -8.29 18.86 7.61
CA GLN I 141 -9.18 20.01 7.50
C GLN I 141 -8.42 21.31 7.68
N ASN I 142 -7.55 21.35 8.68
CA ASN I 142 -6.91 22.61 9.03
C ASN I 142 -5.72 22.91 8.12
N GLN I 143 -5.10 21.88 7.54
CA GLN I 143 -4.06 22.10 6.55
C GLN I 143 -4.64 22.60 5.21
N VAL I 144 -5.81 22.11 4.84
CA VAL I 144 -6.60 22.58 3.70
C VAL I 144 -6.99 24.03 3.90
N SER I 145 -7.34 24.41 5.13
CA SER I 145 -7.69 25.79 5.44
C SER I 145 -6.49 26.71 5.23
N VAL I 146 -5.30 26.26 5.62
CA VAL I 146 -4.04 27.03 5.42
C VAL I 146 -3.62 27.06 3.95
N SER I 147 -3.69 25.90 3.28
CA SER I 147 -3.22 25.75 1.91
C SER I 147 -4.18 26.25 0.85
N PHE I 148 -5.47 25.96 1.01
CA PHE I 148 -6.48 26.27 -0.01
C PHE I 148 -7.50 27.29 0.46
N GLN I 149 -7.41 27.71 1.73
CA GLN I 149 -8.26 28.75 2.31
C GLN I 149 -9.72 28.38 2.28
N VAL I 150 -9.96 27.07 2.38
CA VAL I 150 -11.30 26.51 2.51
C VAL I 150 -11.31 25.72 3.80
N ASP I 151 -12.31 25.96 4.66
CA ASP I 151 -12.40 25.32 5.97
C ASP I 151 -13.71 24.54 6.03
N ILE I 152 -13.64 23.24 5.75
CA ILE I 152 -14.79 22.36 5.81
C ILE I 152 -14.59 21.35 6.93
N HIS I 153 -15.50 21.34 7.90
CA HIS I 153 -15.44 20.35 8.94
C HIS I 153 -15.67 18.98 8.27
N PRO I 154 -14.85 17.96 8.62
CA PRO I 154 -14.97 16.66 7.94
C PRO I 154 -16.27 15.85 8.20
N ALA I 155 -17.02 16.19 9.23
CA ALA I 155 -18.35 15.62 9.50
C ALA I 155 -19.45 16.17 8.61
N ALA I 156 -19.20 17.28 7.90
CA ALA I 156 -20.15 17.78 6.90
C ALA I 156 -20.42 16.69 5.89
N LYS I 157 -21.66 16.62 5.42
CA LYS I 157 -22.06 15.60 4.43
C LYS I 157 -22.23 16.31 3.11
N ILE I 158 -21.25 16.12 2.21
CA ILE I 158 -21.22 16.82 0.94
C ILE I 158 -21.36 15.76 -0.16
N GLY I 159 -22.27 16.02 -1.10
CA GLY I 159 -22.48 15.15 -2.26
C GLY I 159 -21.43 15.37 -3.33
N ARG I 160 -21.81 15.11 -4.57
CA ARG I 160 -20.91 15.22 -5.73
C ARG I 160 -21.50 16.10 -6.83
N GLY I 161 -20.65 16.46 -7.80
CA GLY I 161 -20.97 17.51 -8.77
C GLY I 161 -20.99 18.88 -8.12
N ILE I 162 -20.12 19.10 -7.13
CA ILE I 162 -20.06 20.36 -6.40
C ILE I 162 -19.03 21.25 -7.07
N MET I 163 -19.32 22.54 -7.18
CA MET I 163 -18.32 23.52 -7.60
C MET I 163 -18.08 24.50 -6.44
N LEU I 164 -16.81 24.65 -6.06
CA LEU I 164 -16.38 25.71 -5.15
C LEU I 164 -15.60 26.69 -6.00
N ASP I 165 -16.32 27.71 -6.49
CA ASP I 165 -15.78 28.67 -7.45
C ASP I 165 -14.94 29.72 -6.73
N HIS I 166 -13.66 29.86 -7.12
CA HIS I 166 -12.67 30.73 -6.48
C HIS I 166 -12.32 30.32 -5.04
N ALA I 167 -13.34 30.16 -4.20
CA ALA I 167 -13.31 29.32 -2.99
C ALA I 167 -12.72 29.95 -1.74
N THR I 168 -11.95 31.02 -1.87
CA THR I 168 -11.22 31.48 -0.70
C THR I 168 -12.20 31.99 0.36
N GLY I 169 -11.98 31.53 1.58
CA GLY I 169 -12.77 31.95 2.72
C GLY I 169 -14.07 31.20 2.89
N ILE I 170 -14.29 30.13 2.12
CA ILE I 170 -15.47 29.27 2.36
C ILE I 170 -15.31 28.60 3.73
N VAL I 171 -16.41 28.54 4.48
CA VAL I 171 -16.43 27.89 5.77
C VAL I 171 -17.70 27.08 5.86
N VAL I 172 -17.54 25.79 6.15
CA VAL I 172 -18.66 24.87 6.29
C VAL I 172 -18.56 24.15 7.63
N GLY I 173 -19.63 24.24 8.43
CA GLY I 173 -19.70 23.59 9.75
C GLY I 173 -19.99 22.10 9.83
N GLU I 174 -19.69 21.56 11.01
CA GLU I 174 -19.75 20.13 11.35
C GLU I 174 -21.02 19.35 10.94
N THR I 175 -22.18 20.00 11.05
CA THR I 175 -23.49 19.37 10.85
C THR I 175 -24.15 19.87 9.57
N ALA I 176 -23.40 20.51 8.66
CA ALA I 176 -23.96 20.98 7.41
C ALA I 176 -24.15 19.83 6.44
N VAL I 177 -25.11 20.01 5.53
CA VAL I 177 -25.31 19.08 4.44
C VAL I 177 -25.32 19.88 3.14
N ILE I 178 -24.58 19.40 2.16
CA ILE I 178 -24.57 19.98 0.83
C ILE I 178 -24.87 18.80 -0.09
N GLU I 179 -26.02 18.83 -0.75
CA GLU I 179 -26.42 17.76 -1.65
C GLU I 179 -25.74 17.98 -2.99
N ASP I 180 -25.95 17.04 -3.91
CA ASP I 180 -25.38 17.08 -5.26
C ASP I 180 -25.63 18.38 -6.00
N ASP I 181 -24.70 18.73 -6.89
CA ASP I 181 -24.90 19.75 -7.90
C ASP I 181 -25.03 21.19 -7.37
N VAL I 182 -24.46 21.44 -6.20
CA VAL I 182 -24.48 22.75 -5.58
C VAL I 182 -23.25 23.51 -6.08
N SER I 183 -23.43 24.81 -6.31
CA SER I 183 -22.33 25.69 -6.65
C SER I 183 -22.17 26.73 -5.52
N ILE I 184 -20.96 26.86 -4.98
CA ILE I 184 -20.68 27.78 -3.87
C ILE I 184 -19.53 28.69 -4.28
N LEU I 185 -19.71 29.99 -4.06
CA LEU I 185 -18.66 30.95 -4.37
C LEU I 185 -17.81 31.28 -3.15
N GLN I 186 -16.73 32.01 -3.40
CA GLN I 186 -15.84 32.54 -2.35
C GLN I 186 -16.58 33.17 -1.19
N SER I 187 -16.00 33.01 0.01
CA SER I 187 -16.44 33.69 1.22
C SER I 187 -17.84 33.31 1.70
N VAL I 188 -18.30 32.13 1.31
CA VAL I 188 -19.59 31.62 1.76
C VAL I 188 -19.38 30.92 3.10
N THR I 189 -20.26 31.20 4.06
CA THR I 189 -20.28 30.52 5.33
C THR I 189 -21.59 29.77 5.44
N LEU I 190 -21.49 28.45 5.66
CA LEU I 190 -22.60 27.63 6.17
C LEU I 190 -22.30 27.42 7.65
N GLY I 191 -22.85 28.29 8.48
CA GLY I 191 -22.50 28.38 9.89
C GLY I 191 -23.68 28.26 10.86
N GLY I 192 -23.38 28.55 12.13
CA GLY I 192 -24.35 28.55 13.22
C GLY I 192 -24.80 29.97 13.57
N THR I 193 -25.75 30.07 14.49
CA THR I 193 -26.37 31.36 14.86
C THR I 193 -25.84 32.00 16.17
N GLY I 194 -24.96 31.28 16.86
CA GLY I 194 -24.32 31.84 18.05
C GLY I 194 -23.44 30.79 18.68
N LYS I 195 -23.56 30.63 20.00
CA LYS I 195 -22.86 29.55 20.71
C LYS I 195 -23.33 28.17 20.22
N THR I 196 -24.65 27.98 20.18
CA THR I 196 -25.36 26.79 19.59
C THR I 196 -24.66 25.42 19.55
N SER I 197 -25.41 24.36 19.85
CA SER I 197 -24.88 22.98 19.92
C SER I 197 -25.85 21.95 19.31
N GLY I 198 -25.36 20.73 19.08
CA GLY I 198 -26.13 19.70 18.35
C GLY I 198 -26.25 20.04 16.86
N ASP I 199 -27.41 19.75 16.26
CA ASP I 199 -27.67 20.03 14.83
C ASP I 199 -27.90 21.53 14.65
N ARG I 200 -26.96 22.22 14.01
CA ARG I 200 -26.90 23.68 14.07
C ARG I 200 -26.39 24.41 12.81
N HIS I 201 -26.18 23.69 11.72
CA HIS I 201 -25.65 24.28 10.48
C HIS I 201 -26.63 23.98 9.34
N PRO I 202 -26.53 24.71 8.22
CA PRO I 202 -27.58 24.58 7.20
C PRO I 202 -27.57 23.29 6.38
N LYS I 203 -28.74 22.98 5.83
CA LYS I 203 -28.96 21.87 4.92
C LYS I 203 -29.20 22.48 3.54
N ILE I 204 -28.19 22.42 2.68
CA ILE I 204 -28.27 22.94 1.32
C ILE I 204 -28.60 21.81 0.35
N ARG I 205 -29.79 21.92 -0.25
CA ARG I 205 -30.34 20.89 -1.12
C ARG I 205 -29.83 21.05 -2.54
N GLU I 206 -30.22 20.08 -3.38
CA GLU I 206 -29.68 19.86 -4.72
C GLU I 206 -29.80 21.07 -5.67
N GLY I 207 -28.75 21.35 -6.45
CA GLY I 207 -28.79 22.38 -7.49
C GLY I 207 -28.78 23.83 -7.02
N VAL I 208 -28.61 24.05 -5.71
CA VAL I 208 -28.57 25.41 -5.15
C VAL I 208 -27.29 26.12 -5.60
N MET I 209 -27.41 27.42 -5.83
CA MET I 209 -26.33 28.28 -6.25
C MET I 209 -26.21 29.31 -5.12
N ILE I 210 -25.02 29.47 -4.56
CA ILE I 210 -24.80 30.39 -3.43
C ILE I 210 -23.75 31.43 -3.83
N GLY I 211 -24.17 32.69 -3.86
CA GLY I 211 -23.30 33.78 -4.25
C GLY I 211 -22.23 34.18 -3.25
N ALA I 212 -21.29 34.99 -3.73
CA ALA I 212 -20.09 35.32 -3.01
C ALA I 212 -20.40 36.04 -1.70
N GLY I 213 -19.79 35.56 -0.61
CA GLY I 213 -19.95 36.21 0.68
C GLY I 213 -21.29 35.97 1.38
N ALA I 214 -22.12 35.07 0.85
CA ALA I 214 -23.38 34.74 1.53
C ALA I 214 -23.09 34.04 2.85
N LYS I 215 -23.85 34.42 3.88
CA LYS I 215 -23.80 33.78 5.18
C LYS I 215 -25.13 33.08 5.38
N ILE I 216 -25.09 31.76 5.56
CA ILE I 216 -26.29 30.97 5.80
C ILE I 216 -26.12 30.34 7.18
N LEU I 217 -26.98 30.73 8.13
CA LEU I 217 -26.75 30.46 9.54
C LEU I 217 -27.88 29.67 10.19
N GLY I 218 -27.49 28.70 11.03
CA GLY I 218 -28.43 27.85 11.75
C GLY I 218 -28.81 26.60 10.98
N ASN I 219 -29.57 25.73 11.65
CA ASN I 219 -30.13 24.53 11.03
C ASN I 219 -31.38 24.87 10.21
N ILE I 220 -31.16 25.36 9.00
CA ILE I 220 -32.23 25.80 8.11
C ILE I 220 -32.02 25.20 6.74
N GLU I 221 -33.14 24.99 6.05
CA GLU I 221 -33.18 24.38 4.73
C GLU I 221 -33.07 25.45 3.67
N VAL I 222 -32.17 25.24 2.71
CA VAL I 222 -32.19 25.99 1.48
C VAL I 222 -32.61 24.96 0.46
N GLY I 223 -33.83 25.14 -0.06
CA GLY I 223 -34.49 24.11 -0.85
C GLY I 223 -33.91 23.98 -2.23
N ARG I 224 -34.18 22.83 -2.85
CA ARG I 224 -33.60 22.47 -4.13
C ARG I 224 -33.80 23.54 -5.22
N GLY I 225 -32.70 23.87 -5.91
CA GLY I 225 -32.70 24.80 -7.01
C GLY I 225 -32.81 26.28 -6.64
N ALA I 226 -32.75 26.59 -5.33
CA ALA I 226 -32.74 28.00 -4.91
C ALA I 226 -31.43 28.73 -5.28
N LYS I 227 -31.52 30.04 -5.34
CA LYS I 227 -30.38 30.92 -5.56
C LYS I 227 -30.24 31.84 -4.35
N ILE I 228 -29.08 31.79 -3.70
CA ILE I 228 -28.76 32.70 -2.61
C ILE I 228 -27.93 33.84 -3.18
N GLY I 229 -28.34 35.08 -2.90
CA GLY I 229 -27.69 36.26 -3.42
C GLY I 229 -26.35 36.48 -2.72
N ALA I 230 -25.44 37.13 -3.45
CA ALA I 230 -24.17 37.50 -2.89
C ALA I 230 -24.39 38.46 -1.72
N GLY I 231 -23.57 38.33 -0.68
CA GLY I 231 -23.70 39.21 0.48
C GLY I 231 -24.90 38.97 1.37
N SER I 232 -25.73 37.96 1.06
CA SER I 232 -26.93 37.68 1.84
C SER I 232 -26.59 37.13 3.21
N VAL I 233 -27.53 37.30 4.13
CA VAL I 233 -27.45 36.71 5.44
C VAL I 233 -28.77 35.99 5.63
N VAL I 234 -28.74 34.68 5.41
CA VAL I 234 -29.92 33.86 5.41
C VAL I 234 -30.10 33.28 6.81
N LEU I 235 -31.21 33.65 7.44
CA LEU I 235 -31.54 33.23 8.80
C LEU I 235 -32.82 32.38 8.89
N GLN I 236 -33.62 32.36 7.83
CA GLN I 236 -34.82 31.51 7.77
C GLN I 236 -34.69 30.54 6.59
N PRO I 237 -35.49 29.45 6.60
CA PRO I 237 -35.49 28.53 5.48
C PRO I 237 -35.87 29.20 4.17
N VAL I 238 -35.29 28.70 3.07
CA VAL I 238 -35.51 29.26 1.75
C VAL I 238 -36.25 28.19 0.95
N PRO I 239 -37.42 28.56 0.35
CA PRO I 239 -38.15 27.55 -0.41
C PRO I 239 -37.45 27.11 -1.70
N PRO I 240 -37.78 25.91 -2.21
CA PRO I 240 -37.22 25.49 -3.49
C PRO I 240 -37.46 26.46 -4.64
N HIS I 241 -36.50 26.56 -5.55
CA HIS I 241 -36.63 27.31 -6.81
C HIS I 241 -36.96 28.78 -6.62
N THR I 242 -36.44 29.33 -5.53
CA THR I 242 -36.62 30.73 -5.15
C THR I 242 -35.25 31.42 -5.12
N THR I 243 -35.24 32.73 -5.37
CA THR I 243 -34.06 33.55 -5.14
C THR I 243 -34.26 34.31 -3.85
N ALA I 244 -33.36 34.07 -2.87
CA ALA I 244 -33.32 34.84 -1.63
C ALA I 244 -32.11 35.74 -1.64
N ALA I 245 -32.28 36.99 -1.20
CA ALA I 245 -31.19 37.95 -1.15
C ALA I 245 -31.46 39.00 -0.09
N GLY I 246 -30.40 39.69 0.33
CA GLY I 246 -30.47 40.78 1.31
C GLY I 246 -29.97 40.41 2.70
N VAL I 247 -29.93 41.44 3.55
CA VAL I 247 -29.50 41.31 4.93
C VAL I 247 -30.62 41.89 5.83
N PRO I 248 -31.49 41.05 6.42
CA PRO I 248 -31.52 39.60 6.27
C PRO I 248 -32.11 39.17 4.93
N ALA I 249 -31.90 37.92 4.54
CA ALA I 249 -32.40 37.47 3.25
C ALA I 249 -33.92 37.40 3.22
N ARG I 250 -34.51 37.85 2.12
CA ARG I 250 -35.91 37.60 1.83
C ARG I 250 -36.07 37.18 0.36
N ILE I 251 -37.26 36.68 0.03
CA ILE I 251 -37.54 36.18 -1.30
C ILE I 251 -37.69 37.35 -2.28
N VAL I 252 -36.88 37.38 -3.34
CA VAL I 252 -36.90 38.48 -4.33
C VAL I 252 -37.25 38.04 -5.77
N GLY I 253 -37.63 36.77 -5.94
CA GLY I 253 -37.92 36.22 -7.27
C GLY I 253 -37.70 34.73 -7.36
N LYS I 254 -37.46 34.26 -8.59
CA LYS I 254 -37.19 32.86 -8.91
C LYS I 254 -35.98 32.82 -9.86
N PRO I 255 -35.07 31.82 -9.71
CA PRO I 255 -33.86 31.82 -10.56
C PRO I 255 -34.12 31.33 -11.99
N PRO J 10 49.00 26.34 22.52
CA PRO J 10 48.75 27.74 22.86
C PRO J 10 47.63 28.37 22.02
N CYS J 11 46.40 28.28 22.51
CA CYS J 11 45.23 28.81 21.78
C CYS J 11 44.95 30.27 22.09
N GLU J 12 44.70 31.03 21.03
CA GLU J 12 44.20 32.41 21.13
C GLU J 12 42.77 32.40 21.67
N GLU J 13 42.43 33.38 22.49
CA GLU J 13 41.20 33.30 23.27
C GLU J 13 39.96 33.40 22.38
N LEU J 14 38.92 32.72 22.85
CA LEU J 14 37.66 32.59 22.13
C LEU J 14 37.10 33.94 21.64
N GLU J 15 37.07 34.93 22.53
CA GLU J 15 36.38 36.19 22.24
C GLU J 15 37.12 37.07 21.22
N ILE J 16 38.41 36.85 21.11
CA ILE J 16 39.18 37.57 20.13
C ILE J 16 38.97 36.92 18.76
N VAL J 17 38.97 35.59 18.69
CA VAL J 17 38.72 34.91 17.45
C VAL J 17 37.36 35.38 16.88
N TRP J 18 36.33 35.42 17.71
CA TRP J 18 35.01 35.85 17.27
C TRP J 18 34.98 37.26 16.72
N LYS J 19 35.69 38.15 17.37
CA LYS J 19 35.77 39.53 16.96
C LYS J 19 36.38 39.66 15.61
N ASN J 20 37.40 38.88 15.37
CA ASN J 20 38.08 38.87 14.11
C ASN J 20 37.15 38.32 13.03
N ILE J 21 36.34 37.35 13.41
CA ILE J 21 35.41 36.74 12.48
C ILE J 21 34.36 37.75 12.02
N LYS J 22 33.82 38.51 12.94
CA LYS J 22 32.81 39.50 12.59
C LYS J 22 33.39 40.61 11.74
N ALA J 23 34.57 41.07 12.11
CA ALA J 23 35.29 42.08 11.36
C ALA J 23 35.50 41.66 9.92
N GLU J 24 36.01 40.46 9.71
CA GLU J 24 36.21 39.95 8.34
C GLU J 24 34.89 39.92 7.56
N ALA J 25 33.87 39.37 8.21
CA ALA J 25 32.55 39.21 7.63
C ALA J 25 31.90 40.53 7.21
N ARG J 26 32.02 41.55 8.05
CA ARG J 26 31.51 42.89 7.69
C ARG J 26 32.22 43.43 6.45
N ALA J 27 33.53 43.24 6.36
CA ALA J 27 34.30 43.69 5.18
C ALA J 27 33.92 42.85 3.95
N LEU J 28 33.80 41.54 4.15
CA LEU J 28 33.44 40.64 3.06
C LEU J 28 32.01 40.87 2.54
N ALA J 29 31.08 41.15 3.43
CA ALA J 29 29.73 41.54 3.03
C ALA J 29 29.71 42.80 2.12
N ASP J 30 30.50 43.82 2.46
CA ASP J 30 30.67 45.01 1.62
C ASP J 30 31.31 44.70 0.27
N CYS J 31 32.35 43.87 0.26
CA CYS J 31 33.11 43.64 -0.97
C CYS J 31 32.40 42.65 -1.91
N GLU J 32 31.50 41.80 -1.40
CA GLU J 32 30.76 40.84 -2.24
C GLU J 32 29.23 40.84 -1.95
N PRO J 33 28.45 41.69 -2.66
CA PRO J 33 26.98 41.78 -2.51
C PRO J 33 26.18 40.46 -2.63
N MET J 34 26.64 39.56 -3.50
CA MET J 34 25.95 38.27 -3.68
C MET J 34 26.11 37.34 -2.47
N LEU J 35 27.06 37.63 -1.57
CA LEU J 35 27.24 36.87 -0.35
C LEU J 35 26.88 37.61 0.92
N ALA J 36 26.43 38.85 0.83
CA ALA J 36 26.12 39.64 2.02
C ALA J 36 25.06 38.93 2.85
N SER J 37 24.04 38.42 2.16
CA SER J 37 22.95 37.69 2.81
C SER J 37 23.50 36.45 3.56
N PHE J 38 24.38 35.72 2.89
CA PHE J 38 25.05 34.56 3.46
C PHE J 38 25.86 34.92 4.72
N TYR J 39 26.68 35.96 4.68
CA TYR J 39 27.48 36.39 5.85
C TYR J 39 26.61 36.88 7.03
N HIS J 40 25.56 37.63 6.71
CA HIS J 40 24.62 38.08 7.75
C HIS J 40 23.90 36.94 8.46
N ALA J 41 23.42 35.94 7.71
CA ALA J 41 22.73 34.79 8.32
C ALA J 41 23.70 33.85 9.08
N THR J 42 24.89 33.64 8.52
CA THR J 42 25.86 32.69 9.06
C THR J 42 26.67 33.23 10.25
N LEU J 43 26.98 34.52 10.22
CA LEU J 43 27.91 35.13 11.17
C LEU J 43 27.41 36.43 11.82
N LEU J 44 26.99 37.42 11.03
CA LEU J 44 26.82 38.79 11.57
C LEU J 44 25.64 38.99 12.48
N LYS J 45 24.59 38.18 12.32
CA LYS J 45 23.43 38.27 13.20
C LYS J 45 23.64 37.62 14.56
N HIS J 46 24.70 36.83 14.72
CA HIS J 46 24.94 36.06 15.95
C HIS J 46 25.80 36.82 16.93
N GLU J 47 25.50 36.64 18.21
CA GLU J 47 26.22 37.39 19.27
C GLU J 47 27.50 36.70 19.73
N ASN J 48 27.68 35.43 19.39
CA ASN J 48 28.88 34.70 19.80
C ASN J 48 29.13 33.52 18.89
N LEU J 49 30.31 32.92 19.04
CA LEU J 49 30.74 31.80 18.20
C LEU J 49 29.84 30.56 18.35
N GLY J 50 29.47 30.23 19.59
CA GLY J 50 28.58 29.10 19.87
C GLY J 50 27.24 29.18 19.13
N SER J 51 26.67 30.37 19.11
CA SER J 51 25.43 30.66 18.38
C SER J 51 25.61 30.46 16.88
N ALA J 52 26.71 30.98 16.32
CA ALA J 52 27.02 30.79 14.91
C ALA J 52 27.24 29.32 14.58
N LEU J 53 28.01 28.62 15.40
CA LEU J 53 28.29 27.18 15.18
C LEU J 53 27.03 26.30 15.23
N SER J 54 26.16 26.54 16.20
CA SER J 54 24.93 25.74 16.30
C SER J 54 24.01 25.94 15.08
N TYR J 55 23.91 27.19 14.64
CA TYR J 55 23.14 27.58 13.45
C TYR J 55 23.68 26.91 12.19
N MET J 56 25.00 26.97 12.02
CA MET J 56 25.71 26.37 10.88
C MET J 56 25.53 24.84 10.80
N LEU J 57 25.80 24.15 11.91
CA LEU J 57 25.65 22.68 11.96
C LEU J 57 24.19 22.27 11.73
N ALA J 58 23.28 22.99 12.36
CA ALA J 58 21.86 22.75 12.15
C ALA J 58 21.44 22.88 10.68
N ASN J 59 21.86 23.94 10.01
CA ASN J 59 21.50 24.15 8.60
C ASN J 59 22.13 23.10 7.67
N LYS J 60 23.39 22.80 7.90
CA LYS J 60 24.15 21.88 7.04
C LYS J 60 23.83 20.41 7.23
N LEU J 61 23.33 20.05 8.40
CA LEU J 61 22.94 18.67 8.66
C LEU J 61 21.44 18.41 8.52
N ALA J 62 20.65 19.46 8.32
CA ALA J 62 19.20 19.31 8.19
C ALA J 62 18.83 18.40 7.04
N SER J 63 17.73 17.69 7.17
CA SER J 63 17.20 16.86 6.09
C SER J 63 15.70 16.63 6.34
N PRO J 64 15.00 15.94 5.40
CA PRO J 64 13.61 15.53 5.61
C PRO J 64 13.38 14.81 6.95
N ILE J 65 14.20 13.80 7.23
CA ILE J 65 14.09 13.02 8.49
C ILE J 65 14.32 13.79 9.83
N MET J 66 15.01 14.94 9.82
CA MET J 66 15.27 15.74 11.05
C MET J 66 15.71 17.18 10.70
N PRO J 67 14.82 18.18 10.96
CA PRO J 67 15.09 19.51 10.41
C PRO J 67 16.07 20.36 11.24
N ALA J 68 16.51 21.47 10.66
CA ALA J 68 17.49 22.37 11.24
C ALA J 68 17.06 22.85 12.61
N ILE J 69 15.80 23.22 12.71
CA ILE J 69 15.24 23.68 13.98
C ILE J 69 15.38 22.64 15.11
N ALA J 70 15.27 21.35 14.78
CA ALA J 70 15.44 20.29 15.77
C ALA J 70 16.91 20.09 16.12
N ILE J 71 17.79 20.08 15.11
CA ILE J 71 19.21 19.87 15.32
C ILE J 71 19.80 21.02 16.14
N ARG J 72 19.35 22.26 15.90
CA ARG J 72 19.90 23.36 16.66
C ARG J 72 19.67 23.23 18.17
N GLU J 73 18.48 22.77 18.56
CA GLU J 73 18.20 22.56 19.98
C GLU J 73 19.23 21.67 20.67
N VAL J 74 19.55 20.55 20.04
CA VAL J 74 20.54 19.58 20.52
C VAL J 74 21.93 20.19 20.67
N VAL J 75 22.38 20.89 19.63
CA VAL J 75 23.70 21.50 19.63
C VAL J 75 23.78 22.59 20.70
N GLU J 76 22.75 23.42 20.77
CA GLU J 76 22.68 24.49 21.77
C GLU J 76 22.70 23.95 23.20
N GLU J 77 22.02 22.83 23.43
CA GLU J 77 22.05 22.16 24.72
C GLU J 77 23.46 21.68 25.06
N ALA J 78 24.15 21.10 24.09
CA ALA J 78 25.50 20.59 24.29
C ALA J 78 26.45 21.71 24.65
N TYR J 79 26.39 22.82 23.91
CA TYR J 79 27.23 23.98 24.17
C TYR J 79 26.90 24.69 25.50
N ALA J 80 25.63 24.67 25.91
CA ALA J 80 25.25 25.20 27.24
C ALA J 80 25.82 24.35 28.39
N ALA J 81 25.88 23.04 28.21
CA ALA J 81 26.44 22.13 29.24
C ALA J 81 27.98 22.09 29.28
N ASP J 82 28.63 22.34 28.15
CA ASP J 82 30.07 22.19 28.06
C ASP J 82 30.58 23.20 27.06
N PRO J 83 30.65 24.47 27.49
CA PRO J 83 31.21 25.54 26.64
C PRO J 83 32.66 25.35 26.16
N GLU J 84 33.44 24.47 26.80
CA GLU J 84 34.80 24.15 26.31
C GLU J 84 34.82 23.65 24.85
N MET J 85 33.72 23.04 24.42
CA MET J 85 33.57 22.62 23.01
C MET J 85 33.67 23.79 22.03
N ILE J 86 33.22 24.96 22.45
CA ILE J 86 33.32 26.18 21.64
C ILE J 86 34.77 26.66 21.62
N ALA J 87 35.40 26.64 22.78
CA ALA J 87 36.85 26.90 22.88
C ALA J 87 37.64 25.96 21.97
N SER J 88 37.32 24.68 22.00
CA SER J 88 37.95 23.71 21.07
C SER J 88 37.71 24.08 19.62
N ALA J 89 36.47 24.46 19.27
CA ALA J 89 36.17 24.99 17.94
C ALA J 89 37.10 26.10 17.55
N ALA J 90 37.30 27.07 18.45
CA ALA J 90 38.21 28.19 18.16
C ALA J 90 39.66 27.75 17.88
N CYS J 91 40.16 26.80 18.68
CA CYS J 91 41.48 26.20 18.46
C CYS J 91 41.60 25.49 17.11
N ASP J 92 40.52 24.83 16.70
CA ASP J 92 40.47 24.20 15.38
C ASP J 92 40.49 25.21 14.23
N ILE J 93 39.83 26.36 14.41
CA ILE J 93 39.88 27.43 13.41
C ILE J 93 41.32 27.93 13.22
N GLN J 94 42.00 28.24 14.34
CA GLN J 94 43.39 28.70 14.29
C GLN J 94 44.30 27.66 13.69
N ALA J 95 44.09 26.40 14.07
CA ALA J 95 44.84 25.29 13.47
C ALA J 95 44.86 25.36 11.94
N VAL J 96 43.70 25.52 11.32
CA VAL J 96 43.60 25.53 9.86
C VAL J 96 44.29 26.78 9.33
N ARG J 97 44.04 27.89 10.00
CA ARG J 97 44.56 29.16 9.58
C ARG J 97 46.09 29.20 9.60
N THR J 98 46.71 28.59 10.61
CA THR J 98 48.15 28.60 10.74
C THR J 98 48.81 27.54 9.84
N ARG J 99 48.16 26.39 9.65
CA ARG J 99 48.75 25.29 8.88
C ARG J 99 48.47 25.27 7.40
N ASP J 100 47.31 25.80 6.98
CA ASP J 100 46.94 25.84 5.56
C ASP J 100 47.38 27.18 4.97
N PRO J 101 48.35 27.15 4.01
CA PRO J 101 48.79 28.40 3.39
C PRO J 101 47.69 29.07 2.53
N ALA J 102 46.78 28.29 1.97
CA ALA J 102 45.59 28.81 1.27
C ALA J 102 44.47 29.37 2.19
N VAL J 103 44.73 29.53 3.49
CA VAL J 103 43.74 30.08 4.41
C VAL J 103 44.38 31.16 5.27
N ASP J 104 43.94 32.40 5.09
CA ASP J 104 44.41 33.53 5.89
C ASP J 104 43.38 34.06 6.90
N LYS J 105 42.10 33.69 6.76
CA LYS J 105 41.02 34.29 7.52
C LYS J 105 40.43 33.33 8.57
N TYR J 106 40.10 33.88 9.74
CA TYR J 106 39.42 33.12 10.79
C TYR J 106 38.06 32.62 10.37
N SER J 107 37.34 33.40 9.56
CA SER J 107 35.98 33.04 9.15
C SER J 107 35.96 31.84 8.18
N THR J 108 37.04 31.63 7.42
CA THR J 108 37.04 30.60 6.36
C THR J 108 36.72 29.15 6.82
N PRO J 109 37.39 28.63 7.87
CA PRO J 109 37.04 27.26 8.31
C PRO J 109 35.62 27.20 8.80
N LEU J 110 35.22 28.23 9.55
CA LEU J 110 33.90 28.25 10.09
C LEU J 110 32.81 28.30 9.00
N LEU J 111 33.04 29.06 7.94
CA LEU J 111 32.03 29.21 6.88
C LEU J 111 31.96 28.02 5.92
N TYR J 112 33.13 27.51 5.54
CA TYR J 112 33.22 26.70 4.32
C TYR J 112 33.76 25.28 4.47
N LEU J 113 34.62 25.00 5.44
CA LEU J 113 35.41 23.77 5.35
C LEU J 113 34.69 22.64 6.07
N LYS J 114 34.34 21.59 5.32
CA LYS J 114 33.55 20.50 5.86
C LYS J 114 34.27 19.66 6.91
N GLY J 115 35.60 19.62 6.87
CA GLY J 115 36.38 18.91 7.87
C GLY J 115 36.25 19.63 9.21
N PHE J 116 36.32 20.95 9.19
CA PHE J 116 36.03 21.76 10.39
C PHE J 116 34.61 21.51 10.91
N HIS J 117 33.62 21.49 10.01
CA HIS J 117 32.23 21.30 10.40
C HIS J 117 32.01 19.92 11.01
N ALA J 118 32.61 18.89 10.40
CA ALA J 118 32.50 17.52 10.87
C ALA J 118 33.16 17.39 12.24
N LEU J 119 34.30 18.03 12.40
CA LEU J 119 34.98 18.02 13.68
C LEU J 119 34.05 18.60 14.76
N GLN J 120 33.33 19.69 14.47
CA GLN J 120 32.47 20.28 15.51
C GLN J 120 31.23 19.47 15.77
N ALA J 121 30.70 18.86 14.72
CA ALA J 121 29.61 17.89 14.86
C ALA J 121 29.99 16.67 15.68
N TYR J 122 31.19 16.15 15.43
CA TYR J 122 31.75 15.09 16.25
C TYR J 122 31.73 15.45 17.76
N ARG J 123 32.12 16.68 18.10
CA ARG J 123 32.15 17.12 19.50
C ARG J 123 30.78 17.04 20.15
N ILE J 124 29.72 17.37 19.40
CA ILE J 124 28.36 17.29 19.91
C ILE J 124 27.94 15.83 20.11
N GLY J 125 28.29 14.98 19.15
CA GLY J 125 28.01 13.55 19.25
C GLY J 125 28.75 12.89 20.41
N HIS J 126 29.98 13.32 20.62
CA HIS J 126 30.83 12.81 21.69
C HIS J 126 30.29 13.19 23.07
N TRP J 127 29.84 14.44 23.19
CA TRP J 127 29.17 14.92 24.38
C TRP J 127 27.94 14.09 24.66
N LEU J 128 27.09 13.88 23.65
CA LEU J 128 25.90 13.03 23.78
C LEU J 128 26.23 11.58 24.15
N TRP J 129 27.18 10.99 23.42
CA TRP J 129 27.59 9.60 23.65
C TRP J 129 27.97 9.44 25.14
N ASN J 130 28.85 10.32 25.62
CA ASN J 130 29.28 10.27 27.03
C ASN J 130 28.19 10.53 28.06
N LYS J 131 27.16 11.30 27.71
CA LYS J 131 25.98 11.48 28.56
C LYS J 131 24.99 10.33 28.45
N GLY J 132 25.30 9.28 27.68
CA GLY J 132 24.40 8.15 27.49
C GLY J 132 23.33 8.31 26.38
N ARG J 133 23.35 9.43 25.68
CA ARG J 133 22.39 9.67 24.58
C ARG J 133 23.03 9.13 23.32
N ARG J 134 23.08 7.82 23.25
CA ARG J 134 23.82 7.12 22.23
C ARG J 134 23.10 7.07 20.90
N ALA J 135 21.80 6.84 20.91
CA ALA J 135 21.00 6.89 19.67
C ALA J 135 21.16 8.22 18.92
N LEU J 136 21.05 9.33 19.66
CA LEU J 136 21.23 10.65 19.08
C LEU J 136 22.66 10.89 18.59
N ALA J 137 23.66 10.43 19.35
CA ALA J 137 25.06 10.48 18.89
C ALA J 137 25.30 9.72 17.57
N ILE J 138 24.67 8.56 17.45
CA ILE J 138 24.84 7.70 16.27
C ILE J 138 24.06 8.29 15.08
N PHE J 139 22.87 8.82 15.34
CA PHE J 139 22.16 9.57 14.31
C PHE J 139 23.03 10.68 13.72
N LEU J 140 23.59 11.56 14.56
CA LEU J 140 24.44 12.63 14.08
C LEU J 140 25.70 12.13 13.39
N GLN J 141 26.37 11.11 13.95
CA GLN J 141 27.54 10.48 13.28
C GLN J 141 27.24 10.19 11.79
N ASN J 142 26.12 9.57 11.56
CA ASN J 142 25.81 9.06 10.23
C ASN J 142 25.26 10.17 9.33
N GLN J 143 24.58 11.16 9.91
CA GLN J 143 24.19 12.37 9.16
C GLN J 143 25.44 13.18 8.76
N VAL J 144 26.46 13.21 9.63
CA VAL J 144 27.76 13.82 9.30
C VAL J 144 28.48 13.06 8.18
N SER J 145 28.47 11.74 8.24
CA SER J 145 29.01 10.93 7.15
C SER J 145 28.40 11.30 5.78
N VAL J 146 27.08 11.41 5.69
CA VAL J 146 26.43 11.75 4.40
C VAL J 146 26.60 13.20 3.97
N SER J 147 26.56 14.13 4.92
CA SER J 147 26.63 15.56 4.62
C SER J 147 28.07 16.07 4.38
N PHE J 148 29.03 15.60 5.20
CA PHE J 148 30.39 16.07 5.17
C PHE J 148 31.38 15.00 4.70
N GLN J 149 30.93 13.77 4.53
CA GLN J 149 31.75 12.67 4.04
C GLN J 149 32.89 12.32 5.02
N VAL J 150 32.65 12.54 6.32
CA VAL J 150 33.54 12.14 7.41
C VAL J 150 32.77 11.21 8.35
N ASP J 151 33.35 10.05 8.66
CA ASP J 151 32.68 9.06 9.52
C ASP J 151 33.54 8.86 10.77
N ILE J 152 33.18 9.59 11.84
CA ILE J 152 33.88 9.53 13.11
C ILE J 152 32.91 8.94 14.11
N HIS J 153 33.23 7.77 14.63
CA HIS J 153 32.44 7.21 15.74
C HIS J 153 32.52 8.13 16.97
N PRO J 154 31.37 8.46 17.60
CA PRO J 154 31.34 9.46 18.67
C PRO J 154 32.05 9.07 20.00
N ALA J 155 32.30 7.78 20.22
CA ALA J 155 33.18 7.28 21.31
C ALA J 155 34.68 7.50 21.08
N ALA J 156 35.10 7.90 19.87
CA ALA J 156 36.49 8.27 19.66
C ALA J 156 36.83 9.51 20.50
N LYS J 157 38.09 9.61 20.91
CA LYS J 157 38.50 10.70 21.80
C LYS J 157 39.42 11.58 21.01
N ILE J 158 38.99 12.82 20.78
CA ILE J 158 39.67 13.73 19.87
C ILE J 158 39.89 15.03 20.62
N GLY J 159 41.13 15.48 20.63
CA GLY J 159 41.49 16.73 21.27
C GLY J 159 41.17 17.91 20.40
N ARG J 160 41.99 18.95 20.49
CA ARG J 160 41.71 20.20 19.84
C ARG J 160 42.92 20.72 19.10
N GLY J 161 42.70 21.73 18.27
CA GLY J 161 43.71 22.20 17.32
C GLY J 161 43.90 21.15 16.24
N ILE J 162 42.83 20.42 15.91
CA ILE J 162 42.86 19.38 14.90
C ILE J 162 42.56 20.03 13.55
N MET J 163 43.21 19.55 12.49
CA MET J 163 42.85 19.95 11.12
C MET J 163 42.48 18.71 10.33
N LEU J 164 41.24 18.67 9.82
CA LEU J 164 40.82 17.65 8.83
C LEU J 164 40.82 18.32 7.47
N ASP J 165 41.96 18.23 6.80
CA ASP J 165 42.21 18.97 5.56
C ASP J 165 41.53 18.26 4.39
N HIS J 166 40.62 18.99 3.70
CA HIS J 166 39.76 18.41 2.63
C HIS J 166 38.75 17.38 3.11
N ALA J 167 39.23 16.38 3.85
CA ALA J 167 38.40 15.58 4.76
C ALA J 167 37.61 14.44 4.13
N THR J 168 37.32 14.49 2.84
CA THR J 168 36.43 13.48 2.28
C THR J 168 37.03 12.10 2.41
N GLY J 169 36.20 11.18 2.89
CA GLY J 169 36.54 9.79 3.11
C GLY J 169 37.29 9.48 4.40
N ILE J 170 37.42 10.44 5.31
CA ILE J 170 38.02 10.13 6.62
C ILE J 170 37.07 9.21 7.39
N VAL J 171 37.65 8.16 7.97
CA VAL J 171 36.95 7.23 8.85
C VAL J 171 37.75 7.09 10.16
N VAL J 172 37.08 7.27 11.31
CA VAL J 172 37.73 7.11 12.62
C VAL J 172 36.92 6.18 13.53
N GLY J 173 37.57 5.12 14.02
CA GLY J 173 36.89 4.07 14.79
C GLY J 173 36.55 4.41 16.23
N GLU J 174 35.66 3.62 16.83
CA GLU J 174 35.12 3.93 18.17
C GLU J 174 36.15 4.00 19.34
N THR J 175 37.28 3.31 19.20
CA THR J 175 38.33 3.24 20.24
C THR J 175 39.59 4.04 19.87
N ALA J 176 39.49 4.84 18.79
CA ALA J 176 40.59 5.67 18.36
C ALA J 176 40.77 6.82 19.32
N VAL J 177 42.02 7.29 19.44
CA VAL J 177 42.36 8.51 20.14
C VAL J 177 43.15 9.37 19.17
N ILE J 178 42.83 10.67 19.15
CA ILE J 178 43.55 11.66 18.39
C ILE J 178 43.84 12.81 19.35
N GLU J 179 45.11 13.03 19.67
CA GLU J 179 45.49 14.06 20.63
C GLU J 179 45.55 15.44 19.97
N ASP J 180 45.86 16.46 20.76
CA ASP J 180 45.90 17.82 20.28
C ASP J 180 46.84 18.00 19.08
N ASP J 181 46.49 18.96 18.23
CA ASP J 181 47.35 19.46 17.14
C ASP J 181 47.69 18.44 16.05
N VAL J 182 46.83 17.45 15.87
CA VAL J 182 46.97 16.49 14.77
C VAL J 182 46.39 17.11 13.48
N SER J 183 46.99 16.79 12.36
CA SER J 183 46.49 17.19 11.06
C SER J 183 46.23 15.90 10.28
N ILE J 184 45.01 15.73 9.76
CA ILE J 184 44.63 14.55 8.99
C ILE J 184 44.11 14.98 7.61
N LEU J 185 44.51 14.26 6.55
CA LEU J 185 44.04 14.56 5.21
C LEU J 185 42.91 13.63 4.77
N GLN J 186 42.37 13.95 3.62
CA GLN J 186 41.35 13.14 2.96
C GLN J 186 41.70 11.67 2.86
N SER J 187 40.67 10.83 3.02
CA SER J 187 40.73 9.39 2.84
C SER J 187 41.59 8.64 3.86
N VAL J 188 41.85 9.25 5.02
CA VAL J 188 42.57 8.57 6.08
C VAL J 188 41.58 7.69 6.85
N THR J 189 41.97 6.44 7.07
CA THR J 189 41.27 5.51 7.95
C THR J 189 42.09 5.29 9.23
N LEU J 190 41.44 5.45 10.38
CA LEU J 190 42.00 5.06 11.68
C LEU J 190 41.09 3.93 12.07
N GLY J 191 41.51 2.72 11.70
CA GLY J 191 40.64 1.56 11.62
C GLY J 191 41.14 0.32 12.34
N GLY J 192 40.40 -0.77 12.16
CA GLY J 192 40.67 -2.06 12.79
C GLY J 192 41.47 -2.98 11.89
N THR J 193 41.77 -4.19 12.39
CA THR J 193 42.68 -5.15 11.75
C THR J 193 41.94 -6.31 11.05
N GLY J 194 40.62 -6.26 11.07
CA GLY J 194 39.76 -7.31 10.55
C GLY J 194 38.58 -7.37 11.49
N LYS J 195 37.96 -8.54 11.58
CA LYS J 195 36.91 -8.77 12.60
C LYS J 195 37.59 -8.86 13.97
N THR J 196 37.75 -7.71 14.61
CA THR J 196 38.38 -7.57 15.93
C THR J 196 37.43 -6.92 16.92
N SER J 197 37.69 -7.06 18.23
CA SER J 197 36.83 -6.49 19.29
C SER J 197 37.64 -5.80 20.38
N GLY J 198 36.94 -5.15 21.32
CA GLY J 198 37.58 -4.36 22.36
C GLY J 198 38.38 -3.20 21.80
N ASP J 199 39.51 -2.90 22.44
CA ASP J 199 40.36 -1.80 22.06
C ASP J 199 41.15 -2.15 20.81
N ARG J 200 40.75 -1.58 19.68
CA ARG J 200 41.16 -2.08 18.36
C ARG J 200 41.51 -1.04 17.29
N HIS J 201 41.60 0.23 17.69
CA HIS J 201 41.82 1.34 16.76
C HIS J 201 43.03 2.17 17.20
N PRO J 202 43.60 2.97 16.28
CA PRO J 202 44.87 3.62 16.60
C PRO J 202 44.83 4.75 17.62
N LYS J 203 46.02 5.05 18.13
CA LYS J 203 46.25 6.11 19.10
C LYS J 203 47.25 7.07 18.50
N ILE J 204 46.75 8.24 18.09
CA ILE J 204 47.52 9.25 17.38
C ILE J 204 47.86 10.32 18.38
N ARG J 205 49.15 10.44 18.72
CA ARG J 205 49.58 11.36 19.75
C ARG J 205 49.76 12.78 19.17
N GLU J 206 50.03 13.72 20.07
CA GLU J 206 50.06 15.14 19.74
C GLU J 206 51.03 15.52 18.61
N GLY J 207 50.57 16.44 17.76
CA GLY J 207 51.36 16.98 16.67
C GLY J 207 51.58 16.10 15.46
N VAL J 208 50.93 14.94 15.38
CA VAL J 208 51.08 14.05 14.22
C VAL J 208 50.44 14.63 12.95
N MET J 209 51.04 14.31 11.81
CA MET J 209 50.56 14.70 10.49
C MET J 209 50.28 13.41 9.74
N ILE J 210 49.05 13.23 9.25
CA ILE J 210 48.69 12.04 8.47
C ILE J 210 48.33 12.41 7.05
N GLY J 211 49.11 11.87 6.11
CA GLY J 211 48.94 12.14 4.69
C GLY J 211 47.72 11.48 4.08
N ALA J 212 47.42 11.89 2.85
CA ALA J 212 46.21 11.50 2.14
C ALA J 212 46.15 9.99 1.90
N GLY J 213 45.01 9.40 2.25
CA GLY J 213 44.77 7.99 2.01
C GLY J 213 45.49 7.01 2.91
N ALA J 214 46.13 7.45 4.00
CA ALA J 214 46.84 6.51 4.86
C ALA J 214 45.82 5.69 5.67
N LYS J 215 46.13 4.41 5.81
CA LYS J 215 45.38 3.46 6.64
C LYS J 215 46.24 3.08 7.83
N ILE J 216 45.77 3.46 9.02
CA ILE J 216 46.47 3.16 10.25
C ILE J 216 45.52 2.21 10.94
N LEU J 217 45.94 0.96 11.13
CA LEU J 217 45.03 -0.12 11.53
C LEU J 217 45.44 -0.85 12.83
N GLY J 218 44.45 -1.13 13.68
CA GLY J 218 44.67 -1.81 14.96
C GLY J 218 44.96 -0.86 16.11
N ASN J 219 45.04 -1.43 17.31
CA ASN J 219 45.41 -0.70 18.51
C ASN J 219 46.91 -0.46 18.61
N ILE J 220 47.40 0.49 17.81
CA ILE J 220 48.80 0.81 17.74
C ILE J 220 48.97 2.29 17.97
N GLU J 221 50.18 2.65 18.37
CA GLU J 221 50.56 4.00 18.76
C GLU J 221 51.28 4.66 17.58
N VAL J 222 50.91 5.89 17.28
CA VAL J 222 51.67 6.75 16.38
C VAL J 222 52.18 7.87 17.28
N GLY J 223 53.48 7.85 17.59
CA GLY J 223 54.05 8.74 18.60
C GLY J 223 54.05 10.21 18.25
N ARG J 224 54.31 11.05 19.24
CA ARG J 224 54.17 12.49 19.08
C ARG J 224 55.09 13.02 17.97
N GLY J 225 54.55 13.92 17.16
CA GLY J 225 55.28 14.60 16.11
C GLY J 225 55.67 13.76 14.91
N ALA J 226 55.15 12.53 14.82
CA ALA J 226 55.41 11.69 13.65
C ALA J 226 54.70 12.19 12.37
N LYS J 227 55.26 11.80 11.24
CA LYS J 227 54.66 12.02 9.94
C LYS J 227 54.32 10.67 9.32
N ILE J 228 53.05 10.49 8.96
CA ILE J 228 52.62 9.33 8.21
C ILE J 228 52.47 9.71 6.75
N GLY J 229 53.10 8.92 5.90
CA GLY J 229 53.07 9.17 4.46
C GLY J 229 51.70 8.93 3.83
N ALA J 230 51.42 9.68 2.76
CA ALA J 230 50.26 9.45 1.92
C ALA J 230 50.30 8.02 1.43
N GLY J 231 49.13 7.37 1.43
CA GLY J 231 49.01 6.00 0.90
C GLY J 231 49.62 4.88 1.75
N SER J 232 50.06 5.20 2.97
CA SER J 232 50.75 4.23 3.83
C SER J 232 49.73 3.30 4.43
N VAL J 233 50.17 2.08 4.73
CA VAL J 233 49.38 1.13 5.48
C VAL J 233 50.20 0.82 6.74
N VAL J 234 49.81 1.47 7.82
CA VAL J 234 50.52 1.39 9.08
C VAL J 234 49.89 0.30 9.93
N LEU J 235 50.67 -0.76 10.17
CA LEU J 235 50.26 -1.95 10.96
C LEU J 235 51.03 -2.13 12.29
N GLN J 236 52.13 -1.39 12.46
CA GLN J 236 52.95 -1.46 13.67
C GLN J 236 53.12 -0.05 14.22
N PRO J 237 53.45 0.08 15.53
CA PRO J 237 53.65 1.41 16.13
C PRO J 237 54.75 2.26 15.49
N VAL J 238 54.57 3.58 15.51
CA VAL J 238 55.48 4.49 14.84
C VAL J 238 56.10 5.31 15.95
N PRO J 239 57.46 5.31 16.06
CA PRO J 239 58.05 6.07 17.15
C PRO J 239 57.86 7.57 16.98
N PRO J 240 57.93 8.35 18.08
CA PRO J 240 57.79 9.81 18.00
C PRO J 240 58.78 10.49 17.08
N HIS J 241 58.31 11.54 16.41
CA HIS J 241 59.16 12.40 15.55
C HIS J 241 59.85 11.64 14.41
N THR J 242 59.18 10.59 13.95
CA THR J 242 59.63 9.71 12.87
C THR J 242 58.67 9.87 11.69
N THR J 243 59.20 9.75 10.46
CA THR J 243 58.37 9.65 9.27
C THR J 243 58.25 8.18 8.87
N ALA J 244 57.01 7.69 8.78
CA ALA J 244 56.69 6.35 8.32
C ALA J 244 55.95 6.43 7.00
N ALA J 245 56.26 5.53 6.09
CA ALA J 245 55.63 5.51 4.77
C ALA J 245 55.77 4.13 4.16
N GLY J 246 54.98 3.87 3.11
CA GLY J 246 54.97 2.61 2.37
C GLY J 246 53.81 1.70 2.68
N VAL J 247 53.68 0.63 1.88
CA VAL J 247 52.75 -0.47 2.12
C VAL J 247 53.55 -1.78 2.28
N PRO J 248 53.73 -2.33 3.50
CA PRO J 248 53.35 -1.73 4.76
C PRO J 248 54.30 -0.60 5.11
N ALA J 249 53.93 0.22 6.09
CA ALA J 249 54.75 1.36 6.46
C ALA J 249 56.01 0.89 7.22
N ARG J 250 57.14 1.49 6.86
CA ARG J 250 58.40 1.30 7.57
C ARG J 250 58.96 2.69 7.80
N ILE J 251 59.84 2.81 8.78
CA ILE J 251 60.45 4.08 9.12
C ILE J 251 61.36 4.50 7.98
N VAL J 252 61.22 5.74 7.51
CA VAL J 252 62.00 6.25 6.37
C VAL J 252 62.80 7.53 6.62
N GLY J 253 62.57 8.21 7.75
CA GLY J 253 63.22 9.49 7.97
C GLY J 253 62.74 10.24 9.19
N LYS J 254 63.00 11.55 9.19
CA LYS J 254 62.62 12.48 10.25
C LYS J 254 61.93 13.69 9.60
N PRO J 255 60.76 14.15 10.12
CA PRO J 255 60.02 15.28 9.49
C PRO J 255 60.85 16.55 9.21
N PRO K 10 40.68 17.45 -30.99
CA PRO K 10 39.56 18.24 -31.47
C PRO K 10 38.34 18.13 -30.55
N CYS K 11 37.30 18.90 -30.86
CA CYS K 11 36.03 18.83 -30.13
C CYS K 11 34.86 18.96 -31.07
N GLU K 12 33.79 18.22 -30.78
CA GLU K 12 32.52 18.34 -31.51
C GLU K 12 31.97 19.75 -31.28
N GLU K 13 31.32 20.30 -32.30
CA GLU K 13 30.86 21.70 -32.34
C GLU K 13 30.37 22.26 -30.98
N LEU K 14 29.10 22.05 -30.67
CA LEU K 14 28.53 22.55 -29.44
C LEU K 14 27.10 22.62 -29.76
N GLU K 15 26.80 23.23 -30.89
CA GLU K 15 25.43 23.31 -31.33
C GLU K 15 25.00 21.92 -31.74
N ILE K 16 25.97 21.14 -32.16
CA ILE K 16 25.73 19.79 -32.55
C ILE K 16 25.52 18.91 -31.30
N VAL K 17 26.40 19.00 -30.32
CA VAL K 17 26.20 18.21 -29.12
C VAL K 17 24.84 18.54 -28.47
N TRP K 18 24.47 19.80 -28.47
CA TRP K 18 23.21 20.21 -27.89
C TRP K 18 22.02 19.64 -28.64
N LYS K 19 22.12 19.57 -29.97
CA LYS K 19 21.07 18.98 -30.76
C LYS K 19 20.95 17.53 -30.42
N ASN K 20 22.08 16.88 -30.26
CA ASN K 20 22.10 15.48 -29.91
C ASN K 20 21.49 15.22 -28.53
N ILE K 21 21.79 16.10 -27.60
CA ILE K 21 21.26 15.99 -26.25
C ILE K 21 19.75 16.07 -26.25
N LYS K 22 19.19 17.02 -26.96
CA LYS K 22 17.74 17.20 -27.01
C LYS K 22 17.04 16.03 -27.67
N ALA K 23 17.60 15.54 -28.76
CA ALA K 23 17.04 14.37 -29.46
C ALA K 23 17.01 13.15 -28.56
N GLU K 24 18.11 12.87 -27.88
CA GLU K 24 18.16 11.75 -26.93
C GLU K 24 17.08 11.89 -25.88
N ALA K 25 17.02 13.08 -25.28
CA ALA K 25 16.08 13.40 -24.20
C ALA K 25 14.61 13.30 -24.63
N ARG K 26 14.29 13.78 -25.82
CA ARG K 26 12.93 13.60 -26.38
C ARG K 26 12.59 12.12 -26.50
N ALA K 27 13.54 11.32 -27.00
CA ALA K 27 13.29 9.85 -27.09
C ALA K 27 13.18 9.18 -25.69
N LEU K 28 14.06 9.56 -24.77
CA LEU K 28 14.06 8.98 -23.42
C LEU K 28 12.80 9.37 -22.63
N ALA K 29 12.33 10.60 -22.82
CA ALA K 29 11.08 11.04 -22.23
C ALA K 29 9.90 10.13 -22.66
N ASP K 30 9.81 9.83 -23.96
CA ASP K 30 8.83 8.84 -24.46
C ASP K 30 9.03 7.43 -23.90
N CYS K 31 10.28 6.97 -23.82
CA CYS K 31 10.56 5.59 -23.40
C CYS K 31 10.37 5.41 -21.89
N GLU K 32 10.57 6.46 -21.08
CA GLU K 32 10.46 6.33 -19.63
C GLU K 32 9.57 7.43 -19.01
N PRO K 33 8.25 7.16 -18.91
CA PRO K 33 7.31 8.15 -18.32
C PRO K 33 7.66 8.70 -16.94
N MET K 34 8.27 7.89 -16.08
CA MET K 34 8.67 8.34 -14.73
C MET K 34 9.76 9.42 -14.76
N LEU K 35 10.53 9.51 -15.85
CA LEU K 35 11.57 10.52 -15.99
C LEU K 35 11.26 11.65 -16.96
N ALA K 36 10.10 11.67 -17.59
CA ALA K 36 9.77 12.71 -18.57
C ALA K 36 9.82 14.07 -17.92
N SER K 37 9.23 14.15 -16.74
CA SER K 37 9.28 15.40 -15.99
C SER K 37 10.72 15.87 -15.78
N PHE K 38 11.57 14.93 -15.35
CA PHE K 38 12.99 15.16 -15.18
C PHE K 38 13.68 15.65 -16.45
N TYR K 39 13.50 14.95 -17.57
CA TYR K 39 14.13 15.37 -18.85
C TYR K 39 13.61 16.74 -19.34
N HIS K 40 12.33 17.01 -19.16
CA HIS K 40 11.77 18.31 -19.54
C HIS K 40 12.36 19.46 -18.71
N ALA K 41 12.43 19.30 -17.39
CA ALA K 41 12.98 20.38 -16.53
C ALA K 41 14.50 20.57 -16.71
N THR K 42 15.23 19.49 -16.93
CA THR K 42 16.71 19.51 -16.97
C THR K 42 17.26 19.88 -18.34
N LEU K 43 16.58 19.44 -19.41
CA LEU K 43 17.07 19.57 -20.78
C LEU K 43 16.08 20.22 -21.78
N LEU K 44 14.87 19.70 -21.90
CA LEU K 44 14.01 20.04 -23.07
C LEU K 44 13.42 21.44 -23.05
N LYS K 45 13.21 22.02 -21.87
CA LYS K 45 12.73 23.39 -21.77
C LYS K 45 13.76 24.46 -22.11
N HIS K 46 15.03 24.08 -22.17
CA HIS K 46 16.13 25.04 -22.33
C HIS K 46 16.53 25.25 -23.79
N GLU K 47 16.95 26.48 -24.07
CA GLU K 47 17.25 26.89 -25.46
C GLU K 47 18.64 26.43 -25.89
N ASN K 48 19.56 26.34 -24.93
CA ASN K 48 20.96 26.04 -25.22
C ASN K 48 21.63 25.33 -24.04
N LEU K 49 22.83 24.83 -24.30
CA LEU K 49 23.60 24.05 -23.32
C LEU K 49 23.94 24.85 -22.06
N GLY K 50 24.34 26.11 -22.23
CA GLY K 50 24.66 26.97 -21.09
C GLY K 50 23.50 27.15 -20.10
N SER K 51 22.30 27.29 -20.63
CA SER K 51 21.15 27.51 -19.77
C SER K 51 20.72 26.19 -19.10
N ALA K 52 20.88 25.04 -19.78
CA ALA K 52 20.76 23.73 -19.14
C ALA K 52 21.80 23.54 -18.02
N LEU K 53 23.07 23.87 -18.30
CA LEU K 53 24.15 23.76 -17.31
C LEU K 53 23.94 24.67 -16.09
N SER K 54 23.58 25.94 -16.30
CA SER K 54 23.33 26.84 -15.14
C SER K 54 22.19 26.34 -14.24
N TYR K 55 21.13 25.82 -14.88
CA TYR K 55 19.95 25.32 -14.18
C TYR K 55 20.33 24.08 -13.35
N MET K 56 21.04 23.14 -13.96
CA MET K 56 21.53 21.92 -13.31
C MET K 56 22.45 22.22 -12.10
N LEU K 57 23.49 23.04 -12.31
CA LEU K 57 24.42 23.39 -11.23
C LEU K 57 23.71 24.12 -10.09
N ALA K 58 22.80 25.02 -10.45
CA ALA K 58 22.03 25.73 -9.42
C ALA K 58 21.18 24.78 -8.58
N ASN K 59 20.53 23.81 -9.22
CA ASN K 59 19.68 22.86 -8.50
C ASN K 59 20.50 21.89 -7.64
N LYS K 60 21.62 21.44 -8.17
CA LYS K 60 22.45 20.44 -7.48
C LYS K 60 23.20 21.02 -6.29
N LEU K 61 23.56 22.28 -6.38
CA LEU K 61 24.36 22.95 -5.35
C LEU K 61 23.54 23.73 -4.35
N ALA K 62 22.23 23.82 -4.58
CA ALA K 62 21.32 24.55 -3.71
C ALA K 62 21.34 24.03 -2.27
N SER K 63 21.15 24.92 -1.31
CA SER K 63 21.05 24.56 0.10
C SER K 63 20.24 25.63 0.85
N PRO K 64 19.93 25.40 2.15
CA PRO K 64 19.39 26.49 2.99
C PRO K 64 20.31 27.72 2.96
N ILE K 65 21.61 27.47 3.15
CA ILE K 65 22.70 28.47 3.05
C ILE K 65 22.65 29.42 1.81
N MET K 66 22.24 28.94 0.62
CA MET K 66 22.23 29.72 -0.64
C MET K 66 21.38 29.00 -1.73
N PRO K 67 20.25 29.62 -2.14
CA PRO K 67 19.29 28.85 -2.93
C PRO K 67 19.64 28.75 -4.41
N ALA K 68 18.97 27.85 -5.11
CA ALA K 68 19.18 27.62 -6.54
C ALA K 68 19.06 28.91 -7.32
N ILE K 69 18.00 29.66 -7.02
CA ILE K 69 17.76 30.92 -7.70
C ILE K 69 18.96 31.89 -7.58
N ALA K 70 19.68 31.86 -6.45
CA ALA K 70 20.88 32.72 -6.26
C ALA K 70 22.08 32.19 -7.03
N ILE K 71 22.31 30.89 -6.94
CA ILE K 71 23.43 30.25 -7.64
C ILE K 71 23.28 30.41 -9.15
N ARG K 72 22.06 30.31 -9.67
CA ARG K 72 21.88 30.42 -11.11
C ARG K 72 22.32 31.77 -11.67
N GLU K 73 22.03 32.85 -10.97
CA GLU K 73 22.46 34.15 -11.51
C GLU K 73 24.00 34.29 -11.55
N VAL K 74 24.69 33.69 -10.60
CA VAL K 74 26.17 33.63 -10.60
C VAL K 74 26.71 32.85 -11.81
N VAL K 75 26.16 31.67 -12.05
CA VAL K 75 26.62 30.82 -13.13
C VAL K 75 26.30 31.48 -14.49
N GLU K 76 25.08 32.02 -14.62
CA GLU K 76 24.66 32.70 -15.84
C GLU K 76 25.52 33.89 -16.19
N GLU K 77 25.90 34.67 -15.17
CA GLU K 77 26.82 35.79 -15.34
C GLU K 77 28.20 35.34 -15.86
N ALA K 78 28.72 34.24 -15.30
CA ALA K 78 30.03 33.72 -15.71
C ALA K 78 30.00 33.26 -17.16
N TYR K 79 28.96 32.51 -17.52
CA TYR K 79 28.77 32.07 -18.91
C TYR K 79 28.51 33.23 -19.91
N ALA K 80 27.92 34.34 -19.45
CA ALA K 80 27.73 35.53 -20.29
C ALA K 80 29.05 36.23 -20.59
N ALA K 81 29.95 36.27 -19.61
CA ALA K 81 31.28 36.88 -19.76
C ALA K 81 32.28 36.01 -20.51
N ASP K 82 32.19 34.69 -20.36
CA ASP K 82 33.15 33.79 -20.96
C ASP K 82 32.43 32.55 -21.46
N PRO K 83 31.77 32.66 -22.63
CA PRO K 83 31.10 31.50 -23.23
C PRO K 83 31.98 30.30 -23.59
N GLU K 84 33.30 30.49 -23.68
CA GLU K 84 34.22 29.34 -23.89
C GLU K 84 34.11 28.26 -22.81
N MET K 85 33.65 28.63 -21.62
CA MET K 85 33.37 27.66 -20.54
C MET K 85 32.32 26.64 -20.95
N ILE K 86 31.35 27.06 -21.76
CA ILE K 86 30.30 26.18 -22.26
C ILE K 86 30.88 25.23 -23.30
N ALA K 87 31.72 25.78 -24.18
CA ALA K 87 32.44 24.98 -25.14
C ALA K 87 33.31 23.93 -24.46
N SER K 88 33.99 24.31 -23.38
CA SER K 88 34.77 23.34 -22.58
C SER K 88 33.87 22.26 -21.99
N ALA K 89 32.68 22.66 -21.54
CA ALA K 89 31.72 21.69 -21.03
C ALA K 89 31.38 20.65 -22.08
N ALA K 90 31.19 21.10 -23.33
CA ALA K 90 30.86 20.17 -24.43
C ALA K 90 32.01 19.18 -24.71
N CYS K 91 33.26 19.64 -24.66
CA CYS K 91 34.43 18.77 -24.80
C CYS K 91 34.51 17.71 -23.70
N ASP K 92 34.19 18.12 -22.48
CA ASP K 92 34.09 17.21 -21.35
C ASP K 92 33.00 16.16 -21.52
N ILE K 93 31.84 16.54 -22.06
CA ILE K 93 30.79 15.56 -22.38
C ILE K 93 31.33 14.52 -23.36
N GLN K 94 31.93 15.01 -24.43
CA GLN K 94 32.59 14.16 -25.44
C GLN K 94 33.64 13.25 -24.86
N ALA K 95 34.47 13.80 -23.97
CA ALA K 95 35.52 13.03 -23.29
C ALA K 95 34.98 11.79 -22.61
N VAL K 96 33.89 11.96 -21.86
CA VAL K 96 33.31 10.83 -21.12
C VAL K 96 32.74 9.80 -22.09
N ARG K 97 32.01 10.29 -23.07
CA ARG K 97 31.33 9.43 -24.04
C ARG K 97 32.29 8.56 -24.82
N THR K 98 33.43 9.12 -25.19
CA THR K 98 34.42 8.38 -25.97
C THR K 98 35.23 7.43 -25.07
N ARG K 99 35.53 7.84 -23.84
CA ARG K 99 36.45 7.08 -22.97
C ARG K 99 35.78 6.06 -22.08
N ASP K 100 34.54 6.34 -21.64
CA ASP K 100 33.81 5.39 -20.79
C ASP K 100 32.97 4.45 -21.69
N PRO K 101 33.28 3.15 -21.71
CA PRO K 101 32.54 2.22 -22.59
C PRO K 101 31.03 2.07 -22.27
N ALA K 102 30.66 2.17 -21.00
CA ALA K 102 29.25 2.15 -20.56
C ALA K 102 28.53 3.52 -20.63
N VAL K 103 29.07 4.46 -21.42
CA VAL K 103 28.40 5.72 -21.73
C VAL K 103 28.35 5.92 -23.25
N ASP K 104 27.18 5.76 -23.83
CA ASP K 104 26.96 6.01 -25.26
C ASP K 104 26.37 7.40 -25.56
N LYS K 105 25.58 7.95 -24.63
CA LYS K 105 24.77 9.14 -24.89
C LYS K 105 25.44 10.43 -24.43
N TYR K 106 25.26 11.49 -25.22
CA TYR K 106 25.73 12.84 -24.87
C TYR K 106 25.07 13.41 -23.62
N SER K 107 23.84 13.01 -23.38
CA SER K 107 23.06 13.56 -22.27
C SER K 107 23.47 13.00 -20.90
N THR K 108 24.08 11.81 -20.90
CA THR K 108 24.41 11.09 -19.67
C THR K 108 25.34 11.86 -18.74
N PRO K 109 26.48 12.41 -19.25
CA PRO K 109 27.38 13.16 -18.36
C PRO K 109 26.69 14.39 -17.83
N LEU K 110 25.98 15.10 -18.72
CA LEU K 110 25.28 16.31 -18.33
C LEU K 110 24.20 16.03 -17.27
N LEU K 111 23.43 14.98 -17.46
CA LEU K 111 22.34 14.65 -16.52
C LEU K 111 22.80 14.07 -15.17
N TYR K 112 23.75 13.13 -15.22
CA TYR K 112 23.98 12.23 -14.10
C TYR K 112 25.36 12.27 -13.41
N LEU K 113 26.44 12.61 -14.11
CA LEU K 113 27.76 12.32 -13.57
C LEU K 113 28.31 13.47 -12.74
N LYS K 114 28.52 13.22 -11.44
CA LYS K 114 28.94 14.27 -10.52
C LYS K 114 30.33 14.80 -10.83
N GLY K 115 31.19 13.99 -11.42
CA GLY K 115 32.52 14.46 -11.79
C GLY K 115 32.42 15.48 -12.89
N PHE K 116 31.55 15.22 -13.88
CA PHE K 116 31.26 16.21 -14.93
C PHE K 116 30.69 17.50 -14.31
N HIS K 117 29.75 17.36 -13.39
CA HIS K 117 29.15 18.52 -12.72
C HIS K 117 30.17 19.32 -11.94
N ALA K 118 31.08 18.62 -11.25
CA ALA K 118 32.08 19.27 -10.40
C ALA K 118 33.06 20.01 -11.30
N LEU K 119 33.41 19.38 -12.40
CA LEU K 119 34.28 20.02 -13.37
C LEU K 119 33.65 21.32 -13.88
N GLN K 120 32.36 21.35 -14.20
CA GLN K 120 31.75 22.61 -14.66
C GLN K 120 31.58 23.65 -13.57
N ALA K 121 31.27 23.22 -12.36
CA ALA K 121 31.25 24.13 -11.21
C ALA K 121 32.63 24.74 -10.94
N TYR K 122 33.66 23.93 -11.02
CA TYR K 122 35.04 24.43 -10.97
C TYR K 122 35.30 25.59 -11.97
N ARG K 123 34.81 25.45 -13.20
CA ARG K 123 35.04 26.49 -14.23
C ARG K 123 34.44 27.80 -13.80
N ILE K 124 33.28 27.75 -13.13
CA ILE K 124 32.63 28.97 -12.65
C ILE K 124 33.42 29.56 -11.50
N GLY K 125 33.90 28.73 -10.59
CA GLY K 125 34.73 29.18 -9.48
C GLY K 125 36.05 29.77 -9.95
N HIS K 126 36.63 29.16 -10.97
CA HIS K 126 37.88 29.64 -11.57
C HIS K 126 37.72 31.02 -12.22
N TRP K 127 36.65 31.19 -12.98
CA TRP K 127 36.32 32.46 -13.58
C TRP K 127 36.19 33.52 -12.50
N LEU K 128 35.42 33.22 -11.45
CA LEU K 128 35.28 34.13 -10.32
C LEU K 128 36.60 34.45 -9.62
N TRP K 129 37.39 33.41 -9.34
CA TRP K 129 38.68 33.56 -8.65
C TRP K 129 39.56 34.54 -9.46
N ASN K 130 39.69 34.27 -10.76
CA ASN K 130 40.45 35.17 -11.64
C ASN K 130 39.91 36.59 -11.79
N LYS K 131 38.60 36.80 -11.63
CA LYS K 131 37.99 38.14 -11.61
C LYS K 131 38.10 38.85 -10.27
N GLY K 132 38.77 38.25 -9.28
CA GLY K 132 38.91 38.83 -7.96
C GLY K 132 37.80 38.44 -6.97
N ARG K 133 36.80 37.70 -7.44
CA ARG K 133 35.66 37.36 -6.58
C ARG K 133 35.98 36.04 -5.93
N ARG K 134 36.90 36.11 -4.96
CA ARG K 134 37.49 34.95 -4.34
C ARG K 134 36.58 34.30 -3.29
N ALA K 135 35.94 35.12 -2.48
CA ALA K 135 34.98 34.62 -1.48
C ALA K 135 33.93 33.71 -2.12
N LEU K 136 33.34 34.19 -3.22
CA LEU K 136 32.33 33.44 -3.95
C LEU K 136 32.90 32.16 -4.58
N ALA K 137 34.09 32.26 -5.16
CA ALA K 137 34.80 31.08 -5.66
C ALA K 137 35.05 30.01 -4.58
N ILE K 138 35.36 30.43 -3.36
CA ILE K 138 35.68 29.55 -2.26
C ILE K 138 34.38 28.96 -1.70
N PHE K 139 33.33 29.78 -1.63
CA PHE K 139 32.01 29.23 -1.33
C PHE K 139 31.62 28.07 -2.27
N LEU K 140 31.66 28.32 -3.58
CA LEU K 140 31.30 27.28 -4.54
C LEU K 140 32.22 26.05 -4.45
N GLN K 141 33.54 26.25 -4.36
CA GLN K 141 34.48 25.10 -4.16
C GLN K 141 34.01 24.13 -3.06
N ASN K 142 33.62 24.70 -1.94
CA ASN K 142 33.28 23.92 -0.76
C ASN K 142 31.87 23.36 -0.82
N GLN K 143 30.94 24.09 -1.44
CA GLN K 143 29.62 23.52 -1.77
C GLN K 143 29.74 22.34 -2.76
N VAL K 144 30.62 22.47 -3.73
CA VAL K 144 30.97 21.36 -4.65
C VAL K 144 31.57 20.14 -3.91
N SER K 145 32.44 20.36 -2.91
CA SER K 145 33.04 19.27 -2.11
C SER K 145 31.96 18.48 -1.38
N VAL K 146 31.00 19.20 -0.81
CA VAL K 146 29.89 18.59 -0.09
C VAL K 146 28.89 17.89 -1.02
N SER K 147 28.55 18.53 -2.15
CA SER K 147 27.47 18.03 -3.02
C SER K 147 27.94 16.93 -3.98
N PHE K 148 29.15 17.09 -4.51
CA PHE K 148 29.71 16.19 -5.51
C PHE K 148 30.91 15.37 -5.02
N GLN K 149 31.45 15.72 -3.85
CA GLN K 149 32.55 15.00 -3.19
C GLN K 149 33.83 15.15 -3.97
N VAL K 150 33.97 16.30 -4.62
CA VAL K 150 35.16 16.67 -5.35
C VAL K 150 35.63 18.01 -4.79
N ASP K 151 36.93 18.13 -4.47
CA ASP K 151 37.46 19.35 -3.86
C ASP K 151 38.56 19.85 -4.75
N ILE K 152 38.23 20.83 -5.59
CA ILE K 152 39.19 21.45 -6.51
C ILE K 152 39.31 22.87 -6.08
N HIS K 153 40.52 23.29 -5.71
CA HIS K 153 40.73 24.72 -5.44
C HIS K 153 40.55 25.55 -6.73
N PRO K 154 39.83 26.71 -6.68
CA PRO K 154 39.50 27.42 -7.91
C PRO K 154 40.66 28.13 -8.65
N ALA K 155 41.78 28.38 -7.98
CA ALA K 155 43.03 28.79 -8.64
C ALA K 155 43.74 27.70 -9.45
N ALA K 156 43.36 26.44 -9.29
CA ALA K 156 43.93 25.40 -10.12
C ALA K 156 43.57 25.64 -11.59
N LYS K 157 44.46 25.26 -12.50
CA LYS K 157 44.29 25.58 -13.92
C LYS K 157 44.00 24.29 -14.64
N ILE K 158 42.79 24.16 -15.17
CA ILE K 158 42.29 22.91 -15.71
C ILE K 158 41.78 23.18 -17.11
N GLY K 159 42.20 22.33 -18.04
CA GLY K 159 41.83 22.46 -19.44
C GLY K 159 40.51 21.78 -19.73
N ARG K 160 40.39 21.23 -20.93
CA ARG K 160 39.12 20.76 -21.45
C ARG K 160 39.29 19.35 -22.00
N GLY K 161 38.17 18.66 -22.16
CA GLY K 161 38.19 17.23 -22.47
C GLY K 161 38.69 16.41 -21.29
N ILE K 162 38.37 16.88 -20.09
CA ILE K 162 38.75 16.22 -18.84
C ILE K 162 37.63 15.27 -18.48
N MET K 163 37.99 14.08 -18.02
CA MET K 163 37.04 13.14 -17.41
C MET K 163 37.40 12.91 -15.94
N LEU K 164 36.41 13.12 -15.06
CA LEU K 164 36.54 12.79 -13.64
C LEU K 164 35.62 11.61 -13.44
N ASP K 165 36.22 10.42 -13.56
CA ASP K 165 35.46 9.19 -13.62
C ASP K 165 35.12 8.77 -12.19
N HIS K 166 33.82 8.64 -11.91
CA HIS K 166 33.29 8.31 -10.57
C HIS K 166 33.51 9.45 -9.57
N ALA K 167 34.76 9.90 -9.43
CA ALA K 167 35.07 11.24 -8.92
C ALA K 167 35.09 11.36 -7.42
N THR K 168 34.42 10.49 -6.69
CA THR K 168 34.37 10.71 -5.24
C THR K 168 35.76 10.67 -4.60
N GLY K 169 36.01 11.71 -3.81
CA GLY K 169 37.24 11.88 -3.07
C GLY K 169 38.37 12.53 -3.85
N ILE K 170 38.11 13.07 -5.04
CA ILE K 170 39.16 13.80 -5.76
C ILE K 170 39.46 15.11 -5.04
N VAL K 171 40.77 15.43 -4.93
CA VAL K 171 41.24 16.63 -4.29
C VAL K 171 42.30 17.21 -5.22
N VAL K 172 42.16 18.48 -5.62
CA VAL K 172 43.17 19.17 -6.47
C VAL K 172 43.58 20.50 -5.85
N GLY K 173 44.89 20.68 -5.60
CA GLY K 173 45.39 21.87 -4.89
C GLY K 173 45.44 23.17 -5.67
N GLU K 174 45.62 24.27 -4.94
CA GLU K 174 45.64 25.66 -5.44
C GLU K 174 46.54 25.94 -6.68
N THR K 175 47.68 25.26 -6.75
CA THR K 175 48.73 25.54 -7.76
C THR K 175 48.85 24.39 -8.78
N ALA K 176 47.90 23.46 -8.76
CA ALA K 176 47.91 22.35 -9.69
C ALA K 176 47.54 22.83 -11.09
N VAL K 177 48.04 22.09 -12.07
CA VAL K 177 47.67 22.29 -13.47
C VAL K 177 47.28 20.94 -14.03
N ILE K 178 46.17 20.93 -14.78
CA ILE K 178 45.69 19.76 -15.47
C ILE K 178 45.43 20.18 -16.91
N GLU K 179 46.24 19.69 -17.84
CA GLU K 179 46.08 20.06 -19.25
C GLU K 179 44.93 19.30 -19.90
N ASP K 180 44.69 19.57 -21.18
CA ASP K 180 43.59 18.96 -21.92
C ASP K 180 43.69 17.44 -21.93
N ASP K 181 42.52 16.79 -22.02
CA ASP K 181 42.38 15.34 -22.26
C ASP K 181 42.97 14.44 -21.16
N VAL K 182 42.92 14.92 -19.91
CA VAL K 182 43.34 14.13 -18.76
C VAL K 182 42.11 13.36 -18.27
N SER K 183 42.35 12.13 -17.82
CA SER K 183 41.33 11.30 -17.20
C SER K 183 41.78 11.02 -15.78
N ILE K 184 40.91 11.34 -14.80
CA ILE K 184 41.22 11.18 -13.39
C ILE K 184 40.13 10.34 -12.75
N LEU K 185 40.51 9.35 -11.96
CA LEU K 185 39.55 8.48 -11.30
C LEU K 185 39.30 8.90 -9.85
N GLN K 186 38.35 8.22 -9.22
CA GLN K 186 38.03 8.43 -7.81
C GLN K 186 39.24 8.38 -6.88
N SER K 187 39.20 9.24 -5.86
CA SER K 187 40.16 9.30 -4.77
C SER K 187 41.58 9.68 -5.20
N VAL K 188 41.70 10.44 -6.29
CA VAL K 188 43.00 10.97 -6.69
C VAL K 188 43.24 12.28 -5.95
N THR K 189 44.43 12.42 -5.39
CA THR K 189 44.91 13.66 -4.81
C THR K 189 45.99 14.22 -5.71
N LEU K 190 45.88 15.50 -6.07
CA LEU K 190 46.97 16.28 -6.67
C LEU K 190 47.30 17.28 -5.59
N GLY K 191 48.28 16.92 -4.77
CA GLY K 191 48.49 17.56 -3.48
C GLY K 191 49.90 18.03 -3.20
N GLY K 192 50.08 18.52 -1.97
CA GLY K 192 51.35 19.03 -1.48
C GLY K 192 52.18 17.96 -0.79
N THR K 193 53.41 18.31 -0.43
CA THR K 193 54.40 17.39 0.16
C THR K 193 54.50 17.44 1.70
N GLY K 194 53.80 18.38 2.32
CA GLY K 194 53.81 18.52 3.78
C GLY K 194 53.28 19.89 4.13
N LYS K 195 53.93 20.57 5.08
CA LYS K 195 53.54 21.94 5.45
C LYS K 195 53.55 22.89 4.23
N THR K 196 54.71 22.97 3.55
CA THR K 196 54.91 23.61 2.20
C THR K 196 54.09 24.86 1.73
N SER K 197 54.76 25.78 1.01
CA SER K 197 54.15 27.03 0.48
C SER K 197 54.57 27.36 -0.97
N GLY K 198 54.00 28.43 -1.54
CA GLY K 198 54.24 28.80 -2.95
C GLY K 198 53.71 27.76 -3.94
N ASP K 199 54.43 27.59 -5.06
CA ASP K 199 54.09 26.61 -6.09
C ASP K 199 54.42 25.19 -5.62
N ARG K 200 53.39 24.43 -5.29
CA ARG K 200 53.55 23.21 -4.48
C ARG K 200 52.70 22.00 -4.88
N HIS K 201 52.04 22.04 -6.04
CA HIS K 201 51.13 20.97 -6.47
C HIS K 201 51.50 20.49 -7.86
N PRO K 202 50.99 19.32 -8.27
CA PRO K 202 51.46 18.73 -9.52
C PRO K 202 50.99 19.41 -10.80
N LYS K 203 51.71 19.11 -11.87
CA LYS K 203 51.47 19.63 -13.20
C LYS K 203 51.25 18.40 -14.06
N ILE K 204 50.00 18.22 -14.48
CA ILE K 204 49.56 17.01 -15.18
C ILE K 204 49.37 17.41 -16.63
N ARG K 205 50.22 16.91 -17.52
CA ARG K 205 50.22 17.34 -18.91
C ARG K 205 49.18 16.57 -19.73
N GLU K 206 48.99 16.96 -20.99
CA GLU K 206 47.92 16.41 -21.83
C GLU K 206 47.91 14.90 -21.92
N GLY K 207 46.69 14.36 -21.97
CA GLY K 207 46.48 12.96 -22.23
C GLY K 207 46.81 12.00 -21.11
N VAL K 208 47.16 12.51 -19.93
CA VAL K 208 47.54 11.64 -18.80
C VAL K 208 46.29 10.94 -18.26
N MET K 209 46.50 9.71 -17.78
CA MET K 209 45.49 8.87 -17.20
C MET K 209 45.91 8.61 -15.75
N ILE K 210 45.03 8.91 -14.79
CA ILE K 210 45.38 8.69 -13.38
C ILE K 210 44.40 7.73 -12.73
N GLY K 211 44.95 6.59 -12.29
CA GLY K 211 44.21 5.54 -11.66
C GLY K 211 43.64 5.86 -10.30
N ALA K 212 42.70 5.01 -9.88
CA ALA K 212 41.96 5.19 -8.64
C ALA K 212 42.87 5.27 -7.41
N GLY K 213 42.64 6.30 -6.60
CA GLY K 213 43.39 6.46 -5.37
C GLY K 213 44.85 6.85 -5.51
N ALA K 214 45.32 7.31 -6.68
CA ALA K 214 46.73 7.71 -6.78
C ALA K 214 46.89 9.07 -6.08
N LYS K 215 48.03 9.24 -5.40
CA LYS K 215 48.42 10.50 -4.78
C LYS K 215 49.69 11.01 -5.46
N ILE K 216 49.57 12.17 -6.08
CA ILE K 216 50.67 12.81 -6.78
C ILE K 216 50.96 14.05 -5.97
N LEU K 217 52.15 14.14 -5.38
CA LEU K 217 52.44 15.17 -4.38
C LEU K 217 53.62 16.05 -4.76
N GLY K 218 53.50 17.36 -4.46
CA GLY K 218 54.54 18.35 -4.74
C GLY K 218 54.46 18.95 -6.13
N ASN K 219 55.26 19.97 -6.36
CA ASN K 219 55.39 20.61 -7.67
C ASN K 219 56.24 19.78 -8.62
N ILE K 220 55.64 18.73 -9.15
CA ILE K 220 56.30 17.80 -10.05
C ILE K 220 55.47 17.66 -11.31
N GLU K 221 56.16 17.28 -12.39
CA GLU K 221 55.56 17.07 -13.70
C GLU K 221 55.16 15.63 -13.90
N VAL K 222 53.98 15.41 -14.45
CA VAL K 222 53.60 14.13 -15.00
C VAL K 222 53.48 14.38 -16.51
N GLY K 223 54.42 13.83 -17.26
CA GLY K 223 54.56 14.15 -18.68
C GLY K 223 53.41 13.70 -19.55
N ARG K 224 53.33 14.27 -20.75
CA ARG K 224 52.19 14.05 -21.61
C ARG K 224 52.04 12.57 -21.93
N GLY K 225 50.81 12.10 -21.88
CA GLY K 225 50.48 10.72 -22.21
C GLY K 225 50.92 9.66 -21.22
N ALA K 226 51.44 10.05 -20.05
CA ALA K 226 51.75 9.07 -19.02
C ALA K 226 50.50 8.41 -18.44
N LYS K 227 50.69 7.21 -17.89
CA LYS K 227 49.69 6.50 -17.13
C LYS K 227 50.18 6.41 -15.68
N ILE K 228 49.35 6.88 -14.74
CA ILE K 228 49.62 6.70 -13.32
C ILE K 228 48.77 5.55 -12.77
N GLY K 229 49.47 4.61 -12.13
CA GLY K 229 48.83 3.43 -11.57
C GLY K 229 47.91 3.74 -10.41
N ALA K 230 46.88 2.92 -10.25
CA ALA K 230 45.98 3.00 -9.11
C ALA K 230 46.77 2.78 -7.82
N GLY K 231 46.50 3.61 -6.82
CA GLY K 231 47.13 3.49 -5.51
C GLY K 231 48.59 3.92 -5.45
N SER K 232 49.08 4.62 -6.49
CA SER K 232 50.48 5.00 -6.53
C SER K 232 50.67 6.20 -5.65
N VAL K 233 51.87 6.34 -5.13
CA VAL K 233 52.28 7.56 -4.50
C VAL K 233 53.45 8.10 -5.32
N VAL K 234 53.16 9.14 -6.09
CA VAL K 234 54.10 9.73 -7.04
C VAL K 234 54.72 10.94 -6.36
N LEU K 235 56.03 10.85 -6.12
CA LEU K 235 56.80 11.90 -5.47
C LEU K 235 57.87 12.55 -6.36
N GLN K 236 58.19 11.89 -7.46
CA GLN K 236 59.15 12.42 -8.44
C GLN K 236 58.48 12.54 -9.80
N PRO K 237 59.03 13.41 -10.69
CA PRO K 237 58.45 13.58 -12.02
C PRO K 237 58.36 12.32 -12.87
N VAL K 238 57.35 12.27 -13.75
CA VAL K 238 57.07 11.07 -14.54
C VAL K 238 57.29 11.44 -15.99
N PRO K 239 58.21 10.74 -16.69
CA PRO K 239 58.46 11.13 -18.07
C PRO K 239 57.25 10.89 -18.98
N PRO K 240 57.15 11.66 -20.09
CA PRO K 240 56.07 11.47 -21.04
C PRO K 240 55.94 10.04 -21.53
N HIS K 241 54.70 9.58 -21.69
CA HIS K 241 54.39 8.28 -22.30
C HIS K 241 54.94 7.05 -21.56
N THR K 242 55.16 7.18 -20.25
CA THR K 242 55.52 6.06 -19.40
C THR K 242 54.38 5.71 -18.42
N THR K 243 54.39 4.48 -17.93
CA THR K 243 53.49 4.05 -16.86
C THR K 243 54.30 4.04 -15.55
N ALA K 244 53.81 4.79 -14.57
CA ALA K 244 54.38 4.86 -13.24
C ALA K 244 53.39 4.25 -12.25
N ALA K 245 53.88 3.43 -11.34
CA ALA K 245 53.04 2.74 -10.36
C ALA K 245 53.83 2.38 -9.11
N GLY K 246 53.12 2.05 -8.02
CA GLY K 246 53.74 1.62 -6.78
C GLY K 246 53.78 2.69 -5.69
N VAL K 247 54.17 2.26 -4.48
CA VAL K 247 54.40 3.15 -3.33
C VAL K 247 55.88 3.04 -2.88
N PRO K 248 56.77 3.97 -3.24
CA PRO K 248 56.51 5.10 -4.13
C PRO K 248 56.46 4.66 -5.58
N ALA K 249 56.01 5.55 -6.46
CA ALA K 249 55.88 5.23 -7.86
C ALA K 249 57.26 5.15 -8.57
N ARG K 250 57.40 4.12 -9.40
CA ARG K 250 58.55 3.99 -10.27
C ARG K 250 58.05 3.59 -11.63
N ILE K 251 58.91 3.76 -12.63
CA ILE K 251 58.53 3.55 -14.02
C ILE K 251 58.49 2.06 -14.29
N VAL K 252 57.33 1.56 -14.74
CA VAL K 252 57.08 0.11 -14.87
C VAL K 252 56.63 -0.33 -16.27
N GLY K 253 56.65 0.55 -17.26
CA GLY K 253 56.21 0.17 -18.60
C GLY K 253 55.81 1.33 -19.50
N LYS K 254 55.04 0.98 -20.53
CA LYS K 254 54.48 1.93 -21.50
C LYS K 254 52.97 1.66 -21.62
N PRO K 255 52.13 2.73 -21.66
CA PRO K 255 50.69 2.52 -21.85
C PRO K 255 50.30 2.04 -23.27
N PRO L 10 22.72 -19.33 6.96
CA PRO L 10 21.38 -18.98 6.56
C PRO L 10 21.10 -17.48 6.79
N CYS L 11 19.83 -17.09 6.71
CA CYS L 11 19.40 -15.79 7.19
C CYS L 11 18.18 -15.98 8.08
N GLU L 12 18.03 -15.09 9.04
CA GLU L 12 16.94 -15.16 10.02
C GLU L 12 15.77 -14.28 9.54
N GLU L 13 15.37 -14.48 8.29
CA GLU L 13 14.25 -13.72 7.70
C GLU L 13 12.94 -14.11 8.38
N LEU L 14 11.89 -13.28 8.30
CA LEU L 14 11.91 -11.87 7.83
C LEU L 14 10.99 -11.11 8.75
N GLU L 15 9.83 -11.71 8.94
CA GLU L 15 8.83 -11.26 9.85
C GLU L 15 9.49 -11.12 11.20
N ILE L 16 10.54 -11.88 11.43
CA ILE L 16 11.23 -11.84 12.68
C ILE L 16 12.18 -10.62 12.82
N VAL L 17 12.99 -10.34 11.82
CA VAL L 17 13.85 -9.17 11.92
C VAL L 17 12.97 -7.93 12.09
N TRP L 18 11.89 -7.85 11.35
CA TRP L 18 11.00 -6.71 11.44
C TRP L 18 10.44 -6.54 12.84
N LYS L 19 10.07 -7.63 13.47
CA LYS L 19 9.54 -7.61 14.81
C LYS L 19 10.55 -7.05 15.75
N ASN L 20 11.78 -7.51 15.61
CA ASN L 20 12.86 -7.05 16.45
C ASN L 20 13.11 -5.55 16.27
N ILE L 21 12.96 -5.10 15.04
CA ILE L 21 13.14 -3.70 14.69
C ILE L 21 12.11 -2.81 15.37
N LYS L 22 10.85 -3.16 15.28
CA LYS L 22 9.81 -2.35 15.89
C LYS L 22 9.95 -2.33 17.40
N ALA L 23 10.29 -3.46 17.99
CA ALA L 23 10.49 -3.54 19.42
C ALA L 23 11.59 -2.61 19.86
N GLU L 24 12.71 -2.67 19.18
CA GLU L 24 13.83 -1.76 19.46
C GLU L 24 13.40 -0.30 19.39
N ALA L 25 12.73 0.03 18.28
CA ALA L 25 12.26 1.39 18.02
C ALA L 25 11.29 1.90 19.08
N ARG L 26 10.37 1.06 19.53
CA ARG L 26 9.43 1.47 20.59
C ARG L 26 10.14 1.81 21.89
N ALA L 27 11.16 1.02 22.25
CA ALA L 27 11.96 1.31 23.46
C ALA L 27 12.84 2.55 23.27
N LEU L 28 13.45 2.68 22.09
CA LEU L 28 14.29 3.85 21.80
C LEU L 28 13.47 5.14 21.75
N ALA L 29 12.25 5.08 21.25
CA ALA L 29 11.37 6.26 21.26
C ALA L 29 11.06 6.73 22.70
N ASP L 30 10.86 5.78 23.62
CA ASP L 30 10.74 6.07 25.05
C ASP L 30 12.02 6.62 25.68
N CYS L 31 13.16 6.01 25.36
CA CYS L 31 14.44 6.39 25.96
C CYS L 31 14.92 7.76 25.44
N GLU L 32 14.57 8.11 24.19
CA GLU L 32 15.10 9.34 23.59
C GLU L 32 14.01 10.21 22.95
N PRO L 33 13.41 11.14 23.72
CA PRO L 33 12.33 12.03 23.23
C PRO L 33 12.64 12.85 21.95
N MET L 34 13.90 13.28 21.80
CA MET L 34 14.29 14.05 20.61
C MET L 34 14.25 13.22 19.34
N LEU L 35 14.25 11.88 19.43
CA LEU L 35 14.18 11.02 18.25
C LEU L 35 12.88 10.28 18.08
N ALA L 36 11.92 10.46 18.97
CA ALA L 36 10.70 9.71 18.92
C ALA L 36 9.96 9.98 17.61
N SER L 37 9.91 11.25 17.22
CA SER L 37 9.36 11.63 15.93
C SER L 37 10.04 10.87 14.77
N PHE L 38 11.37 10.84 14.81
CA PHE L 38 12.18 10.13 13.81
C PHE L 38 11.87 8.63 13.78
N TYR L 39 11.84 7.97 14.93
CA TYR L 39 11.52 6.52 14.99
C TYR L 39 10.11 6.22 14.50
N HIS L 40 9.14 7.05 14.89
CA HIS L 40 7.76 6.90 14.38
C HIS L 40 7.65 7.04 12.86
N ALA L 41 8.25 8.08 12.28
CA ALA L 41 8.16 8.27 10.82
C ALA L 41 8.94 7.19 10.02
N THR L 42 10.11 6.82 10.52
CA THR L 42 11.02 5.90 9.80
C THR L 42 10.66 4.43 9.93
N LEU L 43 10.08 4.07 11.07
CA LEU L 43 9.90 2.66 11.45
C LEU L 43 8.49 2.35 11.97
N LEU L 44 8.04 3.03 13.00
CA LEU L 44 6.87 2.54 13.75
C LEU L 44 5.51 2.68 13.06
N LYS L 45 5.37 3.64 12.13
CA LYS L 45 4.13 3.79 11.40
C LYS L 45 3.98 2.78 10.29
N HIS L 46 5.04 2.06 9.94
CA HIS L 46 5.01 1.13 8.81
C HIS L 46 4.66 -0.28 9.23
N GLU L 47 3.98 -1.02 8.33
CA GLU L 47 3.52 -2.37 8.65
C GLU L 47 4.52 -3.47 8.35
N ASN L 48 5.52 -3.19 7.52
CA ASN L 48 6.49 -4.20 7.14
C ASN L 48 7.79 -3.53 6.73
N LEU L 49 8.81 -4.36 6.55
CA LEU L 49 10.16 -3.87 6.25
C LEU L 49 10.24 -3.15 4.90
N GLY L 50 9.60 -3.75 3.89
CA GLY L 50 9.50 -3.16 2.55
C GLY L 50 9.00 -1.71 2.54
N SER L 51 7.95 -1.47 3.31
CA SER L 51 7.37 -0.13 3.45
C SER L 51 8.32 0.83 4.14
N ALA L 52 8.98 0.37 5.19
CA ALA L 52 10.00 1.18 5.86
C ALA L 52 11.17 1.52 4.92
N LEU L 53 11.66 0.52 4.19
CA LEU L 53 12.75 0.69 3.23
C LEU L 53 12.40 1.65 2.09
N SER L 54 11.21 1.54 1.49
CA SER L 54 10.83 2.45 0.40
C SER L 54 10.76 3.90 0.87
N TYR L 55 10.18 4.09 2.05
CA TYR L 55 10.06 5.39 2.71
C TYR L 55 11.43 6.03 2.93
N MET L 56 12.34 5.25 3.50
N MET L 56 12.39 5.30 3.50
CA MET L 56 13.71 5.67 3.83
CA MET L 56 13.68 5.91 3.80
C MET L 56 14.51 6.07 2.60
C MET L 56 14.54 6.12 2.56
N LEU L 57 14.54 5.18 1.61
CA LEU L 57 15.27 5.42 0.34
C LEU L 57 14.68 6.63 -0.39
N ALA L 58 13.35 6.74 -0.41
CA ALA L 58 12.71 7.92 -0.97
C ALA L 58 13.11 9.21 -0.26
N ASN L 59 13.10 9.23 1.08
CA ASN L 59 13.49 10.45 1.81
C ASN L 59 14.96 10.80 1.66
N LYS L 60 15.81 9.80 1.67
CA LYS L 60 17.26 10.00 1.62
C LYS L 60 17.77 10.39 0.23
N LEU L 61 17.10 9.95 -0.81
CA LEU L 61 17.51 10.21 -2.20
C LEU L 61 16.81 11.42 -2.82
N ALA L 62 15.75 11.92 -2.17
CA ALA L 62 15.00 13.08 -2.65
C ALA L 62 15.88 14.27 -2.98
N SER L 63 15.47 15.05 -3.96
CA SER L 63 16.16 16.30 -4.30
C SER L 63 15.22 17.21 -5.10
N PRO L 64 15.69 18.44 -5.43
CA PRO L 64 15.03 19.29 -6.42
C PRO L 64 14.71 18.56 -7.74
N ILE L 65 15.68 17.80 -8.27
CA ILE L 65 15.50 17.10 -9.55
C ILE L 65 14.49 15.93 -9.55
N MET L 66 14.18 15.32 -8.39
CA MET L 66 13.05 14.37 -8.27
C MET L 66 12.67 14.00 -6.81
N PRO L 67 11.38 14.19 -6.44
CA PRO L 67 11.06 14.22 -5.00
C PRO L 67 10.81 12.85 -4.39
N ALA L 68 10.77 12.83 -3.06
CA ALA L 68 10.58 11.58 -2.30
C ALA L 68 9.36 10.86 -2.77
N ILE L 69 8.27 11.61 -2.96
CA ILE L 69 7.01 11.02 -3.37
C ILE L 69 7.14 10.27 -4.72
N ALA L 70 7.95 10.78 -5.65
CA ALA L 70 8.20 10.10 -6.93
C ALA L 70 9.11 8.87 -6.76
N ILE L 71 10.17 8.98 -5.96
CA ILE L 71 11.13 7.88 -5.78
C ILE L 71 10.43 6.72 -5.08
N ARG L 72 9.56 7.01 -4.12
CA ARG L 72 8.87 5.93 -3.42
C ARG L 72 8.04 5.02 -4.33
N GLU L 73 7.37 5.61 -5.33
CA GLU L 73 6.59 4.82 -6.28
C GLU L 73 7.43 3.76 -6.96
N VAL L 74 8.57 4.19 -7.48
CA VAL L 74 9.55 3.31 -8.14
C VAL L 74 9.99 2.16 -7.24
N VAL L 75 10.37 2.47 -6.01
CA VAL L 75 10.88 1.46 -5.07
C VAL L 75 9.78 0.47 -4.69
N GLU L 76 8.59 1.01 -4.45
CA GLU L 76 7.44 0.18 -4.08
C GLU L 76 7.05 -0.78 -5.18
N GLU L 77 7.09 -0.31 -6.41
CA GLU L 77 6.86 -1.15 -7.58
C GLU L 77 7.90 -2.28 -7.69
N ALA L 78 9.16 -1.96 -7.44
CA ALA L 78 10.22 -2.97 -7.52
C ALA L 78 10.03 -4.03 -6.45
N TYR L 79 9.73 -3.58 -5.22
CA TYR L 79 9.43 -4.50 -4.13
C TYR L 79 8.14 -5.32 -4.34
N ALA L 80 7.13 -4.74 -5.00
CA ALA L 80 5.90 -5.49 -5.35
C ALA L 80 6.16 -6.61 -6.38
N ALA L 81 7.08 -6.37 -7.32
CA ALA L 81 7.42 -7.35 -8.34
C ALA L 81 8.45 -8.41 -7.88
N ASP L 82 9.35 -8.05 -6.99
CA ASP L 82 10.41 -8.96 -6.54
C ASP L 82 10.61 -8.77 -5.05
N PRO L 83 9.73 -9.36 -4.24
CA PRO L 83 9.87 -9.25 -2.79
C PRO L 83 11.12 -9.89 -2.19
N GLU L 84 11.81 -10.78 -2.91
CA GLU L 84 13.13 -11.27 -2.47
C GLU L 84 14.15 -10.15 -2.17
N MET L 85 14.03 -9.00 -2.81
CA MET L 85 14.88 -7.85 -2.51
C MET L 85 14.77 -7.40 -1.05
N ILE L 86 13.60 -7.56 -0.45
CA ILE L 86 13.38 -7.23 0.95
C ILE L 86 14.05 -8.29 1.81
N ALA L 87 13.88 -9.55 1.45
CA ALA L 87 14.62 -10.64 2.10
C ALA L 87 16.11 -10.39 2.07
N SER L 88 16.64 -10.00 0.93
CA SER L 88 18.07 -9.65 0.85
C SER L 88 18.41 -8.52 1.80
N ALA L 89 17.55 -7.48 1.87
CA ALA L 89 17.79 -6.38 2.81
C ALA L 89 17.93 -6.89 4.23
N ALA L 90 17.03 -7.79 4.62
CA ALA L 90 17.08 -8.38 5.97
C ALA L 90 18.41 -9.14 6.24
N CYS L 91 18.88 -9.93 5.28
CA CYS L 91 20.19 -10.59 5.35
C CYS L 91 21.34 -9.62 5.54
N ASP L 92 21.27 -8.51 4.81
CA ASP L 92 22.25 -7.43 4.95
C ASP L 92 22.22 -6.78 6.32
N ILE L 93 21.03 -6.57 6.89
CA ILE L 93 20.93 -6.02 8.24
C ILE L 93 21.66 -6.95 9.20
N GLN L 94 21.40 -8.24 9.04
CA GLN L 94 21.97 -9.27 9.91
C GLN L 94 23.48 -9.34 9.74
N ALA L 95 23.94 -9.29 8.49
CA ALA L 95 25.38 -9.19 8.20
C ALA L 95 26.09 -8.09 8.99
N VAL L 96 25.52 -6.89 9.01
CA VAL L 96 26.14 -5.79 9.75
C VAL L 96 26.14 -6.12 11.23
N ARG L 97 24.99 -6.55 11.73
CA ARG L 97 24.81 -6.84 13.14
C ARG L 97 25.81 -7.87 13.68
N THR L 98 26.06 -8.91 12.92
CA THR L 98 26.94 -9.98 13.36
C THR L 98 28.42 -9.61 13.17
N ARG L 99 28.77 -8.93 12.08
CA ARG L 99 30.17 -8.60 11.79
C ARG L 99 30.69 -7.34 12.43
N ASP L 100 29.84 -6.31 12.58
CA ASP L 100 30.28 -5.04 13.19
C ASP L 100 30.07 -5.10 14.71
N PRO L 101 31.17 -5.11 15.50
CA PRO L 101 31.03 -5.18 16.95
C PRO L 101 30.38 -3.94 17.59
N ALA L 102 30.54 -2.78 16.96
CA ALA L 102 29.83 -1.54 17.36
C ALA L 102 28.32 -1.48 16.96
N VAL L 103 27.73 -2.60 16.53
CA VAL L 103 26.32 -2.65 16.14
C VAL L 103 25.64 -3.87 16.76
N ASP L 104 24.77 -3.62 17.72
CA ASP L 104 24.00 -4.69 18.38
C ASP L 104 22.54 -4.77 17.93
N LYS L 105 22.00 -3.71 17.34
CA LYS L 105 20.57 -3.63 17.05
C LYS L 105 20.25 -3.87 15.58
N TYR L 106 19.14 -4.56 15.34
CA TYR L 106 18.61 -4.76 13.99
C TYR L 106 18.24 -3.45 13.30
N SER L 107 17.78 -2.46 14.07
CA SER L 107 17.31 -1.20 13.51
C SER L 107 18.45 -0.28 13.01
N THR L 108 19.65 -0.44 13.57
CA THR L 108 20.78 0.46 13.29
C THR L 108 21.17 0.56 11.80
N PRO L 109 21.40 -0.58 11.10
CA PRO L 109 21.73 -0.46 9.67
C PRO L 109 20.61 0.16 8.88
N LEU L 110 19.38 -0.22 9.21
CA LEU L 110 18.23 0.31 8.52
C LEU L 110 18.07 1.83 8.74
N LEU L 111 18.28 2.31 9.94
CA LEU L 111 18.11 3.75 10.23
C LEU L 111 19.25 4.65 9.75
N TYR L 112 20.49 4.18 9.90
CA TYR L 112 21.63 5.10 9.91
C TYR L 112 22.74 4.89 8.88
N LEU L 113 22.97 3.67 8.42
CA LEU L 113 24.24 3.36 7.79
C LEU L 113 24.10 3.50 6.28
N LYS L 114 24.89 4.41 5.70
CA LYS L 114 24.73 4.75 4.30
C LYS L 114 25.11 3.60 3.36
N GLY L 115 26.02 2.73 3.78
CA GLY L 115 26.41 1.58 2.95
C GLY L 115 25.25 0.60 2.81
N PHE L 116 24.54 0.38 3.92
CA PHE L 116 23.32 -0.41 3.87
C PHE L 116 22.26 0.23 2.96
N HIS L 117 22.03 1.53 3.10
CA HIS L 117 21.09 2.23 2.23
C HIS L 117 21.47 2.16 0.74
N ALA L 118 22.77 2.32 0.46
CA ALA L 118 23.29 2.29 -0.91
C ALA L 118 23.12 0.89 -1.50
N LEU L 119 23.37 -0.11 -0.67
CA LEU L 119 23.18 -1.48 -1.10
C LEU L 119 21.70 -1.72 -1.44
N GLN L 120 20.75 -1.22 -0.65
CA GLN L 120 19.33 -1.42 -1.01
C GLN L 120 18.87 -0.64 -2.23
N ALA L 121 19.37 0.57 -2.39
CA ALA L 121 19.12 1.36 -3.61
C ALA L 121 19.67 0.68 -4.85
N TYR L 122 20.88 0.14 -4.74
CA TYR L 122 21.44 -0.72 -5.77
C TYR L 122 20.47 -1.84 -6.22
N ARG L 123 19.83 -2.51 -5.27
CA ARG L 123 18.91 -3.60 -5.60
C ARG L 123 17.75 -3.12 -6.46
N ILE L 124 17.23 -1.93 -6.18
CA ILE L 124 16.18 -1.32 -6.98
C ILE L 124 16.69 -0.94 -8.37
N GLY L 125 17.89 -0.38 -8.44
CA GLY L 125 18.50 -0.04 -9.72
C GLY L 125 18.76 -1.28 -10.57
N HIS L 126 19.16 -2.36 -9.92
CA HIS L 126 19.48 -3.63 -10.61
C HIS L 126 18.20 -4.29 -11.17
N TRP L 127 17.13 -4.31 -10.37
CA TRP L 127 15.82 -4.76 -10.82
C TRP L 127 15.41 -3.96 -12.06
N LEU L 128 15.46 -2.65 -11.96
CA LEU L 128 15.13 -1.77 -13.08
C LEU L 128 15.99 -2.04 -14.31
N TRP L 129 17.31 -2.11 -14.10
CA TRP L 129 18.26 -2.32 -15.20
C TRP L 129 17.91 -3.63 -15.94
N ASN L 130 17.70 -4.69 -15.18
CA ASN L 130 17.32 -5.99 -15.75
C ASN L 130 15.93 -6.00 -16.44
N LYS L 131 15.01 -5.15 -16.01
CA LYS L 131 13.73 -4.96 -16.68
C LYS L 131 13.80 -4.05 -17.92
N GLY L 132 14.98 -3.57 -18.29
CA GLY L 132 15.12 -2.66 -19.43
C GLY L 132 14.95 -1.17 -19.12
N ARG L 133 14.63 -0.83 -17.88
CA ARG L 133 14.47 0.56 -17.47
C ARG L 133 15.82 1.08 -17.02
N ARG L 134 16.66 1.33 -18.01
CA ARG L 134 18.06 1.67 -17.78
C ARG L 134 18.29 3.12 -17.40
N ALA L 135 17.58 4.03 -18.06
CA ALA L 135 17.62 5.45 -17.71
C ALA L 135 17.37 5.69 -16.21
N LEU L 136 16.30 5.07 -15.70
CA LEU L 136 15.95 5.18 -14.29
C LEU L 136 16.97 4.52 -13.35
N ALA L 137 17.50 3.36 -13.74
CA ALA L 137 18.58 2.71 -13.00
C ALA L 137 19.83 3.59 -12.90
N ILE L 138 20.16 4.29 -13.99
CA ILE L 138 21.33 5.13 -14.05
C ILE L 138 21.07 6.42 -13.25
N PHE L 139 19.86 6.95 -13.35
CA PHE L 139 19.50 8.07 -12.47
C PHE L 139 19.71 7.73 -10.98
N LEU L 140 19.13 6.62 -10.52
CA LEU L 140 19.31 6.22 -9.12
C LEU L 140 20.79 5.94 -8.79
N GLN L 141 21.53 5.24 -9.66
CA GLN L 141 22.98 5.02 -9.42
C GLN L 141 23.70 6.32 -8.99
N ASN L 142 23.45 7.35 -9.77
CA ASN L 142 24.18 8.58 -9.62
C ASN L 142 23.64 9.44 -8.49
N GLN L 143 22.35 9.33 -8.20
CA GLN L 143 21.79 9.97 -7.02
C GLN L 143 22.28 9.28 -5.72
N VAL L 144 22.47 7.95 -5.77
CA VAL L 144 23.13 7.22 -4.69
C VAL L 144 24.60 7.64 -4.52
N SER L 145 25.32 7.86 -5.61
CA SER L 145 26.70 8.31 -5.52
C SER L 145 26.83 9.64 -4.75
N VAL L 146 25.89 10.54 -5.04
CA VAL L 146 25.86 11.88 -4.48
C VAL L 146 25.39 11.86 -3.02
N SER L 147 24.36 11.06 -2.72
CA SER L 147 23.73 11.06 -1.40
C SER L 147 24.46 10.17 -0.39
N PHE L 148 24.93 8.99 -0.83
CA PHE L 148 25.55 8.01 0.03
C PHE L 148 27.04 7.79 -0.25
N GLN L 149 27.55 8.42 -1.31
CA GLN L 149 28.98 8.39 -1.66
C GLN L 149 29.45 7.01 -2.07
N VAL L 150 28.53 6.23 -2.64
CA VAL L 150 28.82 4.88 -3.12
C VAL L 150 28.36 4.82 -4.57
N ASP L 151 29.22 4.32 -5.48
CA ASP L 151 28.92 4.36 -6.88
C ASP L 151 29.00 2.95 -7.39
N ILE L 152 27.82 2.31 -7.49
CA ILE L 152 27.70 0.93 -7.94
C ILE L 152 26.93 0.95 -9.26
N HIS L 153 27.56 0.49 -10.34
CA HIS L 153 26.83 0.32 -11.59
C HIS L 153 25.71 -0.72 -11.42
N PRO L 154 24.45 -0.41 -11.86
CA PRO L 154 23.29 -1.29 -11.60
C PRO L 154 23.30 -2.65 -12.34
N ALA L 155 24.10 -2.80 -13.38
CA ALA L 155 24.38 -4.11 -14.01
C ALA L 155 25.34 -5.01 -13.22
N ALA L 156 25.99 -4.49 -12.18
CA ALA L 156 26.77 -5.35 -11.29
C ALA L 156 25.84 -6.34 -10.59
N LYS L 157 26.37 -7.53 -10.34
CA LYS L 157 25.58 -8.60 -9.74
C LYS L 157 26.03 -8.84 -8.32
N ILE L 158 25.17 -8.49 -7.37
CA ILE L 158 25.54 -8.48 -5.96
C ILE L 158 24.55 -9.36 -5.22
N GLY L 159 25.07 -10.27 -4.40
CA GLY L 159 24.25 -11.17 -3.58
C GLY L 159 23.76 -10.50 -2.32
N ARG L 160 23.61 -11.29 -1.26
CA ARG L 160 23.03 -10.83 -0.02
C ARG L 160 23.90 -11.19 1.17
N GLY L 161 23.60 -10.59 2.32
CA GLY L 161 24.46 -10.64 3.48
C GLY L 161 25.76 -9.89 3.20
N ILE L 162 25.66 -8.79 2.45
CA ILE L 162 26.80 -7.94 2.12
C ILE L 162 26.87 -6.87 3.19
N MET L 163 28.09 -6.54 3.61
CA MET L 163 28.33 -5.38 4.49
C MET L 163 29.20 -4.39 3.71
N LEU L 164 28.71 -3.15 3.59
CA LEU L 164 29.49 -2.03 3.08
C LEU L 164 29.78 -1.14 4.28
N ASP L 165 30.94 -1.39 4.89
CA ASP L 165 31.27 -0.81 6.19
C ASP L 165 31.81 0.59 5.97
N HIS L 166 31.17 1.61 6.56
CA HIS L 166 31.50 3.02 6.35
C HIS L 166 31.21 3.52 4.94
N ALA L 167 31.68 2.79 3.94
CA ALA L 167 31.16 2.86 2.58
C ALA L 167 31.63 4.02 1.72
N THR L 168 32.09 5.14 2.30
CA THR L 168 32.37 6.28 1.44
C THR L 168 33.52 6.00 0.47
N GLY L 169 33.25 6.35 -0.79
CA GLY L 169 34.19 6.22 -1.90
C GLY L 169 34.21 4.83 -2.52
N ILE L 170 33.31 3.94 -2.12
CA ILE L 170 33.20 2.65 -2.82
C ILE L 170 32.75 2.85 -4.29
N VAL L 171 33.40 2.10 -5.21
CA VAL L 171 33.06 2.16 -6.61
C VAL L 171 33.03 0.73 -7.10
N VAL L 172 31.91 0.29 -7.69
CA VAL L 172 31.79 -1.06 -8.29
C VAL L 172 31.36 -0.98 -9.76
N GLY L 173 32.10 -1.67 -10.64
CA GLY L 173 31.90 -1.57 -12.08
C GLY L 173 30.76 -2.39 -12.68
N GLU L 174 30.39 -2.02 -13.90
CA GLU L 174 29.30 -2.64 -14.72
C GLU L 174 29.28 -4.19 -14.74
N THR L 175 30.45 -4.82 -14.77
CA THR L 175 30.59 -6.27 -15.00
C THR L 175 31.12 -7.00 -13.76
N ALA L 176 31.11 -6.30 -12.61
CA ALA L 176 31.58 -6.88 -11.38
C ALA L 176 30.56 -7.85 -10.84
N VAL L 177 31.05 -8.83 -10.08
CA VAL L 177 30.21 -9.76 -9.33
C VAL L 177 30.69 -9.75 -7.87
N ILE L 178 29.73 -9.74 -6.95
CA ILE L 178 29.98 -9.82 -5.53
C ILE L 178 29.00 -10.86 -5.00
N GLU L 179 29.53 -12.00 -4.56
CA GLU L 179 28.69 -13.10 -4.06
C GLU L 179 28.28 -12.85 -2.61
N ASP L 180 27.47 -13.75 -2.06
CA ASP L 180 26.98 -13.61 -0.69
C ASP L 180 28.09 -13.45 0.34
N ASP L 181 27.74 -12.75 1.43
CA ASP L 181 28.54 -12.67 2.65
C ASP L 181 29.90 -11.97 2.47
N VAL L 182 29.99 -11.06 1.50
CA VAL L 182 31.18 -10.25 1.29
C VAL L 182 31.09 -9.00 2.18
N SER L 183 32.24 -8.58 2.70
CA SER L 183 32.36 -7.36 3.50
C SER L 183 33.31 -6.44 2.76
N ILE L 184 32.90 -5.19 2.51
CA ILE L 184 33.72 -4.24 1.79
C ILE L 184 33.81 -2.96 2.63
N LEU L 185 34.99 -2.39 2.74
CA LEU L 185 35.20 -1.16 3.48
C LEU L 185 35.21 0.09 2.58
N GLN L 186 35.24 1.23 3.22
CA GLN L 186 35.41 2.52 2.56
C GLN L 186 36.53 2.53 1.52
N SER L 187 36.27 3.25 0.43
CA SER L 187 37.24 3.57 -0.60
C SER L 187 37.75 2.36 -1.41
N VAL L 188 36.94 1.30 -1.45
CA VAL L 188 37.26 0.14 -2.26
C VAL L 188 36.77 0.39 -3.68
N THR L 189 37.64 0.12 -4.66
CA THR L 189 37.29 0.09 -6.06
C THR L 189 37.31 -1.34 -6.59
N LEU L 190 36.22 -1.75 -7.25
CA LEU L 190 36.21 -2.97 -8.08
C LEU L 190 36.08 -2.44 -9.49
N GLY L 191 37.25 -2.24 -10.12
CA GLY L 191 37.38 -1.43 -11.34
C GLY L 191 38.06 -2.13 -12.51
N GLY L 192 38.36 -1.34 -13.56
CA GLY L 192 39.05 -1.80 -14.79
C GLY L 192 40.55 -1.50 -14.76
N THR L 193 41.27 -1.87 -15.84
CA THR L 193 42.77 -1.74 -15.94
C THR L 193 43.46 -0.51 -16.62
N GLY L 194 42.79 0.43 -17.28
CA GLY L 194 41.40 0.38 -17.74
C GLY L 194 41.43 1.02 -19.13
N LYS L 195 40.30 1.56 -19.57
CA LYS L 195 40.07 1.85 -21.00
C LYS L 195 40.01 0.49 -21.71
N THR L 196 39.14 -0.36 -21.16
CA THR L 196 38.92 -1.73 -21.60
C THR L 196 37.44 -1.86 -21.95
N SER L 197 37.06 -2.93 -22.64
CA SER L 197 35.66 -3.21 -22.99
C SER L 197 35.24 -4.64 -22.59
N GLY L 198 33.97 -4.97 -22.78
CA GLY L 198 33.43 -6.27 -22.37
C GLY L 198 33.56 -6.55 -20.88
N ASP L 199 33.79 -7.82 -20.55
CA ASP L 199 33.90 -8.27 -19.18
C ASP L 199 35.25 -7.85 -18.60
N ARG L 200 35.22 -6.87 -17.69
CA ARG L 200 36.41 -6.12 -17.32
C ARG L 200 36.58 -5.75 -15.83
N HIS L 201 35.71 -6.28 -14.96
CA HIS L 201 35.68 -5.93 -13.55
C HIS L 201 35.74 -7.21 -12.70
N PRO L 202 36.13 -7.08 -11.41
CA PRO L 202 36.42 -8.27 -10.62
C PRO L 202 35.23 -9.12 -10.23
N LYS L 203 35.55 -10.37 -9.88
CA LYS L 203 34.61 -11.36 -9.43
C LYS L 203 34.99 -11.71 -8.01
N ILE L 204 34.16 -11.27 -7.06
CA ILE L 204 34.44 -11.41 -5.65
C ILE L 204 33.53 -12.49 -5.12
N ARG L 205 34.10 -13.62 -4.75
CA ARG L 205 33.34 -14.81 -4.37
C ARG L 205 32.94 -14.76 -2.90
N GLU L 206 32.15 -15.75 -2.48
CA GLU L 206 31.53 -15.75 -1.16
C GLU L 206 32.52 -15.61 0.02
N GLY L 207 32.10 -14.85 1.03
CA GLY L 207 32.85 -14.69 2.27
C GLY L 207 34.11 -13.84 2.24
N VAL L 208 34.39 -13.17 1.12
CA VAL L 208 35.59 -12.34 1.00
C VAL L 208 35.42 -11.07 1.84
N MET L 209 36.52 -10.61 2.42
CA MET L 209 36.54 -9.30 3.06
C MET L 209 37.59 -8.45 2.36
N ILE L 210 37.24 -7.20 2.10
CA ILE L 210 38.13 -6.29 1.40
C ILE L 210 38.37 -5.07 2.29
N GLY L 211 39.65 -4.88 2.65
CA GLY L 211 40.11 -3.79 3.48
C GLY L 211 39.96 -2.42 2.85
N ALA L 212 40.12 -1.38 3.68
CA ALA L 212 39.90 0.00 3.29
C ALA L 212 40.86 0.42 2.18
N GLY L 213 40.32 1.10 1.17
CA GLY L 213 41.13 1.62 0.09
C GLY L 213 41.68 0.61 -0.91
N ALA L 214 41.29 -0.66 -0.83
CA ALA L 214 41.85 -1.64 -1.79
C ALA L 214 41.26 -1.39 -3.19
N LYS L 215 42.12 -1.51 -4.20
CA LYS L 215 41.75 -1.43 -5.60
C LYS L 215 41.95 -2.80 -6.22
N ILE L 216 40.87 -3.40 -6.67
CA ILE L 216 40.89 -4.72 -7.31
C ILE L 216 40.52 -4.45 -8.75
N LEU L 217 41.43 -4.69 -9.69
CA LEU L 217 41.24 -4.22 -11.07
C LEU L 217 41.26 -5.32 -12.13
N GLY L 218 40.34 -5.23 -13.10
CA GLY L 218 40.24 -6.18 -14.21
C GLY L 218 39.30 -7.33 -13.92
N ASN L 219 39.06 -8.15 -14.95
CA ASN L 219 38.26 -9.35 -14.81
C ASN L 219 39.08 -10.46 -14.18
N ILE L 220 39.21 -10.39 -12.85
CA ILE L 220 39.95 -11.35 -12.08
C ILE L 220 39.11 -11.84 -10.92
N GLU L 221 39.46 -13.03 -10.44
CA GLU L 221 38.77 -13.71 -9.35
C GLU L 221 39.44 -13.43 -8.01
N VAL L 222 38.64 -13.15 -7.00
CA VAL L 222 39.09 -13.18 -5.62
C VAL L 222 38.31 -14.35 -5.02
N GLY L 223 39.02 -15.44 -4.71
CA GLY L 223 38.38 -16.69 -4.34
C GLY L 223 37.66 -16.66 -3.01
N ARG L 224 36.83 -17.67 -2.77
CA ARG L 224 36.02 -17.73 -1.57
C ARG L 224 36.85 -17.60 -0.28
N GLY L 225 36.37 -16.77 0.64
CA GLY L 225 36.98 -16.64 1.94
C GLY L 225 38.32 -15.93 1.98
N ALA L 226 38.75 -15.35 0.85
CA ALA L 226 39.97 -14.58 0.83
C ALA L 226 39.83 -13.27 1.60
N LYS L 227 40.97 -12.73 2.04
CA LYS L 227 41.07 -11.43 2.68
C LYS L 227 41.98 -10.56 1.83
N ILE L 228 41.48 -9.40 1.43
CA ILE L 228 42.27 -8.42 0.71
C ILE L 228 42.69 -7.34 1.70
N GLY L 229 43.99 -7.09 1.76
CA GLY L 229 44.53 -6.07 2.65
C GLY L 229 44.12 -4.67 2.26
N ALA L 230 44.05 -3.80 3.27
CA ALA L 230 43.79 -2.40 3.06
C ALA L 230 44.93 -1.82 2.23
N GLY L 231 44.58 -0.92 1.32
CA GLY L 231 45.55 -0.24 0.46
C GLY L 231 46.18 -1.08 -0.63
N SER L 232 45.64 -2.28 -0.87
CA SER L 232 46.22 -3.20 -1.86
C SER L 232 45.79 -2.82 -3.25
N VAL L 233 46.63 -3.15 -4.22
CA VAL L 233 46.29 -3.05 -5.61
C VAL L 233 46.37 -4.46 -6.19
N VAL L 234 45.20 -5.07 -6.35
CA VAL L 234 45.07 -6.44 -6.76
C VAL L 234 44.89 -6.46 -8.27
N LEU L 235 45.88 -6.99 -8.97
CA LEU L 235 45.90 -7.09 -10.44
C LEU L 235 45.85 -8.54 -10.97
N GLN L 236 46.10 -9.51 -10.09
CA GLN L 236 46.03 -10.92 -10.46
C GLN L 236 45.01 -11.63 -9.60
N PRO L 237 44.48 -12.79 -10.06
CA PRO L 237 43.53 -13.55 -9.26
C PRO L 237 44.07 -14.02 -7.90
N VAL L 238 43.20 -14.11 -6.91
CA VAL L 238 43.58 -14.39 -5.53
C VAL L 238 42.94 -15.71 -5.18
N PRO L 239 43.76 -16.73 -4.77
CA PRO L 239 43.14 -18.03 -4.48
C PRO L 239 42.24 -18.00 -3.22
N PRO L 240 41.29 -18.94 -3.11
CA PRO L 240 40.41 -19.03 -1.95
C PRO L 240 41.13 -19.15 -0.62
N HIS L 241 40.60 -18.47 0.41
CA HIS L 241 41.11 -18.55 1.79
C HIS L 241 42.56 -18.16 1.89
N THR L 242 42.93 -17.16 1.09
CA THR L 242 44.25 -16.58 1.03
C THR L 242 44.12 -15.14 1.51
N THR L 243 45.19 -14.60 2.07
CA THR L 243 45.28 -13.18 2.36
C THR L 243 46.27 -12.58 1.37
N ALA L 244 45.81 -11.55 0.65
CA ALA L 244 46.60 -10.84 -0.34
C ALA L 244 46.68 -9.40 0.10
N ALA L 245 47.88 -8.82 0.01
CA ALA L 245 48.13 -7.46 0.41
C ALA L 245 49.32 -6.87 -0.35
N GLY L 246 49.45 -5.54 -0.31
CA GLY L 246 50.56 -4.82 -0.95
C GLY L 246 50.22 -4.18 -2.28
N VAL L 247 51.14 -3.34 -2.76
CA VAL L 247 51.06 -2.70 -4.07
C VAL L 247 52.26 -3.17 -4.92
N PRO L 248 52.08 -4.08 -5.88
CA PRO L 248 50.84 -4.81 -6.14
C PRO L 248 50.65 -5.90 -5.12
N ALA L 249 49.44 -6.46 -5.05
CA ALA L 249 49.15 -7.48 -4.07
C ALA L 249 49.87 -8.82 -4.40
N ARG L 250 50.26 -9.50 -3.34
CA ARG L 250 50.81 -10.85 -3.42
C ARG L 250 50.34 -11.58 -2.19
N ILE L 251 50.43 -12.90 -2.22
CA ILE L 251 49.90 -13.74 -1.15
C ILE L 251 50.80 -13.61 0.07
N VAL L 252 50.21 -13.32 1.24
CA VAL L 252 50.99 -13.11 2.46
C VAL L 252 50.50 -13.90 3.67
N GLY L 253 49.63 -14.88 3.48
CA GLY L 253 49.10 -15.65 4.61
C GLY L 253 47.70 -16.15 4.40
N LYS L 254 47.06 -16.48 5.53
CA LYS L 254 45.73 -17.10 5.59
C LYS L 254 44.84 -16.33 6.58
N PRO L 255 43.53 -16.15 6.27
CA PRO L 255 42.56 -15.67 7.24
C PRO L 255 41.87 -16.82 7.99
N CYS M . -12.11 -28.86 -44.48
CA CYS M . -11.85 -28.03 -45.65
C CYS M . -11.99 -28.78 -47.00
O CYS M . -11.05 -29.42 -47.50
CB CYS M . -10.46 -27.35 -45.56
SG CYS M . -10.35 -25.89 -44.48
OXT CYS M . -13.05 -28.77 -47.63
N CYS N . 1.30 -10.38 -29.96
CA CYS N . 0.28 -9.41 -29.55
C CYS N . 0.83 -8.39 -28.55
O CYS N . 1.97 -8.48 -28.07
CB CYS N . -0.94 -10.12 -28.95
SG CYS N . -0.63 -10.99 -27.40
OXT CYS N . 0.12 -7.43 -28.20
CAL NF0 O . -16.96 -7.62 -30.63
CAK NF0 O . -16.58 -8.97 -30.11
CAJ NF0 O . -15.09 -9.33 -30.32
CAI NF0 O . -14.23 -8.26 -31.02
OAH NF0 O . -12.82 -8.76 -31.05
CAG NF0 O . -11.90 -7.78 -31.42
OAM NF0 O . -12.18 -6.59 -31.42
CAF NF0 O . -10.58 -8.08 -31.81
CAE NF0 O . -10.25 -8.20 -33.17
CAC NF0 O . -8.93 -8.40 -33.61
OAD NF0 O . -8.59 -8.55 -34.92
CAB NF0 O . -7.90 -8.48 -32.67
OAA NF0 O . -6.60 -8.69 -33.05
CAO NF0 O . -8.20 -8.34 -31.32
OAP NF0 O . -7.14 -8.43 -30.48
CAN NF0 O . -9.53 -8.13 -30.89
P PO4 P . -11.24 -22.02 -30.80
O1 PO4 P . -9.87 -21.52 -30.42
O2 PO4 P . -11.57 -23.24 -29.97
O3 PO4 P . -11.26 -22.36 -32.27
O4 PO4 P . -12.24 -20.93 -30.53
N CYS Q . -10.06 -32.90 -17.63
CA CYS Q . -11.44 -32.52 -17.30
C CYS Q . -12.29 -33.69 -16.79
O CYS Q . -11.80 -34.82 -16.60
CB CYS Q . -12.15 -31.86 -18.52
SG CYS Q . -12.31 -32.92 -20.00
OXT CYS Q . -13.49 -33.55 -16.55
CAL NF0 R . -23.00 -19.75 -22.53
CAK NF0 R . -22.61 -20.39 -21.22
CAJ NF0 R . -21.33 -21.18 -21.54
CAI NF0 R . -21.02 -21.88 -20.25
OAH NF0 R . -19.65 -22.46 -20.33
CAG NF0 R . -19.38 -23.00 -19.07
OAM NF0 R . -20.22 -22.99 -18.17
CAF NF0 R . -18.15 -23.54 -18.72
CAE NF0 R . -17.20 -22.73 -18.08
CAC NF0 R . -16.00 -23.27 -17.60
OAD NF0 R . -15.06 -22.48 -17.00
CAB NF0 R . -15.74 -24.63 -17.75
OAA NF0 R . -14.58 -25.19 -17.29
CAO NF0 R . -16.69 -25.45 -18.34
OAP NF0 R . -16.32 -26.75 -18.42
CAN NF0 R . -17.90 -24.91 -18.81
CAL NF0 S . -23.76 -20.04 -37.24
CAK NF0 S . -24.12 -21.15 -38.22
CAJ NF0 S . -23.12 -22.28 -37.99
CAI NF0 S . -22.03 -22.19 -39.05
OAH NF0 S . -21.22 -23.42 -38.95
CAG NF0 S . -21.52 -24.37 -39.89
OAM NF0 S . -22.54 -24.38 -40.59
CAF NF0 S . -20.64 -25.42 -40.10
CAE NF0 S . -20.82 -26.64 -39.45
CAC NF0 S . -19.99 -27.73 -39.70
OAD NF0 S . -20.15 -28.94 -39.05
CAB NF0 S . -18.97 -27.61 -40.64
OAA NF0 S . -18.13 -28.64 -40.93
CAO NF0 S . -18.79 -26.41 -41.31
OAP NF0 S . -17.78 -26.38 -42.21
CAN NF0 S . -19.63 -25.31 -41.07
N CYS T . -10.83 -6.17 29.32
CA CYS T . -9.42 -6.39 29.04
C CYS T . -8.88 -5.34 28.05
O CYS T . -7.73 -5.43 27.60
CB CYS T . -9.18 -7.79 28.48
SG CYS T . -9.83 -8.05 26.82
OXT CYS T . -9.57 -4.39 27.67
CAL NF0 U . -5.71 -31.24 20.26
CAK NF0 U . -6.49 -31.19 18.95
CAJ NF0 U . -7.69 -30.27 19.22
CAI NF0 U . -8.46 -30.32 17.92
OAH NF0 U . -9.70 -29.50 17.98
CAG NF0 U . -10.32 -29.61 16.76
OAM NF0 U . -9.94 -30.40 15.89
CAF NF0 U . -11.35 -28.76 16.35
CAE NF0 U . -11.07 -27.50 15.84
CAC NF0 U . -12.08 -26.67 15.35
OAD NF0 U . -11.82 -25.42 14.86
CAB NF0 U . -13.40 -27.12 15.34
OAA NF0 U . -14.41 -26.33 14.87
CAO NF0 U . -13.71 -28.38 15.82
OAP NF0 U . -15.03 -28.71 15.76
CAN NF0 U . -12.69 -29.22 16.31
N CYS V . -23.12 -26.84 14.95
CA CYS V . -22.12 -27.89 14.67
C CYS V . -22.79 -29.13 14.05
O CYS V . -22.11 -30.10 13.72
CB CYS V . -21.37 -28.30 15.94
SG CYS V . -22.40 -29.00 17.24
OXT CYS V . -24.03 -29.18 13.89
CAL NF0 W . 1.25 -20.36 29.45
CAK NF0 W . -0.18 -19.96 29.17
CAJ NF0 W . -0.49 -18.73 30.03
CAI NF0 W . -1.74 -18.15 29.38
OAH NF0 W . -2.47 -17.25 30.30
CAG NF0 W . -1.98 -16.00 30.54
OAM NF0 W . -0.80 -15.70 30.41
CAF NF0 W . -2.86 -15.06 31.07
CAE NF0 W . -3.09 -15.03 32.45
CAC NF0 W . -3.94 -14.06 33.01
OAD NF0 W . -4.19 -14.00 34.33
CAB NF0 W . -4.58 -13.12 32.18
OAA NF0 W . -5.41 -12.17 32.69
CAO NF0 W . -4.36 -13.14 30.81
OAP NF0 W . -5.00 -12.18 30.11
CAN NF0 W . -3.50 -14.10 30.25
CAL NF0 X . -5.98 -33.93 34.94
CAK NF0 X . -6.90 -33.49 36.04
CAJ NF0 X . -8.36 -33.56 35.58
CAI NF0 X . -9.08 -32.77 36.65
OAH NF0 X . -10.53 -32.89 36.46
CAG NF0 X . -11.17 -33.66 37.38
OAM NF0 X . -10.60 -34.52 38.07
CAF NF0 X . -12.53 -33.52 37.54
CAE NF0 X . -13.39 -34.32 36.79
CAC NF0 X . -14.78 -34.23 36.97
OAD NF0 X . -15.69 -34.96 36.26
CAB NF0 X . -15.29 -33.34 37.91
OAA NF0 X . -16.63 -33.23 38.10
CAO NF0 X . -14.45 -32.55 38.68
OAP NF0 X . -15.06 -31.72 39.57
CAN NF0 X . -13.06 -32.64 38.50
N CYS Y . -21.85 -28.26 42.59
CA CYS Y . -20.61 -28.75 43.18
C CYS Y . -20.56 -28.46 44.68
O CYS Y . -19.58 -28.80 45.35
CB CYS Y . -19.39 -28.12 42.49
SG CYS Y . -19.15 -26.35 42.82
OXT CYS Y . -21.50 -27.91 45.27
P PO4 Z . -14.05 -23.13 28.93
O1 PO4 Z . -12.62 -23.61 28.92
O2 PO4 Z . -14.06 -21.65 28.58
O3 PO4 Z . -14.64 -23.33 30.31
O4 PO4 Z . -14.83 -23.90 27.89
N CYS AA . -4.16 51.86 7.49
CA CYS AA . -4.81 50.63 7.02
C CYS AA . -4.39 50.34 5.57
O CYS AA . -3.67 49.37 5.33
CB CYS AA . -6.33 50.72 7.15
SG CYS AA . -7.05 49.30 7.99
OXT CYS AA . -4.75 51.06 4.64
CAL NF0 BA . -23.27 52.95 4.40
CAK NF0 BA . -22.20 51.90 4.47
CAJ NF0 BA . -20.92 52.47 3.84
CAI NF0 BA . -19.78 51.67 4.49
OAH NF0 BA . -18.56 51.68 3.66
CAG NF0 BA . -17.73 52.78 3.68
OAM NF0 BA . -18.11 53.92 3.96
CAF NF0 BA . -16.42 52.62 3.26
CAE NF0 BA . -16.13 52.56 1.89
CAC NF0 BA . -14.82 52.43 1.42
OAD NF0 BA . -14.47 52.37 0.10
CAB NF0 BA . -13.78 52.36 2.34
OAA NF0 BA . -12.50 52.25 1.92
CAO NF0 BA . -14.04 52.43 3.69
OAP NF0 BA . -12.95 52.37 4.46
CAN NF0 BA . -15.35 52.56 4.17
P PO4 CA . -17.23 38.77 2.95
O1 PO4 CA . -16.08 39.63 3.41
O2 PO4 CA . -16.99 38.32 1.52
O3 PO4 CA . -17.37 37.56 3.86
O4 PO4 CA . -18.51 39.56 2.99
CAL NF0 DA . -29.45 40.19 10.51
CAK NF0 DA . -29.11 39.40 11.74
CAJ NF0 DA . -27.73 38.78 11.44
CAI NF0 DA . -27.51 37.88 12.62
OAH NF0 DA . -26.13 37.33 12.64
CAG NF0 DA . -26.02 36.66 13.86
OAM NF0 DA . -26.97 36.56 14.65
CAF NF0 DA . -24.81 36.14 14.31
CAE NF0 DA . -23.92 36.91 15.08
CAC NF0 DA . -22.73 36.36 15.59
OAD NF0 DA . -21.80 37.05 16.34
CAB NF0 DA . -22.47 35.02 15.37
OAA NF0 DA . -21.32 34.47 15.86
CAO NF0 DA . -23.36 34.26 14.64
OAP NF0 DA . -22.99 32.98 14.51
CAN NF0 DA . -24.54 34.79 14.12
N CYS EA . -16.92 26.75 15.11
CA CYS EA . -18.34 26.96 15.37
C CYS EA . -19.09 25.65 15.69
O CYS EA . -18.53 24.55 15.68
CB CYS EA . -19.01 27.66 14.19
SG CYS EA . -19.14 26.60 12.72
OXT CYS EA . -20.31 25.68 15.95
CAL NF0 FA . -29.33 41.52 -3.85
CAK NF0 FA . -29.53 40.55 -5.00
CAJ NF0 FA . -28.51 39.43 -4.80
CAI NF0 FA . -27.38 39.59 -5.80
OAH NF0 FA . -26.65 38.31 -5.86
CAG NF0 FA . -26.92 37.52 -6.95
OAM NF0 FA . -27.91 37.67 -7.68
CAF NF0 FA . -26.09 36.44 -7.26
CAE NF0 FA . -26.31 35.16 -6.72
CAC NF0 FA . -25.51 34.06 -7.09
OAD NF0 FA . -25.66 32.79 -6.61
CAB NF0 FA . -24.48 34.26 -7.99
OAA NF0 FA . -23.69 33.23 -8.36
CAO NF0 FA . -24.26 35.51 -8.52
OAP NF0 FA . -23.24 35.56 -9.39
CAN NF0 FA . -25.06 36.61 -8.18
N CYS GA . -15.93 32.07 -12.49
CA CYS GA . -17.13 32.80 -12.90
C CYS GA . -17.04 33.29 -14.36
O CYS GA . -16.05 33.04 -15.08
CB CYS GA . -17.37 34.00 -11.97
SG CYS GA . -16.03 35.23 -11.94
OXT CYS GA . -17.97 33.93 -14.86
N CYS HA . 45.25 22.12 -0.98
CA CYS HA . 46.31 21.56 -0.08
C CYS HA . 47.39 22.61 0.21
O CYS HA . 48.60 22.35 0.21
CB CYS HA . 46.88 20.25 -0.67
SG CYS HA . 45.90 19.54 -2.04
OXT CYS HA . 47.06 23.78 0.46
N CYS IA . 33.68 -0.76 11.89
CA CYS IA . 34.95 -1.34 12.33
C CYS IA . 35.03 -1.42 13.85
O CYS IA . 36.03 -1.89 14.38
CB CYS IA . 36.15 -0.55 11.76
SG CYS IA . 36.19 1.23 12.13
OXT CYS IA . 34.10 -1.05 14.57
CAL NF0 JA . 56.37 7.43 0.54
CAK NF0 JA . 57.06 8.67 1.10
CAJ NF0 JA . 56.11 9.56 1.92
CAI NF0 JA . 54.89 9.98 1.10
OAH NF0 JA . 53.97 10.85 1.91
CAG NF0 JA . 54.37 12.13 2.26
OAM NF0 JA . 55.54 12.51 2.21
CAF NF0 JA . 53.43 13.03 2.83
CAE NF0 JA . 53.07 12.90 4.19
CAC NF0 JA . 52.18 13.81 4.80
OAD NF0 JA . 51.78 13.73 6.12
CAB NF0 JA . 51.68 14.87 4.04
OAA NF0 JA . 50.81 15.77 4.61
CAO NF0 JA . 52.06 15.02 2.71
OAP NF0 JA . 51.51 16.09 2.08
CAN NF0 JA . 52.94 14.11 2.11
N CYS KA . 33.70 3.49 -15.62
CA CYS KA . 34.77 2.59 -16.04
C CYS KA . 34.23 1.37 -16.79
O CYS KA . 34.95 0.39 -17.00
CB CYS KA . 35.65 2.17 -14.84
SG CYS KA . 34.79 1.34 -13.47
OXT CYS KA . 33.05 1.33 -17.21
P PO4 LA . 41.88 6.02 -1.08
O1 PO4 LA . 42.14 5.18 0.16
O2 PO4 LA . 42.98 7.06 -1.21
O3 PO4 LA . 41.82 5.13 -2.30
O4 PO4 LA . 40.56 6.75 -0.95
CAL NF0 MA . 50.87 -1.60 -10.04
CAK NF0 MA . 50.15 -1.31 -11.35
CAJ NF0 MA . 48.96 -0.38 -11.00
CAI NF0 MA . 48.23 -0.26 -12.33
OAH NF0 MA . 46.98 0.56 -12.21
CAG NF0 MA . 46.36 0.55 -13.46
OAM NF0 MA . 46.75 -0.18 -14.37
CAF NF0 MA . 45.41 1.52 -13.84
CAE NF0 MA . 45.88 2.78 -14.19
CAC NF0 MA . 45.02 3.79 -14.65
OAD NF0 MA . 45.45 5.04 -14.97
CAB NF0 MA . 43.66 3.52 -14.78
OAA NF0 MA . 42.81 4.49 -15.23
CAO NF0 MA . 43.15 2.26 -14.49
OAP NF0 MA . 41.79 2.17 -14.68
CAN NF0 MA . 44.02 1.25 -14.02
CAL NF0 NA . 49.73 -4.98 4.19
CAK NF0 NA . 48.96 -6.01 5.03
CAJ NF0 NA . 47.47 -5.81 4.74
CAI NF0 NA . 46.86 -4.93 5.81
OAH NF0 NA . 45.39 -4.93 5.64
CAG NF0 NA . 44.69 -5.77 6.48
OAM NF0 NA . 45.22 -6.68 7.11
CAF NF0 NA . 43.29 -5.66 6.61
CAE NF0 NA . 42.41 -6.30 5.73
CAC NF0 NA . 41.01 -6.26 5.89
OAD NF0 NA . 40.11 -6.90 5.04
CAB NF0 NA . 40.51 -5.54 6.98
OAA NF0 NA . 39.17 -5.44 7.21
CAO NF0 NA . 41.37 -4.90 7.86
OAP NF0 NA . 40.79 -4.24 8.86
CAN NF0 NA . 42.76 -4.96 7.70
#